data_4BY1
#
_entry.id   4BY1
#
_cell.length_a   222.240
_cell.length_b   391.580
_cell.length_c   281.020
_cell.angle_alpha   90.00
_cell.angle_beta   90.00
_cell.angle_gamma   90.00
#
_symmetry.space_group_name_H-M   'C 2 2 21'
#
loop_
_entity.id
_entity.type
_entity.pdbx_description
1 polymer 'DNA-DIRECTED RNA POLYMERASE II SUBUNIT RPB1'
2 polymer 'DNA-DIRECTED RNA POLYMERASE II SUBUNIT RPB2'
3 polymer 'DNA-DIRECTED RNA POLYMERASE II SUBUNIT RPB3'
4 polymer 'DNA-DIRECTED RNA POLYMERASE II SUBUNIT RPB4'
5 polymer 'DNA-DIRECTED RNA POLYMERASES I, II, AND III SUBUNIT RPABC 1'
6 polymer 'DNA-DIRECTED RNA POLYMERASES I, II, AND III SUBUNIT RPABC 2'
7 polymer 'DNA-DIRECTED RNA POLYMERASE II SUBUNIT RPB7'
8 polymer 'DNA-DIRECTED RNA POLYMERASES I, II, AND III SUBUNIT RPABC 3'
9 polymer 'DNA-DIRECTED RNA POLYMERASE II SUBUNIT RPB9'
10 polymer 'DNA-DIRECTED RNA POLYMERASES I, II, AND III SUBUNIT RPABC 5'
11 polymer 'DNA-DIRECTED RNA POLYMERASE II SUBUNIT RPB11'
12 polymer 'DNA-DIRECTED RNA POLYMERASES I, II, AND III SUBUNIT RPABC 4'
13 polymer "5'-D(*AP*AP*AP*GP*TP*AP*CP*TP*TP*GP*AP*GP*CP*TP)-3'"
14 polymer "5'-R(*UP*UP*CP*GP*AP*CP*CP*AP*GP*GP*AP)-3'"
15 polymer "5'-D(*AP*GP*CP*TP*CP*AP*AP*GP*TP*AP*CP*TP*TP*AP *TP*TP*CP*CP*BRUP*GP*GP*TP*CP*AP*AP*T)-3'"
16 polymer 'TRANSCRIPTION FACTOR BYE1'
17 non-polymer 'ZINC ION'
18 non-polymer 'MAGNESIUM ION'
19 non-polymer 'DIPHOSPHOMETHYLPHOSPHONIC ACID ADENOSYL ESTER'
#
loop_
_entity_poly.entity_id
_entity_poly.type
_entity_poly.pdbx_seq_one_letter_code
_entity_poly.pdbx_strand_id
1 'polypeptide(L)'
;MVGQQYSSAPLRTVKEVQFGLFSPEEVRAISVAKIRFPETMDETQTRAKIGGLNDPRLGSIDRNLKCQTCQEGMNECPGH
FGHIDLAKPVFHVGFIAKIKKVCECVCMHCGKLLLDEHNELMRQALAIKDSKKRFAAIWTLCKTKMVCETDVPSEDDPTQ
LVSRGGCGNTQPTIRKDGLKLVGSWKKDRATGDADEPELRVLSTEEILNIFKHISVKDFTSLGFNEVFSRPEWMILTCLP
VPPPPVRPSISFNESQRGEDDLTFKLADILKANISLETLEHNGAPHHAIEEAESLLQFHVATYMDNDIAGQPQALQKSGR
PVKSIRARLKGKEGRIRGNLMGKRVDFSARTVISGDPNLELDQVGVPKSIAKTLTYPEVVTPYNIDRLTQLVRNGPNEHP
GAKYVIRDSGDRIDLRYSKRAGDIQLQYGWKVERHIMDNDPVLFNRQPSLHKMSMMAHRVKVIPYSTFRLNLSVTSPYNA
DFDGDEMNLHVPQSEETRAELSQLCAVPLQIVSPQSNKPCMGIVQDTLCGIRKLTLRDTFIELDQVLNMLYWVPDWDGVI
PTPAIIKPKPLWSGKQILSVAIPNGIHLQRFDEGTTLLSPKDNGMLIIDGQIIFGVVEKKTVGSSNGGLIHVVTREKGPQ
VCAKLFGNIQKVVNFWLLHNGFSTGIGDTIADGPTMREITETIAEAKKKVLDVTKEAQANLLTAKHGMTLRESFEDNVVR
FLNEARDKAGRLAEVNLKDLNNVKQMVMAGSKGSFINIAQMSACVGQQSVEGKRIAFGFVDRTLPHFSKDDYSPESKGFV
ENSYLRGLTPQEFFFHAMGGREGLIDTAVKTAETGYIQRRLVKALEDIMVHYDNTTRNSLGNVIQFIYGEDGMDAAHIEK
QSLDTIGGSDAAFEKRYRVDLLNTDHTLDPSLLESGSEILGDLKLQVLLDEEYKQLVKDRKFLREVFVDGEANWPLPVNI
RRIIQNAQQTFHIDHTKPSDLTIKDIVLGVKDLQENLLVLRGKNEIIQNAQRDAVTLFCCLLRSRLATRRVLQEYRLTKQ
AFDWVLSNIEAQFLRSVVHPGEMVGVLAAQSIGEPATQMTLNTFHFAGVASKKVTSGVPRLKEILNVAKNMKTPSLTVYL
EPGHAADQEQAKLIRSAIEHTTLKSVTIASEIYYDPDPRSTVIPEDEEIIQLHFSLLDEEAEQSFDQQSPWLLRLELDRA
AMNDKDLTMGQVGERIKQTFKNDLFVIWSEDNDEKLIIRCRVVRPKSLDAETEAEEDHMLKKIENTMLENITLRGVENIE
RVVMMKYDRKVPSPTGEYVKEPEWVLETDGVNLSEVMTVPGIDPTRIYTNSFIDIMEVLGIEAGRAALYKEVYNVIASDG
SYVNYRHMALLVDVMTTQGGLTSVTRHGFNRSNTGALMRCSFEETVEILFEAGASAELDDCRGVSENVILGQMAPIGTGA
FDVMIDEESLVKYMPEQKITEIEDGQDGGVTPYSNESGLVNADLDVKDELMFSPLVDSGSNDAMAGGFTAYGGADYGEAT
SPFGAYGEAPTSPGFGVSSPGFSPTSPTYSPTSPAYSPTSPSYSPTSPSYSPTSPSYSPTSPSYSPTSPSYSPTSPSYSP
TSPSYSPTSPSYSPTSPSYSPTSPSYSPTSPSYSPTSPSYSPTSPSYSPTSPSYSPTSPAYSPTSPSYSPTSPSYSPTSP
SYSPTSPSYSPTSPNYSPTSPSYSPTSPGYSPGSPAYSPKQDEQKHNENENSR
;
A
2 'polypeptide(L)'
;MSDLANSEKYYDEDPYGFEDESAPITAEDSWAVISAFFREKGLVSQQLDSFNQFVDYTLQDIICEDSTLILEQLAQHTTE
SDNISRKYEISFGKIYVTKPMVNESDGVTHALYPQEARLRNLTYSSGLFVDVKKRTYEAIDVPGRELKYELIAEESEDDS
ESGKVFIGRLPIMLRSKNCYLSEATESDLYKLKECPFDMGGYFIINGSEKVLIAQERSAGNIVQVFKKAAPSPISHVAEI
RSALEKGSRFISTLQVKLYGREGSSARTIKATLPYIKQDIPIVIIFRALGIIPDGEILEHICYDVNDWQMLEMLKPCVED
GFVIQDRETALDFIGRRGTALGIKKEKRIQYAKDILQKEFLPHITQLEGFESRKAFFLGYMINRLLLCALDRKDQDDRDH
FGKKRLDLAGPLLAQLFKTLFKKLTKDIFRYMQRTVEEAHDFNMKLAINAKTITSGLKYALATGNWEQKKAMSSRAAGVS
QVLNRYTYSSTLSHLRRTNTPIGRDGKLAKPRQLHNTHWGLVCPAETPEGQACGLVKNLSLMSCISVGTDPMPIITFLSE
WGMEPLEDYVPHQSPDATRVFVNGVWHGVHRNPARLMETLRTLRRKGDINPEVSMIRDIREKELKIFTDAGRVYRPLFIV
EDDESLGHKELKVRKGHIAKLMATEYQDIEGGFEDVEEYTWSSLLNEGLVEYIDAEEEESILIAMQPEDLEPAEANEEND
LDVDPAKRIRVSHHATTFTHCEIHPSMILGVAASIIPFPDHNQSPRNTYQSAMGKQAMGVFLTNYNVRMDTMANILYYPQ
KPLGTTRAMEYLKFRELPAGQNAIVAIACYSGYNQEDSMIMNQSSIDRGLFRSLFFRSYMDQEKKYGMSITETFEKPQRT
NTLRMKHGTYDKLDDDGLIAPGVRVSGEDVIIGKTTPISPDEEELGQRTAYHSKRDASTPLRSTENGIVDQVLVTTNQDG
LKFVKVRVRTTKIPQIGDKFASRHGQKGTIGITYRREDMPFTAEGIVPDLIINPHAIPSRMTVAHLIECLLSKVAALSGN
EGDASPFTDITVEGISKLLREHGYQSRGFEVMYNGHTGKKLMAQIFFGPTYYQRLRHMVDDKIHARARGPMQVLTRQPVE
GRSRDGGLRFGEMERDCMIAHGAASFLKERLMEASDAFRVHICGICGLMTVIAKLNHNQFECKGCDNKIDIYQIHIPYAA
KLLFQELMAMNITPRLYTDRSRDF
;
B
3 'polypeptide(L)'
;MSEEGPQVKIREASKDNVDFILSNVDLAMANSLRRVMIAEIPTLAIDSVEVETNTTVLADEFIAHRLGLIPLQSMDIEQL
EYSRDCFCEDHCDKCSVVLTLQAFGESESTTNVYSKDLVIVSNLMGRNIGHPIIQDKEGNGVLICKLRKGQELKLTCVAK
KGIAKEHAKWGPAAAIEFEYDPWNKLKHTDYWYEQDSAKEWPQSKNCEYEDPPNEGDPFDYKAQADTFYMNVESVGSIPV
DQVVVRGIDTLQKKVASILLALTQMDQDKVNFASGDNNTASNMLGSNEDVMMTGAEQDPYSNASQMGNTGSGGYDNAW
;
C
4 'polypeptide(L)'
;MNVSTSTFQTRRRRLKKVEEEENAATLQLGQEFQLKQINHQGEEEELIALNLSEARLVIKEALVERRRAFKRSQKKHKKK
HLKHENANDETTAVEDEDDDLDEDDVNADDDDFMHSETREKELESIDVLLEQTTGGNNKDLKNTMQYLTNFSRFRDQETV
GAVIQLLKSTGLHPFEVAQLGSLACDTADEAKTLIPSLNNKISDDELERILKELSNLETLY
;
D
5 'polypeptide(L)'
;MDQENERNISRLWRAFRTVKEMVKDRGYFITQEEVELPLEDFKAKYCDSMGRPQRKMMSFQANPTEESISKFPDMGSLWV
EFCDEPSVGVKTMKTFVIHIQEKNFQTGIFVYQNNITPSAMKLVPSIPPATIETFNEAALVVNITHHELVPKHIRLSSDE
KRELLKRYRLKESQLPRIQRADPVALYLGLKRGEVVKIIRKSETSGRYASYRICM
;
E
6 'polypeptide(L)'
;MSDYEEAFNDGNENFEDFDVEHFSDEETYEEKPQFKDGETTDANGKTIVTGGNGPEDFQQHEQIRRKTLKEKAIPKDQRA
TTPYMTKYERARILGTRALQISMNAPVFVDLEGETDPLRIAMKELAEKKIPLVIRRYLPDGSFEDWSVEELIVDL
;
F
7 'polypeptide(L)'
;MFFIKDLSLNITLHPSFFGPRMKQYLKTKLLEEVEGSCTGKFGYILCVLDYDNIDIQRGRILPTDGSAEFNVKYRAVVFK
PFKGEVVDGTVVSCSQHGFEVQVGPMKVFVTKHLMPQDLTFNAGSNPPSYQSSEDVITIKSRIRVKIEGCISQVSSIHAI
GSIKEDYLGAI
;
G
8 'polypeptide(L)'
;MSNTLFDDIFQVSEVDPGRYNKVCRIEAASTTQDQCKLTLDINVELFPVAAQDSLTVTIASSLNLEDTPANDSSATRSWR
PPQAGDRSLADDYDYVMYGTAYKFEEVSKDLIAVYYSFGGLLMRLEGNYRNLNNLKQENAYLLIRR
;
H
9 'polypeptide(L)'
;MTTFRFCRDCNNMLYPREDKENNRLLFECRTCSYVEEAGSPLVYRHELITNIGETAGVVQDIGSDPTLPRSDRECPKCHS
RENVFFQSQQRRKDTSMVLFFVCLSCSHIFTSDQKNKRTQFS
;
I
10 'polypeptide(L)' MIVPVRCFSCGKVVGDKWESYLNLLQEDELDEGTALSRLGLKRYCCRRMILTHVDLIEKFLRYNPLEKRD J
11 'polypeptide(L)'
;MNAPDRFELFLLGEGESKLKIDPDTKAPNAVVITFEKEDHTLGNLIRAELLNDRKVLFAAYKVEHPFFARFKLRIQTTEG
YDPKDALKNACNSIINKLGALKTNFETEWNLQTLAADDAF
;
K
12 'polypeptide(L)' MSREGFQIPTNLDAAAAGTSQARTATLKYICAECSSKLSLSRTDAVRCKDCGHRILLKARTKRLVQFEAR L
13 'polydeoxyribonucleotide' (DA)(DA)(DA)(DG)(DT)(DA)(DC)(DT)(DT)(DG)(DA)(DG)(DC)(DT) N
14 'polyribonucleotide' UUCGACCAGGA P
15 'polydeoxyribonucleotide'
;(DA)(DG)(DC)(DT)(DC)(DA)(DA)(DG)(DT)(DA)(DC)(DT)(DT)(DT)(DT)(DT)(DC)(DC)(BRU)
(DG)(DG)(DT)(DC)(DA)(DT)(DT)
;
T
16 'polypeptide(L)'
;TRKDFESEKEHKLRYNAEKMFSTLFSKFIVPETIEAKLYELPDGKDVISISQEFAHNLEEELYKACLNVEFGTLDKIYTE
KVRSLYSNLKDKKNLELKAHVVEGKLPLNKLVNMNASELANPDLQEFKEKRDKIILENFIVEVPDK
;
X
#
# COMPACT_ATOMS: atom_id res chain seq x y z
N VAL A 2 2.12 -25.18 24.73
CA VAL A 2 3.26 -25.22 23.80
C VAL A 2 3.88 -26.66 23.75
N GLY A 3 3.37 -27.51 22.83
CA GLY A 3 3.78 -28.90 22.68
C GLY A 3 3.21 -29.83 23.73
N GLN A 4 2.76 -29.26 24.92
CA GLN A 4 2.11 -29.77 26.17
C GLN A 4 2.81 -30.92 26.93
N GLN A 5 2.74 -30.91 28.28
CA GLN A 5 3.32 -31.94 29.18
C GLN A 5 4.83 -31.74 29.44
N TYR A 6 5.31 -32.04 30.68
CA TYR A 6 6.71 -31.85 31.06
C TYR A 6 7.64 -32.86 30.49
N SER A 7 8.76 -32.38 29.94
CA SER A 7 9.83 -33.21 29.41
C SER A 7 11.13 -32.91 30.12
N SER A 8 11.83 -33.99 30.55
CA SER A 8 13.11 -33.90 31.28
C SER A 8 14.27 -33.39 30.42
N ALA A 9 14.16 -33.53 29.07
CA ALA A 9 15.16 -33.07 28.09
C ALA A 9 15.44 -31.57 28.28
N PRO A 10 16.72 -31.13 28.16
CA PRO A 10 17.02 -29.70 28.36
C PRO A 10 16.46 -28.78 27.30
N LEU A 11 16.01 -27.59 27.71
CA LEU A 11 15.46 -26.64 26.75
C LEU A 11 16.52 -25.72 26.17
N ARG A 12 16.64 -25.76 24.83
CA ARG A 12 17.61 -24.91 24.14
C ARG A 12 16.97 -24.17 22.98
N THR A 13 17.73 -23.22 22.43
CA THR A 13 17.36 -22.35 21.33
C THR A 13 18.17 -22.78 20.14
N VAL A 14 17.61 -22.75 18.92
CA VAL A 14 18.36 -23.10 17.71
C VAL A 14 19.31 -21.96 17.44
N LYS A 15 20.58 -22.28 17.20
CA LYS A 15 21.60 -21.27 16.99
C LYS A 15 22.19 -21.39 15.58
N GLU A 16 22.05 -22.57 14.95
CA GLU A 16 22.57 -22.84 13.61
C GLU A 16 21.62 -23.75 12.87
N VAL A 17 21.50 -23.54 11.56
CA VAL A 17 20.70 -24.46 10.75
C VAL A 17 21.62 -24.99 9.67
N GLN A 18 21.93 -26.29 9.76
CA GLN A 18 22.77 -27.03 8.82
C GLN A 18 21.99 -27.69 7.71
N PHE A 19 21.99 -27.02 6.57
CA PHE A 19 21.34 -27.55 5.36
C PHE A 19 22.22 -28.63 4.70
N GLY A 20 21.57 -29.65 4.19
CA GLY A 20 22.25 -30.72 3.51
C GLY A 20 21.23 -31.51 2.74
N LEU A 21 21.62 -32.69 2.26
CA LEU A 21 20.76 -33.64 1.56
C LEU A 21 20.65 -34.93 2.34
N PHE A 22 19.54 -35.62 2.20
CA PHE A 22 19.39 -36.90 2.83
C PHE A 22 20.11 -37.97 1.98
N SER A 23 20.96 -38.78 2.62
CA SER A 23 21.66 -39.90 2.00
C SER A 23 20.67 -41.06 2.10
N PRO A 24 20.57 -41.98 1.12
CA PRO A 24 19.59 -43.07 1.26
C PRO A 24 19.71 -43.77 2.61
N GLU A 25 20.95 -44.18 2.96
CA GLU A 25 21.36 -44.84 4.19
C GLU A 25 20.67 -44.24 5.42
N GLU A 26 20.63 -42.87 5.52
CA GLU A 26 20.01 -42.05 6.59
C GLU A 26 18.49 -42.18 6.54
N VAL A 27 17.90 -42.01 5.34
CA VAL A 27 16.45 -42.10 5.10
C VAL A 27 15.90 -43.39 5.68
N ARG A 28 16.65 -44.49 5.50
CA ARG A 28 16.34 -45.80 6.03
C ARG A 28 16.45 -45.76 7.56
N ALA A 29 17.55 -45.23 8.13
CA ALA A 29 17.72 -45.17 9.59
C ALA A 29 16.67 -44.31 10.34
N ILE A 30 16.37 -43.11 9.80
CA ILE A 30 15.35 -42.17 10.29
C ILE A 30 13.91 -42.81 10.31
N SER A 31 13.58 -43.67 9.30
CA SER A 31 12.30 -44.36 9.10
C SER A 31 11.88 -45.28 10.25
N VAL A 32 10.54 -45.27 10.55
CA VAL A 32 9.89 -46.10 11.58
C VAL A 32 9.08 -47.22 10.96
N ALA A 33 8.66 -47.05 9.70
CA ALA A 33 7.88 -48.03 8.97
C ALA A 33 8.39 -48.20 7.55
N LYS A 34 8.22 -49.42 7.02
CA LYS A 34 8.74 -49.89 5.75
C LYS A 34 7.94 -49.52 4.51
N ILE A 35 6.74 -48.89 4.67
CA ILE A 35 5.75 -48.42 3.64
C ILE A 35 5.83 -49.14 2.24
N ARG A 36 4.95 -50.14 2.06
CA ARG A 36 4.92 -50.97 0.87
C ARG A 36 3.54 -51.15 0.22
N PHE A 37 2.46 -50.68 0.88
CA PHE A 37 1.14 -50.84 0.24
C PHE A 37 0.51 -49.52 -0.11
N PRO A 38 0.07 -49.33 -1.36
CA PRO A 38 -0.59 -48.07 -1.72
C PRO A 38 -1.88 -47.78 -0.94
N GLU A 39 -2.44 -48.79 -0.25
CA GLU A 39 -3.64 -48.68 0.57
C GLU A 39 -3.29 -48.04 1.91
N THR A 40 -4.03 -46.98 2.28
CA THR A 40 -3.83 -46.18 3.50
C THR A 40 -4.08 -47.00 4.73
N MET A 41 -5.34 -47.27 4.92
CA MET A 41 -5.85 -48.02 6.03
C MET A 41 -6.92 -48.99 5.52
N ASP A 42 -7.86 -49.35 6.42
CA ASP A 42 -8.94 -50.31 6.19
C ASP A 42 -8.32 -51.67 5.87
N GLU A 43 -7.92 -52.36 6.95
CA GLU A 43 -7.35 -53.71 6.96
C GLU A 43 -8.51 -54.60 6.53
N THR A 44 -8.88 -54.47 5.24
CA THR A 44 -9.99 -55.06 4.52
C THR A 44 -11.27 -54.90 5.36
N GLN A 45 -11.97 -53.76 5.14
CA GLN A 45 -13.23 -53.35 5.75
C GLN A 45 -13.05 -52.72 7.13
N THR A 46 -12.30 -53.37 8.04
CA THR A 46 -12.08 -52.84 9.39
C THR A 46 -11.57 -51.42 9.32
N ARG A 47 -12.20 -50.50 10.06
CA ARG A 47 -11.89 -49.07 10.14
C ARG A 47 -10.50 -48.80 10.84
N ALA A 48 -9.60 -49.82 10.84
CA ALA A 48 -8.25 -49.71 11.41
C ALA A 48 -7.19 -49.57 10.29
N LYS A 49 -6.12 -48.78 10.53
CA LYS A 49 -5.03 -48.49 9.57
C LYS A 49 -4.21 -49.69 9.13
N ILE A 50 -3.87 -49.78 7.82
CA ILE A 50 -3.09 -50.90 7.23
C ILE A 50 -1.65 -50.75 7.64
N GLY A 51 -1.02 -51.85 8.10
CA GLY A 51 0.38 -51.90 8.50
C GLY A 51 1.35 -51.72 7.34
N GLY A 52 0.92 -50.99 6.28
CA GLY A 52 1.68 -50.74 5.05
C GLY A 52 1.83 -49.35 4.45
N LEU A 53 0.98 -48.33 4.80
CA LEU A 53 1.04 -46.85 4.45
C LEU A 53 0.29 -46.14 5.59
N ASN A 54 0.30 -44.78 5.68
CA ASN A 54 -0.51 -44.03 6.66
C ASN A 54 -0.69 -44.88 8.00
N ASP A 55 0.37 -44.83 8.80
CA ASP A 55 0.69 -45.55 10.03
C ASP A 55 0.87 -46.99 9.81
N PRO A 56 1.94 -47.35 9.11
CA PRO A 56 2.38 -48.75 9.15
C PRO A 56 3.25 -48.90 10.43
N ARG A 57 3.25 -47.79 11.31
CA ARG A 57 3.87 -47.40 12.61
C ARG A 57 3.86 -45.83 12.85
N LEU A 58 4.08 -44.99 11.78
CA LEU A 58 4.20 -43.50 11.62
C LEU A 58 3.70 -42.65 12.74
N GLY A 59 2.78 -41.73 12.45
CA GLY A 59 2.12 -40.90 13.45
C GLY A 59 0.83 -41.56 13.96
N SER A 60 -0.24 -40.77 14.13
CA SER A 60 -1.55 -41.25 14.60
C SER A 60 -2.78 -40.57 13.96
N ILE A 61 -3.95 -41.25 14.06
CA ILE A 61 -5.31 -40.87 13.63
C ILE A 61 -6.27 -41.20 14.85
N ASP A 62 -7.61 -41.01 14.70
CA ASP A 62 -8.71 -41.33 15.64
C ASP A 62 -8.51 -40.89 17.11
N ARG A 63 -7.53 -39.98 17.39
CA ARG A 63 -7.18 -39.52 18.72
C ARG A 63 -7.02 -40.74 19.69
N ASN A 64 -5.98 -41.53 19.37
CA ASN A 64 -5.52 -42.71 20.09
C ASN A 64 -4.10 -42.41 20.52
N LEU A 65 -3.83 -42.43 21.87
CA LEU A 65 -2.50 -42.23 22.47
C LEU A 65 -1.62 -43.18 21.68
N LYS A 66 -2.24 -44.37 21.40
CA LYS A 66 -1.75 -45.44 20.57
C LYS A 66 -1.13 -44.82 19.31
N CYS A 67 0.21 -44.78 19.33
CA CYS A 67 1.09 -44.33 18.29
C CYS A 67 2.37 -45.10 18.48
N GLN A 68 2.46 -46.33 17.90
CA GLN A 68 3.65 -47.21 17.92
C GLN A 68 4.45 -47.26 19.24
N THR A 69 3.72 -47.36 20.41
CA THR A 69 4.19 -47.39 21.83
C THR A 69 4.73 -45.96 22.28
N CYS A 70 5.19 -45.05 21.31
CA CYS A 70 5.65 -43.66 21.56
C CYS A 70 4.58 -42.89 22.37
N GLN A 71 3.36 -43.49 22.54
CA GLN A 71 2.19 -42.98 23.25
C GLN A 71 1.92 -41.55 22.79
N GLU A 72 1.69 -40.63 23.72
CA GLU A 72 1.47 -39.21 23.48
C GLU A 72 0.23 -38.92 22.59
N GLY A 73 0.32 -39.10 21.28
CA GLY A 73 -0.84 -38.88 20.41
C GLY A 73 -1.24 -37.43 20.22
N MET A 74 -1.67 -37.12 18.98
CA MET A 74 -2.09 -35.83 18.44
C MET A 74 -1.27 -34.67 19.03
N ASN A 75 -1.87 -33.75 19.83
CA ASN A 75 -1.09 -32.66 20.40
C ASN A 75 -0.13 -33.20 21.46
N GLU A 76 1.08 -33.51 20.99
CA GLU A 76 2.27 -33.99 21.66
C GLU A 76 3.13 -34.67 20.65
N CYS A 77 2.71 -35.84 20.14
CA CYS A 77 3.50 -36.57 19.15
C CYS A 77 3.55 -35.86 17.81
N PRO A 78 4.78 -35.49 17.35
CA PRO A 78 4.92 -34.89 16.01
C PRO A 78 4.74 -36.03 15.04
N GLY A 79 5.15 -35.84 13.81
CA GLY A 79 5.05 -37.00 12.96
C GLY A 79 6.23 -37.96 13.15
N HIS A 80 6.13 -39.15 12.55
CA HIS A 80 7.23 -40.12 12.49
C HIS A 80 7.38 -40.54 11.06
N PHE A 81 8.58 -40.31 10.52
CA PHE A 81 8.90 -40.58 9.13
C PHE A 81 8.99 -42.08 8.82
N GLY A 82 8.71 -42.42 7.56
CA GLY A 82 8.81 -43.76 7.03
C GLY A 82 9.69 -43.72 5.80
N HIS A 83 9.70 -44.81 5.04
CA HIS A 83 10.50 -44.84 3.81
C HIS A 83 9.88 -45.73 2.76
N ILE A 84 10.34 -45.57 1.52
CA ILE A 84 9.94 -46.41 0.40
C ILE A 84 11.13 -46.48 -0.58
N ASP A 85 11.72 -47.69 -0.63
CA ASP A 85 12.84 -48.07 -1.48
C ASP A 85 12.37 -48.14 -2.95
N LEU A 86 12.88 -47.22 -3.79
CA LEU A 86 12.53 -47.13 -5.21
C LEU A 86 13.20 -48.25 -5.97
N ALA A 87 12.49 -48.79 -6.98
CA ALA A 87 12.94 -49.90 -7.83
C ALA A 87 14.17 -49.55 -8.68
N LYS A 88 14.29 -48.27 -9.08
CA LYS A 88 15.40 -47.73 -9.87
C LYS A 88 15.73 -46.37 -9.30
N PRO A 89 16.94 -45.81 -9.50
CA PRO A 89 17.18 -44.44 -9.02
C PRO A 89 16.43 -43.45 -9.91
N VAL A 90 16.00 -42.34 -9.33
CA VAL A 90 15.25 -41.33 -10.04
C VAL A 90 15.82 -39.98 -9.64
N PHE A 91 15.83 -39.02 -10.55
CA PHE A 91 16.33 -37.68 -10.23
C PHE A 91 15.39 -36.89 -9.32
N HIS A 92 15.94 -35.98 -8.52
CA HIS A 92 15.14 -35.07 -7.70
C HIS A 92 14.87 -33.87 -8.61
N VAL A 93 13.57 -33.53 -8.84
CA VAL A 93 13.17 -32.42 -9.72
C VAL A 93 14.04 -31.18 -9.60
N GLY A 94 14.30 -30.75 -8.36
CA GLY A 94 15.08 -29.56 -8.04
C GLY A 94 16.51 -29.62 -8.52
N PHE A 95 17.16 -30.76 -8.34
CA PHE A 95 18.56 -30.86 -8.70
C PHE A 95 18.78 -31.27 -10.12
N ILE A 96 17.71 -31.49 -10.89
CA ILE A 96 17.79 -31.91 -12.29
C ILE A 96 18.81 -31.09 -13.11
N ALA A 97 18.82 -29.77 -12.93
CA ALA A 97 19.76 -28.92 -13.65
C ALA A 97 21.18 -29.02 -13.11
N LYS A 98 21.35 -29.01 -11.74
CA LYS A 98 22.67 -29.11 -11.10
C LYS A 98 23.32 -30.47 -11.39
N ILE A 99 22.49 -31.52 -11.61
CA ILE A 99 23.00 -32.84 -11.98
C ILE A 99 23.60 -32.67 -13.37
N LYS A 100 22.84 -32.07 -14.32
CA LYS A 100 23.29 -31.77 -15.69
C LYS A 100 24.60 -31.00 -15.61
N LYS A 101 24.63 -29.86 -14.87
CA LYS A 101 25.84 -29.04 -14.70
C LYS A 101 27.02 -29.80 -14.09
N VAL A 102 26.77 -30.80 -13.24
CA VAL A 102 27.87 -31.58 -12.66
C VAL A 102 28.43 -32.56 -13.73
N CYS A 103 27.52 -33.11 -14.57
CA CYS A 103 27.85 -34.01 -15.69
C CYS A 103 28.68 -33.26 -16.71
N GLU A 104 28.37 -31.97 -16.89
CA GLU A 104 29.04 -31.04 -17.81
C GLU A 104 30.45 -30.65 -17.28
N CYS A 105 30.81 -31.07 -16.05
CA CYS A 105 32.08 -30.77 -15.39
C CYS A 105 33.00 -31.94 -15.22
N VAL A 106 32.44 -33.10 -14.88
CA VAL A 106 33.23 -34.29 -14.65
C VAL A 106 33.17 -35.24 -15.87
N CYS A 107 34.27 -36.01 -16.10
CA CYS A 107 34.35 -36.99 -17.19
C CYS A 107 33.30 -38.07 -16.92
N MET A 108 32.40 -38.25 -17.87
CA MET A 108 31.31 -39.21 -17.77
C MET A 108 31.74 -40.68 -17.83
N HIS A 109 33.01 -40.98 -17.50
CA HIS A 109 33.51 -42.34 -17.55
C HIS A 109 34.38 -42.72 -16.37
N CYS A 110 35.32 -41.83 -15.96
CA CYS A 110 36.20 -42.09 -14.80
C CYS A 110 35.87 -41.20 -13.58
N GLY A 111 35.04 -40.17 -13.77
CA GLY A 111 34.60 -39.28 -12.71
C GLY A 111 35.61 -38.25 -12.26
N LYS A 112 36.60 -37.96 -13.11
CA LYS A 112 37.63 -36.98 -12.78
C LYS A 112 37.25 -35.66 -13.40
N LEU A 113 37.46 -34.55 -12.66
CA LEU A 113 37.18 -33.20 -13.16
C LEU A 113 37.87 -32.96 -14.50
N LEU A 114 37.09 -32.62 -15.54
CA LEU A 114 37.55 -32.37 -16.89
C LEU A 114 38.72 -31.39 -16.93
N LEU A 115 38.79 -30.47 -15.95
CA LEU A 115 39.90 -29.53 -15.79
C LEU A 115 40.62 -29.72 -14.46
N ASP A 116 41.94 -29.56 -14.52
CA ASP A 116 42.91 -29.82 -13.49
C ASP A 116 43.61 -28.56 -13.02
N GLU A 117 44.50 -28.73 -12.03
CA GLU A 117 45.39 -27.70 -11.43
C GLU A 117 46.42 -27.24 -12.48
N HIS A 118 46.50 -27.97 -13.61
CA HIS A 118 47.41 -27.68 -14.71
C HIS A 118 46.94 -26.45 -15.52
N ASN A 119 45.63 -26.38 -15.86
CA ASN A 119 45.05 -25.24 -16.59
C ASN A 119 45.08 -23.99 -15.69
N GLU A 120 45.72 -22.91 -16.18
CA GLU A 120 45.92 -21.65 -15.44
C GLU A 120 44.63 -20.91 -15.09
N LEU A 121 43.62 -20.92 -16.00
CA LEU A 121 42.32 -20.28 -15.74
C LEU A 121 41.59 -21.09 -14.67
N MET A 122 41.82 -22.41 -14.67
CA MET A 122 41.27 -23.37 -13.71
C MET A 122 41.80 -23.12 -12.30
N ARG A 123 43.12 -22.84 -12.16
CA ARG A 123 43.78 -22.53 -10.88
C ARG A 123 43.10 -21.33 -10.25
N GLN A 124 42.80 -20.31 -11.10
CA GLN A 124 42.15 -19.04 -10.77
C GLN A 124 40.70 -19.24 -10.29
N ALA A 125 39.97 -20.13 -10.99
CA ALA A 125 38.59 -20.49 -10.67
C ALA A 125 38.57 -21.23 -9.31
N LEU A 126 39.54 -22.15 -9.09
CA LEU A 126 39.69 -22.93 -7.87
C LEU A 126 40.06 -22.07 -6.66
N ALA A 127 40.68 -20.91 -6.92
CA ALA A 127 41.09 -19.90 -5.93
C ALA A 127 39.89 -19.12 -5.31
N ILE A 128 38.69 -19.22 -5.95
CA ILE A 128 37.47 -18.56 -5.49
C ILE A 128 37.10 -19.16 -4.14
N LYS A 129 36.90 -18.28 -3.15
CA LYS A 129 36.54 -18.60 -1.78
C LYS A 129 35.07 -19.02 -1.70
N ASP A 130 34.18 -18.25 -2.37
CA ASP A 130 32.72 -18.46 -2.44
C ASP A 130 32.33 -19.76 -3.14
N SER A 131 31.68 -20.68 -2.39
CA SER A 131 31.23 -21.99 -2.86
C SER A 131 30.38 -21.97 -4.14
N LYS A 132 29.51 -20.96 -4.32
CA LYS A 132 28.63 -20.91 -5.51
C LYS A 132 29.31 -20.29 -6.70
N LYS A 133 30.14 -19.26 -6.44
CA LYS A 133 30.88 -18.54 -7.47
C LYS A 133 32.01 -19.40 -8.02
N ARG A 134 32.59 -20.27 -7.15
CA ARG A 134 33.64 -21.21 -7.52
C ARG A 134 33.05 -22.26 -8.41
N PHE A 135 31.81 -22.72 -8.11
CA PHE A 135 31.14 -23.72 -8.95
C PHE A 135 30.88 -23.12 -10.35
N ALA A 136 30.32 -21.91 -10.38
CA ALA A 136 30.01 -21.18 -11.60
C ALA A 136 31.24 -21.07 -12.51
N ALA A 137 32.37 -20.59 -11.98
CA ALA A 137 33.59 -20.44 -12.78
C ALA A 137 34.10 -21.76 -13.30
N ILE A 138 34.07 -22.82 -12.46
CA ILE A 138 34.51 -24.16 -12.84
C ILE A 138 33.59 -24.75 -13.92
N TRP A 139 32.29 -24.45 -13.87
CA TRP A 139 31.38 -24.96 -14.90
C TRP A 139 31.66 -24.33 -16.25
N THR A 140 31.66 -22.99 -16.32
CA THR A 140 31.93 -22.23 -17.54
C THR A 140 33.20 -22.74 -18.21
N LEU A 141 34.17 -23.18 -17.40
CA LEU A 141 35.44 -23.71 -17.88
C LEU A 141 35.37 -25.13 -18.43
N CYS A 142 34.73 -26.06 -17.72
CA CYS A 142 34.68 -27.49 -18.07
C CYS A 142 33.62 -27.86 -19.05
N LYS A 143 32.60 -27.00 -19.24
CA LYS A 143 31.54 -27.27 -20.21
C LYS A 143 32.13 -27.37 -21.63
N THR A 144 33.14 -26.51 -21.92
CA THR A 144 33.92 -26.40 -23.15
C THR A 144 34.71 -27.71 -23.39
N LYS A 145 35.46 -28.20 -22.35
CA LYS A 145 36.29 -29.41 -22.42
C LYS A 145 35.45 -30.61 -22.79
N MET A 146 35.74 -31.18 -23.97
CA MET A 146 35.01 -32.32 -24.48
C MET A 146 35.81 -33.60 -24.48
N VAL A 147 36.90 -33.62 -23.71
CA VAL A 147 37.74 -34.81 -23.59
C VAL A 147 38.49 -34.83 -22.24
N CYS A 148 38.44 -36.00 -21.59
CA CYS A 148 39.10 -36.30 -20.33
C CYS A 148 40.56 -36.52 -20.72
N GLU A 149 41.38 -35.47 -20.62
CA GLU A 149 42.79 -35.53 -21.05
C GLU A 149 43.65 -36.48 -20.25
N THR A 150 44.48 -37.24 -20.96
CA THR A 150 45.43 -38.16 -20.35
C THR A 150 46.69 -37.37 -20.00
N ASP A 151 47.07 -36.39 -20.87
CA ASP A 151 48.26 -35.57 -20.74
C ASP A 151 48.04 -34.12 -21.21
N VAL A 152 48.59 -33.17 -20.46
CA VAL A 152 48.52 -31.72 -20.65
C VAL A 152 49.95 -31.11 -20.61
N PRO A 153 50.28 -30.03 -21.38
CA PRO A 153 51.64 -29.46 -21.31
C PRO A 153 52.05 -28.99 -19.91
N SER A 154 53.31 -29.25 -19.54
CA SER A 154 53.92 -28.90 -18.25
C SER A 154 54.07 -27.39 -18.06
N GLU A 155 54.02 -26.93 -16.79
CA GLU A 155 54.16 -25.53 -16.37
C GLU A 155 55.43 -24.84 -16.88
N ASP A 156 56.52 -25.61 -17.06
CA ASP A 156 57.79 -25.10 -17.55
C ASP A 156 57.68 -24.89 -19.08
N ASP A 157 58.14 -25.87 -19.88
CA ASP A 157 58.09 -25.83 -21.35
C ASP A 157 56.76 -26.42 -21.84
N PRO A 158 56.10 -25.83 -22.87
CA PRO A 158 54.88 -26.47 -23.40
C PRO A 158 55.24 -27.60 -24.38
N THR A 159 56.56 -27.73 -24.69
CA THR A 159 57.18 -28.73 -25.57
C THR A 159 57.08 -30.14 -24.98
N GLN A 160 57.25 -30.26 -23.64
CA GLN A 160 57.16 -31.54 -22.91
C GLN A 160 55.84 -31.62 -22.15
N LEU A 161 55.02 -32.64 -22.47
CA LEU A 161 53.71 -32.85 -21.85
C LEU A 161 53.79 -33.76 -20.63
N VAL A 162 52.97 -33.44 -19.61
CA VAL A 162 52.92 -34.20 -18.36
C VAL A 162 51.55 -34.87 -18.20
N SER A 163 51.55 -36.18 -17.90
CA SER A 163 50.35 -37.00 -17.72
C SER A 163 49.60 -36.70 -16.43
N ARG A 164 48.26 -36.54 -16.54
CA ARG A 164 47.35 -36.29 -15.41
C ARG A 164 46.48 -37.56 -15.22
N GLY A 165 45.19 -37.38 -14.92
CA GLY A 165 44.24 -38.48 -14.78
C GLY A 165 44.02 -39.17 -16.11
N GLY A 166 44.11 -40.49 -16.10
CA GLY A 166 44.02 -41.34 -17.28
C GLY A 166 42.74 -41.30 -18.10
N CYS A 167 42.66 -42.23 -19.09
CA CYS A 167 41.61 -42.48 -20.10
C CYS A 167 41.35 -41.27 -21.01
N GLY A 168 41.03 -41.55 -22.27
CA GLY A 168 40.75 -40.53 -23.28
C GLY A 168 39.29 -40.15 -23.20
N ASN A 169 38.47 -40.82 -24.02
CA ASN A 169 37.01 -40.71 -24.12
C ASN A 169 36.48 -39.30 -24.40
N THR A 170 35.64 -39.18 -25.45
CA THR A 170 35.01 -37.92 -25.79
C THR A 170 33.83 -37.74 -24.82
N GLN A 171 33.62 -36.52 -24.39
CA GLN A 171 32.55 -36.21 -23.48
C GLN A 171 31.30 -35.78 -24.25
N PRO A 172 30.09 -36.19 -23.80
CA PRO A 172 28.87 -35.82 -24.53
C PRO A 172 28.49 -34.37 -24.36
N THR A 173 27.70 -33.87 -25.30
CA THR A 173 27.13 -32.54 -25.20
C THR A 173 25.74 -32.83 -24.67
N ILE A 174 25.61 -32.76 -23.32
CA ILE A 174 24.39 -33.07 -22.58
C ILE A 174 23.34 -31.99 -22.76
N ARG A 175 22.10 -32.42 -23.07
CA ARG A 175 20.93 -31.57 -23.20
C ARG A 175 19.71 -32.20 -22.51
N LYS A 176 18.81 -31.36 -21.97
CA LYS A 176 17.60 -31.82 -21.29
C LYS A 176 16.52 -32.12 -22.30
N ASP A 177 15.71 -33.15 -22.01
CA ASP A 177 14.55 -33.59 -22.78
C ASP A 177 13.54 -34.08 -21.74
N GLY A 178 12.74 -33.16 -21.24
CA GLY A 178 11.76 -33.45 -20.21
C GLY A 178 12.45 -33.64 -18.87
N LEU A 179 12.50 -34.89 -18.37
CA LEU A 179 13.14 -35.25 -17.10
C LEU A 179 14.32 -36.20 -17.35
N LYS A 180 14.86 -36.15 -18.59
CA LYS A 180 15.94 -37.01 -19.07
C LYS A 180 17.14 -36.22 -19.56
N LEU A 181 18.32 -36.87 -19.52
CA LEU A 181 19.54 -36.25 -20.00
C LEU A 181 20.11 -37.04 -21.19
N VAL A 182 20.25 -36.36 -22.36
CA VAL A 182 20.73 -36.94 -23.61
C VAL A 182 22.06 -36.30 -24.06
N GLY A 183 22.99 -37.13 -24.51
CA GLY A 183 24.29 -36.69 -25.01
C GLY A 183 24.42 -36.69 -26.51
N SER A 184 25.57 -36.19 -27.02
CA SER A 184 25.90 -36.12 -28.44
C SER A 184 27.43 -36.20 -28.65
N TRP A 185 27.94 -37.43 -28.66
CA TRP A 185 29.34 -37.77 -28.88
C TRP A 185 29.61 -37.90 -30.40
N LYS A 186 30.85 -37.63 -30.83
CA LYS A 186 31.30 -37.81 -32.21
C LYS A 186 32.82 -37.91 -32.23
N ASP A 195 31.64 -37.58 -39.44
CA ASP A 195 30.33 -37.37 -40.02
C ASP A 195 29.24 -38.12 -39.23
N GLU A 196 28.27 -37.36 -38.65
CA GLU A 196 27.09 -37.79 -37.85
C GLU A 196 27.41 -38.28 -36.44
N PRO A 197 26.59 -37.89 -35.43
CA PRO A 197 26.89 -38.27 -34.05
C PRO A 197 26.06 -39.45 -33.50
N GLU A 198 26.49 -39.95 -32.31
CA GLU A 198 25.86 -41.01 -31.51
C GLU A 198 25.05 -40.30 -30.40
N LEU A 199 23.72 -40.45 -30.41
CA LEU A 199 22.85 -39.74 -29.47
C LEU A 199 22.02 -40.67 -28.63
N ARG A 200 22.38 -40.78 -27.34
CA ARG A 200 21.68 -41.64 -26.40
C ARG A 200 21.42 -40.98 -25.04
N VAL A 201 20.42 -41.52 -24.35
CA VAL A 201 20.00 -41.07 -23.05
C VAL A 201 20.91 -41.68 -22.02
N LEU A 202 21.42 -40.81 -21.13
CA LEU A 202 22.25 -41.17 -19.99
C LEU A 202 21.29 -41.62 -18.89
N SER A 203 21.47 -42.86 -18.40
CA SER A 203 20.59 -43.42 -17.38
C SER A 203 20.84 -42.84 -16.00
N THR A 204 19.81 -42.85 -15.14
CA THR A 204 19.86 -42.36 -13.77
C THR A 204 20.95 -43.12 -12.99
N GLU A 205 21.07 -44.44 -13.25
CA GLU A 205 22.05 -45.36 -12.66
C GLU A 205 23.45 -44.99 -13.14
N GLU A 206 23.59 -44.66 -14.46
CA GLU A 206 24.82 -44.28 -15.18
C GLU A 206 25.43 -43.07 -14.50
N ILE A 207 24.63 -41.98 -14.42
CA ILE A 207 24.98 -40.71 -13.78
C ILE A 207 25.44 -40.98 -12.36
N LEU A 208 24.65 -41.78 -11.61
CA LEU A 208 24.92 -42.16 -10.24
C LEU A 208 26.26 -42.78 -10.02
N ASN A 209 26.58 -43.88 -10.72
CA ASN A 209 27.88 -44.55 -10.55
C ASN A 209 29.04 -43.61 -10.93
N ILE A 210 28.80 -42.64 -11.85
CA ILE A 210 29.81 -41.64 -12.23
C ILE A 210 29.99 -40.63 -11.05
N PHE A 211 28.87 -40.23 -10.43
CA PHE A 211 28.85 -39.31 -9.28
C PHE A 211 29.48 -39.95 -8.07
N LYS A 212 29.23 -41.27 -7.90
CA LYS A 212 29.76 -42.08 -6.81
C LYS A 212 31.28 -42.20 -6.89
N HIS A 213 31.79 -42.05 -8.13
CA HIS A 213 33.21 -42.07 -8.45
C HIS A 213 33.85 -40.68 -8.37
N ILE A 214 33.05 -39.57 -8.30
CA ILE A 214 33.64 -38.22 -8.16
C ILE A 214 34.33 -38.11 -6.79
N SER A 215 35.64 -37.79 -6.81
CA SER A 215 36.48 -37.67 -5.64
C SER A 215 36.09 -36.51 -4.75
N VAL A 216 36.36 -36.64 -3.44
CA VAL A 216 36.04 -35.61 -2.44
C VAL A 216 36.68 -34.30 -2.85
N LYS A 217 38.01 -34.32 -3.10
CA LYS A 217 38.77 -33.15 -3.55
C LYS A 217 38.05 -32.44 -4.69
N ASP A 218 37.65 -33.18 -5.74
CA ASP A 218 36.94 -32.69 -6.92
C ASP A 218 35.54 -32.16 -6.60
N PHE A 219 34.70 -32.94 -5.86
CA PHE A 219 33.32 -32.51 -5.62
C PHE A 219 33.24 -31.40 -4.59
N THR A 220 34.25 -31.25 -3.72
CA THR A 220 34.30 -30.17 -2.75
C THR A 220 34.85 -28.94 -3.45
N SER A 221 35.48 -29.14 -4.63
CA SER A 221 35.94 -28.07 -5.51
C SER A 221 34.72 -27.49 -6.20
N LEU A 222 33.66 -28.32 -6.35
CA LEU A 222 32.29 -27.99 -6.80
C LEU A 222 31.51 -27.69 -5.48
N GLY A 223 30.31 -27.12 -5.54
CA GLY A 223 29.52 -26.72 -4.35
C GLY A 223 29.55 -27.56 -3.06
N PHE A 224 29.48 -28.89 -3.25
CA PHE A 224 29.32 -30.06 -2.37
C PHE A 224 30.20 -30.13 -1.14
N ASN A 225 29.66 -30.88 -0.15
CA ASN A 225 30.19 -31.14 1.21
C ASN A 225 30.17 -32.65 1.53
N GLU A 226 31.37 -33.19 1.80
CA GLU A 226 31.67 -34.59 2.13
C GLU A 226 30.69 -35.25 3.10
N VAL A 227 30.18 -34.47 4.08
CA VAL A 227 29.30 -34.92 5.15
C VAL A 227 27.81 -34.60 4.95
N PHE A 228 27.51 -33.34 4.57
CA PHE A 228 26.14 -32.87 4.47
C PHE A 228 25.53 -32.95 3.09
N SER A 229 26.31 -32.75 1.99
CA SER A 229 25.72 -32.88 0.64
C SER A 229 26.68 -33.36 -0.46
N ARG A 230 26.72 -34.67 -0.66
CA ARG A 230 27.50 -35.30 -1.72
C ARG A 230 26.72 -35.18 -3.03
N PRO A 231 27.39 -35.02 -4.18
CA PRO A 231 26.67 -34.95 -5.47
C PRO A 231 25.74 -36.14 -5.74
N GLU A 232 26.13 -37.34 -5.30
CA GLU A 232 25.34 -38.57 -5.44
C GLU A 232 23.97 -38.48 -4.76
N TRP A 233 23.83 -37.65 -3.70
CA TRP A 233 22.56 -37.53 -2.98
C TRP A 233 21.49 -36.68 -3.70
N MET A 234 21.90 -36.05 -4.84
CA MET A 234 20.96 -35.27 -5.66
C MET A 234 20.06 -36.25 -6.42
N ILE A 235 20.47 -37.54 -6.54
CA ILE A 235 19.67 -38.60 -7.17
C ILE A 235 19.02 -39.44 -6.07
N LEU A 236 17.72 -39.71 -6.19
CA LEU A 236 16.91 -40.43 -5.20
C LEU A 236 16.83 -41.96 -5.39
N THR A 237 17.11 -42.67 -4.30
CA THR A 237 17.18 -44.14 -4.20
C THR A 237 16.17 -44.64 -3.17
N CYS A 238 16.13 -43.95 -2.03
CA CYS A 238 15.31 -44.27 -0.90
C CYS A 238 14.47 -43.04 -0.61
N LEU A 239 13.15 -43.13 -0.83
CA LEU A 239 12.27 -41.99 -0.62
C LEU A 239 11.77 -41.85 0.82
N PRO A 240 11.88 -40.64 1.45
CA PRO A 240 11.32 -40.48 2.80
C PRO A 240 9.81 -40.22 2.73
N VAL A 241 9.05 -41.00 3.51
CA VAL A 241 7.60 -40.87 3.60
C VAL A 241 7.21 -39.94 4.77
N PRO A 242 6.70 -38.73 4.46
CA PRO A 242 6.27 -37.83 5.54
C PRO A 242 5.06 -38.42 6.30
N PRO A 243 5.01 -38.17 7.62
CA PRO A 243 3.94 -38.74 8.45
C PRO A 243 2.59 -38.07 8.25
N PRO A 244 1.48 -38.65 8.76
CA PRO A 244 0.18 -37.99 8.62
C PRO A 244 0.10 -36.49 9.01
N PRO A 245 0.72 -35.95 10.11
CA PRO A 245 0.57 -34.50 10.41
C PRO A 245 0.88 -33.53 9.27
N VAL A 246 1.69 -33.99 8.31
CA VAL A 246 2.10 -33.28 7.10
C VAL A 246 0.97 -33.41 6.07
N ARG A 247 0.46 -34.64 5.86
CA ARG A 247 -0.58 -34.97 4.88
C ARG A 247 -1.89 -35.50 5.56
N PRO A 248 -2.56 -34.64 6.39
CA PRO A 248 -3.76 -35.10 7.10
C PRO A 248 -4.92 -35.60 6.25
N SER A 249 -5.57 -36.66 6.76
CA SER A 249 -6.77 -37.30 6.23
C SER A 249 -7.95 -36.46 6.69
N ILE A 250 -8.72 -35.96 5.71
CA ILE A 250 -9.91 -35.12 5.93
C ILE A 250 -11.14 -36.04 6.14
N SER A 251 -11.48 -36.34 7.40
CA SER A 251 -12.63 -37.18 7.69
C SER A 251 -13.90 -36.33 7.82
N PHE A 252 -14.90 -36.64 6.99
CA PHE A 252 -16.16 -35.89 6.95
C PHE A 252 -17.35 -36.78 7.41
N ASN A 253 -17.19 -37.39 8.64
CA ASN A 253 -18.02 -38.33 9.46
C ASN A 253 -17.21 -39.60 9.84
N GLU A 254 -17.85 -40.79 9.90
CA GLU A 254 -17.17 -42.05 10.17
C GLU A 254 -16.72 -42.61 8.81
N SER A 255 -17.71 -43.19 8.07
CA SER A 255 -17.65 -43.84 6.74
C SER A 255 -16.93 -43.02 5.62
N GLN A 256 -17.01 -41.70 5.73
CA GLN A 256 -16.40 -40.74 4.80
C GLN A 256 -14.92 -40.58 5.20
N ARG A 257 -14.10 -41.43 4.56
CA ARG A 257 -12.64 -41.59 4.69
C ARG A 257 -11.88 -40.30 4.43
N GLY A 258 -11.71 -39.94 3.16
CA GLY A 258 -11.08 -38.73 2.68
C GLY A 258 -9.60 -38.55 3.00
N GLU A 259 -8.72 -38.74 2.01
CA GLU A 259 -7.31 -38.57 2.26
C GLU A 259 -6.76 -37.35 1.57
N ASP A 260 -5.54 -36.95 1.97
CA ASP A 260 -4.86 -35.77 1.42
C ASP A 260 -4.31 -36.02 0.03
N ASP A 261 -3.97 -34.93 -0.69
CA ASP A 261 -3.36 -34.91 -2.01
C ASP A 261 -1.99 -35.61 -2.02
N LEU A 262 -1.15 -35.31 -1.00
CA LEU A 262 0.18 -35.88 -0.85
C LEU A 262 0.12 -37.39 -0.60
N THR A 263 -0.95 -37.85 0.10
CA THR A 263 -1.21 -39.26 0.34
C THR A 263 -1.50 -39.94 -1.01
N PHE A 264 -2.28 -39.29 -1.90
CA PHE A 264 -2.59 -39.84 -3.23
C PHE A 264 -1.37 -39.98 -4.08
N LYS A 265 -0.50 -38.94 -4.10
CA LYS A 265 0.72 -38.96 -4.91
C LYS A 265 1.69 -40.03 -4.47
N LEU A 266 1.84 -40.22 -3.14
CA LEU A 266 2.74 -41.25 -2.62
C LEU A 266 2.23 -42.63 -3.00
N ALA A 267 0.92 -42.87 -2.83
CA ALA A 267 0.25 -44.10 -3.24
C ALA A 267 0.52 -44.36 -4.72
N ASP A 268 0.54 -43.30 -5.55
CA ASP A 268 0.78 -43.38 -6.99
C ASP A 268 2.21 -43.74 -7.32
N ILE A 269 3.17 -43.24 -6.49
CA ILE A 269 4.61 -43.53 -6.62
C ILE A 269 4.77 -45.01 -6.28
N LEU A 270 4.17 -45.41 -5.18
CA LEU A 270 4.16 -46.76 -4.68
C LEU A 270 3.47 -47.71 -5.68
N LYS A 271 2.43 -47.23 -6.39
CA LYS A 271 1.73 -47.98 -7.43
C LYS A 271 2.71 -48.21 -8.61
N ALA A 272 3.39 -47.11 -9.05
CA ALA A 272 4.36 -47.05 -10.16
C ALA A 272 5.62 -47.89 -9.91
N ASN A 273 6.03 -47.97 -8.64
CA ASN A 273 7.19 -48.69 -8.14
C ASN A 273 6.95 -50.17 -8.23
N ILE A 274 5.85 -50.61 -7.63
CA ILE A 274 5.41 -51.98 -7.57
C ILE A 274 5.38 -52.59 -8.99
N SER A 275 5.02 -51.77 -10.02
CA SER A 275 4.97 -52.20 -11.42
C SER A 275 6.38 -52.41 -11.98
N LEU A 276 7.27 -51.41 -11.77
CA LEU A 276 8.67 -51.40 -12.22
C LEU A 276 9.44 -52.56 -11.61
N GLU A 277 9.26 -52.79 -10.31
CA GLU A 277 9.88 -53.89 -9.58
C GLU A 277 9.39 -55.24 -10.16
N THR A 278 8.06 -55.43 -10.37
CA THR A 278 7.53 -56.68 -10.94
C THR A 278 8.13 -56.92 -12.32
N LEU A 279 8.25 -55.89 -13.19
CA LEU A 279 8.84 -56.06 -14.52
C LEU A 279 10.27 -56.57 -14.45
N GLU A 280 11.06 -56.04 -13.49
CA GLU A 280 12.44 -56.43 -13.27
C GLU A 280 12.54 -57.84 -12.63
N HIS A 281 12.04 -58.01 -11.37
CA HIS A 281 12.06 -59.28 -10.61
C HIS A 281 11.40 -60.45 -11.35
N ASN A 282 10.59 -60.14 -12.40
CA ASN A 282 9.93 -61.11 -13.28
C ASN A 282 10.44 -60.98 -14.71
N GLY A 283 9.75 -61.64 -15.65
CA GLY A 283 10.07 -61.67 -17.07
C GLY A 283 10.23 -60.27 -17.63
N ALA A 284 11.48 -59.81 -17.66
CA ALA A 284 11.89 -58.48 -18.11
C ALA A 284 11.54 -58.22 -19.60
N PRO A 285 10.52 -57.40 -19.94
CA PRO A 285 10.21 -57.15 -21.36
C PRO A 285 11.08 -56.06 -22.00
N HIS A 286 12.15 -55.62 -21.28
CA HIS A 286 13.26 -54.69 -21.59
C HIS A 286 12.88 -53.28 -22.07
N HIS A 287 11.88 -53.12 -22.95
CA HIS A 287 11.45 -51.83 -23.49
C HIS A 287 10.13 -51.33 -22.92
N ALA A 288 9.61 -52.07 -21.94
CA ALA A 288 8.39 -51.79 -21.19
C ALA A 288 8.84 -51.31 -19.84
N ILE A 289 10.07 -51.71 -19.50
CA ILE A 289 10.76 -51.38 -18.27
C ILE A 289 11.11 -49.89 -18.28
N GLU A 290 11.58 -49.38 -19.43
CA GLU A 290 11.90 -47.96 -19.60
C GLU A 290 10.66 -47.11 -19.46
N GLU A 291 9.49 -47.66 -19.87
CA GLU A 291 8.18 -47.01 -19.76
C GLU A 291 7.78 -46.86 -18.29
N ALA A 292 7.79 -47.99 -17.53
CA ALA A 292 7.46 -48.03 -16.10
C ALA A 292 8.47 -47.30 -15.25
N GLU A 293 9.73 -47.17 -15.75
CA GLU A 293 10.82 -46.44 -15.07
C GLU A 293 10.55 -44.95 -15.16
N SER A 294 10.28 -44.44 -16.38
CA SER A 294 10.01 -43.03 -16.64
C SER A 294 8.76 -42.54 -15.91
N LEU A 295 7.78 -43.44 -15.71
CA LEU A 295 6.56 -43.18 -14.96
C LEU A 295 6.91 -42.94 -13.49
N LEU A 296 7.81 -43.78 -12.91
CA LEU A 296 8.27 -43.61 -11.54
C LEU A 296 8.96 -42.23 -11.42
N GLN A 297 9.85 -41.89 -12.40
CA GLN A 297 10.57 -40.61 -12.50
C GLN A 297 9.59 -39.48 -12.47
N PHE A 298 8.53 -39.61 -13.26
CA PHE A 298 7.47 -38.63 -13.35
C PHE A 298 6.81 -38.38 -12.01
N HIS A 299 6.34 -39.45 -11.36
CA HIS A 299 5.62 -39.31 -10.12
C HIS A 299 6.44 -38.73 -8.99
N VAL A 300 7.68 -39.23 -8.79
CA VAL A 300 8.58 -38.74 -7.76
C VAL A 300 8.84 -37.23 -7.98
N ALA A 301 8.98 -36.84 -9.28
CA ALA A 301 9.16 -35.46 -9.73
C ALA A 301 7.92 -34.66 -9.37
N THR A 302 6.78 -35.09 -9.92
CA THR A 302 5.48 -34.49 -9.81
C THR A 302 5.03 -34.29 -8.34
N TYR A 303 5.43 -35.20 -7.41
CA TYR A 303 5.10 -35.10 -5.97
C TYR A 303 5.83 -33.92 -5.31
N MET A 304 7.14 -33.72 -5.63
CA MET A 304 7.92 -32.59 -5.11
C MET A 304 7.65 -31.30 -5.86
N ASP A 305 7.48 -31.35 -7.21
CA ASP A 305 7.14 -30.17 -8.02
C ASP A 305 6.09 -30.54 -9.05
N ASN A 306 5.04 -29.72 -9.19
CA ASN A 306 3.99 -30.01 -10.18
C ASN A 306 3.73 -28.83 -11.09
N ASP A 307 4.55 -27.81 -10.95
CA ASP A 307 4.46 -26.63 -11.78
C ASP A 307 5.72 -26.69 -12.68
N ILE A 308 5.99 -27.88 -13.26
CA ILE A 308 7.15 -28.16 -14.11
C ILE A 308 6.89 -27.68 -15.51
N ALA A 309 7.98 -27.16 -16.16
CA ALA A 309 8.09 -26.62 -17.53
C ALA A 309 7.38 -27.49 -18.62
N GLY A 310 7.73 -28.78 -18.66
CA GLY A 310 7.14 -29.78 -19.54
C GLY A 310 5.69 -30.04 -19.15
N GLN A 311 4.79 -29.42 -19.94
CA GLN A 311 3.32 -29.36 -19.98
C GLN A 311 2.50 -30.30 -19.01
N PRO A 312 2.62 -31.66 -18.96
CA PRO A 312 1.78 -32.46 -18.04
C PRO A 312 1.73 -31.94 -16.62
N GLN A 313 0.52 -31.49 -16.23
CA GLN A 313 0.28 -30.92 -14.91
C GLN A 313 -0.05 -31.98 -13.87
N ALA A 314 0.06 -33.27 -14.22
CA ALA A 314 -0.24 -34.42 -13.34
C ALA A 314 -1.58 -34.19 -12.64
N LEU A 315 -2.62 -33.85 -13.42
CA LEU A 315 -3.95 -33.52 -12.91
C LEU A 315 -4.64 -34.68 -12.21
N GLN A 316 -5.27 -34.40 -11.05
CA GLN A 316 -6.09 -35.34 -10.29
C GLN A 316 -7.33 -35.51 -11.14
N LYS A 317 -7.87 -36.74 -11.28
CA LYS A 317 -9.10 -36.89 -12.07
C LYS A 317 -10.17 -36.17 -11.28
N SER A 318 -10.52 -34.98 -11.81
CA SER A 318 -11.44 -33.94 -11.34
C SER A 318 -11.29 -32.79 -12.35
N GLY A 319 -10.02 -32.45 -12.63
CA GLY A 319 -9.60 -31.38 -13.52
C GLY A 319 -8.66 -30.46 -12.77
N ARG A 320 -8.34 -30.85 -11.52
CA ARG A 320 -7.48 -30.17 -10.54
C ARG A 320 -6.03 -30.62 -10.73
N PRO A 321 -5.03 -29.72 -10.63
CA PRO A 321 -3.64 -30.12 -10.89
C PRO A 321 -2.94 -30.99 -9.85
N VAL A 322 -3.15 -30.84 -8.52
CA VAL A 322 -2.45 -31.59 -7.44
C VAL A 322 -1.37 -30.73 -6.81
N LYS A 323 -1.50 -30.46 -5.52
CA LYS A 323 -0.56 -29.60 -4.81
C LYS A 323 0.75 -30.31 -4.54
N SER A 324 1.82 -29.87 -5.20
CA SER A 324 3.16 -30.42 -5.00
C SER A 324 3.68 -29.97 -3.63
N ILE A 325 4.83 -30.46 -3.18
CA ILE A 325 5.36 -29.98 -1.90
C ILE A 325 5.89 -28.54 -2.11
N ARG A 326 6.48 -28.26 -3.30
CA ARG A 326 6.98 -26.92 -3.66
C ARG A 326 5.86 -25.90 -3.49
N ALA A 327 4.73 -26.16 -4.14
CA ALA A 327 3.55 -25.31 -4.11
C ALA A 327 3.07 -24.90 -2.73
N ARG A 328 3.27 -25.79 -1.72
CA ARG A 328 2.89 -25.60 -0.32
C ARG A 328 3.63 -24.45 0.33
N LEU A 329 4.93 -24.30 0.03
CA LEU A 329 5.81 -23.29 0.62
C LEU A 329 5.91 -21.95 -0.15
N LYS A 330 5.64 -21.98 -1.50
CA LYS A 330 5.68 -20.85 -2.42
C LYS A 330 4.84 -19.67 -1.91
N GLY A 331 5.55 -18.60 -1.51
CA GLY A 331 5.10 -17.34 -0.90
C GLY A 331 3.72 -16.72 -1.01
N LYS A 332 3.32 -16.08 0.14
CA LYS A 332 2.07 -15.37 0.47
C LYS A 332 1.05 -16.43 0.33
N GLU A 333 0.67 -17.02 1.47
CA GLU A 333 -0.21 -18.20 1.56
C GLU A 333 0.69 -19.47 1.70
N GLY A 334 1.92 -19.36 1.18
CA GLY A 334 2.94 -20.40 1.30
C GLY A 334 3.37 -20.55 2.74
N ARG A 335 3.88 -21.72 3.11
CA ARG A 335 4.30 -21.97 4.49
C ARG A 335 5.24 -20.86 5.06
N ILE A 336 6.16 -20.28 4.24
CA ILE A 336 7.08 -19.26 4.77
C ILE A 336 6.37 -17.95 5.03
N ARG A 337 5.92 -17.31 3.95
CA ARG A 337 5.27 -16.00 4.01
C ARG A 337 3.91 -15.97 4.70
N GLY A 338 3.08 -16.97 4.46
CA GLY A 338 1.74 -17.07 5.00
C GLY A 338 1.59 -17.74 6.34
N ASN A 339 2.56 -18.58 6.74
CA ASN A 339 2.42 -19.26 8.03
C ASN A 339 3.47 -18.89 9.08
N LEU A 340 4.65 -18.41 8.65
CA LEU A 340 5.74 -18.09 9.56
C LEU A 340 6.12 -16.61 9.66
N MET A 341 6.07 -15.86 8.54
CA MET A 341 6.40 -14.43 8.52
C MET A 341 5.22 -13.57 8.99
N GLY A 342 4.05 -14.21 9.02
CA GLY A 342 2.77 -13.64 9.42
C GLY A 342 1.84 -14.79 9.74
N LYS A 343 1.08 -14.66 10.84
CA LYS A 343 0.18 -15.69 11.35
C LYS A 343 -1.16 -15.10 11.70
N ARG A 344 -2.19 -15.96 11.80
CA ARG A 344 -3.46 -15.58 12.40
C ARG A 344 -3.18 -15.63 13.94
N VAL A 345 -3.74 -14.73 14.75
CA VAL A 345 -3.37 -14.72 16.18
C VAL A 345 -4.57 -14.71 17.15
N ASP A 346 -4.38 -15.24 18.38
CA ASP A 346 -5.36 -15.25 19.48
C ASP A 346 -5.20 -13.89 20.18
N PHE A 347 -6.07 -13.59 21.15
CA PHE A 347 -6.01 -12.32 21.92
C PHE A 347 -6.06 -11.10 21.01
N SER A 348 -6.91 -11.21 19.99
CA SER A 348 -7.11 -10.21 18.96
C SER A 348 -8.57 -9.82 18.90
N ALA A 349 -8.86 -8.58 18.49
CA ALA A 349 -10.20 -8.05 18.33
C ALA A 349 -10.24 -7.01 17.21
N ARG A 350 -11.39 -6.86 16.58
CA ARG A 350 -11.57 -5.87 15.53
C ARG A 350 -13.03 -5.51 15.40
N THR A 351 -13.29 -4.20 15.33
CA THR A 351 -14.60 -3.61 15.15
C THR A 351 -14.45 -2.25 14.50
N VAL A 352 -15.62 -1.65 14.12
CA VAL A 352 -15.74 -0.31 13.54
C VAL A 352 -15.18 0.72 14.55
N ILE A 353 -14.48 1.73 14.05
CA ILE A 353 -13.91 2.78 14.88
C ILE A 353 -14.72 4.04 14.80
N SER A 354 -14.76 4.79 15.92
CA SER A 354 -15.47 6.06 16.05
C SER A 354 -14.58 7.08 16.80
N GLY A 355 -14.72 8.36 16.46
CA GLY A 355 -13.93 9.42 17.05
C GLY A 355 -14.58 9.95 18.29
N ASP A 356 -13.78 10.14 19.38
CA ASP A 356 -14.19 10.64 20.69
C ASP A 356 -13.32 11.81 21.15
N PRO A 357 -13.91 13.00 21.37
CA PRO A 357 -13.10 14.14 21.85
C PRO A 357 -12.88 14.13 23.37
N ASN A 358 -13.65 13.26 24.07
CA ASN A 358 -13.60 13.12 25.52
C ASN A 358 -12.73 11.96 25.93
N LEU A 359 -11.88 11.50 24.99
CA LEU A 359 -10.86 10.48 25.26
C LEU A 359 -9.48 11.13 25.30
N GLU A 360 -8.56 10.51 26.05
CA GLU A 360 -7.18 10.98 26.14
C GLU A 360 -6.43 10.61 24.88
N LEU A 361 -5.35 11.34 24.53
CA LEU A 361 -4.68 11.00 23.27
C LEU A 361 -4.35 9.49 23.21
N ASP A 362 -3.77 8.99 24.34
CA ASP A 362 -3.28 7.63 24.53
C ASP A 362 -4.34 6.63 25.01
N GLN A 363 -5.62 6.97 24.99
CA GLN A 363 -6.63 5.99 25.33
C GLN A 363 -7.26 5.42 24.05
N VAL A 364 -7.98 4.31 24.29
CA VAL A 364 -8.79 3.56 23.34
C VAL A 364 -10.03 3.05 24.04
N GLY A 365 -11.15 3.32 23.42
CA GLY A 365 -12.47 2.92 23.87
C GLY A 365 -12.72 1.48 23.53
N VAL A 366 -12.83 0.66 24.57
CA VAL A 366 -13.06 -0.76 24.34
C VAL A 366 -14.50 -1.13 24.70
N PRO A 367 -15.24 -1.62 23.67
CA PRO A 367 -16.63 -2.07 23.89
C PRO A 367 -16.67 -3.19 24.91
N LYS A 368 -17.54 -3.10 25.95
CA LYS A 368 -17.67 -4.08 27.05
C LYS A 368 -17.65 -5.55 26.54
N SER A 369 -18.34 -5.85 25.38
CA SER A 369 -18.43 -7.17 24.72
C SER A 369 -17.01 -7.72 24.52
N ILE A 370 -16.15 -6.89 23.90
CA ILE A 370 -14.76 -7.13 23.56
C ILE A 370 -13.95 -7.24 24.84
N ALA A 371 -14.19 -6.37 25.84
CA ALA A 371 -13.44 -6.44 27.09
C ALA A 371 -13.73 -7.71 27.84
N LYS A 372 -14.96 -8.21 27.69
CA LYS A 372 -15.42 -9.42 28.33
C LYS A 372 -14.91 -10.71 27.66
N THR A 373 -14.39 -10.65 26.39
CA THR A 373 -13.88 -11.85 25.69
C THR A 373 -12.41 -11.95 25.75
N LEU A 374 -11.71 -10.84 25.55
CA LEU A 374 -10.27 -10.81 25.64
C LEU A 374 -9.83 -10.96 27.12
N THR A 375 -8.62 -11.51 27.35
CA THR A 375 -8.17 -11.84 28.69
C THR A 375 -6.67 -11.66 28.96
N TYR A 376 -6.31 -11.12 30.12
CA TYR A 376 -4.90 -11.04 30.52
C TYR A 376 -4.67 -12.06 31.66
N PRO A 377 -3.69 -12.99 31.50
CA PRO A 377 -3.48 -14.00 32.54
C PRO A 377 -2.57 -13.41 33.59
N GLU A 378 -3.12 -13.14 34.77
CA GLU A 378 -2.44 -12.51 35.90
C GLU A 378 -2.02 -13.53 36.94
N VAL A 379 -0.78 -13.47 37.45
CA VAL A 379 -0.36 -14.45 38.46
C VAL A 379 -0.79 -14.04 39.85
N VAL A 380 -1.45 -14.97 40.58
CA VAL A 380 -1.94 -14.84 41.95
C VAL A 380 -0.77 -14.57 42.90
N THR A 381 -0.66 -13.30 43.25
CA THR A 381 0.41 -12.69 44.03
C THR A 381 -0.22 -12.01 45.25
N PRO A 382 0.44 -11.92 46.45
CA PRO A 382 -0.24 -11.33 47.62
C PRO A 382 -0.71 -9.92 47.40
N TYR A 383 -0.10 -9.26 46.41
CA TYR A 383 -0.44 -7.91 45.99
C TYR A 383 -1.85 -7.91 45.41
N ASN A 384 -2.18 -8.86 44.49
CA ASN A 384 -3.49 -8.91 43.84
C ASN A 384 -4.51 -9.90 44.42
N ILE A 385 -4.03 -10.95 45.10
CA ILE A 385 -4.77 -12.07 45.66
C ILE A 385 -6.21 -11.70 46.03
N ASP A 386 -6.43 -10.61 46.76
CA ASP A 386 -7.76 -10.24 47.20
C ASP A 386 -8.65 -9.70 46.08
N ARG A 387 -8.11 -8.83 45.21
CA ARG A 387 -8.83 -8.30 44.05
C ARG A 387 -9.24 -9.44 43.11
N LEU A 388 -8.25 -10.27 42.71
CA LEU A 388 -8.39 -11.42 41.81
C LEU A 388 -9.49 -12.34 42.23
N THR A 389 -9.68 -12.53 43.53
CA THR A 389 -10.74 -13.39 44.03
C THR A 389 -12.07 -12.77 43.73
N GLN A 390 -12.19 -11.44 43.88
CA GLN A 390 -13.45 -10.81 43.59
C GLN A 390 -13.77 -10.83 42.09
N LEU A 391 -12.74 -10.91 41.22
CA LEU A 391 -12.96 -11.03 39.78
C LEU A 391 -13.45 -12.46 39.44
N VAL A 392 -12.80 -13.50 40.00
CA VAL A 392 -13.14 -14.91 39.80
C VAL A 392 -14.56 -15.11 40.32
N ARG A 393 -14.86 -14.53 41.47
CA ARG A 393 -16.19 -14.64 42.04
C ARG A 393 -17.19 -13.84 41.22
N ASN A 394 -16.72 -12.81 40.49
CA ASN A 394 -17.62 -12.04 39.62
C ASN A 394 -18.00 -12.85 38.37
N GLY A 395 -17.10 -13.72 37.94
CA GLY A 395 -17.31 -14.61 36.81
C GLY A 395 -17.20 -13.97 35.45
N PRO A 396 -17.39 -14.78 34.38
CA PRO A 396 -17.23 -14.25 33.02
C PRO A 396 -18.36 -13.35 32.49
N ASN A 397 -19.44 -13.14 33.25
CA ASN A 397 -20.54 -12.35 32.74
C ASN A 397 -20.60 -10.90 33.24
N GLU A 398 -20.17 -10.65 34.50
CA GLU A 398 -20.11 -9.29 35.11
C GLU A 398 -19.00 -8.52 34.39
N HIS A 399 -18.97 -7.13 34.33
CA HIS A 399 -17.78 -6.64 33.64
C HIS A 399 -16.53 -6.98 34.41
N PRO A 400 -16.05 -6.26 35.44
CA PRO A 400 -14.79 -6.68 36.03
C PRO A 400 -15.03 -8.08 36.57
N GLY A 401 -14.44 -9.05 35.87
CA GLY A 401 -14.60 -10.47 36.12
C GLY A 401 -13.46 -11.22 35.48
N ALA A 402 -13.54 -12.55 35.48
CA ALA A 402 -12.50 -13.41 34.90
C ALA A 402 -13.12 -14.60 34.20
N LYS A 403 -12.40 -15.18 33.24
CA LYS A 403 -12.93 -16.33 32.48
C LYS A 403 -12.40 -17.70 32.96
N TYR A 404 -11.11 -17.79 33.33
CA TYR A 404 -10.48 -19.05 33.77
C TYR A 404 -9.52 -18.89 34.91
N VAL A 405 -9.38 -19.95 35.72
CA VAL A 405 -8.43 -20.05 36.81
C VAL A 405 -7.48 -21.18 36.41
N ILE A 406 -6.18 -20.87 36.27
CA ILE A 406 -5.17 -21.84 35.89
C ILE A 406 -4.36 -22.25 37.12
N ARG A 407 -4.55 -23.51 37.53
CA ARG A 407 -3.93 -24.09 38.70
C ARG A 407 -2.41 -24.29 38.57
N ASP A 408 -1.75 -24.58 39.73
CA ASP A 408 -0.31 -24.86 39.84
C ASP A 408 -0.03 -26.14 39.05
N SER A 409 -0.98 -27.13 39.17
CA SER A 409 -1.02 -28.44 38.51
C SER A 409 -0.94 -28.29 37.00
N GLY A 410 -1.43 -27.16 36.52
CA GLY A 410 -1.54 -26.87 35.11
C GLY A 410 -2.79 -27.57 34.62
N ASP A 411 -3.94 -26.90 34.78
CA ASP A 411 -5.29 -27.32 34.32
C ASP A 411 -6.26 -26.16 34.39
N ARG A 412 -6.96 -25.90 33.27
CA ARG A 412 -7.93 -24.80 33.16
C ARG A 412 -9.27 -25.10 33.85
N ILE A 413 -9.81 -24.09 34.54
CA ILE A 413 -11.09 -24.13 35.25
C ILE A 413 -11.98 -23.17 34.51
N ASP A 414 -13.02 -23.67 33.86
CA ASP A 414 -13.96 -22.83 33.12
C ASP A 414 -15.00 -22.34 34.07
N LEU A 415 -14.85 -21.11 34.51
CA LEU A 415 -15.75 -20.49 35.47
C LEU A 415 -17.20 -20.45 34.97
N ARG A 416 -17.38 -20.52 33.65
CA ARG A 416 -18.68 -20.55 32.98
C ARG A 416 -19.44 -21.85 33.29
N TYR A 417 -18.72 -22.95 33.58
CA TYR A 417 -19.33 -24.26 33.80
C TYR A 417 -19.00 -24.87 35.12
N SER A 418 -17.71 -24.90 35.49
CA SER A 418 -17.17 -25.47 36.73
C SER A 418 -18.13 -25.50 37.90
N LYS A 419 -18.35 -26.67 38.48
CA LYS A 419 -19.25 -26.80 39.63
C LYS A 419 -18.73 -25.97 40.84
N ARG A 420 -17.39 -25.79 40.92
CA ARG A 420 -16.72 -25.05 41.98
C ARG A 420 -16.48 -23.58 41.63
N ALA A 421 -17.11 -23.06 40.57
CA ALA A 421 -16.95 -21.66 40.13
C ALA A 421 -17.29 -20.64 41.23
N GLY A 422 -18.18 -21.06 42.14
CA GLY A 422 -18.59 -20.25 43.27
C GLY A 422 -17.52 -20.23 44.35
N ASP A 423 -16.88 -21.38 44.52
CA ASP A 423 -15.82 -21.61 45.50
C ASP A 423 -14.48 -20.97 45.04
N ILE A 424 -13.45 -21.82 44.82
CA ILE A 424 -12.06 -21.54 44.42
C ILE A 424 -11.38 -20.65 45.42
N GLN A 425 -10.48 -21.27 46.15
CA GLN A 425 -9.66 -20.55 47.12
C GLN A 425 -8.33 -20.49 46.43
N LEU A 426 -8.07 -19.32 45.83
CA LEU A 426 -6.90 -19.03 45.01
C LEU A 426 -5.57 -19.18 45.74
N GLN A 427 -4.72 -20.14 45.32
CA GLN A 427 -3.39 -20.31 45.91
C GLN A 427 -2.48 -19.40 45.10
N TYR A 428 -1.36 -18.97 45.67
CA TYR A 428 -0.42 -18.11 44.95
C TYR A 428 0.19 -18.91 43.84
N GLY A 429 0.72 -18.23 42.84
CA GLY A 429 1.35 -18.91 41.71
C GLY A 429 0.39 -19.42 40.64
N TRP A 430 -0.90 -19.31 40.93
CA TRP A 430 -1.91 -19.67 39.98
C TRP A 430 -2.07 -18.50 39.06
N LYS A 431 -2.74 -18.71 37.95
CA LYS A 431 -3.00 -17.64 37.02
C LYS A 431 -4.52 -17.45 36.95
N VAL A 432 -4.95 -16.19 36.80
CA VAL A 432 -6.34 -15.87 36.62
C VAL A 432 -6.44 -15.09 35.30
N GLU A 433 -6.99 -15.75 34.27
CA GLU A 433 -7.23 -15.16 32.96
C GLU A 433 -8.43 -14.24 33.20
N ARG A 434 -8.18 -12.93 33.28
CA ARG A 434 -9.25 -11.99 33.60
C ARG A 434 -9.63 -11.06 32.46
N HIS A 435 -10.89 -10.55 32.48
CA HIS A 435 -11.31 -9.60 31.48
C HIS A 435 -10.34 -8.42 31.49
N ILE A 436 -10.11 -7.84 30.30
CA ILE A 436 -9.31 -6.65 30.06
C ILE A 436 -9.92 -5.56 30.94
N MET A 437 -9.10 -4.74 31.56
CA MET A 437 -9.66 -3.67 32.37
C MET A 437 -9.11 -2.32 31.97
N ASP A 438 -9.73 -1.24 32.45
CA ASP A 438 -9.28 0.11 32.15
C ASP A 438 -7.79 0.18 32.52
N ASN A 439 -7.05 0.79 31.63
CA ASN A 439 -5.62 1.10 31.67
C ASN A 439 -4.67 -0.07 31.38
N ASP A 440 -5.19 -1.13 30.76
CA ASP A 440 -4.26 -2.16 30.34
C ASP A 440 -3.61 -1.74 29.02
N PRO A 441 -2.29 -1.97 28.84
CA PRO A 441 -1.67 -1.66 27.55
C PRO A 441 -2.19 -2.61 26.47
N VAL A 442 -2.55 -2.05 25.32
CA VAL A 442 -2.98 -2.81 24.16
C VAL A 442 -2.34 -2.19 22.90
N LEU A 443 -2.02 -3.04 21.91
CA LEU A 443 -1.45 -2.62 20.64
C LEU A 443 -2.62 -2.45 19.69
N PHE A 444 -2.78 -1.25 19.20
CA PHE A 444 -3.89 -0.90 18.33
C PHE A 444 -3.35 -0.59 16.98
N ASN A 445 -4.00 -1.08 15.93
CA ASN A 445 -3.48 -0.83 14.60
C ASN A 445 -4.55 -0.70 13.58
N ARG A 446 -4.20 -0.08 12.45
CA ARG A 446 -5.04 0.12 11.28
C ARG A 446 -4.24 -0.27 10.05
N GLN A 447 -4.80 -1.19 9.25
CA GLN A 447 -4.20 -1.65 7.98
C GLN A 447 -4.55 -0.68 6.84
N PRO A 448 -3.68 -0.45 5.83
CA PRO A 448 -2.34 -1.04 5.64
C PRO A 448 -1.33 -0.40 6.56
N SER A 449 -0.52 -1.24 7.19
CA SER A 449 0.44 -0.80 8.18
C SER A 449 1.81 -0.42 7.59
N LEU A 450 1.87 0.76 6.95
CA LEU A 450 3.10 1.26 6.30
C LEU A 450 3.99 2.17 7.20
N HIS A 451 3.77 2.13 8.50
CA HIS A 451 4.43 2.97 9.46
C HIS A 451 4.79 2.29 10.74
N LYS A 452 5.81 2.82 11.42
CA LYS A 452 6.20 2.44 12.79
C LYS A 452 4.93 2.78 13.63
N MET A 453 4.32 3.97 13.30
CA MET A 453 3.12 4.60 13.83
C MET A 453 1.83 3.94 13.48
N SER A 454 1.79 3.02 12.49
CA SER A 454 0.52 2.38 12.14
C SER A 454 -0.03 1.44 13.25
N MET A 455 0.84 1.13 14.24
CA MET A 455 0.57 0.30 15.39
C MET A 455 1.10 1.02 16.62
N MET A 456 0.21 1.44 17.51
CA MET A 456 0.63 2.09 18.74
C MET A 456 -0.04 1.50 19.94
N ALA A 457 0.67 1.55 21.07
CA ALA A 457 0.21 1.08 22.35
C ALA A 457 -0.68 2.16 22.98
N HIS A 458 -1.87 1.74 23.46
CA HIS A 458 -2.90 2.58 24.07
C HIS A 458 -3.39 2.03 25.41
N ARG A 459 -3.85 2.92 26.35
CA ARG A 459 -4.49 2.57 27.65
C ARG A 459 -5.93 2.20 27.30
N VAL A 460 -6.46 1.18 27.98
CA VAL A 460 -7.82 0.80 27.74
C VAL A 460 -8.79 1.70 28.53
N LYS A 461 -9.98 1.85 27.98
CA LYS A 461 -11.06 2.51 28.66
C LYS A 461 -12.28 1.75 28.24
N VAL A 462 -12.80 0.92 29.17
CA VAL A 462 -14.00 0.12 28.88
C VAL A 462 -15.23 1.04 28.89
N ILE A 463 -15.88 1.12 27.71
CA ILE A 463 -17.05 1.97 27.44
C ILE A 463 -18.20 1.11 26.91
N PRO A 464 -19.46 1.64 26.90
CA PRO A 464 -20.57 0.90 26.27
C PRO A 464 -20.56 1.11 24.75
N TYR A 465 -21.52 0.51 24.00
CA TYR A 465 -21.66 0.63 22.54
C TYR A 465 -20.51 -0.03 21.79
N SER A 466 -20.86 -0.69 20.69
CA SER A 466 -20.01 -1.60 19.92
C SER A 466 -18.80 -1.01 19.08
N THR A 467 -18.39 0.28 19.17
CA THR A 467 -17.19 0.71 18.41
C THR A 467 -15.99 0.92 19.29
N PHE A 468 -14.80 0.93 18.64
CA PHE A 468 -13.54 1.31 19.29
C PHE A 468 -13.53 2.83 19.20
N ARG A 469 -13.62 3.48 20.34
CA ARG A 469 -13.60 4.95 20.35
C ARG A 469 -12.14 5.40 20.48
N LEU A 470 -11.71 6.42 19.69
CA LEU A 470 -10.30 6.88 19.75
C LEU A 470 -10.16 8.41 19.59
N ASN A 471 -9.18 9.02 20.33
CA ASN A 471 -8.96 10.47 20.30
C ASN A 471 -8.72 10.94 18.92
N LEU A 472 -9.34 12.06 18.55
CA LEU A 472 -9.26 12.52 17.17
C LEU A 472 -7.88 12.97 16.67
N SER A 473 -6.93 13.34 17.54
CA SER A 473 -5.64 13.85 17.06
C SER A 473 -4.63 12.76 16.70
N VAL A 474 -4.93 11.49 17.10
CA VAL A 474 -4.18 10.25 16.82
C VAL A 474 -4.78 9.60 15.53
N THR A 475 -5.63 10.36 14.84
CA THR A 475 -6.28 9.94 13.62
C THR A 475 -5.25 9.85 12.48
N SER A 476 -4.43 10.92 12.33
CA SER A 476 -3.38 11.10 11.31
C SER A 476 -2.32 9.97 11.26
N PRO A 477 -1.64 9.57 12.39
CA PRO A 477 -0.64 8.51 12.28
C PRO A 477 -1.18 7.17 11.73
N TYR A 478 -2.46 6.81 12.07
CA TYR A 478 -3.16 5.58 11.63
C TYR A 478 -3.68 5.78 10.23
N ASN A 479 -4.01 7.06 9.90
CA ASN A 479 -4.60 7.55 8.64
C ASN A 479 -6.04 7.03 8.58
N ALA A 480 -6.74 7.09 9.74
CA ALA A 480 -8.11 6.62 9.87
C ALA A 480 -9.15 7.71 9.84
N ASP A 481 -10.31 7.40 9.22
CA ASP A 481 -11.52 8.23 9.10
C ASP A 481 -12.63 7.43 9.71
N PHE A 482 -13.75 8.06 10.00
CA PHE A 482 -14.77 7.28 10.68
C PHE A 482 -15.98 6.96 9.80
N ASP A 483 -15.70 6.70 8.50
CA ASP A 483 -16.70 6.35 7.48
C ASP A 483 -16.89 4.83 7.35
N GLY A 484 -16.67 4.10 8.43
CA GLY A 484 -16.79 2.65 8.41
C GLY A 484 -15.47 1.91 8.30
N ASP A 485 -14.43 2.48 8.95
CA ASP A 485 -13.09 1.91 9.04
C ASP A 485 -13.16 0.99 10.22
N GLU A 486 -12.39 -0.12 10.20
CA GLU A 486 -12.27 -1.09 11.32
C GLU A 486 -10.82 -1.06 11.81
N MET A 487 -10.61 -1.35 13.09
CA MET A 487 -9.24 -1.39 13.56
C MET A 487 -8.94 -2.61 14.39
N ASN A 488 -7.69 -3.05 14.39
CA ASN A 488 -7.28 -4.23 15.13
C ASN A 488 -6.69 -3.92 16.51
N LEU A 489 -7.05 -4.75 17.48
CA LEU A 489 -6.58 -4.66 18.86
C LEU A 489 -5.90 -5.96 19.26
N HIS A 490 -4.70 -5.85 19.86
CA HIS A 490 -3.91 -6.99 20.34
C HIS A 490 -3.65 -6.83 21.83
N VAL A 491 -3.89 -7.88 22.59
CA VAL A 491 -3.73 -7.88 24.05
C VAL A 491 -2.42 -8.61 24.49
N PRO A 492 -1.39 -7.89 25.00
CA PRO A 492 -0.18 -8.61 25.48
C PRO A 492 -0.54 -9.51 26.68
N GLN A 493 0.15 -10.68 26.85
CA GLN A 493 -0.11 -11.70 27.89
C GLN A 493 0.92 -11.79 29.03
N SER A 494 2.10 -11.15 28.84
CA SER A 494 3.22 -11.14 29.79
C SER A 494 3.30 -9.82 30.50
N GLU A 495 3.89 -9.79 31.71
CA GLU A 495 4.09 -8.52 32.43
C GLU A 495 5.27 -7.74 31.75
N GLU A 496 6.12 -8.49 31.02
CA GLU A 496 7.29 -7.99 30.33
C GLU A 496 6.93 -7.53 28.93
N THR A 497 5.91 -8.14 28.38
CA THR A 497 5.46 -7.74 27.06
C THR A 497 4.65 -6.46 27.19
N ARG A 498 3.97 -6.30 28.34
CA ARG A 498 3.16 -5.13 28.65
C ARG A 498 4.09 -3.96 28.66
N ALA A 499 5.19 -4.06 29.47
CA ALA A 499 6.25 -3.06 29.58
C ALA A 499 6.76 -2.64 28.20
N GLU A 500 7.00 -3.62 27.30
CA GLU A 500 7.45 -3.38 25.93
C GLU A 500 6.58 -2.33 25.24
N LEU A 501 5.26 -2.48 25.36
CA LEU A 501 4.30 -1.58 24.75
C LEU A 501 4.29 -0.24 25.43
N SER A 502 4.02 -0.23 26.74
CA SER A 502 3.97 1.00 27.53
C SER A 502 5.29 1.79 27.53
N GLN A 503 6.42 1.12 27.29
CA GLN A 503 7.68 1.82 27.35
C GLN A 503 8.29 2.23 25.97
N LEU A 504 7.85 1.59 24.85
CA LEU A 504 8.38 1.90 23.51
C LEU A 504 7.32 2.28 22.54
N CYS A 505 6.20 1.57 22.55
CA CYS A 505 5.14 1.73 21.54
C CYS A 505 4.05 2.72 21.87
N ALA A 506 3.98 3.20 23.12
CA ALA A 506 2.92 4.14 23.53
C ALA A 506 2.82 5.37 22.66
N VAL A 507 1.57 5.77 22.42
CA VAL A 507 1.22 6.92 21.60
C VAL A 507 2.05 8.17 21.96
N PRO A 508 2.17 8.60 23.26
CA PRO A 508 2.93 9.82 23.57
C PRO A 508 4.37 9.84 23.06
N LEU A 509 4.95 8.64 23.00
CA LEU A 509 6.31 8.42 22.54
C LEU A 509 6.36 8.61 21.03
N GLN A 510 5.32 8.14 20.33
CA GLN A 510 5.25 8.20 18.87
C GLN A 510 4.98 9.58 18.27
N ILE A 511 4.64 10.61 19.13
CA ILE A 511 4.33 12.02 18.75
C ILE A 511 5.35 12.60 17.77
N VAL A 512 6.65 12.75 18.13
CA VAL A 512 7.63 13.26 17.17
C VAL A 512 8.15 12.08 16.30
N SER A 513 7.95 12.14 14.96
CA SER A 513 8.34 11.07 14.02
C SER A 513 9.75 11.26 13.46
N PRO A 514 10.56 10.17 13.38
CA PRO A 514 11.92 10.30 12.86
C PRO A 514 12.00 10.23 11.33
N GLN A 515 10.89 10.03 10.62
CA GLN A 515 11.03 9.98 9.18
C GLN A 515 11.07 11.37 8.59
N SER A 516 10.50 12.31 9.32
CA SER A 516 10.36 13.69 8.87
C SER A 516 11.07 14.65 9.79
N ASN A 517 11.55 14.18 10.97
CA ASN A 517 12.21 14.93 12.05
C ASN A 517 11.27 16.00 12.61
N LYS A 518 9.96 15.72 12.55
CA LYS A 518 8.87 16.60 12.97
C LYS A 518 7.71 15.80 13.63
N PRO A 519 6.77 16.44 14.40
CA PRO A 519 5.63 15.67 14.97
C PRO A 519 4.61 15.17 13.95
N CYS A 520 4.35 13.86 13.98
CA CYS A 520 3.40 13.15 13.12
C CYS A 520 1.86 13.28 13.52
N MET A 521 1.56 14.06 14.57
CA MET A 521 0.21 14.34 15.00
C MET A 521 0.10 15.73 15.61
N GLY A 522 -0.93 16.46 15.18
CA GLY A 522 -1.28 17.81 15.62
C GLY A 522 -2.77 17.95 15.82
N ILE A 523 -3.26 19.19 16.03
CA ILE A 523 -4.70 19.47 16.22
C ILE A 523 -5.44 19.47 14.84
N VAL A 524 -6.56 18.72 14.74
CA VAL A 524 -7.28 18.54 13.47
C VAL A 524 -8.73 18.98 13.46
N GLN A 525 -9.28 19.17 12.24
CA GLN A 525 -10.68 19.46 11.93
C GLN A 525 -11.37 20.47 12.89
N ASP A 526 -12.51 20.07 13.55
CA ASP A 526 -13.29 20.92 14.47
C ASP A 526 -12.40 21.76 15.37
N THR A 527 -11.47 21.11 16.10
CA THR A 527 -10.57 21.77 17.04
C THR A 527 -9.62 22.75 16.36
N LEU A 528 -9.21 22.47 15.12
CA LEU A 528 -8.34 23.39 14.40
C LEU A 528 -9.15 24.60 13.88
N CYS A 529 -10.32 24.34 13.28
CA CYS A 529 -11.22 25.37 12.75
C CYS A 529 -11.68 26.33 13.86
N GLY A 530 -12.01 25.75 15.01
CA GLY A 530 -12.43 26.47 16.22
C GLY A 530 -11.31 27.17 16.96
N ILE A 531 -10.06 26.66 16.88
CA ILE A 531 -8.94 27.32 17.55
C ILE A 531 -8.65 28.67 16.88
N ARG A 532 -8.78 28.76 15.54
CA ARG A 532 -8.60 30.02 14.80
C ARG A 532 -9.65 31.02 15.24
N LYS A 533 -10.94 30.57 15.22
CA LYS A 533 -12.14 31.31 15.60
C LYS A 533 -12.01 31.83 17.01
N LEU A 534 -11.60 30.95 17.95
CA LEU A 534 -11.41 31.33 19.34
C LEU A 534 -10.32 32.38 19.51
N THR A 535 -9.21 32.24 18.78
CA THR A 535 -8.05 33.10 18.94
C THR A 535 -8.33 34.59 18.56
N LEU A 536 -8.41 34.92 17.24
CA LEU A 536 -8.56 36.28 16.65
C LEU A 536 -9.09 37.40 17.59
N ARG A 537 -8.36 38.55 17.64
CA ARG A 537 -8.61 39.74 18.49
C ARG A 537 -10.08 40.13 18.78
N ASP A 538 -11.02 39.85 17.86
CA ASP A 538 -12.45 40.14 18.00
C ASP A 538 -13.19 39.24 19.01
N THR A 539 -12.64 38.04 19.28
CA THR A 539 -13.19 37.06 20.21
C THR A 539 -12.94 37.47 21.67
N PHE A 540 -14.04 37.71 22.40
CA PHE A 540 -14.06 38.04 23.82
C PHE A 540 -15.07 37.21 24.56
N ILE A 541 -14.63 36.65 25.68
CA ILE A 541 -15.49 35.80 26.47
C ILE A 541 -15.82 36.45 27.81
N GLU A 542 -17.12 36.50 28.12
CA GLU A 542 -17.69 37.04 29.34
C GLU A 542 -17.58 35.98 30.45
N LEU A 543 -17.48 36.42 31.73
CA LEU A 543 -17.28 35.64 32.96
C LEU A 543 -18.01 34.29 33.03
N ASP A 544 -19.35 34.28 32.91
CA ASP A 544 -20.19 33.06 33.00
C ASP A 544 -19.62 31.85 32.25
N GLN A 545 -19.20 32.08 30.99
CA GLN A 545 -18.65 31.06 30.11
C GLN A 545 -17.18 30.80 30.41
N VAL A 546 -16.37 31.86 30.66
CA VAL A 546 -14.93 31.74 30.99
C VAL A 546 -14.73 30.71 32.09
N LEU A 547 -15.55 30.78 33.16
CA LEU A 547 -15.43 29.88 34.29
C LEU A 547 -15.64 28.43 33.93
N ASN A 548 -16.55 28.14 32.99
CA ASN A 548 -16.82 26.76 32.52
C ASN A 548 -15.65 26.21 31.69
N MET A 549 -15.07 27.11 30.88
CA MET A 549 -13.92 26.90 30.02
C MET A 549 -12.71 26.48 30.89
N LEU A 550 -12.50 27.17 32.02
CA LEU A 550 -11.41 26.93 32.96
C LEU A 550 -11.60 25.62 33.68
N TYR A 551 -12.83 25.30 34.11
CA TYR A 551 -13.10 24.04 34.82
C TYR A 551 -12.77 22.84 33.95
N TRP A 552 -13.02 22.98 32.63
CA TRP A 552 -12.80 21.98 31.59
C TRP A 552 -11.36 21.50 31.44
N VAL A 553 -10.37 22.38 31.75
CA VAL A 553 -8.94 22.07 31.79
C VAL A 553 -8.74 21.20 33.05
N PRO A 554 -8.42 19.90 32.88
CA PRO A 554 -8.29 19.02 34.06
C PRO A 554 -7.14 19.36 35.00
N ASP A 555 -6.19 20.14 34.49
CA ASP A 555 -5.00 20.57 35.21
C ASP A 555 -5.06 22.07 35.52
N TRP A 556 -6.26 22.66 35.53
CA TRP A 556 -6.38 24.08 35.83
C TRP A 556 -5.87 24.32 37.25
N ASP A 557 -5.01 25.34 37.41
CA ASP A 557 -4.39 25.69 38.70
C ASP A 557 -5.38 26.15 39.76
N GLY A 558 -6.61 26.44 39.37
CA GLY A 558 -7.65 26.89 40.28
C GLY A 558 -7.70 28.39 40.36
N VAL A 559 -6.80 29.05 39.60
CA VAL A 559 -6.65 30.51 39.53
C VAL A 559 -7.47 31.10 38.37
N ILE A 560 -8.40 32.03 38.66
CA ILE A 560 -9.16 32.73 37.62
C ILE A 560 -8.22 33.83 37.13
N PRO A 561 -7.74 33.75 35.88
CA PRO A 561 -6.81 34.78 35.39
C PRO A 561 -7.46 36.15 35.28
N THR A 562 -6.67 37.23 35.48
CA THR A 562 -7.19 38.60 35.41
C THR A 562 -7.71 38.90 34.00
N PRO A 563 -8.98 39.38 33.85
CA PRO A 563 -9.51 39.65 32.49
C PRO A 563 -8.75 40.74 31.73
N ALA A 564 -8.55 40.55 30.41
CA ALA A 564 -7.83 41.51 29.55
C ALA A 564 -8.47 42.90 29.62
N ILE A 565 -9.81 42.94 29.57
CA ILE A 565 -10.65 44.13 29.69
C ILE A 565 -11.31 44.06 31.08
N ILE A 566 -11.26 45.17 31.82
CA ILE A 566 -11.87 45.26 33.14
C ILE A 566 -12.97 46.33 33.08
N LYS A 567 -12.66 47.51 32.44
CA LYS A 567 -13.44 48.74 32.23
C LYS A 567 -14.93 48.61 32.54
N PRO A 568 -15.90 48.39 31.59
CA PRO A 568 -17.30 48.26 32.03
C PRO A 568 -17.58 46.79 32.38
N LYS A 569 -17.49 45.91 31.36
CA LYS A 569 -17.69 44.49 31.48
C LYS A 569 -16.32 43.82 31.57
N PRO A 570 -16.06 42.95 32.58
CA PRO A 570 -14.80 42.22 32.60
C PRO A 570 -14.85 41.06 31.58
N LEU A 571 -14.09 41.24 30.50
CA LEU A 571 -13.99 40.33 29.38
C LEU A 571 -12.62 39.69 29.29
N TRP A 572 -12.59 38.44 28.81
CA TRP A 572 -11.39 37.67 28.59
C TRP A 572 -11.18 37.49 27.09
N SER A 573 -9.93 37.35 26.65
CA SER A 573 -9.67 37.15 25.24
C SER A 573 -9.67 35.65 24.94
N GLY A 574 -9.90 35.30 23.67
CA GLY A 574 -9.90 33.91 23.22
C GLY A 574 -8.54 33.31 23.50
N LYS A 575 -7.49 34.03 23.04
CA LYS A 575 -6.06 33.74 23.25
C LYS A 575 -5.77 33.56 24.74
N GLN A 576 -6.24 34.53 25.57
CA GLN A 576 -6.07 34.58 27.02
C GLN A 576 -6.41 33.25 27.70
N ILE A 577 -7.63 32.73 27.48
CA ILE A 577 -7.97 31.51 28.17
C ILE A 577 -7.50 30.24 27.38
N LEU A 578 -7.07 30.39 26.11
CA LEU A 578 -6.49 29.24 25.42
C LEU A 578 -5.13 28.97 26.07
N SER A 579 -4.43 30.05 26.47
CA SER A 579 -3.11 30.02 27.10
C SER A 579 -3.09 29.28 28.46
N VAL A 580 -4.29 28.96 28.96
CA VAL A 580 -4.51 28.19 30.19
C VAL A 580 -4.16 26.71 29.90
N ALA A 581 -4.35 26.24 28.63
CA ALA A 581 -4.00 24.87 28.21
C ALA A 581 -2.51 24.74 27.91
N ILE A 582 -1.83 25.89 27.58
CA ILE A 582 -0.39 26.00 27.25
C ILE A 582 0.43 26.09 28.55
N PRO A 583 1.27 25.04 28.79
CA PRO A 583 2.09 25.00 30.01
C PRO A 583 3.24 26.02 30.09
N ASN A 584 3.54 26.49 31.31
CA ASN A 584 4.60 27.46 31.60
C ASN A 584 5.96 27.05 31.04
N GLY A 585 6.78 28.05 30.71
CA GLY A 585 8.11 27.84 30.15
C GLY A 585 8.12 27.44 28.69
N ILE A 586 6.96 27.51 28.05
CA ILE A 586 6.88 27.22 26.64
C ILE A 586 7.07 28.55 25.95
N HIS A 587 8.19 28.67 25.23
CA HIS A 587 8.50 29.88 24.49
C HIS A 587 8.56 29.59 22.98
N LEU A 588 7.75 30.33 22.21
CA LEU A 588 7.64 30.21 20.77
C LEU A 588 7.54 31.57 20.05
N GLN A 589 8.33 31.74 18.97
CA GLN A 589 8.36 32.94 18.11
C GLN A 589 8.18 32.52 16.65
N ARG A 590 7.32 33.22 15.85
CA ARG A 590 7.12 32.81 14.45
C ARG A 590 7.57 33.83 13.39
N PHE A 591 6.72 34.84 13.06
CA PHE A 591 6.96 35.82 11.98
C PHE A 591 6.66 35.23 10.60
N ASP A 592 5.50 35.59 10.05
CA ASP A 592 5.05 35.15 8.74
C ASP A 592 5.26 36.27 7.71
N GLU A 593 4.19 36.94 7.25
CA GLU A 593 4.28 37.98 6.24
C GLU A 593 4.90 39.25 6.82
N GLY A 594 4.06 40.16 7.27
CA GLY A 594 4.52 41.42 7.84
C GLY A 594 4.42 41.43 9.34
N THR A 595 4.80 40.30 9.98
CA THR A 595 4.74 40.15 11.43
C THR A 595 5.80 41.05 12.01
N THR A 596 5.38 42.03 12.85
CA THR A 596 6.30 43.07 13.33
C THR A 596 6.30 43.34 14.83
N LEU A 597 6.36 42.28 15.68
CA LEU A 597 6.39 42.43 17.15
C LEU A 597 5.22 43.30 17.64
N LEU A 598 4.29 43.59 16.72
CA LEU A 598 3.10 44.43 16.86
C LEU A 598 2.26 44.07 15.62
N SER A 599 2.34 42.78 15.17
CA SER A 599 1.65 42.21 13.99
C SER A 599 0.25 42.78 13.87
N PRO A 600 0.03 43.64 12.85
CA PRO A 600 -1.29 44.29 12.72
C PRO A 600 -2.35 43.34 12.18
N LYS A 601 -1.88 42.37 11.38
CA LYS A 601 -2.69 41.37 10.74
C LYS A 601 -3.05 40.22 11.71
N ASP A 602 -2.48 40.24 12.95
CA ASP A 602 -2.57 39.16 13.95
C ASP A 602 -1.90 37.96 13.25
N ASN A 603 -0.77 38.29 12.60
CA ASN A 603 0.11 37.45 11.80
C ASN A 603 1.04 36.68 12.73
N GLY A 604 1.75 35.69 12.19
CA GLY A 604 2.72 34.91 12.95
C GLY A 604 2.26 34.38 14.29
N MET A 605 3.17 34.40 15.30
CA MET A 605 2.93 33.88 16.65
C MET A 605 3.98 34.30 17.65
N LEU A 606 3.55 34.59 18.88
CA LEU A 606 4.39 34.88 20.01
C LEU A 606 3.78 34.35 21.28
N ILE A 607 4.41 33.30 21.85
CA ILE A 607 4.02 32.65 23.09
C ILE A 607 5.23 32.71 24.03
N ILE A 608 5.09 33.37 25.18
CA ILE A 608 6.14 33.50 26.20
C ILE A 608 5.60 32.98 27.53
N ASP A 609 6.32 32.04 28.18
CA ASP A 609 5.96 31.44 29.47
C ASP A 609 4.60 30.72 29.43
N GLY A 610 4.28 30.16 28.26
CA GLY A 610 3.03 29.45 28.01
C GLY A 610 1.82 30.36 28.12
N GLN A 611 1.92 31.50 27.39
CA GLN A 611 0.95 32.59 27.26
C GLN A 611 1.04 33.21 25.87
N ILE A 612 -0.10 33.31 25.16
CA ILE A 612 -0.17 33.91 23.83
C ILE A 612 -0.15 35.44 23.98
N ILE A 613 0.82 36.10 23.30
CA ILE A 613 1.01 37.55 23.28
C ILE A 613 0.35 38.14 22.04
N PHE A 614 0.55 37.55 20.85
CA PHE A 614 -0.13 38.03 19.65
C PHE A 614 -0.25 36.93 18.61
N GLY A 615 -1.08 37.20 17.60
CA GLY A 615 -1.28 36.32 16.46
C GLY A 615 -2.31 35.23 16.64
N VAL A 616 -2.89 34.80 15.52
CA VAL A 616 -3.92 33.76 15.50
C VAL A 616 -3.30 32.37 15.53
N VAL A 617 -4.02 31.45 16.18
CA VAL A 617 -3.62 30.05 16.27
C VAL A 617 -4.39 29.32 15.23
N GLU A 618 -3.66 28.68 14.34
CA GLU A 618 -4.13 27.87 13.24
C GLU A 618 -3.07 26.76 12.98
N LYS A 619 -3.19 26.06 11.83
CA LYS A 619 -2.34 24.97 11.40
C LYS A 619 -0.84 25.19 11.67
N LYS A 620 -0.28 26.37 11.32
CA LYS A 620 1.15 26.67 11.48
C LYS A 620 1.66 26.71 12.92
N THR A 621 0.77 26.57 13.91
CA THR A 621 1.13 26.58 15.33
C THR A 621 0.78 25.18 15.92
N VAL A 622 -0.53 24.95 16.01
CA VAL A 622 -1.22 23.85 16.60
C VAL A 622 -1.27 22.56 15.74
N GLY A 623 -0.80 22.62 14.51
CA GLY A 623 -0.78 21.45 13.66
C GLY A 623 0.47 20.62 13.88
N SER A 624 0.70 19.64 12.98
CA SER A 624 1.87 18.75 12.99
C SER A 624 3.01 19.37 12.16
N SER A 625 3.27 20.66 12.45
CA SER A 625 4.30 21.50 11.85
C SER A 625 5.63 21.31 12.58
N ASN A 626 6.73 21.62 11.88
CA ASN A 626 8.09 21.46 12.37
C ASN A 626 8.37 22.33 13.60
N GLY A 627 8.15 23.64 13.48
CA GLY A 627 8.43 24.58 14.57
C GLY A 627 7.30 24.82 15.53
N GLY A 628 6.18 24.15 15.27
CA GLY A 628 4.94 24.30 16.03
C GLY A 628 4.86 23.64 17.38
N LEU A 629 4.15 24.35 18.29
CA LEU A 629 3.84 24.05 19.68
C LEU A 629 4.02 22.58 20.11
N ILE A 630 3.53 21.61 19.30
CA ILE A 630 3.62 20.19 19.64
C ILE A 630 5.08 19.77 19.74
N HIS A 631 5.88 19.91 18.64
CA HIS A 631 7.33 19.63 18.61
C HIS A 631 8.09 20.34 19.75
N VAL A 632 7.58 21.50 20.21
CA VAL A 632 8.18 22.32 21.27
C VAL A 632 7.86 21.78 22.66
N VAL A 633 6.59 21.40 22.90
CA VAL A 633 6.20 20.87 24.18
C VAL A 633 6.84 19.50 24.28
N THR A 634 6.77 18.69 23.21
CA THR A 634 7.38 17.37 23.23
C THR A 634 8.85 17.44 23.53
N ARG A 635 9.56 18.41 22.95
CA ARG A 635 10.97 18.54 23.24
C ARG A 635 11.22 19.10 24.63
N GLU A 636 10.78 20.33 24.90
CA GLU A 636 11.01 20.98 26.18
C GLU A 636 10.33 20.30 27.37
N LYS A 637 9.02 20.04 27.31
CA LYS A 637 8.30 19.50 28.47
C LYS A 637 8.17 17.96 28.59
N GLY A 638 8.15 17.20 27.49
CA GLY A 638 8.05 15.74 27.62
C GLY A 638 7.00 15.08 26.77
N PRO A 639 6.97 13.72 26.65
CA PRO A 639 5.95 13.10 25.79
C PRO A 639 4.59 13.03 26.47
N GLN A 640 4.56 12.73 27.80
CA GLN A 640 3.30 12.66 28.49
C GLN A 640 2.74 14.05 28.76
N VAL A 641 3.61 15.07 28.82
CA VAL A 641 3.16 16.46 28.98
C VAL A 641 2.45 16.95 27.74
N CYS A 642 2.97 16.54 26.57
CA CYS A 642 2.41 16.91 25.28
C CYS A 642 1.11 16.19 25.05
N ALA A 643 1.04 14.89 25.40
CA ALA A 643 -0.16 14.07 25.27
C ALA A 643 -1.34 14.65 26.05
N LYS A 644 -1.02 15.49 27.06
CA LYS A 644 -1.98 16.20 27.89
C LYS A 644 -2.42 17.46 27.15
N LEU A 645 -1.46 18.32 26.72
CA LEU A 645 -1.68 19.56 25.96
C LEU A 645 -2.71 19.36 24.85
N PHE A 646 -2.62 18.20 24.14
CA PHE A 646 -3.50 17.72 23.08
C PHE A 646 -4.90 17.74 23.57
N GLY A 647 -5.14 16.99 24.66
CA GLY A 647 -6.44 16.87 25.29
C GLY A 647 -6.95 18.19 25.81
N ASN A 648 -6.11 18.94 26.53
CA ASN A 648 -6.51 20.20 27.13
C ASN A 648 -6.88 21.27 26.10
N ILE A 649 -6.18 21.33 24.94
CA ILE A 649 -6.56 22.26 23.86
C ILE A 649 -7.96 21.83 23.39
N GLN A 650 -8.13 20.54 23.08
CA GLN A 650 -9.38 19.95 22.63
C GLN A 650 -10.53 20.21 23.59
N LYS A 651 -10.35 19.90 24.87
CA LYS A 651 -11.40 20.06 25.89
C LYS A 651 -11.94 21.51 25.90
N VAL A 652 -11.04 22.50 25.74
CA VAL A 652 -11.42 23.91 25.73
C VAL A 652 -11.97 24.34 24.39
N VAL A 653 -11.19 24.15 23.30
CA VAL A 653 -11.59 24.55 21.96
C VAL A 653 -12.92 23.91 21.58
N ASN A 654 -13.04 22.58 21.73
CA ASN A 654 -14.27 21.87 21.41
C ASN A 654 -15.46 22.44 22.13
N PHE A 655 -15.33 22.73 23.46
CA PHE A 655 -16.39 23.30 24.30
C PHE A 655 -16.84 24.68 23.76
N TRP A 656 -15.88 25.60 23.58
CA TRP A 656 -16.15 26.93 23.08
C TRP A 656 -16.92 26.88 21.77
N LEU A 657 -16.42 26.09 20.79
CA LEU A 657 -17.04 25.90 19.50
C LEU A 657 -18.43 25.29 19.64
N LEU A 658 -18.64 24.30 20.55
CA LEU A 658 -19.99 23.76 20.75
C LEU A 658 -20.99 24.89 21.00
N HIS A 659 -20.56 25.90 21.78
CA HIS A 659 -21.37 27.05 22.15
C HIS A 659 -21.24 28.24 21.21
N ASN A 660 -20.41 28.14 20.16
CA ASN A 660 -20.28 29.20 19.14
C ASN A 660 -20.96 28.74 17.83
N GLY A 661 -20.69 27.48 17.47
CA GLY A 661 -21.21 26.81 16.30
C GLY A 661 -20.45 27.13 15.04
N PHE A 662 -20.55 26.24 14.05
CA PHE A 662 -19.94 26.39 12.73
C PHE A 662 -20.75 25.62 11.70
N SER A 663 -20.83 26.13 10.46
CA SER A 663 -21.64 25.48 9.41
C SER A 663 -21.05 25.73 8.00
N THR A 664 -21.78 25.38 6.92
CA THR A 664 -21.47 25.55 5.49
C THR A 664 -22.75 25.36 4.69
N GLY A 665 -23.11 26.36 3.90
CA GLY A 665 -24.31 26.35 3.04
C GLY A 665 -23.97 26.64 1.60
N ILE A 666 -24.98 26.69 0.72
CA ILE A 666 -24.68 27.00 -0.70
C ILE A 666 -24.25 28.46 -0.83
N GLY A 667 -24.55 29.26 0.20
CA GLY A 667 -24.17 30.66 0.25
C GLY A 667 -22.67 30.88 0.26
N ASP A 668 -21.92 29.88 0.76
CA ASP A 668 -20.48 29.93 0.81
C ASP A 668 -19.81 29.74 -0.58
N THR A 669 -20.56 29.23 -1.59
CA THR A 669 -20.05 29.07 -2.96
C THR A 669 -20.49 30.24 -3.85
N ILE A 670 -21.55 30.95 -3.42
CA ILE A 670 -22.13 32.08 -4.14
C ILE A 670 -21.18 33.27 -4.18
N ALA A 671 -20.70 33.61 -5.37
CA ALA A 671 -19.82 34.77 -5.54
C ALA A 671 -20.66 35.96 -5.99
N ASP A 672 -20.21 37.19 -5.67
CA ASP A 672 -20.89 38.46 -5.99
C ASP A 672 -21.24 38.60 -7.47
N GLY A 673 -22.40 39.20 -7.74
CA GLY A 673 -22.89 39.47 -9.08
C GLY A 673 -21.90 40.13 -10.01
N PRO A 674 -21.34 41.33 -9.66
CA PRO A 674 -20.35 41.97 -10.55
C PRO A 674 -19.05 41.17 -10.68
N THR A 675 -18.69 40.45 -9.61
CA THR A 675 -17.51 39.60 -9.58
C THR A 675 -17.70 38.47 -10.56
N MET A 676 -18.94 37.99 -10.71
CA MET A 676 -19.27 36.91 -11.63
C MET A 676 -19.10 37.29 -13.07
N ARG A 677 -19.54 38.52 -13.43
CA ARG A 677 -19.42 39.08 -14.78
C ARG A 677 -17.93 39.18 -15.12
N GLU A 678 -17.13 39.63 -14.13
CA GLU A 678 -15.68 39.80 -14.16
C GLU A 678 -14.98 38.47 -14.43
N ILE A 679 -15.45 37.37 -13.78
CA ILE A 679 -14.92 36.02 -13.96
C ILE A 679 -15.27 35.56 -15.38
N THR A 680 -16.55 35.72 -15.77
CA THR A 680 -17.10 35.34 -17.08
C THR A 680 -16.33 36.01 -18.22
N GLU A 681 -16.01 37.32 -18.09
CA GLU A 681 -15.24 38.02 -19.12
C GLU A 681 -13.74 37.65 -19.08
N THR A 682 -13.25 37.14 -17.92
CA THR A 682 -11.87 36.67 -17.80
C THR A 682 -11.73 35.41 -18.63
N ILE A 683 -12.76 34.55 -18.62
CA ILE A 683 -12.78 33.35 -19.46
C ILE A 683 -12.81 33.78 -20.92
N ALA A 684 -13.76 34.67 -21.27
CA ALA A 684 -13.99 35.22 -22.61
C ALA A 684 -12.73 35.81 -23.25
N GLU A 685 -12.01 36.67 -22.51
CA GLU A 685 -10.78 37.29 -23.00
C GLU A 685 -9.68 36.25 -23.25
N ALA A 686 -9.70 35.13 -22.46
CA ALA A 686 -8.74 34.03 -22.58
C ALA A 686 -9.15 33.07 -23.72
N LYS A 687 -10.45 32.92 -23.98
CA LYS A 687 -10.94 32.09 -25.09
C LYS A 687 -10.66 32.80 -26.41
N LYS A 688 -10.79 34.15 -26.41
CA LYS A 688 -10.48 34.99 -27.57
C LYS A 688 -8.97 34.97 -27.81
N LYS A 689 -8.15 34.87 -26.73
CA LYS A 689 -6.67 34.76 -26.75
C LYS A 689 -6.26 33.42 -27.38
N VAL A 690 -7.06 32.35 -27.14
CA VAL A 690 -6.83 31.01 -27.70
C VAL A 690 -7.13 31.08 -29.20
N LEU A 691 -8.39 31.44 -29.57
CA LEU A 691 -8.88 31.60 -30.96
C LEU A 691 -7.81 32.27 -31.86
N ASP A 692 -7.17 33.33 -31.33
CA ASP A 692 -6.11 34.11 -31.97
C ASP A 692 -4.96 33.18 -32.35
N VAL A 693 -4.38 32.49 -31.35
CA VAL A 693 -3.27 31.55 -31.48
C VAL A 693 -3.67 30.34 -32.35
N THR A 694 -4.98 30.01 -32.40
CA THR A 694 -5.49 28.92 -33.22
C THR A 694 -5.53 29.30 -34.69
N LYS A 695 -6.21 30.43 -35.04
CA LYS A 695 -6.31 30.88 -36.44
C LYS A 695 -4.97 31.33 -37.01
N GLU A 696 -4.04 31.75 -36.14
CA GLU A 696 -2.67 32.16 -36.50
C GLU A 696 -1.85 30.92 -36.89
N ALA A 697 -2.00 29.82 -36.12
CA ALA A 697 -1.32 28.55 -36.36
C ALA A 697 -1.88 27.83 -37.59
N GLN A 698 -3.14 28.15 -37.96
CA GLN A 698 -3.85 27.64 -39.13
C GLN A 698 -3.32 28.35 -40.38
N ALA A 699 -2.94 29.62 -40.19
CA ALA A 699 -2.37 30.47 -41.23
C ALA A 699 -0.85 30.22 -41.41
N ASN A 700 -0.31 29.15 -40.76
CA ASN A 700 1.09 28.70 -40.82
C ASN A 700 2.10 29.84 -40.54
N LEU A 701 2.03 30.41 -39.33
CA LEU A 701 2.90 31.52 -38.91
C LEU A 701 3.65 31.17 -37.61
N LEU A 702 3.10 30.22 -36.83
CA LEU A 702 3.64 29.73 -35.55
C LEU A 702 5.07 29.19 -35.67
N THR A 703 5.83 29.26 -34.57
CA THR A 703 7.21 28.77 -34.52
C THR A 703 7.36 27.96 -33.24
N ALA A 704 7.65 26.66 -33.38
CA ALA A 704 7.76 25.68 -32.28
C ALA A 704 9.04 25.75 -31.42
N LYS A 705 8.89 25.83 -30.06
CA LYS A 705 10.03 25.84 -29.11
C LYS A 705 10.56 24.42 -28.94
N HIS A 706 11.85 24.21 -29.36
CA HIS A 706 12.67 23.00 -29.44
C HIS A 706 12.15 21.77 -28.70
N GLY A 707 12.23 20.64 -29.40
CA GLY A 707 11.79 19.34 -28.89
C GLY A 707 10.30 19.17 -28.95
N MET A 708 9.63 20.01 -29.76
CA MET A 708 8.18 20.03 -29.94
C MET A 708 7.78 20.36 -31.37
N THR A 709 6.67 19.75 -31.82
CA THR A 709 6.03 19.98 -33.12
C THR A 709 5.36 21.35 -33.01
N LEU A 710 4.89 21.90 -34.14
CA LEU A 710 4.10 23.15 -34.14
C LEU A 710 2.87 22.83 -33.32
N ARG A 711 2.32 21.60 -33.53
CA ARG A 711 1.16 21.01 -32.87
C ARG A 711 1.38 20.89 -31.36
N GLU A 712 2.52 20.31 -30.93
CA GLU A 712 2.93 20.14 -29.53
C GLU A 712 3.07 21.52 -28.86
N SER A 713 3.82 22.44 -29.54
CA SER A 713 4.08 23.80 -29.09
C SER A 713 2.79 24.62 -28.98
N PHE A 714 1.85 24.43 -29.92
CA PHE A 714 0.55 25.10 -29.92
C PHE A 714 -0.25 24.63 -28.74
N GLU A 715 -0.39 23.30 -28.59
CA GLU A 715 -1.15 22.71 -27.50
C GLU A 715 -0.71 23.21 -26.14
N ASP A 716 0.61 23.47 -25.94
CA ASP A 716 1.13 24.03 -24.69
C ASP A 716 0.47 25.36 -24.41
N ASN A 717 0.44 26.26 -25.44
CA ASN A 717 -0.14 27.59 -25.34
C ASN A 717 -1.63 27.54 -24.97
N VAL A 718 -2.42 26.68 -25.65
CA VAL A 718 -3.85 26.50 -25.38
C VAL A 718 -4.05 26.23 -23.89
N VAL A 719 -3.47 25.08 -23.42
CA VAL A 719 -3.41 24.55 -22.04
C VAL A 719 -3.02 25.67 -21.07
N ARG A 720 -1.96 26.44 -21.42
CA ARG A 720 -1.44 27.55 -20.65
C ARG A 720 -2.47 28.66 -20.51
N PHE A 721 -3.06 29.18 -21.61
CA PHE A 721 -4.04 30.27 -21.53
C PHE A 721 -5.28 29.92 -20.74
N LEU A 722 -5.70 28.66 -20.81
CA LEU A 722 -6.89 28.11 -20.14
C LEU A 722 -6.65 27.75 -18.66
N ASN A 723 -5.38 27.57 -18.30
CA ASN A 723 -5.08 27.27 -16.91
C ASN A 723 -4.77 28.56 -16.20
N GLU A 724 -4.19 29.55 -16.90
CA GLU A 724 -3.94 30.90 -16.41
C GLU A 724 -5.30 31.46 -16.06
N ALA A 725 -6.27 31.28 -17.00
CA ALA A 725 -7.66 31.70 -16.94
C ALA A 725 -8.37 31.24 -15.68
N ARG A 726 -8.48 29.90 -15.47
CA ARG A 726 -9.13 29.26 -14.31
C ARG A 726 -8.58 29.80 -12.97
N ASP A 727 -7.26 29.97 -12.90
CA ASP A 727 -6.58 30.44 -11.71
C ASP A 727 -6.86 31.91 -11.43
N LYS A 728 -6.77 32.80 -12.44
CA LYS A 728 -7.09 34.20 -12.16
C LYS A 728 -8.58 34.38 -11.91
N ALA A 729 -9.44 33.66 -12.67
CA ALA A 729 -10.89 33.68 -12.50
C ALA A 729 -11.25 33.22 -11.08
N GLY A 730 -10.56 32.18 -10.61
CA GLY A 730 -10.70 31.64 -9.26
C GLY A 730 -10.30 32.66 -8.22
N ARG A 731 -9.13 33.31 -8.42
CA ARG A 731 -8.60 34.31 -7.49
C ARG A 731 -9.52 35.47 -7.25
N LEU A 732 -10.30 35.87 -8.28
CA LEU A 732 -11.29 36.95 -8.19
C LEU A 732 -12.36 36.61 -7.15
N ALA A 733 -12.80 35.34 -7.15
CA ALA A 733 -13.82 34.82 -6.23
C ALA A 733 -13.32 34.74 -4.79
N GLU A 734 -12.13 34.12 -4.55
CA GLU A 734 -11.52 33.99 -3.23
C GLU A 734 -11.46 35.36 -2.54
N VAL A 735 -10.97 36.36 -3.30
CA VAL A 735 -10.80 37.78 -3.00
C VAL A 735 -12.15 38.46 -2.65
N ASN A 736 -13.22 38.10 -3.38
CA ASN A 736 -14.58 38.60 -3.19
C ASN A 736 -15.29 37.95 -1.99
N LEU A 737 -14.82 36.76 -1.55
CA LEU A 737 -15.40 36.06 -0.39
C LEU A 737 -15.05 36.78 0.89
N LYS A 738 -16.07 37.01 1.75
CA LYS A 738 -15.90 37.71 3.03
C LYS A 738 -15.22 36.80 4.05
N ASP A 739 -14.79 37.39 5.18
CA ASP A 739 -14.15 36.64 6.25
C ASP A 739 -15.18 35.74 6.93
N LEU A 740 -16.48 36.03 6.71
CA LEU A 740 -17.62 35.27 7.21
C LEU A 740 -17.88 34.01 6.39
N ASN A 741 -17.22 33.90 5.22
CA ASN A 741 -17.40 32.73 4.37
C ASN A 741 -16.83 31.53 5.08
N ASN A 742 -17.74 30.63 5.51
CA ASN A 742 -17.44 29.40 6.23
C ASN A 742 -16.38 28.58 5.49
N VAL A 743 -16.52 28.46 4.15
CA VAL A 743 -15.57 27.72 3.32
C VAL A 743 -14.21 28.39 3.34
N LYS A 744 -14.17 29.73 3.36
CA LYS A 744 -12.90 30.50 3.44
C LYS A 744 -12.27 30.26 4.82
N GLN A 745 -13.11 30.30 5.87
CA GLN A 745 -12.73 30.08 7.26
C GLN A 745 -12.09 28.71 7.56
N MET A 746 -12.39 27.70 6.73
CA MET A 746 -11.82 26.36 6.87
C MET A 746 -10.49 26.32 6.16
N VAL A 747 -10.38 27.01 5.01
CA VAL A 747 -9.13 27.07 4.28
C VAL A 747 -8.13 27.87 5.10
N MET A 748 -8.64 28.90 5.81
CA MET A 748 -7.87 29.82 6.66
C MET A 748 -7.16 29.16 7.86
N ALA A 749 -7.91 28.36 8.65
CA ALA A 749 -7.40 27.64 9.82
C ALA A 749 -6.52 26.50 9.34
N GLY A 750 -6.85 25.99 8.15
CA GLY A 750 -6.16 24.87 7.51
C GLY A 750 -6.76 23.55 7.96
N SER A 751 -8.01 23.59 8.41
CA SER A 751 -8.78 22.45 8.90
C SER A 751 -9.20 21.49 7.77
N LYS A 752 -9.66 22.07 6.62
CA LYS A 752 -10.07 21.45 5.33
C LYS A 752 -10.18 22.51 4.20
N GLY A 753 -9.90 22.05 2.98
CA GLY A 753 -10.01 22.86 1.77
C GLY A 753 -8.82 23.73 1.45
N SER A 754 -8.68 24.06 0.14
CA SER A 754 -7.62 24.87 -0.43
C SER A 754 -8.19 25.84 -1.47
N PHE A 755 -7.30 26.62 -2.15
CA PHE A 755 -7.69 27.58 -3.16
C PHE A 755 -8.46 26.95 -4.29
N ILE A 756 -7.87 25.92 -4.92
CA ILE A 756 -8.44 25.24 -6.07
C ILE A 756 -9.86 24.70 -5.75
N ASN A 757 -10.08 24.24 -4.49
CA ASN A 757 -11.36 23.77 -3.98
C ASN A 757 -12.42 24.91 -4.07
N ILE A 758 -12.01 26.19 -3.79
CA ILE A 758 -12.88 27.37 -3.89
C ILE A 758 -13.11 27.66 -5.35
N ALA A 759 -11.99 27.77 -6.10
CA ALA A 759 -11.95 28.10 -7.52
C ALA A 759 -12.91 27.28 -8.37
N GLN A 760 -12.88 25.96 -8.20
CA GLN A 760 -13.73 25.09 -8.98
C GLN A 760 -15.20 25.19 -8.61
N MET A 761 -15.51 25.35 -7.30
CA MET A 761 -16.88 25.43 -6.78
C MET A 761 -17.61 26.73 -7.14
N SER A 762 -16.94 27.86 -6.88
CA SER A 762 -17.45 29.22 -7.02
C SER A 762 -17.33 29.82 -8.40
N ALA A 763 -16.09 29.82 -8.98
CA ALA A 763 -15.68 30.44 -10.26
C ALA A 763 -15.81 29.56 -11.48
N CYS A 764 -14.89 28.58 -11.65
CA CYS A 764 -14.91 27.66 -12.80
C CYS A 764 -13.96 26.47 -12.61
N VAL A 765 -14.40 25.27 -13.06
CA VAL A 765 -13.71 23.97 -12.95
C VAL A 765 -12.39 23.96 -13.73
N GLY A 766 -12.43 24.40 -14.99
CA GLY A 766 -11.27 24.49 -15.87
C GLY A 766 -11.04 23.30 -16.77
N GLN A 767 -9.82 23.26 -17.38
CA GLN A 767 -9.39 22.23 -18.33
C GLN A 767 -9.38 20.81 -17.72
N GLN A 768 -9.78 19.84 -18.54
CA GLN A 768 -9.80 18.43 -18.18
C GLN A 768 -8.65 17.73 -18.89
N SER A 769 -8.05 16.74 -18.23
CA SER A 769 -6.94 16.02 -18.83
C SER A 769 -6.93 14.54 -18.60
N VAL A 770 -6.55 13.86 -19.67
CA VAL A 770 -6.35 12.43 -19.72
C VAL A 770 -5.00 12.24 -20.42
N GLU A 771 -4.07 11.49 -19.76
CA GLU A 771 -2.71 11.19 -20.21
C GLU A 771 -1.85 12.47 -20.45
N GLY A 772 -2.18 13.54 -19.69
CA GLY A 772 -1.47 14.82 -19.75
C GLY A 772 -2.03 15.81 -20.75
N LYS A 773 -2.59 15.28 -21.85
CA LYS A 773 -3.17 16.06 -22.92
C LYS A 773 -4.66 16.29 -22.67
N ARG A 774 -5.17 17.40 -23.22
CA ARG A 774 -6.58 17.76 -23.16
C ARG A 774 -7.37 16.73 -23.96
N ILE A 775 -8.61 16.44 -23.53
CA ILE A 775 -9.48 15.41 -24.12
C ILE A 775 -9.27 15.35 -25.62
N ALA A 776 -8.76 14.22 -26.12
CA ALA A 776 -8.49 14.12 -27.55
C ALA A 776 -9.60 13.48 -28.37
N PHE A 777 -9.43 13.47 -29.70
CA PHE A 777 -10.41 12.93 -30.65
C PHE A 777 -10.43 11.40 -30.65
N GLY A 778 -11.36 10.82 -29.89
CA GLY A 778 -11.60 9.38 -29.81
C GLY A 778 -12.34 8.92 -31.05
N PHE A 779 -13.21 9.81 -31.54
CA PHE A 779 -13.90 9.69 -32.80
C PHE A 779 -12.93 10.35 -33.78
N VAL A 780 -13.25 10.32 -35.07
CA VAL A 780 -12.40 10.91 -36.09
C VAL A 780 -12.44 12.45 -36.08
N ASP A 781 -11.31 13.09 -35.70
CA ASP A 781 -11.07 14.55 -35.65
C ASP A 781 -12.12 15.38 -34.84
N ARG A 782 -12.87 14.70 -33.97
CA ARG A 782 -13.87 15.34 -33.11
C ARG A 782 -13.95 14.57 -31.79
N THR A 783 -14.10 15.30 -30.67
CA THR A 783 -14.16 14.68 -29.34
C THR A 783 -15.47 13.92 -29.07
N LEU A 784 -16.56 14.38 -29.67
CA LEU A 784 -17.89 13.79 -29.53
C LEU A 784 -18.66 13.97 -30.84
N PRO A 785 -19.75 13.22 -31.10
CA PRO A 785 -20.48 13.43 -32.38
C PRO A 785 -21.33 14.71 -32.44
N HIS A 786 -21.18 15.59 -31.43
CA HIS A 786 -21.87 16.86 -31.32
C HIS A 786 -20.99 18.00 -31.81
N PHE A 787 -19.87 17.66 -32.45
CA PHE A 787 -18.91 18.62 -32.96
C PHE A 787 -18.56 18.34 -34.40
N SER A 788 -18.14 19.39 -35.13
CA SER A 788 -17.66 19.21 -36.48
C SER A 788 -16.20 18.84 -36.33
N LYS A 789 -15.63 18.24 -37.37
CA LYS A 789 -14.23 17.82 -37.37
C LYS A 789 -13.29 19.03 -37.31
N ASP A 790 -12.03 18.78 -36.92
CA ASP A 790 -10.92 19.72 -36.83
C ASP A 790 -11.29 20.99 -36.01
N ASP A 791 -11.90 20.75 -34.83
CA ASP A 791 -12.30 21.74 -33.83
C ASP A 791 -11.34 21.57 -32.64
N TYR A 792 -10.44 22.55 -32.43
CA TYR A 792 -9.40 22.53 -31.38
C TYR A 792 -9.70 23.46 -30.20
N SER A 793 -10.88 24.12 -30.26
CA SER A 793 -11.44 25.10 -29.32
C SER A 793 -11.52 24.62 -27.88
N PRO A 794 -11.49 25.54 -26.87
CA PRO A 794 -11.62 25.11 -25.46
C PRO A 794 -12.73 24.08 -25.18
N GLU A 795 -13.97 24.37 -25.66
CA GLU A 795 -15.18 23.57 -25.56
C GLU A 795 -14.98 22.17 -26.11
N SER A 796 -14.39 22.05 -27.31
CA SER A 796 -14.16 20.77 -27.96
C SER A 796 -13.28 19.82 -27.17
N LYS A 797 -12.03 20.21 -26.89
CA LYS A 797 -11.06 19.36 -26.21
C LYS A 797 -11.09 19.46 -24.65
N GLY A 798 -12.31 19.49 -24.11
CA GLY A 798 -12.63 19.47 -22.69
C GLY A 798 -12.33 20.62 -21.73
N PHE A 799 -12.74 21.86 -22.06
CA PHE A 799 -12.56 22.96 -21.10
C PHE A 799 -13.88 23.28 -20.42
N VAL A 800 -13.89 23.14 -19.08
CA VAL A 800 -15.08 23.36 -18.27
C VAL A 800 -15.13 24.84 -17.82
N GLU A 801 -15.76 25.68 -18.65
CA GLU A 801 -15.97 27.12 -18.45
C GLU A 801 -16.79 27.42 -17.18
N ASN A 802 -17.55 26.42 -16.73
CA ASN A 802 -18.47 26.52 -15.61
C ASN A 802 -17.92 26.10 -14.25
N SER A 803 -18.55 26.65 -13.19
CA SER A 803 -18.34 26.32 -11.78
C SER A 803 -19.29 25.19 -11.44
N TYR A 804 -19.03 24.50 -10.31
CA TYR A 804 -19.90 23.40 -9.85
C TYR A 804 -21.26 23.97 -9.41
N LEU A 805 -21.25 25.17 -8.80
CA LEU A 805 -22.45 25.87 -8.34
C LEU A 805 -23.35 26.19 -9.54
N ARG A 806 -22.73 26.64 -10.65
CA ARG A 806 -23.45 26.99 -11.87
C ARG A 806 -24.06 25.75 -12.47
N GLY A 807 -23.23 24.70 -12.58
CA GLY A 807 -23.60 23.42 -13.16
C GLY A 807 -22.91 23.20 -14.47
N LEU A 808 -22.72 21.93 -14.84
CA LEU A 808 -22.01 21.56 -16.07
C LEU A 808 -22.90 21.26 -17.24
N THR A 809 -22.42 21.61 -18.46
CA THR A 809 -23.09 21.31 -19.73
C THR A 809 -22.90 19.79 -20.00
N PRO A 810 -23.80 19.09 -20.76
CA PRO A 810 -23.63 17.63 -20.95
C PRO A 810 -22.27 17.18 -21.48
N GLN A 811 -21.67 17.97 -22.39
CA GLN A 811 -20.35 17.71 -22.98
C GLN A 811 -19.28 17.86 -21.88
N GLU A 812 -19.33 18.99 -21.11
CA GLU A 812 -18.44 19.30 -19.98
C GLU A 812 -18.48 18.19 -18.95
N PHE A 813 -19.71 17.68 -18.70
CA PHE A 813 -19.99 16.60 -17.78
C PHE A 813 -19.31 15.33 -18.23
N PHE A 814 -19.39 15.00 -19.52
CA PHE A 814 -18.75 13.81 -20.04
C PHE A 814 -17.22 13.91 -20.04
N PHE A 815 -16.66 15.08 -20.43
CA PHE A 815 -15.20 15.29 -20.47
C PHE A 815 -14.60 15.21 -19.06
N HIS A 816 -15.28 15.84 -18.07
CA HIS A 816 -14.92 15.79 -16.65
C HIS A 816 -14.94 14.34 -16.19
N ALA A 817 -15.96 13.59 -16.64
CA ALA A 817 -16.14 12.17 -16.38
C ALA A 817 -14.95 11.32 -16.85
N MET A 818 -14.35 11.66 -18.01
CA MET A 818 -13.18 10.93 -18.51
C MET A 818 -11.95 11.24 -17.67
N GLY A 819 -11.78 12.53 -17.37
CA GLY A 819 -10.65 13.02 -16.58
C GLY A 819 -10.65 12.50 -15.16
N GLY A 820 -11.86 12.34 -14.60
CA GLY A 820 -12.09 11.86 -13.25
C GLY A 820 -11.78 10.39 -13.13
N ARG A 821 -12.13 9.61 -14.19
CA ARG A 821 -11.91 8.17 -14.28
C ARG A 821 -10.43 7.88 -14.27
N GLU A 822 -9.63 8.75 -14.91
CA GLU A 822 -8.18 8.63 -14.98
C GLU A 822 -7.56 8.60 -13.58
N GLY A 823 -8.21 9.30 -12.65
CA GLY A 823 -7.81 9.40 -11.25
C GLY A 823 -7.97 8.10 -10.49
N LEU A 824 -9.12 7.44 -10.68
CA LEU A 824 -9.44 6.17 -10.06
C LEU A 824 -8.57 5.03 -10.58
N ILE A 825 -8.19 5.12 -11.86
CA ILE A 825 -7.35 4.12 -12.51
C ILE A 825 -5.95 4.18 -11.93
N ASP A 826 -5.32 5.38 -11.95
CA ASP A 826 -3.98 5.62 -11.42
C ASP A 826 -3.84 5.25 -9.94
N THR A 827 -4.91 5.48 -9.13
CA THR A 827 -4.96 5.11 -7.73
C THR A 827 -4.93 3.57 -7.59
N ALA A 828 -5.59 2.85 -8.52
CA ALA A 828 -5.69 1.38 -8.57
C ALA A 828 -4.47 0.66 -9.17
N VAL A 829 -3.99 1.16 -10.33
CA VAL A 829 -2.86 0.63 -11.08
C VAL A 829 -1.60 0.70 -10.23
N LYS A 830 -1.21 1.94 -9.88
CA LYS A 830 0.02 2.26 -9.16
C LYS A 830 -0.07 2.04 -7.66
N THR A 831 -1.09 1.34 -7.17
CA THR A 831 -1.13 1.13 -5.73
C THR A 831 -0.42 -0.18 -5.37
N ALA A 832 -0.40 -1.16 -6.28
CA ALA A 832 0.28 -2.41 -5.99
C ALA A 832 1.76 -2.21 -6.23
N GLU A 833 2.08 -1.51 -7.32
CA GLU A 833 3.46 -1.20 -7.76
C GLU A 833 4.27 -0.52 -6.65
N THR A 834 3.57 0.35 -5.90
CA THR A 834 4.10 1.14 -4.80
C THR A 834 4.27 0.27 -3.58
N GLY A 835 3.36 -0.70 -3.44
CA GLY A 835 3.32 -1.64 -2.33
C GLY A 835 4.47 -2.62 -2.42
N TYR A 836 4.65 -3.19 -3.63
CA TYR A 836 5.73 -4.12 -3.90
C TYR A 836 7.06 -3.43 -3.64
N ILE A 837 7.15 -2.13 -3.99
CA ILE A 837 8.33 -1.31 -3.74
C ILE A 837 8.65 -1.32 -2.27
N GLN A 838 7.63 -1.23 -1.38
CA GLN A 838 7.92 -1.26 0.05
C GLN A 838 8.43 -2.63 0.50
N ARG A 839 7.67 -3.70 0.21
CA ARG A 839 8.01 -5.09 0.49
C ARG A 839 9.49 -5.35 0.20
N ARG A 840 9.95 -4.91 -0.97
CA ARG A 840 11.33 -5.04 -1.44
C ARG A 840 12.29 -4.22 -0.57
N LEU A 841 11.97 -2.93 -0.38
CA LEU A 841 12.75 -2.01 0.45
C LEU A 841 12.90 -2.57 1.88
N VAL A 842 11.81 -3.16 2.44
CA VAL A 842 11.78 -3.75 3.77
C VAL A 842 12.59 -5.01 3.79
N LYS A 843 12.37 -5.89 2.82
CA LYS A 843 13.10 -7.13 2.85
C LYS A 843 14.60 -6.89 2.61
N ALA A 844 14.97 -5.80 1.90
CA ALA A 844 16.40 -5.45 1.71
C ALA A 844 17.07 -4.93 2.98
N LEU A 845 16.32 -4.13 3.78
CA LEU A 845 16.91 -3.46 4.92
C LEU A 845 16.63 -4.09 6.30
N GLU A 846 15.67 -5.04 6.44
CA GLU A 846 15.28 -5.73 7.70
C GLU A 846 16.32 -5.68 8.84
N ASP A 847 17.34 -6.57 8.67
CA ASP A 847 18.49 -6.92 9.51
C ASP A 847 19.49 -5.78 9.89
N ILE A 848 19.41 -4.62 9.19
CA ILE A 848 20.29 -3.50 9.52
C ILE A 848 19.82 -2.81 10.79
N MET A 849 20.73 -2.69 11.78
CA MET A 849 20.52 -2.02 13.08
C MET A 849 21.79 -1.35 13.60
N VAL A 850 21.67 -0.51 14.64
CA VAL A 850 22.85 0.11 15.23
C VAL A 850 23.34 -0.84 16.29
N HIS A 851 24.65 -1.07 16.33
CA HIS A 851 25.26 -1.92 17.35
C HIS A 851 25.86 -1.03 18.37
N TYR A 852 26.06 -1.57 19.60
CA TYR A 852 26.59 -0.88 20.78
C TYR A 852 27.92 -0.07 20.54
N ASP A 853 28.54 -0.25 19.33
CA ASP A 853 29.75 0.41 18.82
C ASP A 853 29.45 1.60 17.81
N ASN A 854 28.15 2.01 17.73
CA ASN A 854 27.61 3.09 16.88
C ASN A 854 27.71 2.83 15.35
N THR A 855 28.28 1.67 15.01
CA THR A 855 28.40 1.21 13.66
C THR A 855 27.06 0.62 13.22
N THR A 856 26.69 0.82 11.95
CA THR A 856 25.45 0.31 11.34
C THR A 856 25.78 -0.96 10.54
N ARG A 857 25.27 -2.12 10.96
CA ARG A 857 25.62 -3.37 10.29
C ARG A 857 24.41 -4.28 10.02
N ASN A 858 24.55 -5.17 9.02
CA ASN A 858 23.54 -6.13 8.63
C ASN A 858 23.76 -7.46 9.41
N SER A 859 22.95 -8.52 9.11
CA SER A 859 22.99 -9.84 9.78
C SER A 859 24.34 -10.59 9.58
N LEU A 860 25.18 -10.06 8.69
CA LEU A 860 26.50 -10.61 8.43
C LEU A 860 27.58 -9.84 9.20
N GLY A 861 27.16 -8.76 9.88
CA GLY A 861 28.07 -7.89 10.62
C GLY A 861 28.92 -7.05 9.70
N ASN A 862 28.52 -6.95 8.43
CA ASN A 862 29.24 -6.12 7.48
C ASN A 862 28.77 -4.67 7.74
N VAL A 863 29.71 -3.75 7.81
CA VAL A 863 29.42 -2.33 8.02
C VAL A 863 28.75 -1.72 6.76
N ILE A 864 27.59 -1.03 6.98
CA ILE A 864 26.86 -0.30 5.95
C ILE A 864 27.27 1.14 6.15
N GLN A 865 26.97 1.69 7.34
CA GLN A 865 27.37 3.05 7.70
C GLN A 865 28.33 2.87 8.86
N PHE A 866 29.41 3.68 8.94
CA PHE A 866 30.32 3.58 10.08
C PHE A 866 29.73 4.16 11.34
N ILE A 867 28.78 5.11 11.17
CA ILE A 867 28.02 5.83 12.21
C ILE A 867 26.65 6.19 11.60
N TYR A 868 25.53 5.92 12.33
CA TYR A 868 24.17 6.16 11.82
C TYR A 868 23.99 7.53 11.19
N GLY A 869 23.49 7.54 9.96
CA GLY A 869 23.24 8.74 9.18
C GLY A 869 24.40 9.71 9.13
N GLU A 870 25.65 9.18 9.19
CA GLU A 870 26.93 9.89 9.17
C GLU A 870 27.16 10.77 10.42
N ASP A 871 26.20 10.84 11.35
CA ASP A 871 26.33 11.69 12.52
C ASP A 871 26.08 11.03 13.90
N GLY A 872 25.45 9.85 13.88
CA GLY A 872 25.10 9.06 15.06
C GLY A 872 23.96 9.64 15.87
N MET A 873 23.11 10.45 15.24
CA MET A 873 21.98 11.12 15.88
C MET A 873 20.61 10.50 15.53
N ASP A 874 19.71 10.39 16.52
CA ASP A 874 18.36 9.86 16.34
C ASP A 874 17.52 10.97 15.69
N ALA A 875 17.00 10.69 14.48
CA ALA A 875 16.20 11.58 13.64
C ALA A 875 15.02 12.30 14.33
N ALA A 876 14.49 11.77 15.47
CA ALA A 876 13.41 12.39 16.24
C ALA A 876 13.91 13.68 16.91
N HIS A 877 15.18 13.64 17.37
CA HIS A 877 15.91 14.69 18.09
C HIS A 877 16.64 15.67 17.18
N ILE A 878 16.05 16.02 16.03
CA ILE A 878 16.66 16.89 15.04
C ILE A 878 15.68 17.97 14.53
N GLU A 879 16.09 19.25 14.64
CA GLU A 879 15.29 20.42 14.24
C GLU A 879 16.11 21.23 13.29
N LYS A 880 15.47 21.80 12.24
CA LYS A 880 16.15 22.66 11.27
C LYS A 880 16.61 23.93 12.02
N GLN A 881 17.89 24.29 11.89
CA GLN A 881 18.49 25.44 12.58
C GLN A 881 19.38 26.13 11.58
N SER A 882 19.48 27.49 11.59
CA SER A 882 20.36 28.19 10.63
C SER A 882 21.84 28.18 11.06
N LEU A 883 22.76 28.49 10.13
CA LEU A 883 24.22 28.56 10.39
C LEU A 883 24.66 29.96 9.90
N ASP A 884 24.43 30.98 10.73
CA ASP A 884 24.65 32.40 10.44
C ASP A 884 26.10 32.79 10.09
N THR A 885 26.97 31.77 10.01
CA THR A 885 28.36 31.93 9.62
C THR A 885 28.42 31.80 8.07
N ILE A 886 27.52 30.97 7.46
CA ILE A 886 27.48 30.77 6.02
C ILE A 886 27.24 32.05 5.26
N GLY A 887 26.02 32.57 5.36
CA GLY A 887 25.61 33.74 4.60
C GLY A 887 26.16 35.10 5.01
N GLY A 888 25.64 36.12 4.33
CA GLY A 888 25.94 37.52 4.57
C GLY A 888 27.25 38.01 4.01
N SER A 889 27.41 39.34 4.02
CA SER A 889 28.62 39.99 3.55
C SER A 889 29.74 39.68 4.50
N ASP A 890 30.98 39.76 4.00
CA ASP A 890 32.14 39.52 4.83
C ASP A 890 32.27 40.60 5.92
N ALA A 891 31.69 41.80 5.62
CA ALA A 891 31.67 42.95 6.51
C ALA A 891 30.78 42.65 7.71
N ALA A 892 29.48 42.38 7.47
CA ALA A 892 28.46 42.08 8.50
C ALA A 892 28.88 41.00 9.48
N PHE A 893 29.70 40.04 8.98
CA PHE A 893 30.27 38.93 9.74
C PHE A 893 31.22 39.48 10.80
N GLU A 894 32.21 40.24 10.34
CA GLU A 894 33.20 40.88 11.17
C GLU A 894 32.50 41.74 12.23
N LYS A 895 31.41 42.45 11.86
CA LYS A 895 30.62 43.28 12.80
C LYS A 895 30.05 42.40 13.90
N ARG A 896 29.47 41.28 13.47
CA ARG A 896 28.80 40.31 14.31
C ARG A 896 29.70 39.55 15.26
N TYR A 897 30.90 39.16 14.84
CA TYR A 897 31.72 38.29 15.68
C TYR A 897 33.08 38.86 16.16
N ARG A 898 33.63 39.84 15.45
CA ARG A 898 34.94 40.37 15.82
C ARG A 898 34.93 41.23 17.04
N VAL A 899 35.80 40.86 17.98
CA VAL A 899 36.10 41.61 19.19
C VAL A 899 37.61 41.86 19.13
N ASP A 900 38.01 43.14 19.23
CA ASP A 900 39.39 43.57 19.16
C ASP A 900 39.67 44.41 20.38
N LEU A 901 40.19 43.78 21.45
CA LEU A 901 40.50 44.49 22.72
C LEU A 901 41.68 45.45 22.57
N LEU A 902 42.34 45.45 21.40
CA LEU A 902 43.47 46.32 21.19
C LEU A 902 43.12 47.54 20.34
N ASN A 903 41.83 47.67 19.94
CA ASN A 903 41.34 48.80 19.16
C ASN A 903 40.23 49.49 19.95
N THR A 904 40.35 50.81 20.21
CA THR A 904 39.40 51.57 21.00
C THR A 904 37.93 51.51 20.47
N ASP A 905 37.73 51.34 19.16
CA ASP A 905 36.37 51.29 18.59
C ASP A 905 35.76 49.91 18.59
N HIS A 906 36.55 48.85 18.33
CA HIS A 906 36.06 47.48 18.18
C HIS A 906 36.17 46.55 19.42
N THR A 907 36.33 47.13 20.63
CA THR A 907 36.37 46.39 21.91
C THR A 907 34.92 46.14 22.32
N LEU A 908 34.74 45.28 23.33
CA LEU A 908 33.48 45.01 24.02
C LEU A 908 33.32 46.21 24.98
N ASP A 909 32.23 46.99 24.79
CA ASP A 909 31.94 48.18 25.58
C ASP A 909 31.79 47.83 27.07
N PRO A 910 32.31 48.66 28.01
CA PRO A 910 32.17 48.34 29.44
C PRO A 910 30.75 48.37 30.00
N SER A 911 29.74 48.37 29.09
CA SER A 911 28.31 48.32 29.35
C SER A 911 27.81 46.89 29.13
N LEU A 912 28.64 46.04 28.46
CA LEU A 912 28.36 44.65 28.10
C LEU A 912 28.82 43.63 29.13
N LEU A 913 29.98 43.92 29.78
CA LEU A 913 30.58 43.11 30.83
C LEU A 913 31.29 43.99 31.83
N GLU A 914 31.44 43.51 33.06
CA GLU A 914 32.06 44.24 34.18
C GLU A 914 33.53 44.57 33.90
N SER A 915 34.26 43.58 33.36
CA SER A 915 35.68 43.64 33.01
C SER A 915 36.03 44.57 31.82
N GLY A 916 35.00 45.06 31.11
CA GLY A 916 35.11 45.92 29.93
C GLY A 916 36.13 47.04 29.94
N SER A 917 36.32 47.67 31.11
CA SER A 917 37.24 48.78 31.31
C SER A 917 38.68 48.34 31.40
N GLU A 918 38.95 47.32 32.22
CA GLU A 918 40.29 46.76 32.45
C GLU A 918 40.68 45.74 31.38
N ILE A 919 39.74 45.39 30.50
CA ILE A 919 39.98 44.42 29.45
C ILE A 919 40.73 45.01 28.27
N LEU A 920 40.57 46.33 28.01
CA LEU A 920 41.20 47.03 26.89
C LEU A 920 42.71 46.86 26.96
N GLY A 921 43.32 46.58 25.82
CA GLY A 921 44.76 46.39 25.70
C GLY A 921 45.32 45.06 26.19
N ASP A 922 44.46 44.16 26.79
CA ASP A 922 44.91 42.85 27.29
C ASP A 922 45.27 41.96 26.13
N LEU A 923 46.56 42.02 25.74
CA LEU A 923 47.20 41.30 24.63
C LEU A 923 47.10 39.79 24.80
N LYS A 924 47.09 39.32 26.06
CA LYS A 924 46.96 37.91 26.43
C LYS A 924 45.55 37.42 26.07
N LEU A 925 44.52 38.22 26.40
CA LEU A 925 43.13 37.89 26.11
C LEU A 925 42.80 38.09 24.65
N GLN A 926 43.54 38.98 23.97
CA GLN A 926 43.35 39.21 22.55
C GLN A 926 43.88 38.03 21.82
N VAL A 927 44.89 37.36 22.39
CA VAL A 927 45.48 36.12 21.86
C VAL A 927 44.39 35.06 21.81
N LEU A 928 43.61 34.95 22.91
CA LEU A 928 42.48 34.03 23.07
C LEU A 928 41.38 34.33 22.06
N LEU A 929 41.03 35.62 21.93
CA LEU A 929 39.99 36.16 21.05
C LEU A 929 40.36 36.11 19.56
N ASP A 930 41.67 36.03 19.27
CA ASP A 930 42.22 35.93 17.93
C ASP A 930 42.00 34.54 17.43
N GLU A 931 42.38 33.52 18.23
CA GLU A 931 42.15 32.12 17.89
C GLU A 931 40.67 31.92 17.66
N GLU A 932 39.83 32.49 18.56
CA GLU A 932 38.36 32.43 18.53
C GLU A 932 37.82 32.83 17.15
N TYR A 933 38.15 34.06 16.74
CA TYR A 933 37.74 34.62 15.46
C TYR A 933 38.35 33.83 14.31
N LYS A 934 39.67 33.51 14.38
CA LYS A 934 40.38 32.74 13.34
C LYS A 934 39.67 31.41 13.01
N GLN A 935 39.08 30.78 14.04
CA GLN A 935 38.34 29.53 13.98
C GLN A 935 36.98 29.78 13.37
N LEU A 936 36.34 30.93 13.69
CA LEU A 936 35.03 31.28 13.14
C LEU A 936 35.15 31.48 11.62
N VAL A 937 36.28 32.09 11.17
CA VAL A 937 36.57 32.33 9.76
C VAL A 937 36.81 31.01 9.07
N LYS A 938 37.53 30.09 9.76
CA LYS A 938 37.81 28.72 9.31
C LYS A 938 36.45 28.08 9.06
N ASP A 939 35.59 28.05 10.12
CA ASP A 939 34.25 27.53 10.09
C ASP A 939 33.51 28.01 8.84
N ARG A 940 33.41 29.34 8.65
CA ARG A 940 32.76 29.92 7.48
C ARG A 940 33.24 29.28 6.18
N LYS A 941 34.56 29.17 5.99
CA LYS A 941 35.13 28.59 4.78
C LYS A 941 34.70 27.15 4.62
N PHE A 942 34.72 26.38 5.72
CA PHE A 942 34.31 24.97 5.73
C PHE A 942 32.85 24.75 5.32
N LEU A 943 31.94 25.52 5.93
CA LEU A 943 30.49 25.44 5.69
C LEU A 943 30.09 25.81 4.26
N ARG A 944 30.79 26.81 3.68
CA ARG A 944 30.59 27.30 2.32
C ARG A 944 31.14 26.27 1.35
N GLU A 945 32.01 25.39 1.88
CA GLU A 945 32.63 24.30 1.14
C GLU A 945 31.61 23.18 1.03
N VAL A 946 31.00 22.81 2.18
CA VAL A 946 30.01 21.74 2.30
C VAL A 946 28.73 22.09 1.55
N PHE A 947 28.06 23.17 1.95
CA PHE A 947 26.83 23.65 1.31
C PHE A 947 27.24 24.73 0.35
N VAL A 948 27.52 24.34 -0.90
CA VAL A 948 28.04 25.21 -1.96
C VAL A 948 27.09 26.36 -2.37
N ASP A 949 25.76 26.13 -2.26
CA ASP A 949 24.70 27.10 -2.57
C ASP A 949 24.53 28.20 -1.51
N GLY A 950 25.08 27.98 -0.32
CA GLY A 950 25.01 28.93 0.78
C GLY A 950 23.83 28.73 1.71
N GLU A 951 23.06 27.64 1.48
CA GLU A 951 21.88 27.23 2.26
C GLU A 951 22.30 27.11 3.70
N ALA A 952 21.76 27.94 4.58
CA ALA A 952 22.20 27.89 5.96
C ALA A 952 21.23 27.21 6.91
N ASN A 953 20.05 26.78 6.43
CA ASN A 953 19.08 26.13 7.30
C ASN A 953 19.11 24.61 7.20
N TRP A 954 19.71 23.96 8.19
CA TRP A 954 19.90 22.51 8.20
C TRP A 954 19.41 21.85 9.46
N PRO A 955 18.86 20.62 9.37
CA PRO A 955 18.39 19.96 10.59
C PRO A 955 19.58 19.41 11.35
N LEU A 956 19.69 19.84 12.62
CA LEU A 956 20.75 19.51 13.57
C LEU A 956 20.16 19.21 14.95
N PRO A 957 20.86 18.46 15.84
CA PRO A 957 20.28 18.23 17.18
C PRO A 957 20.53 19.44 18.06
N VAL A 958 19.87 19.49 19.25
CA VAL A 958 19.99 20.57 20.25
C VAL A 958 19.56 21.95 19.69
N ASN A 959 18.31 22.36 19.92
CA ASN A 959 17.87 23.66 19.45
C ASN A 959 18.40 24.70 20.41
N ILE A 960 19.54 25.30 20.04
CA ILE A 960 20.28 26.30 20.80
C ILE A 960 19.45 27.55 21.03
N ARG A 961 18.68 27.99 20.00
CA ARG A 961 17.83 29.18 20.12
C ARG A 961 16.95 29.03 21.36
N ARG A 962 16.16 27.93 21.42
CA ARG A 962 15.26 27.61 22.53
C ARG A 962 15.98 27.63 23.87
N ILE A 963 17.25 27.19 23.92
CA ILE A 963 18.04 27.17 25.16
C ILE A 963 18.34 28.59 25.60
N ILE A 964 18.82 29.43 24.70
CA ILE A 964 19.08 30.82 25.05
C ILE A 964 17.75 31.51 25.43
N GLN A 965 16.72 31.32 24.57
CA GLN A 965 15.35 31.85 24.72
C GLN A 965 14.86 31.59 26.13
N ASN A 966 15.03 30.34 26.62
CA ASN A 966 14.65 29.93 27.98
C ASN A 966 15.53 30.64 29.00
N ALA A 967 16.87 30.55 28.89
CA ALA A 967 17.77 31.21 29.84
C ALA A 967 17.33 32.63 30.13
N GLN A 968 16.92 33.39 29.10
CA GLN A 968 16.43 34.76 29.28
C GLN A 968 15.17 34.85 30.16
N GLN A 969 14.13 34.01 29.87
CA GLN A 969 12.88 34.00 30.64
C GLN A 969 13.10 33.36 32.05
N THR A 970 14.10 32.44 32.19
CA THR A 970 14.46 31.71 33.40
C THR A 970 15.15 32.60 34.36
N PHE A 971 16.19 33.26 33.89
CA PHE A 971 17.00 34.08 34.73
C PHE A 971 16.62 35.55 34.67
N HIS A 972 15.46 35.88 34.07
CA HIS A 972 14.96 37.26 33.98
C HIS A 972 16.08 38.23 33.58
N ILE A 973 16.75 37.90 32.46
CA ILE A 973 17.87 38.62 31.88
C ILE A 973 17.45 40.05 31.48
N ASP A 974 17.95 41.04 32.25
CA ASP A 974 17.70 42.44 31.95
C ASP A 974 18.80 42.91 31.01
N HIS A 975 18.40 43.41 29.84
CA HIS A 975 19.31 43.82 28.78
C HIS A 975 19.83 45.24 29.03
N THR A 976 19.99 45.59 30.31
CA THR A 976 20.42 46.91 30.79
C THR A 976 21.81 46.85 31.43
N LYS A 977 21.98 45.95 32.42
CA LYS A 977 23.19 45.80 33.24
C LYS A 977 24.28 44.89 32.61
N PRO A 978 25.58 45.19 32.89
CA PRO A 978 26.67 44.38 32.30
C PRO A 978 26.89 43.00 32.93
N SER A 979 27.27 42.01 32.09
CA SER A 979 27.51 40.61 32.47
C SER A 979 28.67 40.38 33.45
N ASP A 980 28.60 39.25 34.18
CA ASP A 980 29.64 38.81 35.12
C ASP A 980 30.67 37.88 34.48
N LEU A 981 30.48 37.55 33.19
CA LEU A 981 31.38 36.70 32.41
C LEU A 981 32.74 37.36 32.07
N THR A 982 33.78 36.52 31.87
CA THR A 982 35.13 36.91 31.47
C THR A 982 35.33 36.39 30.07
N ILE A 983 36.31 36.98 29.34
CA ILE A 983 36.66 36.49 28.01
C ILE A 983 37.04 35.01 28.13
N LYS A 984 37.81 34.68 29.19
CA LYS A 984 38.22 33.33 29.55
C LYS A 984 36.98 32.48 29.79
N ASP A 985 36.01 32.96 30.61
CA ASP A 985 34.75 32.26 30.92
C ASP A 985 34.03 31.75 29.68
N ILE A 986 33.83 32.65 28.69
CA ILE A 986 33.15 32.34 27.43
C ILE A 986 34.04 31.47 26.54
N VAL A 987 35.17 32.03 26.02
CA VAL A 987 36.10 31.35 25.11
C VAL A 987 36.40 29.91 25.57
N LEU A 988 36.96 29.76 26.78
CA LEU A 988 37.33 28.46 27.33
C LEU A 988 36.14 27.60 27.67
N GLY A 989 35.00 28.20 28.04
CA GLY A 989 33.77 27.47 28.34
C GLY A 989 33.23 26.67 27.16
N VAL A 990 33.16 27.33 26.00
CA VAL A 990 32.70 26.73 24.76
C VAL A 990 33.69 25.65 24.31
N LYS A 991 35.00 25.95 24.39
CA LYS A 991 36.07 25.01 24.03
C LYS A 991 35.88 23.70 24.81
N ASP A 992 35.62 23.83 26.12
CA ASP A 992 35.42 22.71 27.04
C ASP A 992 34.12 21.97 26.82
N LEU A 993 33.03 22.69 26.44
CA LEU A 993 31.71 22.06 26.17
C LEU A 993 31.84 21.03 25.07
N GLN A 994 32.54 21.42 23.99
CA GLN A 994 32.81 20.64 22.79
C GLN A 994 33.37 19.25 23.09
N GLU A 995 34.39 19.18 23.98
CA GLU A 995 35.07 17.97 24.41
C GLU A 995 34.09 16.99 25.07
N ASN A 996 32.94 17.49 25.51
CA ASN A 996 31.93 16.71 26.19
C ASN A 996 30.77 16.26 25.30
N LEU A 997 30.68 16.76 24.07
CA LEU A 997 29.61 16.34 23.16
C LEU A 997 29.99 14.99 22.52
N LEU A 998 30.12 13.94 23.35
CA LEU A 998 30.51 12.61 22.90
C LEU A 998 29.42 11.80 22.20
N VAL A 999 29.80 11.15 21.09
CA VAL A 999 28.99 10.23 20.28
C VAL A 999 29.67 8.84 20.33
N LEU A 1000 30.99 8.80 20.06
CA LEU A 1000 31.85 7.61 20.09
C LEU A 1000 32.84 7.74 21.22
N ARG A 1001 32.95 6.68 22.02
CA ARG A 1001 33.78 6.75 23.21
C ARG A 1001 35.24 6.29 23.05
N GLY A 1002 35.49 5.25 22.24
CA GLY A 1002 36.82 4.69 21.96
C GLY A 1002 38.09 5.49 22.31
N LYS A 1003 38.92 4.93 23.23
CA LYS A 1003 40.15 5.57 23.71
C LYS A 1003 41.34 5.58 22.69
N ASN A 1004 41.20 4.90 21.53
CA ASN A 1004 42.24 4.87 20.49
C ASN A 1004 42.27 6.19 19.66
N GLU A 1005 42.86 6.16 18.45
CA GLU A 1005 42.92 7.36 17.62
C GLU A 1005 42.00 7.30 16.42
N ILE A 1006 41.65 6.11 15.94
CA ILE A 1006 40.72 5.95 14.81
C ILE A 1006 39.32 6.45 15.24
N ILE A 1007 38.92 6.06 16.48
CA ILE A 1007 37.64 6.37 17.11
C ILE A 1007 37.68 7.78 17.62
N GLN A 1008 38.77 8.21 18.29
CA GLN A 1008 38.79 9.61 18.73
C GLN A 1008 38.76 10.52 17.52
N ASN A 1009 39.35 10.09 16.38
CA ASN A 1009 39.22 10.88 15.17
C ASN A 1009 37.82 10.77 14.59
N ALA A 1010 37.17 9.60 14.72
CA ALA A 1010 35.79 9.45 14.25
C ALA A 1010 34.81 10.34 15.04
N GLN A 1011 35.10 10.51 16.35
CA GLN A 1011 34.33 11.32 17.28
C GLN A 1011 34.42 12.74 16.80
N ARG A 1012 35.65 13.25 16.68
CA ARG A 1012 36.02 14.58 16.21
C ARG A 1012 35.25 14.93 14.93
N ASP A 1013 35.13 13.93 14.03
CA ASP A 1013 34.51 14.07 12.74
C ASP A 1013 32.98 14.16 12.81
N ALA A 1014 32.30 13.32 13.61
CA ALA A 1014 30.82 13.33 13.69
C ALA A 1014 30.22 14.66 14.24
N VAL A 1015 31.00 15.36 15.07
CA VAL A 1015 30.57 16.60 15.72
C VAL A 1015 30.89 17.83 14.86
N THR A 1016 31.84 17.71 13.92
CA THR A 1016 32.34 18.76 13.01
C THR A 1016 31.32 19.87 12.70
N LEU A 1017 30.11 19.50 12.21
CA LEU A 1017 29.04 20.44 11.82
C LEU A 1017 28.33 21.05 13.02
N PHE A 1018 27.94 20.23 14.03
CA PHE A 1018 27.25 20.76 15.23
C PHE A 1018 28.11 21.78 15.95
N CYS A 1019 29.43 21.56 15.95
CA CYS A 1019 30.36 22.48 16.58
C CYS A 1019 30.41 23.78 15.82
N CYS A 1020 30.32 23.72 14.47
CA CYS A 1020 30.27 24.90 13.61
C CYS A 1020 29.13 25.78 14.06
N LEU A 1021 27.97 25.13 14.31
CA LEU A 1021 26.75 25.75 14.79
C LEU A 1021 26.97 26.26 16.18
N LEU A 1022 27.62 25.46 17.05
CA LEU A 1022 27.89 25.83 18.45
C LEU A 1022 28.71 27.12 18.57
N ARG A 1023 29.88 27.17 17.91
CA ARG A 1023 30.81 28.30 17.87
C ARG A 1023 30.16 29.56 17.23
N SER A 1024 29.32 29.33 16.18
CA SER A 1024 28.53 30.35 15.48
C SER A 1024 27.67 31.08 16.53
N ARG A 1025 26.87 30.32 17.29
CA ARG A 1025 25.94 30.78 18.30
C ARG A 1025 26.56 31.21 19.61
N LEU A 1026 27.75 30.72 19.99
CA LEU A 1026 28.29 31.15 21.30
C LEU A 1026 29.63 31.94 21.19
N ALA A 1027 29.71 32.85 20.21
CA ALA A 1027 30.87 33.72 20.06
C ALA A 1027 30.84 34.75 21.20
N THR A 1028 32.03 35.19 21.68
CA THR A 1028 32.20 36.15 22.78
C THR A 1028 31.33 37.39 22.59
N ARG A 1029 31.35 37.98 21.37
CA ARG A 1029 30.51 39.13 21.00
C ARG A 1029 29.02 38.75 21.12
N ARG A 1030 28.58 37.77 20.34
CA ARG A 1030 27.22 37.28 20.30
C ARG A 1030 26.61 36.96 21.69
N VAL A 1031 27.39 36.32 22.58
CA VAL A 1031 26.93 35.95 23.92
C VAL A 1031 26.65 37.18 24.77
N LEU A 1032 27.57 38.14 24.75
CA LEU A 1032 27.54 39.36 25.53
C LEU A 1032 26.66 40.49 25.01
N GLN A 1033 26.73 40.79 23.69
CA GLN A 1033 26.02 41.91 23.05
C GLN A 1033 24.60 41.54 22.66
N GLU A 1034 24.41 40.35 22.10
CA GLU A 1034 23.09 39.91 21.68
C GLU A 1034 22.28 39.35 22.86
N TYR A 1035 22.65 38.13 23.35
CA TYR A 1035 21.96 37.37 24.40
C TYR A 1035 21.92 38.02 25.77
N ARG A 1036 23.00 38.76 26.11
CA ARG A 1036 23.18 39.45 27.39
C ARG A 1036 23.15 38.43 28.56
N LEU A 1037 23.95 37.36 28.47
CA LEU A 1037 23.96 36.32 29.48
C LEU A 1037 24.83 36.61 30.70
N THR A 1038 24.29 36.29 31.90
CA THR A 1038 24.99 36.34 33.19
C THR A 1038 25.77 35.00 33.25
N LYS A 1039 26.93 34.96 33.95
CA LYS A 1039 27.74 33.74 34.12
C LYS A 1039 26.80 32.56 34.45
N GLN A 1040 25.91 32.78 35.42
CA GLN A 1040 24.88 31.86 35.90
C GLN A 1040 24.10 31.23 34.74
N ALA A 1041 23.58 32.08 33.83
CA ALA A 1041 22.81 31.67 32.67
C ALA A 1041 23.65 30.90 31.68
N PHE A 1042 24.87 31.35 31.46
CA PHE A 1042 25.81 30.74 30.54
C PHE A 1042 26.14 29.29 30.92
N ASP A 1043 26.35 29.02 32.20
CA ASP A 1043 26.67 27.67 32.67
C ASP A 1043 25.49 26.74 32.48
N TRP A 1044 24.28 27.31 32.65
CA TRP A 1044 22.99 26.65 32.47
C TRP A 1044 22.81 26.30 30.97
N VAL A 1045 23.09 27.26 30.07
CA VAL A 1045 23.01 27.07 28.62
C VAL A 1045 24.02 25.99 28.25
N LEU A 1046 25.25 26.14 28.70
CA LEU A 1046 26.32 25.18 28.44
C LEU A 1046 25.98 23.76 28.89
N SER A 1047 25.39 23.59 30.09
CA SER A 1047 25.02 22.25 30.58
C SER A 1047 23.85 21.64 29.81
N ASN A 1048 22.85 22.49 29.51
CA ASN A 1048 21.66 22.05 28.80
C ASN A 1048 21.94 21.78 27.33
N ILE A 1049 23.10 22.18 26.81
CA ILE A 1049 23.45 21.83 25.45
C ILE A 1049 24.00 20.39 25.53
N GLU A 1050 24.93 20.15 26.48
CA GLU A 1050 25.57 18.85 26.70
C GLU A 1050 24.48 17.84 26.91
N ALA A 1051 23.62 18.13 27.90
CA ALA A 1051 22.50 17.29 28.29
C ALA A 1051 21.66 16.87 27.11
N GLN A 1052 21.14 17.85 26.37
CA GLN A 1052 20.27 17.66 25.22
C GLN A 1052 20.96 16.89 24.11
N PHE A 1053 22.24 17.22 23.83
CA PHE A 1053 23.05 16.55 22.80
C PHE A 1053 23.08 15.06 23.03
N LEU A 1054 23.49 14.69 24.25
CA LEU A 1054 23.66 13.31 24.66
C LEU A 1054 22.39 12.51 24.45
N ARG A 1055 21.24 13.01 24.92
CA ARG A 1055 19.93 12.36 24.73
C ARG A 1055 19.62 12.16 23.22
N SER A 1056 20.02 13.17 22.40
CA SER A 1056 19.77 13.26 20.95
C SER A 1056 20.40 12.12 20.10
N VAL A 1057 21.52 11.48 20.59
CA VAL A 1057 22.26 10.36 19.95
C VAL A 1057 21.36 9.11 19.80
N VAL A 1058 21.63 8.25 18.75
CA VAL A 1058 20.90 7.01 18.44
C VAL A 1058 21.07 5.99 19.54
N HIS A 1059 20.08 5.09 19.68
CA HIS A 1059 20.13 4.03 20.68
C HIS A 1059 20.52 2.67 20.10
N PRO A 1060 21.63 2.00 20.55
CA PRO A 1060 21.96 0.67 20.02
C PRO A 1060 20.81 -0.32 20.21
N GLY A 1061 20.39 -0.84 19.06
CA GLY A 1061 19.25 -1.72 18.92
C GLY A 1061 18.31 -1.15 17.89
N GLU A 1062 18.34 0.21 17.72
CA GLU A 1062 17.48 0.95 16.78
C GLU A 1062 17.45 0.28 15.46
N MET A 1063 16.24 -0.16 15.08
CA MET A 1063 15.98 -0.91 13.87
C MET A 1063 15.96 -0.05 12.58
N VAL A 1064 17.02 0.73 12.50
CA VAL A 1064 17.52 1.67 11.54
C VAL A 1064 17.26 1.25 10.09
N GLY A 1065 17.27 -0.08 9.87
CA GLY A 1065 17.04 -0.73 8.59
C GLY A 1065 15.60 -0.60 8.18
N VAL A 1066 14.69 -1.27 8.93
CA VAL A 1066 13.23 -1.24 8.66
C VAL A 1066 12.73 0.18 8.59
N LEU A 1067 13.10 1.00 9.61
CA LEU A 1067 12.76 2.42 9.74
C LEU A 1067 12.92 3.11 8.38
N ALA A 1068 14.16 3.10 7.85
CA ALA A 1068 14.53 3.71 6.59
C ALA A 1068 13.64 3.24 5.44
N ALA A 1069 13.28 1.94 5.40
CA ALA A 1069 12.44 1.38 4.32
C ALA A 1069 11.01 1.89 4.34
N GLN A 1070 10.44 2.07 5.54
CA GLN A 1070 9.09 2.57 5.74
C GLN A 1070 9.02 4.09 5.51
N SER A 1071 10.12 4.78 5.86
CA SER A 1071 10.29 6.23 5.73
C SER A 1071 10.29 6.68 4.27
N ILE A 1072 10.73 5.81 3.33
CA ILE A 1072 10.76 6.06 1.88
C ILE A 1072 9.47 5.45 1.32
N GLY A 1073 9.12 4.28 1.85
CA GLY A 1073 7.93 3.52 1.48
C GLY A 1073 6.60 4.21 1.63
N GLU A 1074 6.17 4.51 2.90
CA GLU A 1074 4.91 5.19 3.25
C GLU A 1074 4.67 6.41 2.35
N PRO A 1075 5.60 7.43 2.28
CA PRO A 1075 5.38 8.56 1.36
C PRO A 1075 4.93 8.13 -0.03
N ALA A 1076 5.75 7.28 -0.74
CA ALA A 1076 5.47 6.73 -2.06
C ALA A 1076 4.06 6.13 -2.15
N THR A 1077 3.64 5.31 -1.13
CA THR A 1077 2.34 4.62 -1.01
C THR A 1077 1.20 5.61 -0.81
N GLN A 1078 1.48 6.74 -0.18
CA GLN A 1078 0.45 7.75 -0.01
C GLN A 1078 0.37 8.66 -1.25
N MET A 1079 1.56 9.04 -1.83
CA MET A 1079 1.77 9.85 -3.05
C MET A 1079 1.07 9.20 -4.28
N THR A 1080 0.32 8.07 -4.06
CA THR A 1080 -0.49 7.32 -5.04
C THR A 1080 -1.94 7.09 -4.59
N LEU A 1081 -2.17 6.64 -3.32
CA LEU A 1081 -3.49 6.30 -2.76
C LEU A 1081 -4.52 7.43 -2.88
N ASN A 1082 -4.11 8.68 -2.64
CA ASN A 1082 -4.96 9.87 -2.72
C ASN A 1082 -5.20 10.35 -4.20
N THR A 1083 -6.49 10.53 -4.59
CA THR A 1083 -6.89 11.00 -5.93
C THR A 1083 -6.52 12.48 -6.16
N VAL A 1094 10.20 14.17 -18.77
CA VAL A 1094 11.16 13.51 -17.87
C VAL A 1094 10.47 12.61 -16.85
N THR A 1095 10.86 11.30 -16.81
CA THR A 1095 10.34 10.30 -15.88
C THR A 1095 10.56 10.73 -14.45
N SER A 1096 9.50 10.62 -13.63
CA SER A 1096 9.46 11.03 -12.23
C SER A 1096 8.34 10.32 -11.47
N GLY A 1097 8.46 10.29 -10.14
CA GLY A 1097 7.51 9.62 -9.24
C GLY A 1097 7.73 8.12 -9.20
N VAL A 1098 6.66 7.36 -8.85
CA VAL A 1098 6.61 5.89 -8.79
C VAL A 1098 7.37 5.22 -9.97
N PRO A 1099 7.13 5.56 -11.28
CA PRO A 1099 7.92 4.95 -12.36
C PRO A 1099 9.43 5.17 -12.27
N ARG A 1100 9.90 6.41 -11.97
CA ARG A 1100 11.35 6.64 -11.86
C ARG A 1100 11.86 5.96 -10.61
N LEU A 1101 11.10 5.97 -9.52
CA LEU A 1101 11.55 5.28 -8.30
C LEU A 1101 11.76 3.79 -8.61
N LYS A 1102 10.84 3.20 -9.41
CA LYS A 1102 10.93 1.82 -9.86
C LYS A 1102 12.27 1.65 -10.65
N GLU A 1103 12.52 2.53 -11.67
CA GLU A 1103 13.76 2.62 -12.47
C GLU A 1103 14.98 2.48 -11.53
N ILE A 1104 15.08 3.41 -10.51
CA ILE A 1104 16.17 3.53 -9.53
C ILE A 1104 16.37 2.25 -8.73
N LEU A 1105 15.33 1.82 -7.99
CA LEU A 1105 15.42 0.63 -7.15
C LEU A 1105 15.78 -0.61 -7.95
N ASN A 1106 15.29 -0.71 -9.19
CA ASN A 1106 15.60 -1.87 -10.03
C ASN A 1106 16.94 -1.73 -10.71
N VAL A 1107 17.63 -0.56 -10.58
CA VAL A 1107 18.90 -0.22 -11.26
C VAL A 1107 18.65 -0.66 -12.71
N ALA A 1108 17.57 -0.08 -13.29
CA ALA A 1108 17.09 -0.37 -14.62
C ALA A 1108 18.13 0.09 -15.58
N LYS A 1109 18.51 -0.77 -16.55
CA LYS A 1109 19.52 -0.31 -17.46
C LYS A 1109 18.90 0.66 -18.45
N ASN A 1110 18.04 0.17 -19.34
CA ASN A 1110 17.42 1.07 -20.29
C ASN A 1110 16.29 1.86 -19.64
N MET A 1111 16.67 3.08 -19.16
CA MET A 1111 15.84 4.08 -18.49
C MET A 1111 15.11 4.94 -19.49
N LYS A 1112 13.95 5.47 -19.11
CA LYS A 1112 13.11 6.17 -20.07
C LYS A 1112 13.58 7.57 -20.49
N THR A 1113 14.10 8.40 -19.57
CA THR A 1113 14.49 9.74 -20.04
C THR A 1113 15.97 10.06 -19.83
N PRO A 1114 16.95 9.36 -20.45
CA PRO A 1114 18.34 9.71 -20.16
C PRO A 1114 18.66 11.12 -20.60
N SER A 1115 19.20 11.90 -19.66
CA SER A 1115 19.58 13.29 -19.86
C SER A 1115 20.96 13.54 -19.29
N LEU A 1116 21.58 14.63 -19.73
CA LEU A 1116 22.93 14.92 -19.33
C LEU A 1116 23.11 16.46 -19.24
N THR A 1117 23.02 17.01 -18.03
CA THR A 1117 23.17 18.43 -17.73
C THR A 1117 24.67 18.84 -17.91
N VAL A 1118 24.96 19.70 -18.91
CA VAL A 1118 26.34 20.12 -19.27
C VAL A 1118 26.61 21.61 -18.99
N TYR A 1119 27.48 21.85 -17.98
CA TYR A 1119 27.88 23.18 -17.51
C TYR A 1119 29.05 23.66 -18.29
N LEU A 1120 29.09 24.98 -18.53
CA LEU A 1120 30.13 25.64 -19.32
C LEU A 1120 31.38 26.00 -18.51
N GLU A 1121 32.53 26.20 -19.21
CA GLU A 1121 33.83 26.58 -18.64
C GLU A 1121 33.68 27.80 -17.73
N PRO A 1122 34.30 27.82 -16.53
CA PRO A 1122 34.10 28.96 -15.60
C PRO A 1122 34.19 30.38 -16.20
N GLY A 1123 35.17 30.61 -17.06
CA GLY A 1123 35.33 31.92 -17.69
C GLY A 1123 34.45 32.15 -18.89
N HIS A 1124 33.28 31.48 -18.95
CA HIS A 1124 32.34 31.59 -20.07
C HIS A 1124 30.88 31.42 -19.63
N ALA A 1125 30.64 31.13 -18.34
CA ALA A 1125 29.33 30.91 -17.69
C ALA A 1125 28.15 31.66 -18.32
N ALA A 1126 28.26 32.98 -18.46
CA ALA A 1126 27.21 33.84 -19.02
C ALA A 1126 27.31 34.09 -20.54
N ASP A 1127 28.46 33.76 -21.19
CA ASP A 1127 28.65 33.93 -22.64
C ASP A 1127 27.74 32.97 -23.40
N GLN A 1128 26.56 33.48 -23.83
CA GLN A 1128 25.54 32.73 -24.54
C GLN A 1128 26.08 32.18 -25.85
N GLU A 1129 27.02 32.92 -26.46
CA GLU A 1129 27.65 32.52 -27.72
C GLU A 1129 28.50 31.26 -27.57
N GLN A 1130 29.24 31.13 -26.43
CA GLN A 1130 30.07 29.96 -26.11
C GLN A 1130 29.18 28.70 -26.05
N ALA A 1131 28.00 28.86 -25.43
CA ALA A 1131 27.04 27.80 -25.27
C ALA A 1131 26.53 27.29 -26.61
N LYS A 1132 26.19 28.22 -27.54
CA LYS A 1132 25.70 27.92 -28.89
C LYS A 1132 26.68 27.03 -29.64
N LEU A 1133 28.02 27.29 -29.45
CA LEU A 1133 29.12 26.56 -30.07
C LEU A 1133 29.14 25.13 -29.55
N ILE A 1134 29.06 24.95 -28.22
CA ILE A 1134 29.04 23.60 -27.63
C ILE A 1134 27.79 22.86 -28.09
N ARG A 1135 26.62 23.53 -27.99
CA ARG A 1135 25.30 23.02 -28.39
C ARG A 1135 25.39 22.34 -29.75
N SER A 1136 26.04 23.02 -30.74
CA SER A 1136 26.26 22.56 -32.11
C SER A 1136 27.30 21.42 -32.17
N ALA A 1137 28.39 21.56 -31.37
CA ALA A 1137 29.54 20.65 -31.28
C ALA A 1137 29.25 19.30 -30.64
N ILE A 1138 28.14 19.20 -29.91
CA ILE A 1138 27.78 17.97 -29.24
C ILE A 1138 26.54 17.29 -29.88
N GLU A 1139 25.50 18.07 -30.31
CA GLU A 1139 24.27 17.49 -30.91
C GLU A 1139 24.56 16.70 -32.17
N HIS A 1140 24.42 15.36 -32.06
CA HIS A 1140 24.65 14.38 -33.11
C HIS A 1140 23.74 14.58 -34.33
N THR A 1141 24.39 14.84 -35.47
CA THR A 1141 23.81 15.10 -36.78
C THR A 1141 24.23 14.01 -37.78
N THR A 1142 23.23 13.42 -38.45
CA THR A 1142 23.36 12.38 -39.48
C THR A 1142 22.99 12.98 -40.82
N LEU A 1143 23.55 12.44 -41.91
CA LEU A 1143 23.25 12.92 -43.25
C LEU A 1143 21.74 12.88 -43.47
N LYS A 1144 21.09 11.83 -42.95
CA LYS A 1144 19.64 11.60 -43.01
C LYS A 1144 18.84 12.84 -42.63
N SER A 1145 19.29 13.58 -41.60
CA SER A 1145 18.62 14.78 -41.08
C SER A 1145 18.64 15.98 -42.05
N VAL A 1146 19.67 16.07 -42.90
CA VAL A 1146 19.79 17.20 -43.84
C VAL A 1146 19.39 16.86 -45.29
N THR A 1147 19.01 15.58 -45.57
CA THR A 1147 18.61 15.10 -46.91
C THR A 1147 17.10 15.19 -47.18
N ILE A 1148 16.74 15.66 -48.39
CA ILE A 1148 15.35 15.74 -48.80
C ILE A 1148 14.97 14.42 -49.46
N ALA A 1149 15.79 13.98 -50.43
CA ALA A 1149 15.61 12.73 -51.20
C ALA A 1149 16.93 12.26 -51.82
N SER A 1150 17.04 10.95 -52.11
CA SER A 1150 18.18 10.35 -52.79
C SER A 1150 17.67 9.72 -54.07
N GLU A 1151 18.44 9.79 -55.15
CA GLU A 1151 18.01 9.25 -56.44
C GLU A 1151 19.14 8.51 -57.11
N ILE A 1152 18.79 7.43 -57.80
CA ILE A 1152 19.77 6.68 -58.58
C ILE A 1152 19.50 6.99 -60.04
N TYR A 1153 20.50 7.56 -60.71
CA TYR A 1153 20.46 7.96 -62.10
C TYR A 1153 21.43 7.15 -62.93
N TYR A 1154 21.04 6.83 -64.18
CA TYR A 1154 21.95 6.18 -65.08
C TYR A 1154 22.55 7.28 -65.95
N ASP A 1155 23.74 7.76 -65.53
CA ASP A 1155 24.50 8.77 -66.23
C ASP A 1155 25.76 8.04 -66.75
N PRO A 1156 25.69 7.46 -67.97
CA PRO A 1156 26.80 6.61 -68.44
C PRO A 1156 28.16 7.27 -68.60
N ASP A 1157 28.21 8.57 -68.89
CA ASP A 1157 29.52 9.23 -69.02
C ASP A 1157 29.76 10.01 -67.76
N PRO A 1158 30.95 9.90 -67.11
CA PRO A 1158 31.16 10.65 -65.86
C PRO A 1158 31.42 12.12 -66.10
N ARG A 1159 32.26 12.45 -67.11
CA ARG A 1159 32.65 13.80 -67.50
C ARG A 1159 31.43 14.67 -67.83
N SER A 1160 30.45 14.12 -68.58
CA SER A 1160 29.24 14.86 -68.92
C SER A 1160 28.00 14.30 -68.20
N THR A 1161 27.13 15.20 -67.74
CA THR A 1161 25.92 14.85 -66.99
C THR A 1161 24.61 15.11 -67.77
N VAL A 1162 23.73 14.08 -67.83
CA VAL A 1162 22.39 14.09 -68.45
C VAL A 1162 21.51 15.21 -67.85
N ILE A 1163 21.69 15.48 -66.53
CA ILE A 1163 20.98 16.48 -65.74
C ILE A 1163 21.50 17.90 -66.00
N PRO A 1164 20.70 18.76 -66.68
CA PRO A 1164 21.14 20.13 -66.94
C PRO A 1164 21.28 20.99 -65.69
N GLU A 1165 20.65 20.58 -64.58
CA GLU A 1165 20.77 21.27 -63.30
C GLU A 1165 22.21 21.10 -62.77
N ASP A 1166 22.79 19.90 -63.01
CA ASP A 1166 24.15 19.51 -62.60
C ASP A 1166 25.23 19.91 -63.62
N GLU A 1167 24.88 20.80 -64.56
CA GLU A 1167 25.84 21.28 -65.55
C GLU A 1167 26.94 22.07 -64.84
N GLU A 1168 26.54 23.08 -64.06
CA GLU A 1168 27.48 23.96 -63.37
C GLU A 1168 28.26 23.24 -62.26
N ILE A 1169 27.78 22.08 -61.79
CA ILE A 1169 28.44 21.28 -60.74
C ILE A 1169 29.74 20.63 -61.28
N ILE A 1170 29.64 19.89 -62.40
CA ILE A 1170 30.76 19.16 -63.03
C ILE A 1170 31.89 20.10 -63.41
N GLN A 1171 31.53 21.35 -63.80
CA GLN A 1171 32.43 22.41 -64.25
C GLN A 1171 33.49 22.83 -63.22
N LEU A 1172 33.05 23.28 -62.04
CA LEU A 1172 33.99 23.73 -61.00
C LEU A 1172 34.60 22.57 -60.21
N HIS A 1173 34.27 21.32 -60.56
CA HIS A 1173 34.82 20.16 -59.87
C HIS A 1173 35.80 19.38 -60.73
N PHE A 1174 35.54 19.29 -62.04
CA PHE A 1174 36.47 18.55 -62.89
C PHE A 1174 37.74 19.34 -63.25
N SER A 1175 37.59 20.67 -63.44
CA SER A 1175 38.69 21.57 -63.80
C SER A 1175 39.72 21.71 -62.65
N LEU A 1176 39.25 22.05 -61.46
CA LEU A 1176 40.08 22.24 -60.28
C LEU A 1176 40.61 20.92 -59.71
N LEU A 1177 39.69 19.99 -59.35
CA LEU A 1177 40.00 18.65 -58.82
C LEU A 1177 40.51 17.77 -60.01
N ASP A 1178 41.68 18.18 -60.55
CA ASP A 1178 42.47 17.58 -61.64
C ASP A 1178 43.66 16.82 -61.00
N GLU A 1179 43.68 16.83 -59.64
CA GLU A 1179 44.65 16.18 -58.75
C GLU A 1179 44.56 14.64 -58.80
N GLU A 1180 45.14 14.04 -59.89
CA GLU A 1180 45.23 12.59 -60.22
C GLU A 1180 43.83 11.95 -60.60
N ALA A 1181 42.70 12.69 -60.43
CA ALA A 1181 41.32 12.26 -60.73
C ALA A 1181 41.06 11.82 -62.20
N GLU A 1182 42.09 11.87 -63.07
CA GLU A 1182 41.96 11.44 -64.45
C GLU A 1182 41.98 9.91 -64.56
N GLN A 1183 43.14 9.25 -64.24
CA GLN A 1183 43.29 7.80 -64.29
C GLN A 1183 42.54 7.08 -63.14
N SER A 1184 42.30 7.79 -62.01
CA SER A 1184 41.55 7.32 -60.83
C SER A 1184 40.43 8.34 -60.45
N PHE A 1185 39.34 8.47 -61.26
CA PHE A 1185 39.04 7.64 -62.44
C PHE A 1185 38.40 8.39 -63.61
N ASP A 1186 38.58 7.79 -64.78
CA ASP A 1186 37.94 8.10 -66.04
C ASP A 1186 37.09 6.82 -66.19
N GLN A 1187 36.11 6.71 -65.26
CA GLN A 1187 35.16 5.62 -65.07
C GLN A 1187 35.84 4.34 -64.46
N GLN A 1188 35.53 3.96 -63.17
CA GLN A 1188 34.54 4.47 -62.18
C GLN A 1188 33.27 3.61 -62.27
N SER A 1189 32.05 4.24 -62.27
CA SER A 1189 30.73 3.57 -62.37
C SER A 1189 29.75 4.42 -63.19
N PRO A 1190 28.97 3.82 -64.12
CA PRO A 1190 27.99 4.63 -64.88
C PRO A 1190 26.80 5.00 -64.01
N TRP A 1191 26.56 4.20 -62.96
CA TRP A 1191 25.49 4.40 -62.01
C TRP A 1191 25.88 5.49 -61.03
N LEU A 1192 25.06 6.55 -61.01
CA LEU A 1192 25.23 7.74 -60.20
C LEU A 1192 24.16 7.80 -59.10
N LEU A 1193 24.59 8.10 -57.86
CA LEU A 1193 23.68 8.33 -56.73
C LEU A 1193 23.73 9.85 -56.43
N ARG A 1194 22.58 10.52 -56.62
CA ARG A 1194 22.43 11.97 -56.47
C ARG A 1194 21.46 12.29 -55.34
N LEU A 1195 21.86 13.14 -54.36
CA LEU A 1195 20.94 13.51 -53.28
C LEU A 1195 20.89 15.01 -52.97
N GLU A 1196 19.64 15.52 -52.92
CA GLU A 1196 19.27 16.90 -52.65
C GLU A 1196 19.20 17.13 -51.15
N LEU A 1197 19.82 18.24 -50.71
CA LEU A 1197 19.86 18.64 -49.31
C LEU A 1197 19.02 19.88 -49.08
N ASP A 1198 18.53 20.04 -47.83
CA ASP A 1198 17.68 21.18 -47.49
C ASP A 1198 18.48 22.34 -46.92
N ARG A 1199 18.31 23.54 -47.53
CA ARG A 1199 18.98 24.79 -47.10
C ARG A 1199 18.71 25.05 -45.63
N ALA A 1200 17.42 24.99 -45.20
CA ALA A 1200 17.04 25.22 -43.80
C ALA A 1200 17.70 24.23 -42.88
N ALA A 1201 17.64 22.93 -43.22
CA ALA A 1201 18.26 21.86 -42.43
C ALA A 1201 19.77 22.07 -42.29
N MET A 1202 20.41 22.50 -43.40
CA MET A 1202 21.84 22.78 -43.51
C MET A 1202 22.22 24.02 -42.67
N ASN A 1203 21.40 25.09 -42.74
CA ASN A 1203 21.60 26.37 -42.04
C ASN A 1203 21.37 26.25 -40.54
N ASP A 1204 20.17 25.78 -40.13
CA ASP A 1204 19.76 25.59 -38.74
C ASP A 1204 20.79 24.70 -38.03
N LYS A 1205 21.01 23.48 -38.54
CA LYS A 1205 22.04 22.57 -38.02
C LYS A 1205 23.29 22.94 -38.81
N ASP A 1206 23.88 24.12 -38.47
CA ASP A 1206 25.03 24.76 -39.13
C ASP A 1206 25.95 23.81 -39.91
N LEU A 1207 25.96 23.95 -41.26
CA LEU A 1207 26.74 23.13 -42.18
C LEU A 1207 27.06 23.82 -43.51
N THR A 1208 28.01 23.23 -44.26
CA THR A 1208 28.47 23.65 -45.58
C THR A 1208 28.57 22.43 -46.46
N MET A 1209 28.23 22.56 -47.76
CA MET A 1209 28.29 21.47 -48.74
C MET A 1209 29.67 20.82 -48.71
N GLY A 1210 30.71 21.65 -48.58
CA GLY A 1210 32.09 21.25 -48.48
C GLY A 1210 32.34 20.35 -47.28
N GLN A 1211 31.79 20.75 -46.11
CA GLN A 1211 31.89 20.02 -44.84
C GLN A 1211 31.31 18.61 -45.01
N VAL A 1212 30.02 18.55 -45.49
CA VAL A 1212 29.21 17.33 -45.71
C VAL A 1212 29.95 16.41 -46.66
N GLY A 1213 30.26 16.96 -47.84
CA GLY A 1213 30.95 16.26 -48.91
C GLY A 1213 32.22 15.57 -48.50
N GLU A 1214 33.04 16.23 -47.67
CA GLU A 1214 34.31 15.64 -47.25
C GLU A 1214 34.12 14.48 -46.30
N ARG A 1215 33.05 14.50 -45.47
CA ARG A 1215 32.76 13.42 -44.53
C ARG A 1215 32.46 12.12 -45.28
N ILE A 1216 31.56 12.17 -46.28
CA ILE A 1216 31.24 11.02 -47.14
C ILE A 1216 32.53 10.56 -47.81
N LYS A 1217 33.31 11.54 -48.34
CA LYS A 1217 34.59 11.32 -49.02
C LYS A 1217 35.61 10.63 -48.10
N GLN A 1218 35.49 10.80 -46.76
CA GLN A 1218 36.40 10.12 -45.83
C GLN A 1218 35.75 8.89 -45.17
N THR A 1219 34.43 8.66 -45.40
CA THR A 1219 33.78 7.46 -44.85
C THR A 1219 34.03 6.30 -45.81
N PHE A 1220 33.89 6.59 -47.12
CA PHE A 1220 34.07 5.62 -48.22
C PHE A 1220 35.49 5.69 -48.80
N LYS A 1221 36.32 6.67 -48.36
CA LYS A 1221 37.70 6.87 -48.81
C LYS A 1221 37.77 6.99 -50.36
N ASN A 1222 38.68 6.28 -51.03
CA ASN A 1222 38.77 6.38 -52.49
C ASN A 1222 38.02 5.25 -53.24
N ASP A 1223 36.96 4.68 -52.63
CA ASP A 1223 36.12 3.66 -53.30
C ASP A 1223 34.84 4.31 -53.84
N LEU A 1224 34.65 5.63 -53.55
CA LEU A 1224 33.53 6.45 -53.99
C LEU A 1224 33.93 7.92 -54.37
N PHE A 1225 33.71 8.28 -55.68
CA PHE A 1225 33.96 9.61 -56.22
C PHE A 1225 32.80 10.57 -55.95
N VAL A 1226 33.04 11.49 -54.99
CA VAL A 1226 32.11 12.50 -54.51
C VAL A 1226 32.42 13.90 -55.07
N ILE A 1227 31.36 14.58 -55.51
CA ILE A 1227 31.29 15.91 -56.13
C ILE A 1227 30.13 16.56 -55.37
N TRP A 1228 30.00 17.89 -55.43
CA TRP A 1228 28.86 18.58 -54.81
C TRP A 1228 28.67 19.99 -55.28
N SER A 1229 27.40 20.45 -55.25
CA SER A 1229 27.00 21.82 -55.61
C SER A 1229 27.46 22.78 -54.52
N GLU A 1230 27.64 24.06 -54.86
CA GLU A 1230 28.05 25.05 -53.90
C GLU A 1230 26.86 25.53 -53.07
N ASP A 1231 27.14 26.10 -51.86
CA ASP A 1231 26.17 26.64 -50.90
C ASP A 1231 25.20 27.65 -51.54
N ASN A 1232 25.75 28.56 -52.38
CA ASN A 1232 25.07 29.60 -53.15
C ASN A 1232 23.96 29.02 -54.06
N ASP A 1233 24.23 27.89 -54.75
CA ASP A 1233 23.32 27.24 -55.69
C ASP A 1233 21.90 27.04 -55.13
N GLU A 1234 20.88 27.27 -56.00
CA GLU A 1234 19.44 27.18 -55.71
C GLU A 1234 18.99 25.76 -55.33
N LYS A 1235 19.71 24.73 -55.81
CA LYS A 1235 19.44 23.33 -55.49
C LYS A 1235 20.73 22.71 -54.94
N LEU A 1236 20.70 22.22 -53.69
CA LEU A 1236 21.88 21.62 -53.05
C LEU A 1236 21.94 20.15 -53.40
N ILE A 1237 23.03 19.71 -54.06
CA ILE A 1237 23.19 18.33 -54.52
C ILE A 1237 24.57 17.73 -54.21
N ILE A 1238 24.63 16.39 -54.02
CA ILE A 1238 25.86 15.62 -53.83
C ILE A 1238 25.81 14.43 -54.79
N ARG A 1239 26.78 14.35 -55.71
CA ARG A 1239 26.89 13.32 -56.74
C ARG A 1239 27.92 12.26 -56.37
N CYS A 1240 27.55 10.97 -56.43
CA CYS A 1240 28.45 9.86 -56.10
C CYS A 1240 28.53 8.77 -57.15
N ARG A 1241 29.72 8.18 -57.29
CA ARG A 1241 30.01 7.07 -58.22
C ARG A 1241 30.97 6.08 -57.56
N VAL A 1242 30.84 4.77 -57.85
CA VAL A 1242 31.73 3.73 -57.27
C VAL A 1242 33.13 3.76 -57.94
N VAL A 1243 34.07 2.86 -57.59
CA VAL A 1243 35.42 2.94 -58.16
C VAL A 1243 35.87 1.61 -58.89
N ARG A 1244 36.17 0.51 -58.12
CA ARG A 1244 36.70 -0.83 -58.51
C ARG A 1244 38.17 -0.99 -58.02
N ALA A 1254 28.86 -6.01 -62.73
CA ALA A 1254 27.98 -7.16 -62.46
C ALA A 1254 27.13 -6.94 -61.21
N GLU A 1255 25.81 -6.70 -61.42
CA GLU A 1255 24.72 -6.49 -60.43
C GLU A 1255 24.86 -5.18 -59.54
N GLU A 1256 25.71 -4.20 -59.93
CA GLU A 1256 25.94 -2.92 -59.22
C GLU A 1256 24.67 -2.17 -58.73
N ASP A 1257 23.48 -2.44 -59.35
CA ASP A 1257 22.15 -1.85 -59.04
C ASP A 1257 21.85 -1.90 -57.54
N HIS A 1258 21.80 -3.12 -56.97
CA HIS A 1258 21.55 -3.35 -55.54
C HIS A 1258 22.78 -3.02 -54.70
N MET A 1259 24.00 -3.19 -55.27
CA MET A 1259 25.30 -2.92 -54.64
C MET A 1259 25.45 -1.44 -54.20
N LEU A 1260 24.80 -0.51 -54.94
CA LEU A 1260 24.76 0.94 -54.70
C LEU A 1260 23.68 1.31 -53.67
N LYS A 1261 22.55 0.57 -53.66
CA LYS A 1261 21.43 0.78 -52.72
C LYS A 1261 21.90 0.55 -51.26
N LYS A 1262 22.92 -0.32 -51.10
CA LYS A 1262 23.54 -0.65 -49.81
C LYS A 1262 24.41 0.51 -49.35
N ILE A 1263 25.03 1.22 -50.31
CA ILE A 1263 25.89 2.38 -50.10
C ILE A 1263 25.09 3.58 -49.58
N GLU A 1264 23.83 3.73 -50.03
CA GLU A 1264 23.00 4.84 -49.57
C GLU A 1264 22.47 4.61 -48.12
N ASN A 1265 22.33 3.32 -47.72
CA ASN A 1265 21.88 2.92 -46.38
C ASN A 1265 22.91 3.26 -45.32
N THR A 1266 24.19 3.03 -45.66
CA THR A 1266 25.37 3.30 -44.84
C THR A 1266 25.63 4.80 -44.85
N MET A 1267 25.09 5.49 -45.85
CA MET A 1267 25.26 6.93 -45.98
C MET A 1267 24.21 7.70 -45.19
N LEU A 1268 22.97 7.22 -45.17
CA LEU A 1268 21.95 7.95 -44.44
C LEU A 1268 21.93 7.61 -42.95
N GLU A 1269 21.88 6.31 -42.62
CA GLU A 1269 21.76 5.81 -41.26
C GLU A 1269 23.10 5.59 -40.49
N ASN A 1270 24.25 5.49 -41.18
CA ASN A 1270 25.55 5.22 -40.52
C ASN A 1270 26.61 6.32 -40.60
N ILE A 1271 26.25 7.50 -41.09
CA ILE A 1271 27.23 8.57 -41.19
C ILE A 1271 26.95 9.64 -40.16
N THR A 1272 28.04 10.17 -39.53
CA THR A 1272 28.01 11.26 -38.54
C THR A 1272 28.56 12.49 -39.22
N LEU A 1273 27.78 13.55 -39.22
CA LEU A 1273 28.10 14.83 -39.82
C LEU A 1273 28.69 15.79 -38.80
N ARG A 1274 28.14 15.77 -37.57
CA ARG A 1274 28.54 16.66 -36.48
C ARG A 1274 28.07 16.03 -35.19
N GLY A 1275 28.68 16.39 -34.06
CA GLY A 1275 28.23 15.93 -32.75
C GLY A 1275 28.65 14.56 -32.30
N VAL A 1276 28.25 14.22 -31.06
CA VAL A 1276 28.58 12.99 -30.33
C VAL A 1276 27.47 11.97 -30.43
N GLU A 1277 27.84 10.71 -30.73
CA GLU A 1277 26.89 9.60 -30.81
C GLU A 1277 26.18 9.42 -29.46
N ASN A 1278 24.87 9.11 -29.53
CA ASN A 1278 23.87 8.88 -28.47
C ASN A 1278 23.26 10.20 -27.96
N ILE A 1279 23.86 11.35 -28.33
CA ILE A 1279 23.41 12.67 -27.90
C ILE A 1279 22.39 13.23 -28.88
N GLU A 1280 21.16 13.48 -28.43
CA GLU A 1280 20.13 14.06 -29.30
C GLU A 1280 19.61 15.41 -28.76
N ARG A 1281 18.66 16.05 -29.49
CA ARG A 1281 17.99 17.35 -29.20
C ARG A 1281 18.55 18.14 -27.98
N VAL A 1282 19.75 18.74 -28.12
CA VAL A 1282 20.41 19.53 -27.07
C VAL A 1282 19.78 20.94 -27.01
N VAL A 1283 19.43 21.39 -25.79
CA VAL A 1283 18.76 22.68 -25.53
C VAL A 1283 19.59 23.54 -24.57
N MET A 1284 19.56 24.88 -24.75
CA MET A 1284 20.22 25.88 -23.88
C MET A 1284 19.29 26.26 -22.71
N MET A 1285 19.85 26.65 -21.55
CA MET A 1285 19.08 27.02 -20.37
C MET A 1285 19.78 28.11 -19.62
N LYS A 1286 19.05 29.21 -19.31
CA LYS A 1286 19.62 30.30 -18.53
C LYS A 1286 19.33 30.02 -17.05
N TYR A 1287 20.19 29.19 -16.43
CA TYR A 1287 20.10 28.80 -15.01
C TYR A 1287 20.54 29.93 -14.11
N ASP A 1288 19.92 29.99 -12.95
CA ASP A 1288 20.28 30.91 -11.88
C ASP A 1288 21.37 30.16 -11.07
N ARG A 1289 22.25 30.89 -10.36
CA ARG A 1289 23.29 30.27 -9.52
C ARG A 1289 23.60 31.15 -8.33
N LYS A 1290 23.51 30.58 -7.13
CA LYS A 1290 23.83 31.32 -5.92
C LYS A 1290 25.34 31.27 -5.75
N VAL A 1291 26.01 32.39 -6.00
CA VAL A 1291 27.45 32.46 -5.95
C VAL A 1291 27.87 33.60 -5.02
N PRO A 1292 28.88 33.38 -4.14
CA PRO A 1292 29.33 34.49 -3.28
C PRO A 1292 29.94 35.63 -4.10
N SER A 1293 29.73 36.86 -3.63
CA SER A 1293 30.23 38.08 -4.25
C SER A 1293 31.60 38.43 -3.63
N PRO A 1294 32.44 39.26 -4.31
CA PRO A 1294 33.72 39.68 -3.70
C PRO A 1294 33.50 40.48 -2.40
N THR A 1295 32.27 40.93 -2.18
CA THR A 1295 31.84 41.65 -0.98
C THR A 1295 31.67 40.61 0.14
N GLY A 1296 31.32 39.39 -0.26
CA GLY A 1296 31.11 38.26 0.61
C GLY A 1296 29.78 37.55 0.39
N GLU A 1297 28.67 38.31 0.50
CA GLU A 1297 27.28 37.86 0.37
C GLU A 1297 26.98 37.14 -0.92
N TYR A 1298 26.20 36.05 -0.84
CA TYR A 1298 25.80 35.25 -2.00
C TYR A 1298 24.86 36.08 -2.89
N VAL A 1299 25.00 35.99 -4.23
CA VAL A 1299 24.16 36.72 -5.20
C VAL A 1299 23.71 35.80 -6.37
N LYS A 1300 22.54 36.12 -6.98
CA LYS A 1300 21.97 35.45 -8.15
C LYS A 1300 22.87 35.79 -9.35
N GLU A 1301 23.71 34.82 -9.76
CA GLU A 1301 24.66 34.98 -10.87
C GLU A 1301 24.32 33.95 -11.99
N PRO A 1302 23.34 34.30 -12.87
CA PRO A 1302 22.93 33.37 -13.92
C PRO A 1302 24.01 32.88 -14.86
N GLU A 1303 23.73 31.75 -15.49
CA GLU A 1303 24.65 31.09 -16.40
C GLU A 1303 23.90 30.26 -17.45
N TRP A 1304 24.64 29.76 -18.42
CA TRP A 1304 24.14 28.93 -19.50
C TRP A 1304 24.49 27.49 -19.24
N VAL A 1305 23.48 26.64 -19.36
CA VAL A 1305 23.61 25.19 -19.16
C VAL A 1305 22.87 24.48 -20.29
N LEU A 1306 23.42 23.38 -20.80
CA LEU A 1306 22.72 22.66 -21.86
C LEU A 1306 22.20 21.33 -21.31
N GLU A 1307 21.06 20.85 -21.85
CA GLU A 1307 20.48 19.57 -21.43
C GLU A 1307 20.28 18.69 -22.64
N THR A 1308 20.68 17.43 -22.51
CA THR A 1308 20.63 16.43 -23.57
C THR A 1308 19.39 15.59 -23.56
N ASP A 1309 19.16 14.89 -24.68
CA ASP A 1309 18.09 13.93 -24.86
C ASP A 1309 18.71 12.54 -25.08
N GLY A 1310 19.92 12.36 -24.55
CA GLY A 1310 20.69 11.13 -24.61
C GLY A 1310 21.92 11.20 -23.73
N VAL A 1311 22.59 10.05 -23.51
CA VAL A 1311 23.77 10.04 -22.66
C VAL A 1311 24.97 9.29 -23.26
N ASN A 1312 26.15 9.95 -23.17
CA ASN A 1312 27.51 9.48 -23.49
C ASN A 1312 28.50 10.32 -22.66
N LEU A 1313 28.46 10.16 -21.30
CA LEU A 1313 29.33 10.87 -20.33
C LEU A 1313 30.79 10.80 -20.79
N SER A 1314 31.20 9.56 -21.14
CA SER A 1314 32.48 9.08 -21.68
C SER A 1314 33.19 10.11 -22.56
N GLU A 1315 32.51 10.56 -23.63
CA GLU A 1315 33.06 11.50 -24.60
C GLU A 1315 32.65 12.93 -24.40
N VAL A 1316 31.47 13.22 -23.85
CA VAL A 1316 31.07 14.62 -23.71
C VAL A 1316 31.96 15.32 -22.65
N MET A 1317 32.53 14.55 -21.71
CA MET A 1317 33.41 15.07 -20.67
C MET A 1317 34.66 15.78 -21.25
N THR A 1318 35.25 15.19 -22.33
CA THR A 1318 36.44 15.61 -23.07
C THR A 1318 36.24 16.89 -23.91
N VAL A 1319 34.99 17.12 -24.38
CA VAL A 1319 34.58 18.27 -25.19
C VAL A 1319 35.22 19.60 -24.68
N PRO A 1320 35.89 20.38 -25.55
CA PRO A 1320 36.46 21.66 -25.09
C PRO A 1320 35.40 22.74 -24.82
N GLY A 1321 35.69 23.63 -23.88
CA GLY A 1321 34.80 24.74 -23.52
C GLY A 1321 33.78 24.43 -22.45
N ILE A 1322 33.85 23.22 -21.86
CA ILE A 1322 32.91 22.82 -20.82
C ILE A 1322 33.63 22.66 -19.50
N ASP A 1323 32.84 22.54 -18.41
CA ASP A 1323 33.31 22.28 -17.07
C ASP A 1323 33.05 20.78 -16.82
N PRO A 1324 34.14 19.99 -16.81
CA PRO A 1324 34.01 18.54 -16.64
C PRO A 1324 34.10 18.11 -15.17
N THR A 1325 34.13 19.11 -14.30
CA THR A 1325 34.15 18.96 -12.88
C THR A 1325 32.73 19.09 -12.39
N ARG A 1326 31.83 19.55 -13.28
CA ARG A 1326 30.43 19.80 -12.96
C ARG A 1326 29.42 18.88 -13.67
N ILE A 1327 29.74 18.43 -14.91
CA ILE A 1327 28.90 17.59 -15.77
C ILE A 1327 28.12 16.50 -14.97
N TYR A 1328 26.80 16.37 -15.23
CA TYR A 1328 25.95 15.42 -14.53
C TYR A 1328 24.97 14.68 -15.44
N THR A 1329 24.62 13.44 -15.09
CA THR A 1329 23.65 12.67 -15.85
C THR A 1329 22.67 12.04 -14.88
N ASN A 1330 21.39 11.99 -15.26
CA ASN A 1330 20.36 11.36 -14.46
C ASN A 1330 20.51 9.85 -14.51
N SER A 1331 21.50 9.35 -15.24
CA SER A 1331 21.81 7.93 -15.35
C SER A 1331 23.02 7.67 -14.48
N PHE A 1332 22.78 7.42 -13.18
CA PHE A 1332 23.80 7.17 -12.16
C PHE A 1332 24.66 5.95 -12.50
N ILE A 1333 24.11 5.00 -13.31
CA ILE A 1333 24.79 3.79 -13.77
C ILE A 1333 26.05 4.21 -14.51
N ASP A 1334 25.94 5.25 -15.38
CA ASP A 1334 27.01 5.86 -16.18
C ASP A 1334 28.02 6.60 -15.31
N ILE A 1335 27.55 7.36 -14.30
CA ILE A 1335 28.36 8.10 -13.31
C ILE A 1335 29.30 7.12 -12.57
N MET A 1336 28.78 5.97 -12.18
CA MET A 1336 29.47 4.93 -11.43
C MET A 1336 30.51 4.16 -12.29
N GLU A 1337 30.40 4.27 -13.61
CA GLU A 1337 31.33 3.62 -14.53
C GLU A 1337 32.43 4.58 -15.01
N VAL A 1338 32.13 5.88 -15.00
CA VAL A 1338 33.01 6.94 -15.45
C VAL A 1338 33.75 7.58 -14.28
N LEU A 1339 33.09 7.71 -13.10
CA LEU A 1339 33.68 8.39 -11.93
C LEU A 1339 33.74 7.51 -10.67
N GLY A 1340 33.51 6.22 -10.86
CA GLY A 1340 33.58 5.26 -9.76
C GLY A 1340 32.35 5.15 -8.87
N ILE A 1341 32.39 4.16 -7.97
CA ILE A 1341 31.33 3.79 -7.05
C ILE A 1341 31.07 4.86 -5.98
N GLU A 1342 32.08 5.69 -5.64
CA GLU A 1342 31.86 6.74 -4.67
C GLU A 1342 31.00 7.84 -5.26
N ALA A 1343 31.34 8.25 -6.49
CA ALA A 1343 30.55 9.22 -7.23
C ALA A 1343 29.19 8.60 -7.63
N GLY A 1344 29.16 7.27 -7.68
CA GLY A 1344 27.96 6.51 -7.96
C GLY A 1344 26.93 6.73 -6.87
N ARG A 1345 27.39 6.67 -5.60
CA ARG A 1345 26.55 6.86 -4.40
C ARG A 1345 25.92 8.24 -4.45
N ALA A 1346 26.76 9.26 -4.72
CA ALA A 1346 26.39 10.67 -4.81
C ALA A 1346 25.24 10.84 -5.80
N ALA A 1347 25.43 10.34 -7.02
CA ALA A 1347 24.43 10.41 -8.07
C ALA A 1347 23.18 9.61 -7.68
N LEU A 1348 23.34 8.38 -7.18
CA LEU A 1348 22.22 7.57 -6.75
C LEU A 1348 21.34 8.32 -5.73
N TYR A 1349 21.96 8.89 -4.64
CA TYR A 1349 21.26 9.65 -3.58
C TYR A 1349 20.54 10.84 -4.19
N LYS A 1350 21.25 11.59 -5.05
CA LYS A 1350 20.73 12.76 -5.72
C LYS A 1350 19.42 12.41 -6.40
N GLU A 1351 19.41 11.32 -7.20
CA GLU A 1351 18.22 10.86 -7.93
C GLU A 1351 17.10 10.37 -7.04
N VAL A 1352 17.45 9.65 -5.94
CA VAL A 1352 16.46 9.12 -4.98
C VAL A 1352 15.82 10.32 -4.34
N TYR A 1353 16.65 11.21 -3.79
CA TYR A 1353 16.21 12.41 -3.13
C TYR A 1353 15.21 13.18 -3.98
N ASN A 1354 15.46 13.30 -5.27
CA ASN A 1354 14.59 14.08 -6.12
C ASN A 1354 13.27 13.43 -6.43
N VAL A 1355 13.17 12.09 -6.40
CA VAL A 1355 11.90 11.43 -6.66
C VAL A 1355 10.97 11.59 -5.44
N ILE A 1356 11.57 11.75 -4.25
CA ILE A 1356 10.86 11.99 -3.00
C ILE A 1356 10.45 13.47 -2.93
N ALA A 1357 11.40 14.39 -3.18
CA ALA A 1357 11.16 15.83 -3.17
C ALA A 1357 10.22 16.25 -4.30
N SER A 1358 10.10 15.39 -5.36
CA SER A 1358 9.20 15.59 -6.51
C SER A 1358 7.76 15.78 -6.02
N ASP A 1359 7.27 14.90 -5.10
CA ASP A 1359 5.91 15.06 -4.58
C ASP A 1359 5.83 15.90 -3.28
N GLY A 1360 6.67 16.94 -3.21
CA GLY A 1360 6.76 17.88 -2.08
C GLY A 1360 7.40 17.31 -0.84
N SER A 1361 6.94 16.08 -0.48
CA SER A 1361 7.31 15.21 0.62
C SER A 1361 8.77 15.28 1.06
N TYR A 1362 8.99 15.38 2.40
CA TYR A 1362 10.31 15.42 3.02
C TYR A 1362 10.59 14.12 3.77
N VAL A 1363 11.78 13.53 3.51
CA VAL A 1363 12.35 12.36 4.16
C VAL A 1363 13.71 12.83 4.69
N ASN A 1364 13.99 12.56 5.97
CA ASN A 1364 15.26 12.94 6.60
C ASN A 1364 16.38 12.12 6.00
N TYR A 1365 17.37 12.83 5.43
CA TYR A 1365 18.57 12.32 4.77
C TYR A 1365 18.89 10.84 5.07
N ARG A 1366 19.28 10.54 6.33
CA ARG A 1366 19.66 9.23 6.88
C ARG A 1366 19.04 8.02 6.24
N HIS A 1367 17.69 8.03 6.02
CA HIS A 1367 16.90 6.93 5.41
C HIS A 1367 17.24 6.70 3.99
N MET A 1368 17.25 7.77 3.19
CA MET A 1368 17.63 7.67 1.80
C MET A 1368 19.11 7.33 1.78
N ALA A 1369 19.93 8.01 2.62
CA ALA A 1369 21.36 7.73 2.76
C ALA A 1369 21.61 6.25 2.98
N LEU A 1370 20.84 5.60 3.88
CA LEU A 1370 20.99 4.18 4.17
C LEU A 1370 20.68 3.30 2.99
N LEU A 1371 19.52 3.48 2.33
CA LEU A 1371 19.18 2.69 1.14
C LEU A 1371 20.24 2.82 0.06
N VAL A 1372 20.75 4.04 -0.13
CA VAL A 1372 21.79 4.34 -1.08
C VAL A 1372 23.07 3.60 -0.69
N ASP A 1373 23.55 3.79 0.55
CA ASP A 1373 24.72 3.11 1.14
C ASP A 1373 24.67 1.59 0.96
N VAL A 1374 23.49 0.96 1.18
CA VAL A 1374 23.23 -0.48 1.07
C VAL A 1374 23.48 -1.05 -0.32
N MET A 1375 22.88 -0.43 -1.36
CA MET A 1375 23.01 -0.80 -2.78
C MET A 1375 24.47 -0.69 -3.23
N THR A 1376 25.17 0.20 -2.58
CA THR A 1376 26.51 0.62 -2.89
C THR A 1376 27.63 -0.23 -2.22
N THR A 1377 27.69 -0.38 -0.87
CA THR A 1377 28.77 -1.05 -0.11
C THR A 1377 29.40 -2.25 -0.80
N GLN A 1378 28.58 -3.09 -1.46
CA GLN A 1378 28.99 -4.30 -2.21
C GLN A 1378 30.13 -4.12 -3.26
N GLY A 1379 30.35 -2.88 -3.70
CA GLY A 1379 31.36 -2.53 -4.70
C GLY A 1379 30.75 -2.03 -5.98
N GLY A 1380 29.45 -2.28 -6.11
CA GLY A 1380 28.66 -1.90 -7.27
C GLY A 1380 27.24 -1.44 -6.97
N LEU A 1381 26.37 -1.49 -8.00
CA LEU A 1381 24.96 -1.09 -7.89
C LEU A 1381 24.04 -2.30 -7.72
N THR A 1382 23.83 -2.69 -6.45
CA THR A 1382 23.01 -3.84 -6.06
C THR A 1382 21.53 -3.46 -6.07
N SER A 1383 20.81 -3.89 -7.11
CA SER A 1383 19.37 -3.68 -7.28
C SER A 1383 18.58 -4.20 -6.09
N VAL A 1384 17.44 -3.55 -5.75
CA VAL A 1384 16.55 -3.97 -4.65
C VAL A 1384 15.49 -4.89 -5.29
N THR A 1385 15.97 -6.04 -5.77
CA THR A 1385 15.23 -7.07 -6.50
C THR A 1385 15.71 -8.43 -6.00
N ARG A 1386 15.12 -9.53 -6.51
CA ARG A 1386 15.59 -10.87 -6.14
C ARG A 1386 16.97 -11.09 -6.77
N HIS A 1387 17.23 -10.35 -7.85
CA HIS A 1387 18.46 -10.39 -8.63
C HIS A 1387 19.61 -9.77 -7.87
N GLY A 1388 19.32 -8.76 -7.05
CA GLY A 1388 20.34 -8.01 -6.32
C GLY A 1388 20.56 -8.32 -4.86
N PHE A 1389 19.70 -7.81 -3.98
CA PHE A 1389 19.97 -8.04 -2.56
C PHE A 1389 19.82 -9.49 -2.15
N ASN A 1390 18.73 -10.12 -2.56
CA ASN A 1390 18.40 -11.50 -2.20
C ASN A 1390 19.45 -12.58 -2.64
N ARG A 1391 20.51 -12.16 -3.35
CA ARG A 1391 21.55 -13.09 -3.79
C ARG A 1391 22.81 -13.09 -2.87
N SER A 1392 22.92 -12.11 -1.97
CA SER A 1392 24.05 -12.01 -1.04
C SER A 1392 24.33 -13.27 -0.16
N ASN A 1393 25.39 -13.20 0.66
CA ASN A 1393 25.87 -14.27 1.55
C ASN A 1393 25.04 -14.41 2.86
N THR A 1394 23.88 -13.68 2.98
CA THR A 1394 22.94 -13.72 4.12
C THR A 1394 22.30 -15.09 4.33
N GLY A 1395 21.61 -15.24 5.45
CA GLY A 1395 20.95 -16.48 5.84
C GLY A 1395 19.99 -17.04 4.82
N ALA A 1396 20.05 -18.37 4.62
CA ALA A 1396 19.19 -19.09 3.68
C ALA A 1396 17.70 -18.90 3.99
N LEU A 1397 17.34 -19.05 5.27
CA LEU A 1397 15.97 -18.89 5.77
C LEU A 1397 15.48 -17.47 5.58
N MET A 1398 16.41 -16.51 5.68
CA MET A 1398 16.13 -15.09 5.55
C MET A 1398 15.84 -14.76 4.10
N ARG A 1399 16.66 -15.26 3.16
CA ARG A 1399 16.49 -14.99 1.74
C ARG A 1399 15.30 -15.72 1.14
N CYS A 1400 15.04 -16.95 1.59
CA CYS A 1400 13.90 -17.72 1.11
C CYS A 1400 12.56 -17.10 1.56
N SER A 1401 12.61 -16.11 2.47
CA SER A 1401 11.44 -15.40 2.98
C SER A 1401 10.92 -14.31 2.00
N PHE A 1402 11.63 -14.10 0.88
CA PHE A 1402 11.32 -13.14 -0.18
C PHE A 1402 11.56 -13.79 -1.56
N GLU A 1403 10.76 -13.39 -2.53
CA GLU A 1403 10.80 -13.76 -3.95
C GLU A 1403 11.24 -15.21 -4.42
N GLU A 1404 12.42 -15.82 -4.09
CA GLU A 1404 12.65 -17.14 -4.73
C GLU A 1404 12.64 -18.41 -3.84
N THR A 1405 11.86 -18.36 -2.74
CA THR A 1405 11.62 -19.34 -1.67
C THR A 1405 12.16 -20.79 -1.85
N VAL A 1406 11.49 -21.64 -2.67
CA VAL A 1406 11.82 -23.07 -2.69
C VAL A 1406 13.13 -23.34 -3.31
N GLU A 1407 13.47 -22.57 -4.32
CA GLU A 1407 14.72 -22.76 -5.02
C GLU A 1407 15.88 -22.40 -4.10
N ILE A 1408 15.75 -21.28 -3.32
CA ILE A 1408 16.78 -20.82 -2.37
C ILE A 1408 17.12 -21.94 -1.41
N LEU A 1409 16.05 -22.59 -0.89
CA LEU A 1409 16.13 -23.71 0.03
C LEU A 1409 16.71 -24.96 -0.62
N PHE A 1410 16.42 -25.21 -1.90
CA PHE A 1410 16.95 -26.40 -2.54
C PHE A 1410 18.45 -26.25 -2.65
N GLU A 1411 18.93 -25.09 -3.15
CA GLU A 1411 20.36 -24.83 -3.25
C GLU A 1411 21.02 -24.76 -1.89
N ALA A 1412 20.24 -24.51 -0.81
CA ALA A 1412 20.77 -24.52 0.55
C ALA A 1412 21.32 -25.91 0.89
N GLY A 1413 20.54 -26.94 0.60
CA GLY A 1413 20.89 -28.33 0.84
C GLY A 1413 21.98 -28.83 -0.09
N ALA A 1414 21.87 -28.54 -1.39
CA ALA A 1414 22.81 -28.94 -2.41
C ALA A 1414 24.23 -28.34 -2.29
N SER A 1415 24.42 -27.32 -1.43
CA SER A 1415 25.73 -26.71 -1.22
C SER A 1415 26.03 -26.59 0.30
N ALA A 1416 25.23 -27.34 1.09
CA ALA A 1416 25.30 -27.50 2.54
C ALA A 1416 25.47 -26.19 3.29
N GLU A 1417 24.58 -25.24 3.01
CA GLU A 1417 24.59 -23.92 3.63
C GLU A 1417 24.40 -24.00 5.15
N LEU A 1418 25.03 -23.08 5.90
CA LEU A 1418 24.89 -22.98 7.34
C LEU A 1418 24.36 -21.59 7.74
N ASP A 1419 23.15 -21.56 8.32
CA ASP A 1419 22.49 -20.32 8.73
C ASP A 1419 22.84 -19.92 10.17
N ASP A 1420 23.47 -18.70 10.35
CA ASP A 1420 23.90 -18.05 11.61
C ASP A 1420 22.78 -17.94 12.59
N CYS A 1421 21.56 -17.73 12.06
CA CYS A 1421 20.35 -17.46 12.82
C CYS A 1421 20.57 -16.11 13.52
N ARG A 1422 21.11 -15.14 12.74
CA ARG A 1422 21.44 -13.79 13.20
C ARG A 1422 20.44 -12.78 12.66
N GLY A 1423 19.81 -13.12 11.55
CA GLY A 1423 18.82 -12.28 10.90
C GLY A 1423 17.49 -12.32 11.63
N VAL A 1424 16.65 -11.31 11.39
CA VAL A 1424 15.35 -11.20 12.06
C VAL A 1424 14.50 -12.36 11.57
N SER A 1425 14.33 -12.45 10.23
CA SER A 1425 13.53 -13.45 9.52
C SER A 1425 13.71 -14.86 10.09
N GLU A 1426 14.98 -15.31 10.31
CA GLU A 1426 15.35 -16.64 10.83
C GLU A 1426 14.74 -16.91 12.18
N ASN A 1427 14.93 -15.96 13.14
CA ASN A 1427 14.37 -16.01 14.50
C ASN A 1427 12.83 -16.04 14.50
N VAL A 1428 12.20 -15.30 13.57
CA VAL A 1428 10.75 -15.20 13.37
C VAL A 1428 10.21 -16.56 12.86
N ILE A 1429 11.03 -17.27 12.03
CA ILE A 1429 10.69 -18.59 11.49
C ILE A 1429 10.89 -19.57 12.61
N LEU A 1430 11.92 -19.34 13.41
CA LEU A 1430 12.22 -20.21 14.55
C LEU A 1430 11.40 -19.93 15.82
N GLY A 1431 10.64 -18.85 15.84
CA GLY A 1431 9.86 -18.49 17.01
C GLY A 1431 10.74 -18.26 18.22
N GLN A 1432 11.80 -17.45 18.01
CA GLN A 1432 12.81 -17.09 18.99
C GLN A 1432 12.92 -15.58 19.10
N MET A 1433 13.25 -15.11 20.31
CA MET A 1433 13.40 -13.68 20.60
C MET A 1433 14.56 -13.15 19.73
N ALA A 1434 14.21 -12.40 18.66
CA ALA A 1434 15.19 -11.88 17.70
C ALA A 1434 16.27 -10.98 18.35
N PRO A 1435 17.49 -10.87 17.75
CA PRO A 1435 18.52 -9.99 18.33
C PRO A 1435 18.26 -8.54 17.93
N ILE A 1436 16.99 -8.13 18.04
CA ILE A 1436 16.41 -6.86 17.61
C ILE A 1436 16.02 -6.02 18.82
N GLY A 1437 16.49 -4.76 18.80
CA GLY A 1437 16.24 -3.76 19.83
C GLY A 1437 16.26 -4.28 21.24
N THR A 1438 15.09 -4.58 21.79
CA THR A 1438 14.93 -5.11 23.13
C THR A 1438 15.73 -6.44 23.35
N GLY A 1439 16.04 -7.16 22.27
CA GLY A 1439 16.78 -8.41 22.35
C GLY A 1439 18.17 -8.36 21.77
N ALA A 1440 18.75 -7.15 21.69
CA ALA A 1440 20.11 -6.86 21.17
C ALA A 1440 21.20 -6.96 22.24
N PHE A 1441 20.77 -7.34 23.45
CA PHE A 1441 21.61 -7.47 24.62
C PHE A 1441 21.06 -8.58 25.47
N ASP A 1442 21.82 -9.00 26.49
CA ASP A 1442 21.39 -10.05 27.38
C ASP A 1442 21.15 -9.53 28.80
N VAL A 1443 20.26 -10.20 29.57
CA VAL A 1443 20.01 -9.81 30.96
C VAL A 1443 20.51 -10.93 31.92
N MET A 1444 21.29 -10.53 32.93
CA MET A 1444 21.96 -11.35 33.93
C MET A 1444 21.55 -10.96 35.36
N ILE A 1445 21.67 -11.87 36.33
CA ILE A 1445 21.45 -11.53 37.75
C ILE A 1445 22.85 -11.57 38.35
N ASP A 1446 23.20 -10.57 39.20
CA ASP A 1446 24.48 -10.61 39.90
C ASP A 1446 24.29 -10.85 41.38
N GLU A 1447 24.76 -12.01 41.87
CA GLU A 1447 24.67 -12.41 43.29
C GLU A 1447 25.37 -11.38 44.17
N GLU A 1448 26.53 -10.81 43.72
CA GLU A 1448 27.28 -9.75 44.40
C GLU A 1448 26.29 -8.67 44.90
N SER A 1449 25.45 -8.17 43.97
CA SER A 1449 24.43 -7.14 44.19
C SER A 1449 23.18 -7.66 44.88
N LEU A 1450 22.88 -8.95 44.77
CA LEU A 1450 21.69 -9.56 45.38
C LEU A 1450 21.81 -9.61 46.89
N VAL A 1451 23.03 -9.76 47.41
CA VAL A 1451 23.28 -9.79 48.84
C VAL A 1451 23.52 -8.34 49.34
N LYS A 1452 24.02 -7.47 48.45
CA LYS A 1452 24.27 -6.05 48.73
C LYS A 1452 22.94 -5.30 48.93
N TYR A 1453 21.87 -5.70 48.20
CA TYR A 1453 20.56 -5.06 48.28
C TYR A 1453 19.63 -5.66 49.38
N MET A 1454 20.19 -6.10 50.52
CA MET A 1454 19.36 -6.63 51.60
C MET A 1454 19.87 -6.23 53.04
N PRO A 1455 18.94 -5.89 53.99
CA PRO A 1455 19.36 -5.50 55.35
C PRO A 1455 19.27 -6.64 56.38
N ASP B 20 -50.02 22.96 -32.87
CA ASP B 20 -50.18 22.43 -34.22
C ASP B 20 -49.61 21.03 -34.41
N GLU B 21 -50.19 20.28 -35.37
CA GLU B 21 -49.78 18.92 -35.74
C GLU B 21 -48.38 18.90 -36.38
N SER B 22 -47.91 20.09 -36.82
CA SER B 22 -46.63 20.32 -37.49
C SER B 22 -45.65 21.20 -36.70
N ALA B 23 -46.10 21.87 -35.61
CA ALA B 23 -45.24 22.73 -34.79
C ALA B 23 -44.06 21.91 -34.23
N PRO B 24 -42.81 22.42 -34.22
CA PRO B 24 -41.69 21.58 -33.72
C PRO B 24 -41.68 21.41 -32.20
N ILE B 25 -41.22 20.24 -31.77
CA ILE B 25 -41.12 19.79 -30.38
C ILE B 25 -40.27 20.73 -29.49
N THR B 26 -40.59 20.78 -28.18
CA THR B 26 -39.87 21.58 -27.18
C THR B 26 -38.87 20.70 -26.39
N ALA B 27 -38.28 21.25 -25.30
CA ALA B 27 -37.34 20.51 -24.47
C ALA B 27 -38.08 19.48 -23.64
N GLU B 28 -39.10 19.91 -22.85
CA GLU B 28 -39.92 19.03 -22.00
C GLU B 28 -40.69 17.99 -22.82
N ASP B 29 -40.89 18.26 -24.13
CA ASP B 29 -41.57 17.34 -25.03
C ASP B 29 -40.84 16.01 -25.13
N SER B 30 -39.50 16.04 -25.17
CA SER B 30 -38.65 14.85 -25.27
C SER B 30 -38.99 13.74 -24.26
N TRP B 31 -39.40 14.11 -23.04
CA TRP B 31 -39.76 13.16 -22.00
C TRP B 31 -40.97 12.29 -22.32
N ALA B 32 -41.85 12.74 -23.24
CA ALA B 32 -43.00 11.97 -23.70
C ALA B 32 -42.51 10.83 -24.60
N VAL B 33 -41.41 11.08 -25.36
CA VAL B 33 -40.78 10.08 -26.22
C VAL B 33 -40.09 9.06 -25.32
N ILE B 34 -39.38 9.53 -24.29
CA ILE B 34 -38.67 8.69 -23.31
C ILE B 34 -39.67 7.83 -22.56
N SER B 35 -40.82 8.45 -22.17
CA SER B 35 -41.92 7.77 -21.48
C SER B 35 -42.27 6.57 -22.35
N ALA B 36 -42.61 6.85 -23.65
CA ALA B 36 -42.99 5.91 -24.70
C ALA B 36 -41.94 4.87 -25.04
N PHE B 37 -40.67 5.14 -24.68
CA PHE B 37 -39.57 4.21 -24.95
C PHE B 37 -39.67 3.01 -24.04
N PHE B 38 -39.57 3.26 -22.73
CA PHE B 38 -39.64 2.26 -21.68
C PHE B 38 -41.02 1.60 -21.58
N ARG B 39 -42.09 2.39 -21.85
CA ARG B 39 -43.46 1.90 -21.87
C ARG B 39 -43.52 0.68 -22.76
N GLU B 40 -42.67 0.66 -23.81
CA GLU B 40 -42.60 -0.39 -24.82
C GLU B 40 -41.37 -1.31 -24.73
N LYS B 41 -40.25 -0.79 -24.21
CA LYS B 41 -38.99 -1.53 -24.16
C LYS B 41 -38.70 -2.20 -22.79
N GLY B 42 -38.90 -1.46 -21.71
CA GLY B 42 -38.58 -1.94 -20.37
C GLY B 42 -37.16 -1.59 -20.00
N LEU B 43 -36.58 -2.32 -19.03
CA LEU B 43 -35.19 -2.06 -18.61
C LEU B 43 -34.30 -3.28 -18.78
N VAL B 44 -34.90 -4.44 -18.76
CA VAL B 44 -34.21 -5.70 -18.98
C VAL B 44 -34.33 -6.12 -20.45
N SER B 45 -34.92 -5.21 -21.28
CA SER B 45 -35.11 -5.24 -22.73
C SER B 45 -34.10 -6.16 -23.43
N GLN B 46 -32.82 -5.77 -23.40
CA GLN B 46 -31.62 -6.44 -23.93
C GLN B 46 -31.49 -7.93 -23.52
N GLN B 47 -31.59 -8.23 -22.19
CA GLN B 47 -31.49 -9.57 -21.59
C GLN B 47 -32.52 -10.51 -22.19
N LEU B 48 -33.79 -10.06 -22.21
CA LEU B 48 -34.94 -10.81 -22.70
C LEU B 48 -34.88 -11.06 -24.19
N ASP B 49 -34.75 -9.98 -24.99
CA ASP B 49 -34.69 -9.98 -26.45
C ASP B 49 -33.62 -10.94 -27.01
N SER B 50 -32.46 -11.03 -26.31
CA SER B 50 -31.30 -11.90 -26.64
C SER B 50 -31.67 -13.38 -26.53
N PHE B 51 -32.22 -13.78 -25.34
CA PHE B 51 -32.67 -15.13 -25.00
C PHE B 51 -33.78 -15.57 -25.95
N ASN B 52 -34.76 -14.66 -26.21
CA ASN B 52 -35.88 -14.89 -27.13
C ASN B 52 -35.38 -15.19 -28.52
N GLN B 53 -34.38 -14.41 -29.01
CA GLN B 53 -33.77 -14.62 -30.31
C GLN B 53 -33.16 -16.02 -30.38
N PHE B 54 -32.40 -16.42 -29.32
CA PHE B 54 -31.79 -17.74 -29.20
C PHE B 54 -32.84 -18.86 -29.32
N VAL B 55 -33.82 -18.85 -28.40
CA VAL B 55 -34.90 -19.84 -28.32
C VAL B 55 -35.61 -20.00 -29.68
N ASP B 56 -36.00 -18.87 -30.30
CA ASP B 56 -36.74 -18.83 -31.56
C ASP B 56 -35.97 -19.29 -32.79
N TYR B 57 -34.73 -18.83 -32.92
CA TYR B 57 -33.95 -19.10 -34.11
C TYR B 57 -32.72 -19.94 -33.86
N THR B 58 -31.70 -19.34 -33.25
CA THR B 58 -30.39 -19.93 -32.93
C THR B 58 -30.46 -21.40 -32.46
N LEU B 59 -31.44 -21.76 -31.59
CA LEU B 59 -31.63 -23.12 -31.08
C LEU B 59 -31.95 -24.12 -32.20
N GLN B 60 -32.77 -23.72 -33.18
CA GLN B 60 -33.11 -24.54 -34.33
C GLN B 60 -31.90 -24.69 -35.25
N ASP B 61 -31.08 -23.63 -35.33
CA ASP B 61 -29.86 -23.60 -36.15
C ASP B 61 -28.85 -24.64 -35.70
N ILE B 62 -28.46 -24.61 -34.40
CA ILE B 62 -27.47 -25.54 -33.81
C ILE B 62 -27.86 -27.00 -34.03
N ILE B 63 -29.12 -27.34 -33.76
CA ILE B 63 -29.63 -28.70 -33.91
C ILE B 63 -29.67 -29.17 -35.37
N CYS B 64 -29.40 -28.25 -36.34
CA CYS B 64 -29.47 -28.54 -37.78
C CYS B 64 -28.19 -28.28 -38.58
N GLU B 65 -27.18 -27.56 -38.04
CA GLU B 65 -25.96 -27.29 -38.82
C GLU B 65 -25.00 -28.49 -38.85
N ASP B 66 -24.47 -28.93 -37.68
CA ASP B 66 -23.58 -30.09 -37.60
C ASP B 66 -24.39 -31.37 -37.77
N SER B 67 -25.35 -31.57 -36.83
CA SER B 67 -26.38 -32.62 -36.71
C SER B 67 -26.03 -34.01 -37.34
N THR B 68 -26.73 -34.37 -38.44
CA THR B 68 -26.74 -35.59 -39.27
C THR B 68 -25.52 -36.53 -39.15
N LEU B 69 -25.80 -37.82 -38.86
CA LEU B 69 -24.87 -38.95 -38.69
C LEU B 69 -25.27 -40.15 -39.58
N ILE B 70 -24.31 -41.08 -39.84
CA ILE B 70 -24.42 -42.33 -40.64
C ILE B 70 -25.66 -43.22 -40.25
N ILE B 90 -29.06 -41.31 -39.40
CA ILE B 90 -29.74 -40.55 -38.34
C ILE B 90 -29.54 -39.04 -38.51
N SER B 91 -30.64 -38.31 -38.79
CA SER B 91 -30.64 -36.86 -38.99
C SER B 91 -31.61 -36.19 -38.03
N PHE B 92 -31.37 -34.89 -37.74
CA PHE B 92 -32.21 -34.14 -36.80
C PHE B 92 -33.15 -33.15 -37.47
N GLY B 93 -34.37 -33.04 -36.92
CA GLY B 93 -35.45 -32.19 -37.42
C GLY B 93 -35.79 -30.96 -36.59
N LYS B 94 -37.09 -30.58 -36.58
CA LYS B 94 -37.61 -29.42 -35.88
C LYS B 94 -37.47 -29.53 -34.38
N ILE B 95 -36.98 -28.45 -33.75
CA ILE B 95 -36.85 -28.38 -32.30
C ILE B 95 -38.16 -27.84 -31.69
N TYR B 96 -38.57 -28.46 -30.57
CA TYR B 96 -39.76 -28.15 -29.79
C TYR B 96 -39.36 -27.72 -28.39
N VAL B 97 -40.02 -26.68 -27.86
CA VAL B 97 -39.76 -26.17 -26.52
C VAL B 97 -41.04 -26.04 -25.72
N THR B 98 -41.14 -26.84 -24.65
CA THR B 98 -42.29 -26.85 -23.74
C THR B 98 -42.27 -25.62 -22.82
N LYS B 99 -43.28 -25.49 -21.95
CA LYS B 99 -43.29 -24.43 -20.93
C LYS B 99 -42.72 -25.14 -19.70
N PRO B 100 -42.08 -24.44 -18.73
CA PRO B 100 -41.43 -25.14 -17.61
C PRO B 100 -42.29 -26.19 -16.86
N MET B 101 -41.76 -27.42 -16.76
CA MET B 101 -42.43 -28.54 -16.10
C MET B 101 -41.52 -29.26 -15.12
N VAL B 102 -42.11 -30.02 -14.16
CA VAL B 102 -41.37 -30.76 -13.14
C VAL B 102 -41.57 -32.28 -13.19
N ASN B 103 -40.49 -33.00 -13.59
CA ASN B 103 -40.46 -34.47 -13.64
C ASN B 103 -40.08 -34.98 -12.21
N GLU B 104 -41.04 -34.89 -11.25
CA GLU B 104 -40.77 -35.26 -9.85
C GLU B 104 -41.02 -36.73 -9.56
N SER B 105 -40.04 -37.37 -8.88
CA SER B 105 -40.00 -38.78 -8.48
C SER B 105 -41.29 -39.22 -7.79
N ASP B 106 -41.84 -40.38 -8.24
CA ASP B 106 -43.12 -40.95 -7.81
C ASP B 106 -44.19 -39.86 -7.87
N GLY B 107 -44.48 -39.49 -9.10
CA GLY B 107 -45.43 -38.45 -9.42
C GLY B 107 -45.42 -38.08 -10.88
N VAL B 108 -46.46 -37.32 -11.25
CA VAL B 108 -46.71 -36.82 -12.59
C VAL B 108 -45.76 -35.67 -12.90
N THR B 109 -45.72 -35.29 -14.18
CA THR B 109 -44.96 -34.13 -14.61
C THR B 109 -46.02 -33.01 -14.64
N HIS B 110 -45.80 -31.92 -13.88
CA HIS B 110 -46.74 -30.80 -13.81
C HIS B 110 -46.06 -29.45 -14.07
N ALA B 111 -46.87 -28.44 -14.46
CA ALA B 111 -46.43 -27.08 -14.79
C ALA B 111 -45.74 -26.40 -13.60
N LEU B 112 -44.47 -25.96 -13.81
CA LEU B 112 -43.64 -25.30 -12.80
C LEU B 112 -43.60 -23.81 -12.96
N TYR B 113 -44.12 -23.08 -11.96
CA TYR B 113 -44.13 -21.61 -11.95
C TYR B 113 -42.93 -21.04 -11.16
N PRO B 114 -42.44 -19.81 -11.46
CA PRO B 114 -41.21 -19.31 -10.82
C PRO B 114 -41.18 -19.38 -9.31
N GLN B 115 -42.26 -19.04 -8.60
CA GLN B 115 -42.24 -19.08 -7.13
C GLN B 115 -41.98 -20.51 -6.57
N GLU B 116 -42.61 -21.55 -7.13
CA GLU B 116 -42.40 -22.94 -6.70
C GLU B 116 -40.93 -23.32 -6.85
N ALA B 117 -40.35 -23.05 -8.05
CA ALA B 117 -38.95 -23.29 -8.39
C ALA B 117 -38.04 -22.59 -7.38
N ARG B 118 -38.37 -21.35 -7.02
CA ARG B 118 -37.60 -20.60 -6.06
C ARG B 118 -37.67 -21.27 -4.69
N LEU B 119 -38.88 -21.63 -4.22
CA LEU B 119 -39.05 -22.17 -2.86
C LEU B 119 -38.59 -23.60 -2.67
N ARG B 120 -38.95 -24.53 -3.57
CA ARG B 120 -38.57 -25.96 -3.50
C ARG B 120 -37.13 -26.24 -4.00
N ASN B 121 -36.40 -25.17 -4.42
CA ASN B 121 -35.03 -25.16 -4.93
C ASN B 121 -34.88 -26.03 -6.17
N LEU B 122 -35.78 -25.82 -7.13
CA LEU B 122 -35.81 -26.54 -8.40
C LEU B 122 -35.30 -25.64 -9.54
N THR B 123 -35.23 -26.18 -10.75
CA THR B 123 -34.76 -25.42 -11.89
C THR B 123 -35.91 -25.08 -12.80
N TYR B 124 -36.09 -23.78 -13.07
CA TYR B 124 -37.10 -23.28 -13.96
C TYR B 124 -36.53 -23.51 -15.34
N SER B 125 -36.87 -24.68 -15.88
CA SER B 125 -36.40 -25.18 -17.17
C SER B 125 -37.51 -25.94 -17.88
N SER B 126 -37.48 -25.94 -19.22
CA SER B 126 -38.48 -26.66 -20.00
C SER B 126 -37.87 -27.75 -20.89
N GLY B 127 -38.67 -28.77 -21.21
CA GLY B 127 -38.26 -29.90 -22.02
C GLY B 127 -37.93 -29.61 -23.47
N LEU B 128 -36.81 -30.18 -23.95
CA LEU B 128 -36.34 -29.99 -25.33
C LEU B 128 -36.50 -31.25 -26.17
N PHE B 129 -37.28 -31.13 -27.26
CA PHE B 129 -37.62 -32.26 -28.13
C PHE B 129 -37.28 -32.05 -29.59
N VAL B 130 -36.69 -33.07 -30.23
CA VAL B 130 -36.35 -33.01 -31.65
C VAL B 130 -36.86 -34.24 -32.42
N ASP B 131 -37.13 -34.07 -33.73
CA ASP B 131 -37.59 -35.16 -34.59
C ASP B 131 -36.37 -35.97 -35.02
N VAL B 132 -36.33 -37.26 -34.67
CA VAL B 132 -35.20 -38.12 -35.05
C VAL B 132 -35.63 -39.03 -36.18
N LYS B 133 -34.92 -38.89 -37.32
CA LYS B 133 -35.12 -39.62 -38.58
C LYS B 133 -34.21 -40.85 -38.67
N LYS B 134 -34.71 -41.95 -39.25
CA LYS B 134 -33.98 -43.21 -39.38
C LYS B 134 -34.45 -44.04 -40.60
N LYS B 164 -40.69 -35.30 -31.00
CA LYS B 164 -40.57 -36.75 -31.07
C LYS B 164 -39.70 -37.33 -29.93
N VAL B 165 -38.39 -36.96 -29.88
CA VAL B 165 -37.37 -37.45 -28.93
C VAL B 165 -36.95 -36.38 -27.91
N PHE B 166 -36.75 -36.79 -26.64
CA PHE B 166 -36.30 -35.89 -25.58
C PHE B 166 -34.77 -35.79 -25.49
N ILE B 167 -34.25 -34.54 -25.49
CA ILE B 167 -32.82 -34.24 -25.41
C ILE B 167 -32.64 -33.14 -24.36
N GLY B 168 -32.72 -33.53 -23.09
CA GLY B 168 -32.53 -32.62 -21.95
C GLY B 168 -33.50 -31.47 -21.73
N ARG B 169 -33.30 -30.76 -20.60
CA ARG B 169 -34.13 -29.61 -20.21
C ARG B 169 -33.34 -28.31 -20.36
N LEU B 170 -33.97 -27.25 -20.91
CA LEU B 170 -33.34 -25.94 -21.09
C LEU B 170 -33.85 -24.91 -20.06
N PRO B 171 -32.93 -24.28 -19.28
CA PRO B 171 -33.37 -23.25 -18.32
C PRO B 171 -34.00 -22.05 -19.03
N ILE B 172 -35.06 -21.54 -18.42
CA ILE B 172 -35.84 -20.46 -19.00
C ILE B 172 -35.59 -19.18 -18.25
N MET B 173 -35.51 -18.09 -19.04
CA MET B 173 -35.37 -16.73 -18.56
C MET B 173 -36.73 -16.23 -18.16
N LEU B 174 -36.83 -15.63 -16.97
CA LEU B 174 -38.07 -15.08 -16.43
C LEU B 174 -38.52 -13.88 -17.26
N ARG B 175 -39.78 -13.94 -17.73
CA ARG B 175 -40.48 -12.97 -18.58
C ARG B 175 -40.19 -13.16 -20.06
N SER B 176 -39.51 -14.26 -20.43
CA SER B 176 -39.23 -14.55 -21.84
C SER B 176 -40.44 -15.24 -22.49
N LYS B 177 -40.40 -15.44 -23.84
CA LYS B 177 -41.44 -16.11 -24.62
C LYS B 177 -41.97 -17.36 -23.91
N ASN B 178 -41.06 -18.31 -23.59
CA ASN B 178 -41.35 -19.61 -22.97
C ASN B 178 -41.61 -19.57 -21.45
N CYS B 179 -41.44 -18.39 -20.80
CA CYS B 179 -41.76 -18.21 -19.37
C CYS B 179 -43.26 -17.89 -19.27
N TYR B 180 -43.92 -18.41 -18.23
CA TYR B 180 -45.35 -18.20 -18.01
C TYR B 180 -45.74 -16.74 -17.82
N LEU B 181 -44.88 -15.98 -17.13
CA LEU B 181 -45.08 -14.60 -16.72
C LEU B 181 -45.12 -13.55 -17.83
N SER B 182 -44.69 -13.90 -19.04
CA SER B 182 -44.68 -12.98 -20.19
C SER B 182 -46.05 -12.38 -20.54
N GLU B 183 -47.12 -13.13 -20.22
CA GLU B 183 -48.48 -12.74 -20.57
C GLU B 183 -49.36 -12.40 -19.36
N ALA B 184 -48.86 -12.58 -18.13
CA ALA B 184 -49.65 -12.33 -16.93
C ALA B 184 -49.80 -10.86 -16.60
N THR B 185 -51.03 -10.46 -16.23
CA THR B 185 -51.38 -9.08 -15.86
C THR B 185 -50.98 -8.80 -14.41
N GLU B 186 -51.04 -7.52 -13.99
CA GLU B 186 -50.69 -7.05 -12.63
C GLU B 186 -51.37 -7.95 -11.59
N SER B 187 -52.70 -8.11 -11.72
CA SER B 187 -53.53 -8.94 -10.85
C SER B 187 -53.21 -10.45 -10.94
N ASP B 188 -52.78 -10.94 -12.14
CA ASP B 188 -52.41 -12.36 -12.36
C ASP B 188 -51.17 -12.69 -11.57
N LEU B 189 -50.20 -11.77 -11.56
CA LEU B 189 -48.94 -11.92 -10.84
C LEU B 189 -49.18 -12.01 -9.35
N TYR B 190 -49.95 -11.05 -8.79
CA TYR B 190 -50.28 -11.04 -7.37
C TYR B 190 -50.84 -12.39 -6.96
N LYS B 191 -51.71 -12.96 -7.84
CA LYS B 191 -52.34 -14.28 -7.71
C LYS B 191 -51.26 -15.37 -7.73
N LEU B 192 -50.26 -15.21 -8.62
CA LEU B 192 -49.13 -16.12 -8.79
C LEU B 192 -47.99 -15.91 -7.76
N LYS B 193 -48.22 -15.02 -6.76
CA LYS B 193 -47.32 -14.62 -5.65
C LYS B 193 -45.98 -14.06 -6.15
N GLU B 194 -46.02 -13.45 -7.34
CA GLU B 194 -44.89 -12.82 -8.03
C GLU B 194 -45.07 -11.28 -8.02
N CYS B 195 -43.98 -10.52 -7.74
CA CYS B 195 -44.05 -9.07 -7.70
C CYS B 195 -44.23 -8.44 -9.07
N PRO B 196 -45.29 -7.62 -9.26
CA PRO B 196 -45.48 -6.96 -10.55
C PRO B 196 -44.30 -6.06 -10.99
N PHE B 197 -43.50 -5.55 -10.00
CA PHE B 197 -42.30 -4.73 -10.20
C PHE B 197 -41.06 -5.52 -10.69
N ASP B 198 -41.11 -6.85 -10.52
CA ASP B 198 -40.03 -7.73 -10.96
C ASP B 198 -40.05 -7.74 -12.47
N MET B 199 -38.95 -7.29 -13.03
CA MET B 199 -38.61 -7.11 -14.45
C MET B 199 -38.25 -8.42 -15.23
N GLY B 200 -37.77 -9.44 -14.52
CA GLY B 200 -37.34 -10.71 -15.10
C GLY B 200 -35.95 -10.57 -15.68
N GLY B 201 -35.70 -11.26 -16.79
CA GLY B 201 -34.43 -11.18 -17.51
C GLY B 201 -33.29 -11.97 -16.91
N TYR B 202 -33.62 -12.93 -16.02
CA TYR B 202 -32.66 -13.80 -15.33
C TYR B 202 -33.23 -15.22 -15.23
N PHE B 203 -32.49 -16.16 -14.62
CA PHE B 203 -32.92 -17.56 -14.49
C PHE B 203 -33.10 -18.03 -13.02
N ILE B 204 -33.88 -19.11 -12.82
CA ILE B 204 -34.03 -19.76 -11.50
C ILE B 204 -33.36 -21.11 -11.71
N ILE B 205 -32.16 -21.27 -11.10
CA ILE B 205 -31.35 -22.48 -11.21
C ILE B 205 -31.13 -23.06 -9.81
N ASN B 206 -31.67 -24.29 -9.61
CA ASN B 206 -31.66 -25.03 -8.34
C ASN B 206 -32.19 -24.16 -7.18
N GLY B 207 -33.17 -23.33 -7.52
CA GLY B 207 -33.80 -22.38 -6.62
C GLY B 207 -32.86 -21.25 -6.28
N SER B 208 -32.18 -20.69 -7.31
CA SER B 208 -31.28 -19.55 -7.14
C SER B 208 -31.30 -18.64 -8.36
N GLU B 209 -31.61 -17.36 -8.10
CA GLU B 209 -31.73 -16.33 -9.12
C GLU B 209 -30.38 -16.00 -9.76
N LYS B 210 -30.11 -16.59 -10.93
CA LYS B 210 -28.85 -16.35 -11.64
C LYS B 210 -29.04 -15.35 -12.79
N VAL B 211 -28.09 -14.40 -12.91
CA VAL B 211 -27.98 -13.31 -13.88
C VAL B 211 -26.83 -13.56 -14.83
N LEU B 212 -27.12 -13.54 -16.15
CA LEU B 212 -26.04 -13.70 -17.11
C LEU B 212 -25.46 -12.34 -17.44
N ILE B 213 -24.16 -12.17 -17.17
CA ILE B 213 -23.44 -10.89 -17.37
C ILE B 213 -22.95 -10.79 -18.81
N ALA B 214 -23.21 -9.64 -19.45
CA ALA B 214 -22.78 -9.35 -20.82
C ALA B 214 -21.27 -9.43 -20.91
N GLN B 215 -20.75 -10.00 -22.00
CA GLN B 215 -19.31 -10.17 -22.20
C GLN B 215 -18.78 -9.35 -23.36
N GLU B 216 -17.91 -8.41 -23.02
CA GLU B 216 -17.27 -7.49 -23.96
C GLU B 216 -16.13 -8.16 -24.72
N ARG B 217 -16.35 -8.42 -26.02
CA ARG B 217 -15.33 -9.00 -26.90
C ARG B 217 -14.99 -8.03 -28.04
N SER B 218 -13.84 -8.24 -28.68
CA SER B 218 -13.50 -7.42 -29.83
C SER B 218 -14.26 -8.00 -31.04
N ALA B 219 -14.78 -7.13 -31.89
CA ALA B 219 -15.52 -7.56 -33.06
C ALA B 219 -14.63 -8.40 -34.01
N GLY B 220 -15.28 -9.27 -34.78
CA GLY B 220 -14.64 -10.17 -35.75
C GLY B 220 -14.84 -9.74 -37.19
N ASN B 221 -14.08 -10.36 -38.12
CA ASN B 221 -14.09 -10.08 -39.56
C ASN B 221 -13.61 -8.63 -39.84
N ILE B 222 -13.08 -8.01 -38.78
CA ILE B 222 -12.61 -6.64 -38.72
C ILE B 222 -11.12 -6.55 -39.04
N VAL B 223 -10.81 -5.72 -40.06
CA VAL B 223 -9.50 -5.45 -40.65
C VAL B 223 -8.81 -4.39 -39.78
N GLN B 224 -7.67 -4.73 -39.17
CA GLN B 224 -7.00 -3.81 -38.26
C GLN B 224 -5.48 -3.79 -38.34
N VAL B 225 -4.93 -2.61 -38.67
CA VAL B 225 -3.48 -2.37 -38.79
C VAL B 225 -2.89 -1.77 -37.53
N PHE B 226 -1.81 -2.39 -37.01
CA PHE B 226 -1.12 -1.92 -35.81
C PHE B 226 0.38 -1.86 -36.00
N LYS B 227 1.06 -0.91 -35.31
CA LYS B 227 2.51 -0.74 -35.39
C LYS B 227 3.20 -1.60 -34.33
N LYS B 228 4.38 -2.15 -34.67
CA LYS B 228 5.16 -3.00 -33.77
C LYS B 228 6.21 -2.17 -33.01
N ALA B 229 6.57 -2.64 -31.78
CA ALA B 229 7.55 -2.04 -30.85
C ALA B 229 8.93 -1.79 -31.48
N ALA B 230 9.79 -0.97 -30.79
CA ALA B 230 11.15 -0.59 -31.20
C ALA B 230 12.07 -1.79 -31.58
N PRO B 231 12.19 -2.85 -30.74
CA PRO B 231 13.03 -4.00 -31.13
C PRO B 231 12.14 -5.08 -31.78
N SER B 232 11.78 -4.90 -33.06
CA SER B 232 10.92 -5.85 -33.77
C SER B 232 11.38 -6.02 -35.21
N PRO B 233 11.39 -7.26 -35.73
CA PRO B 233 11.80 -7.46 -37.13
C PRO B 233 10.71 -7.11 -38.12
N ILE B 234 9.54 -6.70 -37.58
CA ILE B 234 8.32 -6.31 -38.28
C ILE B 234 7.94 -4.91 -37.77
N SER B 235 7.70 -3.97 -38.69
CA SER B 235 7.37 -2.58 -38.36
C SER B 235 5.88 -2.34 -38.14
N HIS B 236 5.04 -3.01 -38.96
CA HIS B 236 3.57 -2.92 -38.98
C HIS B 236 2.96 -4.29 -39.27
N VAL B 237 1.72 -4.51 -38.83
CA VAL B 237 0.96 -5.75 -39.06
C VAL B 237 -0.53 -5.46 -39.31
N ALA B 238 -1.11 -6.14 -40.31
CA ALA B 238 -2.53 -6.15 -40.67
C ALA B 238 -3.12 -7.44 -40.09
N GLU B 239 -4.14 -7.31 -39.25
CA GLU B 239 -4.78 -8.45 -38.60
C GLU B 239 -6.26 -8.57 -38.95
N ILE B 240 -6.75 -9.81 -39.07
CA ILE B 240 -8.16 -10.06 -39.34
C ILE B 240 -8.66 -11.23 -38.51
N ARG B 241 -9.66 -10.97 -37.68
CA ARG B 241 -10.25 -11.96 -36.79
C ARG B 241 -11.42 -12.67 -37.51
N SER B 242 -11.10 -13.43 -38.59
CA SER B 242 -12.10 -14.15 -39.41
C SER B 242 -12.75 -15.31 -38.68
N ALA B 243 -14.09 -15.22 -38.52
CA ALA B 243 -14.94 -16.20 -37.84
C ALA B 243 -16.30 -16.35 -38.53
N LEU B 244 -16.85 -17.58 -38.49
CA LEU B 244 -18.17 -17.88 -39.04
C LEU B 244 -19.23 -17.40 -38.03
N GLU B 245 -20.25 -16.63 -38.51
CA GLU B 245 -21.38 -16.10 -37.69
C GLU B 245 -21.92 -17.25 -36.83
N LYS B 246 -22.10 -18.41 -37.48
CA LYS B 246 -22.49 -19.70 -36.91
C LYS B 246 -21.86 -20.77 -37.81
N GLY B 247 -21.04 -21.62 -37.20
CA GLY B 247 -20.30 -22.69 -37.86
C GLY B 247 -18.99 -22.94 -37.15
N SER B 248 -19.10 -23.52 -35.90
CA SER B 248 -18.07 -23.84 -34.90
C SER B 248 -17.57 -22.62 -34.11
N ARG B 249 -17.44 -21.46 -34.81
CA ARG B 249 -16.94 -20.14 -34.42
C ARG B 249 -15.40 -20.15 -34.53
N PHE B 250 -14.91 -20.04 -35.79
CA PHE B 250 -13.51 -20.07 -36.22
C PHE B 250 -12.59 -19.13 -35.44
N ILE B 251 -11.60 -19.72 -34.78
CA ILE B 251 -10.62 -19.05 -33.92
C ILE B 251 -9.42 -18.53 -34.77
N SER B 252 -9.36 -18.90 -36.07
CA SER B 252 -8.27 -18.53 -37.01
C SER B 252 -8.14 -17.02 -37.32
N THR B 253 -6.96 -16.44 -37.00
CA THR B 253 -6.62 -15.01 -37.21
C THR B 253 -5.44 -14.91 -38.21
N LEU B 254 -5.62 -14.19 -39.34
CA LEU B 254 -4.57 -14.00 -40.34
C LEU B 254 -3.75 -12.75 -40.06
N GLN B 255 -2.43 -12.92 -40.00
CA GLN B 255 -1.48 -11.85 -39.79
C GLN B 255 -0.77 -11.56 -41.12
N VAL B 256 -0.80 -10.29 -41.59
CA VAL B 256 -0.11 -9.82 -42.81
C VAL B 256 0.91 -8.84 -42.28
N LYS B 257 2.18 -9.23 -42.32
CA LYS B 257 3.28 -8.46 -41.73
C LYS B 257 4.14 -7.70 -42.75
N LEU B 258 4.75 -6.59 -42.30
CA LEU B 258 5.69 -5.80 -43.10
C LEU B 258 7.07 -5.90 -42.43
N TYR B 259 7.88 -6.87 -42.89
CA TYR B 259 9.23 -7.13 -42.38
C TYR B 259 10.17 -6.00 -42.71
N GLY B 260 11.05 -5.70 -41.77
CA GLY B 260 12.00 -4.61 -41.89
C GLY B 260 11.41 -3.35 -41.30
N ARG B 261 12.28 -2.42 -40.88
CA ARG B 261 11.84 -1.15 -40.30
C ARG B 261 12.09 0.01 -41.26
N GLU B 262 11.75 1.24 -40.82
CA GLU B 262 12.00 2.48 -41.55
C GLU B 262 13.53 2.73 -41.51
N GLY B 263 14.17 2.67 -42.67
CA GLY B 263 15.62 2.83 -42.79
C GLY B 263 16.35 1.51 -43.00
N SER B 264 15.60 0.39 -43.04
CA SER B 264 16.13 -0.95 -43.30
C SER B 264 15.96 -1.21 -44.79
N SER B 265 17.07 -1.57 -45.47
CA SER B 265 17.07 -1.86 -46.91
C SER B 265 16.15 -3.05 -47.23
N ALA B 266 15.37 -2.95 -48.34
CA ALA B 266 14.40 -3.93 -48.87
C ALA B 266 13.41 -4.50 -47.81
N ARG B 267 12.24 -3.87 -47.69
CA ARG B 267 11.22 -4.30 -46.76
C ARG B 267 10.27 -5.29 -47.45
N THR B 268 10.16 -6.52 -46.91
CA THR B 268 9.31 -7.59 -47.47
C THR B 268 7.96 -7.77 -46.70
N ILE B 269 6.89 -8.17 -47.43
CA ILE B 269 5.56 -8.44 -46.87
C ILE B 269 5.28 -9.92 -46.92
N LYS B 270 5.13 -10.53 -45.75
CA LYS B 270 4.80 -11.94 -45.63
C LYS B 270 3.50 -12.09 -44.83
N ALA B 271 2.86 -13.26 -44.89
CA ALA B 271 1.61 -13.50 -44.17
C ALA B 271 1.56 -14.90 -43.54
N THR B 272 1.10 -15.00 -42.27
CA THR B 272 0.99 -16.30 -41.58
C THR B 272 -0.34 -16.91 -41.85
N LEU B 273 -0.30 -18.07 -42.49
CA LEU B 273 -1.49 -18.82 -42.83
C LEU B 273 -1.69 -19.99 -41.88
N PRO B 274 -2.93 -20.14 -41.34
CA PRO B 274 -3.21 -21.24 -40.40
C PRO B 274 -2.80 -22.64 -40.85
N TYR B 275 -2.08 -23.34 -39.96
CA TYR B 275 -1.61 -24.72 -40.08
C TYR B 275 -0.39 -24.90 -41.03
N ILE B 276 0.38 -23.82 -41.26
CA ILE B 276 1.66 -23.84 -42.01
C ILE B 276 2.62 -22.86 -41.31
N LYS B 277 3.55 -23.46 -40.53
CA LYS B 277 4.51 -22.85 -39.61
C LYS B 277 5.13 -21.52 -40.04
N GLN B 278 5.67 -21.43 -41.28
CA GLN B 278 6.30 -20.20 -41.77
C GLN B 278 5.31 -19.19 -42.37
N ASP B 279 5.75 -17.92 -42.42
CA ASP B 279 4.99 -16.78 -42.93
C ASP B 279 5.49 -16.53 -44.35
N ILE B 280 4.69 -16.98 -45.32
CA ILE B 280 4.99 -16.95 -46.75
C ILE B 280 4.73 -15.61 -47.46
N PRO B 281 5.67 -15.18 -48.36
CA PRO B 281 5.49 -13.91 -49.09
C PRO B 281 4.19 -13.85 -49.87
N ILE B 282 3.53 -12.69 -49.80
CA ILE B 282 2.21 -12.44 -50.37
C ILE B 282 2.11 -12.76 -51.87
N VAL B 283 3.20 -12.53 -52.63
CA VAL B 283 3.20 -12.79 -54.07
C VAL B 283 2.95 -14.28 -54.34
N ILE B 284 3.51 -15.16 -53.49
CA ILE B 284 3.31 -16.60 -53.61
C ILE B 284 1.84 -16.93 -53.36
N ILE B 285 1.23 -16.31 -52.31
CA ILE B 285 -0.20 -16.51 -51.97
C ILE B 285 -1.04 -16.17 -53.18
N PHE B 286 -0.81 -14.98 -53.78
CA PHE B 286 -1.54 -14.54 -54.95
C PHE B 286 -1.43 -15.54 -56.08
N ARG B 287 -0.21 -16.07 -56.33
CA ARG B 287 0.00 -17.06 -57.39
C ARG B 287 -0.71 -18.38 -57.05
N ALA B 288 -0.70 -18.76 -55.75
CA ALA B 288 -1.36 -19.95 -55.22
C ALA B 288 -2.88 -19.80 -55.29
N LEU B 289 -3.39 -18.55 -55.34
CA LEU B 289 -4.82 -18.25 -55.45
C LEU B 289 -5.27 -18.23 -56.92
N GLY B 290 -4.34 -17.97 -57.84
CA GLY B 290 -4.61 -17.92 -59.27
C GLY B 290 -3.93 -16.77 -60.00
N ILE B 291 -3.79 -15.62 -59.34
CA ILE B 291 -3.17 -14.41 -59.91
C ILE B 291 -1.67 -14.62 -60.08
N ILE B 292 -1.25 -14.89 -61.31
CA ILE B 292 0.14 -15.22 -61.60
C ILE B 292 1.02 -14.03 -62.11
N PRO B 293 0.64 -13.11 -63.04
CA PRO B 293 1.59 -12.07 -63.44
C PRO B 293 1.74 -10.92 -62.46
N ASP B 294 2.98 -10.65 -62.01
CA ASP B 294 3.23 -9.55 -61.07
C ASP B 294 2.95 -8.25 -61.79
N GLY B 295 1.76 -7.73 -61.53
CA GLY B 295 1.24 -6.55 -62.21
C GLY B 295 -0.26 -6.66 -62.32
N GLU B 296 -0.75 -7.86 -62.04
CA GLU B 296 -2.14 -8.23 -61.91
C GLU B 296 -2.22 -8.35 -60.39
N ILE B 297 -1.13 -8.87 -59.78
CA ILE B 297 -0.90 -8.99 -58.34
C ILE B 297 -0.75 -7.56 -57.79
N LEU B 298 -0.08 -6.66 -58.56
CA LEU B 298 0.10 -5.25 -58.21
C LEU B 298 -1.27 -4.55 -58.22
N GLU B 299 -2.07 -4.80 -59.28
CA GLU B 299 -3.42 -4.26 -59.51
C GLU B 299 -4.41 -4.68 -58.41
N HIS B 300 -4.09 -5.74 -57.67
CA HIS B 300 -4.90 -6.26 -56.58
C HIS B 300 -4.65 -5.51 -55.27
N ILE B 301 -3.45 -4.89 -55.13
CA ILE B 301 -3.03 -4.14 -53.95
C ILE B 301 -3.20 -2.62 -54.15
N CYS B 302 -2.63 -2.08 -55.22
CA CYS B 302 -2.74 -0.67 -55.52
C CYS B 302 -3.86 -0.41 -56.53
N TYR B 303 -4.88 0.36 -56.10
CA TYR B 303 -6.06 0.68 -56.92
C TYR B 303 -5.87 1.94 -57.79
N ASP B 304 -4.62 2.46 -57.84
CA ASP B 304 -4.19 3.62 -58.63
C ASP B 304 -2.75 3.43 -59.11
N VAL B 305 -2.52 3.67 -60.41
CA VAL B 305 -1.19 3.51 -60.97
C VAL B 305 -0.49 4.88 -61.13
N ASN B 306 -0.98 5.86 -60.36
CA ASN B 306 -0.40 7.18 -60.26
C ASN B 306 0.15 7.28 -58.84
N ASP B 307 0.29 6.11 -58.15
CA ASP B 307 0.78 6.05 -56.78
C ASP B 307 2.10 5.25 -56.68
N TRP B 308 3.19 5.88 -57.14
CA TRP B 308 4.53 5.30 -57.17
C TRP B 308 5.07 5.01 -55.77
N GLN B 309 4.72 5.86 -54.76
CA GLN B 309 5.21 5.71 -53.38
C GLN B 309 4.91 4.34 -52.81
N MET B 310 3.68 3.84 -53.06
CA MET B 310 3.15 2.54 -52.63
C MET B 310 3.70 1.42 -53.46
N LEU B 311 3.75 1.65 -54.78
CA LEU B 311 4.25 0.64 -55.72
C LEU B 311 5.74 0.35 -55.47
N GLU B 312 6.56 1.39 -55.14
CA GLU B 312 8.00 1.24 -54.85
C GLU B 312 8.22 0.34 -53.64
N MET B 313 7.26 0.38 -52.69
CA MET B 313 7.24 -0.44 -51.48
C MET B 313 6.86 -1.88 -51.80
N LEU B 314 6.26 -2.09 -52.97
CA LEU B 314 5.86 -3.43 -53.39
C LEU B 314 6.96 -4.13 -54.19
N LYS B 315 7.81 -3.34 -54.90
CA LYS B 315 8.94 -3.84 -55.71
C LYS B 315 9.77 -4.98 -55.03
N PRO B 316 10.25 -4.86 -53.75
CA PRO B 316 11.03 -5.98 -53.17
C PRO B 316 10.22 -7.23 -52.93
N CYS B 317 8.90 -7.07 -52.65
CA CYS B 317 8.02 -8.18 -52.41
C CYS B 317 7.76 -8.99 -53.67
N VAL B 318 7.79 -8.32 -54.83
CA VAL B 318 7.63 -8.90 -56.17
C VAL B 318 8.84 -9.79 -56.48
N GLU B 319 10.03 -9.30 -56.11
CA GLU B 319 11.33 -9.93 -56.27
C GLU B 319 11.43 -11.22 -55.42
N ASP B 320 10.92 -11.17 -54.17
CA ASP B 320 10.88 -12.29 -53.23
C ASP B 320 10.06 -13.45 -53.82
N GLY B 321 8.83 -13.15 -54.24
CA GLY B 321 7.91 -14.10 -54.84
C GLY B 321 8.34 -14.67 -56.18
N PHE B 322 9.13 -13.90 -56.97
CA PHE B 322 9.63 -14.24 -58.33
C PHE B 322 10.23 -15.65 -58.49
N VAL B 323 10.79 -16.25 -57.42
CA VAL B 323 11.37 -17.60 -57.43
C VAL B 323 10.32 -18.60 -57.99
N ILE B 324 9.07 -18.50 -57.49
CA ILE B 324 7.91 -19.29 -57.88
C ILE B 324 7.12 -18.53 -58.95
N GLN B 325 6.94 -19.12 -60.14
CA GLN B 325 6.23 -18.46 -61.23
C GLN B 325 4.86 -19.12 -61.57
N ASP B 326 4.59 -20.36 -61.10
CA ASP B 326 3.32 -21.06 -61.39
C ASP B 326 2.48 -21.31 -60.15
N ARG B 327 1.15 -21.50 -60.32
CA ARG B 327 0.19 -21.80 -59.26
C ARG B 327 0.53 -23.13 -58.55
N GLU B 328 0.83 -24.19 -59.34
CA GLU B 328 1.19 -25.50 -58.78
C GLU B 328 2.53 -25.44 -58.04
N THR B 329 3.48 -24.62 -58.52
CA THR B 329 4.78 -24.43 -57.87
C THR B 329 4.62 -23.63 -56.56
N ALA B 330 3.51 -22.86 -56.43
CA ALA B 330 3.17 -22.05 -55.26
C ALA B 330 2.51 -22.89 -54.18
N LEU B 331 1.59 -23.79 -54.58
CA LEU B 331 0.90 -24.75 -53.70
C LEU B 331 1.93 -25.72 -53.12
N ASP B 332 2.94 -26.11 -53.94
CA ASP B 332 4.10 -26.94 -53.56
C ASP B 332 4.90 -26.20 -52.47
N PHE B 333 5.04 -24.85 -52.61
CA PHE B 333 5.71 -24.01 -51.61
C PHE B 333 4.74 -23.73 -50.46
N ILE B 334 4.31 -24.84 -49.85
CA ILE B 334 3.45 -25.03 -48.70
C ILE B 334 3.76 -26.48 -48.18
N GLY B 335 4.90 -26.57 -47.51
CA GLY B 335 5.41 -27.77 -46.88
C GLY B 335 5.49 -27.52 -45.40
N LYS B 345 5.84 -34.16 -52.54
CA LYS B 345 4.96 -33.56 -53.55
C LYS B 345 3.64 -34.33 -53.71
N GLU B 346 2.64 -33.68 -54.37
CA GLU B 346 1.24 -34.12 -54.61
C GLU B 346 0.46 -34.08 -53.31
N LYS B 347 1.09 -34.59 -52.23
CA LYS B 347 0.59 -34.58 -50.86
C LYS B 347 0.55 -33.13 -50.34
N ARG B 348 1.69 -32.38 -50.47
CA ARG B 348 1.82 -30.99 -50.03
C ARG B 348 1.04 -30.01 -50.90
N ILE B 349 0.68 -30.43 -52.14
CA ILE B 349 -0.07 -29.62 -53.10
C ILE B 349 -1.58 -29.65 -52.75
N GLN B 350 -2.14 -30.85 -52.47
CA GLN B 350 -3.55 -30.96 -52.11
C GLN B 350 -3.80 -30.32 -50.75
N TYR B 351 -2.84 -30.51 -49.81
CA TYR B 351 -2.85 -29.96 -48.46
C TYR B 351 -2.98 -28.44 -48.54
N ALA B 352 -2.16 -27.80 -49.40
CA ALA B 352 -2.16 -26.37 -49.65
C ALA B 352 -3.52 -25.94 -50.17
N LYS B 353 -3.98 -26.59 -51.26
CA LYS B 353 -5.27 -26.35 -51.91
C LYS B 353 -6.39 -26.24 -50.86
N ASP B 354 -6.44 -27.24 -49.94
CA ASP B 354 -7.40 -27.34 -48.85
C ASP B 354 -7.34 -26.16 -47.86
N ILE B 355 -6.11 -25.76 -47.40
CA ILE B 355 -5.90 -24.67 -46.42
C ILE B 355 -6.46 -23.35 -46.90
N LEU B 356 -6.20 -23.00 -48.17
CA LEU B 356 -6.68 -21.76 -48.76
C LEU B 356 -8.20 -21.69 -48.90
N GLN B 357 -8.85 -22.87 -48.98
CA GLN B 357 -10.28 -22.97 -49.09
C GLN B 357 -10.93 -22.97 -47.69
N LYS B 358 -10.42 -23.81 -46.78
CA LYS B 358 -10.94 -24.04 -45.43
C LYS B 358 -10.46 -23.04 -44.34
N GLU B 359 -9.14 -22.80 -44.23
CA GLU B 359 -8.55 -21.98 -43.15
C GLU B 359 -8.11 -20.54 -43.54
N PHE B 360 -7.85 -20.25 -44.83
CA PHE B 360 -7.47 -18.89 -45.25
C PHE B 360 -8.72 -18.06 -45.55
N LEU B 361 -8.97 -17.02 -44.73
CA LEU B 361 -10.12 -16.11 -44.81
C LEU B 361 -11.44 -16.91 -44.80
N PRO B 362 -11.75 -17.71 -43.74
CA PRO B 362 -12.96 -18.53 -43.77
C PRO B 362 -14.28 -17.76 -43.73
N HIS B 363 -14.27 -16.43 -43.44
CA HIS B 363 -15.50 -15.64 -43.60
C HIS B 363 -15.58 -15.40 -45.13
N ILE B 364 -16.49 -14.57 -45.67
CA ILE B 364 -16.64 -14.43 -47.14
C ILE B 364 -17.22 -15.80 -47.58
N THR B 365 -16.33 -16.76 -47.98
CA THR B 365 -16.71 -18.12 -48.34
C THR B 365 -15.59 -19.14 -48.02
N GLN B 366 -16.01 -20.40 -47.77
CA GLN B 366 -15.19 -21.57 -47.54
C GLN B 366 -15.44 -22.56 -48.71
N LEU B 367 -16.42 -22.23 -49.59
CA LEU B 367 -16.90 -23.01 -50.75
C LEU B 367 -15.80 -23.45 -51.73
N GLU B 368 -15.54 -22.70 -52.85
CA GLU B 368 -14.54 -23.11 -53.84
C GLU B 368 -13.96 -21.98 -54.72
N GLY B 369 -14.64 -21.69 -55.84
CA GLY B 369 -14.23 -20.74 -56.87
C GLY B 369 -14.04 -19.27 -56.52
N PHE B 370 -14.36 -18.89 -55.27
CA PHE B 370 -14.27 -17.51 -54.79
C PHE B 370 -12.82 -17.03 -54.59
N GLU B 371 -11.85 -17.75 -55.19
CA GLU B 371 -10.41 -17.46 -55.17
C GLU B 371 -10.10 -15.98 -55.47
N SER B 372 -10.90 -15.37 -56.37
CA SER B 372 -10.77 -13.96 -56.76
C SER B 372 -11.18 -13.06 -55.59
N ARG B 373 -12.33 -13.35 -54.95
CA ARG B 373 -12.86 -12.59 -53.81
C ARG B 373 -11.82 -12.50 -52.69
N LYS B 374 -11.20 -13.65 -52.32
CA LYS B 374 -10.15 -13.70 -51.30
C LYS B 374 -8.90 -12.93 -51.72
N ALA B 375 -8.55 -12.96 -53.02
CA ALA B 375 -7.39 -12.25 -53.57
C ALA B 375 -7.55 -10.75 -53.50
N PHE B 376 -8.74 -10.22 -53.84
CA PHE B 376 -9.01 -8.78 -53.73
C PHE B 376 -8.96 -8.33 -52.26
N PHE B 377 -9.52 -9.16 -51.36
CA PHE B 377 -9.55 -8.93 -49.92
C PHE B 377 -8.11 -8.92 -49.38
N LEU B 378 -7.28 -9.88 -49.81
CA LEU B 378 -5.88 -9.97 -49.39
C LEU B 378 -5.21 -8.63 -49.73
N GLY B 379 -5.40 -8.20 -50.98
CA GLY B 379 -4.92 -6.92 -51.50
C GLY B 379 -5.44 -5.73 -50.75
N TYR B 380 -6.70 -5.81 -50.26
CA TYR B 380 -7.28 -4.73 -49.46
C TYR B 380 -6.51 -4.62 -48.15
N MET B 381 -6.22 -5.77 -47.53
CA MET B 381 -5.47 -5.81 -46.28
C MET B 381 -4.06 -5.24 -46.46
N ILE B 382 -3.36 -5.66 -47.55
CA ILE B 382 -2.02 -5.21 -47.93
C ILE B 382 -2.03 -3.68 -48.25
N ASN B 383 -3.15 -3.18 -48.84
CA ASN B 383 -3.33 -1.76 -49.14
C ASN B 383 -3.43 -0.99 -47.84
N ARG B 384 -4.26 -1.48 -46.90
CA ARG B 384 -4.43 -0.85 -45.60
C ARG B 384 -3.16 -0.94 -44.72
N LEU B 385 -2.28 -1.93 -45.02
CA LEU B 385 -1.01 -2.11 -44.31
C LEU B 385 -0.02 -1.03 -44.76
N LEU B 386 0.23 -0.94 -46.09
CA LEU B 386 1.13 0.03 -46.72
C LEU B 386 0.62 1.46 -46.52
N LEU B 387 -0.69 1.61 -46.26
CA LEU B 387 -1.36 2.88 -46.01
C LEU B 387 -0.91 3.52 -44.69
N CYS B 388 -0.72 2.70 -43.63
CA CYS B 388 -0.23 3.23 -42.37
C CYS B 388 1.31 3.28 -42.37
N ALA B 389 1.94 2.50 -43.28
CA ALA B 389 3.39 2.42 -43.47
C ALA B 389 3.91 3.70 -44.10
N LEU B 390 3.08 4.33 -44.93
CA LEU B 390 3.38 5.60 -45.60
C LEU B 390 2.99 6.77 -44.72
N ASP B 391 2.21 6.49 -43.64
CA ASP B 391 1.68 7.46 -42.68
C ASP B 391 0.69 8.39 -43.38
N ARG B 392 -0.28 7.75 -44.05
CA ARG B 392 -1.38 8.35 -44.81
C ARG B 392 -2.66 8.13 -44.02
N LYS B 393 -2.77 6.94 -43.40
CA LYS B 393 -3.89 6.56 -42.55
C LYS B 393 -3.33 6.43 -41.14
N ASP B 394 -4.18 6.63 -40.12
CA ASP B 394 -3.81 6.54 -38.71
C ASP B 394 -3.96 5.09 -38.23
N GLN B 395 -3.04 4.64 -37.33
CA GLN B 395 -3.05 3.30 -36.75
C GLN B 395 -4.40 3.04 -36.08
N ASP B 396 -4.98 1.85 -36.30
CA ASP B 396 -6.30 1.48 -35.77
C ASP B 396 -6.40 1.51 -34.23
N ASP B 397 -7.52 2.02 -33.69
CA ASP B 397 -7.69 2.06 -32.25
C ASP B 397 -8.42 0.82 -31.78
N ARG B 398 -7.75 0.04 -30.93
CA ARG B 398 -8.25 -1.21 -30.36
C ARG B 398 -9.33 -0.97 -29.31
N ASP B 399 -9.48 0.31 -28.87
CA ASP B 399 -10.43 0.70 -27.83
C ASP B 399 -11.61 1.52 -28.34
N HIS B 400 -11.85 1.50 -29.66
CA HIS B 400 -13.01 2.17 -30.23
C HIS B 400 -14.18 1.26 -29.90
N PHE B 401 -15.13 1.76 -29.10
CA PHE B 401 -16.28 0.97 -28.65
C PHE B 401 -17.15 0.41 -29.77
N GLY B 402 -17.12 1.05 -30.93
CA GLY B 402 -17.85 0.62 -32.12
C GLY B 402 -17.29 -0.63 -32.76
N LYS B 403 -16.00 -0.93 -32.46
CA LYS B 403 -15.27 -2.10 -32.94
C LYS B 403 -15.24 -3.22 -31.86
N LYS B 404 -16.21 -3.18 -30.93
CA LYS B 404 -16.40 -4.14 -29.84
C LYS B 404 -17.83 -4.70 -29.93
N ARG B 405 -18.08 -5.85 -29.25
CA ARG B 405 -19.39 -6.51 -29.18
C ARG B 405 -19.69 -7.05 -27.76
N LEU B 406 -20.98 -7.16 -27.40
CA LEU B 406 -21.42 -7.73 -26.13
C LEU B 406 -22.17 -9.05 -26.32
N ASP B 407 -21.74 -10.05 -25.57
CA ASP B 407 -22.35 -11.36 -25.59
C ASP B 407 -23.26 -11.57 -24.38
N LEU B 408 -24.56 -11.46 -24.63
CA LEU B 408 -25.59 -11.56 -23.60
C LEU B 408 -26.08 -13.00 -23.40
N ALA B 409 -27.14 -13.20 -22.58
CA ALA B 409 -27.71 -14.53 -22.30
C ALA B 409 -27.72 -15.47 -23.53
N GLY B 410 -28.37 -15.04 -24.62
CA GLY B 410 -28.48 -15.80 -25.85
C GLY B 410 -27.18 -16.39 -26.39
N PRO B 411 -26.20 -15.53 -26.83
CA PRO B 411 -24.96 -16.07 -27.43
C PRO B 411 -24.09 -16.91 -26.50
N LEU B 412 -24.13 -16.63 -25.18
CA LEU B 412 -23.36 -17.38 -24.16
C LEU B 412 -23.92 -18.79 -24.04
N LEU B 413 -25.27 -18.92 -24.16
CA LEU B 413 -26.03 -20.17 -24.14
C LEU B 413 -25.78 -20.91 -25.45
N ALA B 414 -25.74 -20.17 -26.58
CA ALA B 414 -25.50 -20.68 -27.93
C ALA B 414 -24.15 -21.40 -28.01
N GLN B 415 -23.12 -20.82 -27.39
CA GLN B 415 -21.77 -21.35 -27.33
C GLN B 415 -21.80 -22.67 -26.57
N LEU B 416 -22.35 -22.62 -25.35
CA LEU B 416 -22.48 -23.70 -24.38
C LEU B 416 -23.24 -24.87 -24.96
N PHE B 417 -24.45 -24.60 -25.50
CA PHE B 417 -25.34 -25.58 -26.10
C PHE B 417 -24.64 -26.33 -27.22
N LYS B 418 -24.04 -25.61 -28.19
CA LYS B 418 -23.34 -26.20 -29.35
C LYS B 418 -22.38 -27.31 -28.92
N THR B 419 -21.51 -27.00 -27.95
CA THR B 419 -20.52 -27.89 -27.35
C THR B 419 -21.18 -29.14 -26.75
N LEU B 420 -22.24 -28.95 -25.95
CA LEU B 420 -23.00 -30.03 -25.29
C LEU B 420 -23.73 -30.93 -26.29
N PHE B 421 -24.40 -30.32 -27.29
CA PHE B 421 -25.13 -31.04 -28.33
C PHE B 421 -24.16 -31.93 -29.11
N LYS B 422 -23.00 -31.36 -29.52
CA LYS B 422 -21.93 -32.04 -30.26
C LYS B 422 -21.35 -33.20 -29.46
N LYS B 423 -21.35 -33.07 -28.11
CA LYS B 423 -20.90 -34.10 -27.18
C LYS B 423 -21.91 -35.25 -27.09
N LEU B 424 -23.21 -34.99 -27.39
CA LEU B 424 -24.26 -36.03 -27.41
C LEU B 424 -24.30 -36.70 -28.78
N THR B 425 -23.98 -35.93 -29.84
CA THR B 425 -23.86 -36.39 -31.22
C THR B 425 -22.75 -37.45 -31.26
N LYS B 426 -21.60 -37.19 -30.58
CA LYS B 426 -20.45 -38.11 -30.47
C LYS B 426 -20.78 -39.38 -29.65
N ASP B 427 -21.84 -39.32 -28.81
CA ASP B 427 -22.32 -40.44 -28.01
C ASP B 427 -23.33 -41.25 -28.83
N ILE B 428 -24.11 -40.55 -29.66
CA ILE B 428 -25.09 -41.16 -30.56
C ILE B 428 -24.32 -42.02 -31.59
N PHE B 429 -23.21 -41.47 -32.13
CA PHE B 429 -22.31 -42.15 -33.08
C PHE B 429 -21.64 -43.36 -32.41
N ARG B 430 -21.26 -43.21 -31.12
CA ARG B 430 -20.62 -44.22 -30.27
C ARG B 430 -21.55 -45.41 -30.02
N TYR B 431 -22.84 -45.15 -29.69
CA TYR B 431 -23.85 -46.21 -29.46
C TYR B 431 -24.11 -46.95 -30.77
N MET B 432 -24.11 -46.23 -31.89
CA MET B 432 -24.32 -46.79 -33.23
C MET B 432 -23.25 -47.82 -33.59
N GLN B 433 -21.97 -47.53 -33.30
CA GLN B 433 -20.83 -48.43 -33.52
C GLN B 433 -21.02 -49.71 -32.68
N ARG B 434 -21.33 -49.54 -31.35
CA ARG B 434 -21.58 -50.62 -30.39
C ARG B 434 -22.80 -51.46 -30.76
N THR B 435 -23.73 -50.90 -31.56
CA THR B 435 -24.90 -51.62 -32.04
C THR B 435 -24.44 -52.46 -33.26
N VAL B 436 -24.11 -53.72 -32.98
CA VAL B 436 -23.70 -54.73 -33.95
C VAL B 436 -24.90 -55.67 -34.20
N GLU B 437 -26.04 -55.05 -34.58
CA GLU B 437 -27.31 -55.72 -34.85
C GLU B 437 -27.38 -56.22 -36.29
N LEU B 446 -34.19 -43.68 -27.36
CA LEU B 446 -33.27 -44.81 -27.34
C LEU B 446 -31.82 -44.31 -27.25
N ALA B 447 -31.08 -44.73 -26.20
CA ALA B 447 -29.65 -44.41 -25.93
C ALA B 447 -29.27 -42.92 -25.73
N ILE B 448 -30.08 -41.98 -26.24
CA ILE B 448 -29.88 -40.52 -26.14
C ILE B 448 -29.93 -40.12 -24.66
N ASN B 449 -28.76 -39.80 -24.09
CA ASN B 449 -28.69 -39.39 -22.70
C ASN B 449 -29.03 -37.91 -22.58
N ALA B 450 -30.22 -37.62 -22.06
CA ALA B 450 -30.73 -36.26 -21.88
C ALA B 450 -29.85 -35.50 -20.91
N LYS B 451 -29.34 -36.20 -19.86
CA LYS B 451 -28.45 -35.70 -18.80
C LYS B 451 -27.34 -34.77 -19.30
N THR B 452 -26.64 -35.15 -20.41
CA THR B 452 -25.54 -34.37 -21.02
C THR B 452 -25.99 -32.91 -21.31
N ILE B 453 -27.17 -32.73 -21.93
CA ILE B 453 -27.69 -31.39 -22.16
C ILE B 453 -28.19 -30.79 -20.83
N THR B 454 -29.18 -31.45 -20.18
CA THR B 454 -29.82 -31.08 -18.91
C THR B 454 -28.82 -30.51 -17.90
N SER B 455 -27.98 -31.39 -17.31
CA SER B 455 -26.99 -31.05 -16.29
C SER B 455 -25.85 -30.18 -16.82
N GLY B 456 -25.55 -30.33 -18.10
CA GLY B 456 -24.49 -29.55 -18.75
C GLY B 456 -24.76 -28.06 -18.66
N LEU B 457 -25.96 -27.66 -19.09
CA LEU B 457 -26.42 -26.28 -19.07
C LEU B 457 -26.56 -25.81 -17.62
N LYS B 458 -27.18 -26.67 -16.77
CA LYS B 458 -27.43 -26.41 -15.36
C LYS B 458 -26.16 -26.10 -14.57
N TYR B 459 -25.05 -26.85 -14.81
CA TYR B 459 -23.74 -26.64 -14.15
C TYR B 459 -23.13 -25.30 -14.54
N ALA B 460 -23.14 -24.97 -15.84
CA ALA B 460 -22.56 -23.72 -16.35
C ALA B 460 -23.24 -22.52 -15.68
N LEU B 461 -24.58 -22.56 -15.60
CA LEU B 461 -25.41 -21.51 -14.99
C LEU B 461 -25.36 -21.49 -13.45
N ALA B 462 -25.06 -22.64 -12.81
CA ALA B 462 -24.97 -22.69 -11.36
C ALA B 462 -23.60 -22.22 -10.92
N THR B 463 -22.52 -22.82 -11.49
CA THR B 463 -21.14 -22.49 -11.14
C THR B 463 -20.70 -21.11 -11.63
N GLY B 464 -21.29 -20.65 -12.73
CA GLY B 464 -20.89 -19.40 -13.34
C GLY B 464 -19.65 -19.65 -14.17
N ASN B 465 -18.86 -20.68 -13.76
CA ASN B 465 -17.65 -21.18 -14.38
C ASN B 465 -18.15 -21.81 -15.68
N TRP B 466 -18.29 -20.94 -16.73
CA TRP B 466 -18.86 -21.24 -18.05
C TRP B 466 -18.30 -22.51 -18.64
N GLU B 467 -17.10 -22.48 -19.28
CA GLU B 467 -16.41 -23.65 -19.85
C GLU B 467 -17.30 -24.47 -20.90
N GLN B 468 -18.10 -25.55 -20.56
CA GLN B 468 -18.39 -26.23 -19.28
C GLN B 468 -17.79 -27.64 -19.11
N LYS B 469 -17.37 -28.28 -20.24
CA LYS B 469 -16.86 -29.65 -20.31
C LYS B 469 -16.04 -30.12 -19.07
N LYS B 470 -16.76 -30.75 -18.10
CA LYS B 470 -16.41 -31.36 -16.78
C LYS B 470 -16.84 -30.47 -15.55
N ALA B 471 -16.24 -29.28 -15.28
CA ALA B 471 -15.21 -28.55 -16.04
C ALA B 471 -13.75 -28.70 -15.52
N MET B 472 -12.98 -27.58 -15.55
CA MET B 472 -11.56 -27.49 -15.15
C MET B 472 -11.21 -26.04 -14.73
N SER B 473 -9.96 -25.61 -15.01
CA SER B 473 -9.47 -24.26 -14.78
C SER B 473 -9.54 -23.46 -16.09
N SER B 474 -9.11 -24.10 -17.21
CA SER B 474 -9.09 -23.55 -18.58
C SER B 474 -10.51 -23.24 -19.03
N ARG B 475 -10.75 -21.96 -19.42
CA ARG B 475 -12.02 -21.33 -19.82
C ARG B 475 -12.77 -20.84 -18.54
N ALA B 476 -14.08 -20.48 -18.65
CA ALA B 476 -15.00 -20.01 -17.60
C ALA B 476 -14.89 -18.52 -17.27
N ALA B 477 -15.08 -18.21 -15.96
CA ALA B 477 -15.02 -16.94 -15.21
C ALA B 477 -16.09 -16.91 -14.10
N GLY B 478 -16.89 -15.86 -14.11
CA GLY B 478 -18.03 -15.63 -13.23
C GLY B 478 -19.13 -15.03 -14.07
N VAL B 479 -19.39 -15.66 -15.24
CA VAL B 479 -20.37 -15.31 -16.29
C VAL B 479 -21.82 -15.27 -15.74
N SER B 480 -22.22 -16.30 -15.00
CA SER B 480 -23.51 -16.39 -14.35
C SER B 480 -23.29 -15.99 -12.90
N GLN B 481 -24.11 -15.06 -12.42
CA GLN B 481 -23.96 -14.55 -11.06
C GLN B 481 -25.29 -14.51 -10.33
N VAL B 482 -25.29 -14.82 -9.02
CA VAL B 482 -26.50 -14.73 -8.20
C VAL B 482 -26.94 -13.26 -8.12
N LEU B 483 -28.15 -13.01 -8.63
CA LEU B 483 -28.81 -11.72 -8.75
C LEU B 483 -28.92 -10.91 -7.41
N ASN B 484 -28.35 -9.65 -7.38
CA ASN B 484 -28.36 -8.69 -6.25
C ASN B 484 -29.80 -8.33 -5.91
N ARG B 485 -30.16 -8.24 -4.61
CA ARG B 485 -31.53 -7.95 -4.20
C ARG B 485 -31.58 -7.22 -2.86
N TYR B 486 -30.71 -6.23 -2.66
CA TYR B 486 -30.68 -5.49 -1.40
C TYR B 486 -31.70 -4.42 -1.59
N THR B 487 -31.62 -3.73 -2.74
CA THR B 487 -32.60 -2.71 -3.10
C THR B 487 -33.05 -2.93 -4.53
N TYR B 488 -34.13 -2.24 -4.97
CA TYR B 488 -34.63 -2.40 -6.32
C TYR B 488 -33.58 -2.02 -7.38
N SER B 489 -33.05 -0.78 -7.33
CA SER B 489 -32.03 -0.27 -8.27
C SER B 489 -30.76 -1.15 -8.40
N SER B 490 -30.38 -1.90 -7.30
CA SER B 490 -29.20 -2.78 -7.28
C SER B 490 -29.43 -3.98 -8.18
N THR B 491 -30.70 -4.43 -8.28
CA THR B 491 -31.10 -5.54 -9.13
C THR B 491 -31.14 -5.05 -10.57
N LEU B 492 -31.77 -3.88 -10.79
CA LEU B 492 -31.88 -3.25 -12.09
C LEU B 492 -30.52 -3.05 -12.69
N SER B 493 -29.57 -2.52 -11.89
CA SER B 493 -28.21 -2.28 -12.39
C SER B 493 -27.43 -3.56 -12.64
N HIS B 494 -27.78 -4.66 -11.93
CA HIS B 494 -27.11 -5.96 -12.10
C HIS B 494 -27.52 -6.57 -13.46
N LEU B 495 -28.78 -6.44 -13.83
CA LEU B 495 -29.26 -6.95 -15.11
C LEU B 495 -28.78 -6.07 -16.31
N ARG B 496 -28.14 -4.91 -16.01
CA ARG B 496 -27.59 -3.96 -16.99
C ARG B 496 -26.03 -3.88 -16.90
N ARG B 497 -25.37 -4.93 -16.34
CA ARG B 497 -23.90 -4.99 -16.13
C ARG B 497 -23.18 -5.72 -17.22
N THR B 498 -21.98 -5.21 -17.55
CA THR B 498 -21.09 -5.65 -18.61
C THR B 498 -19.69 -5.98 -18.12
N ASN B 499 -19.12 -7.06 -18.62
CA ASN B 499 -17.79 -7.45 -18.21
C ASN B 499 -16.79 -7.50 -19.35
N THR B 500 -15.59 -6.95 -19.09
CA THR B 500 -14.45 -6.92 -20.00
C THR B 500 -13.34 -7.84 -19.43
N PRO B 501 -13.02 -9.01 -20.07
CA PRO B 501 -11.93 -9.86 -19.56
C PRO B 501 -10.57 -9.28 -19.98
N ILE B 502 -9.45 -10.05 -19.91
CA ILE B 502 -8.10 -9.59 -20.31
C ILE B 502 -7.55 -8.46 -19.40
N ALA B 509 -5.57 -1.49 -25.69
CA ALA B 509 -4.45 -0.63 -25.27
C ALA B 509 -4.64 0.03 -23.84
N LYS B 510 -5.63 0.98 -23.63
CA LYS B 510 -5.91 1.66 -22.33
C LYS B 510 -7.41 1.41 -22.01
N PRO B 511 -7.82 0.15 -21.70
CA PRO B 511 -9.25 -0.14 -21.60
C PRO B 511 -10.00 0.42 -20.41
N ARG B 512 -9.29 0.72 -19.31
CA ARG B 512 -9.89 1.20 -18.07
C ARG B 512 -10.43 2.61 -18.18
N GLN B 513 -9.81 3.44 -19.06
CA GLN B 513 -10.22 4.82 -19.28
C GLN B 513 -11.60 4.89 -19.96
N LEU B 514 -12.35 5.97 -19.70
CA LEU B 514 -13.68 6.16 -20.30
C LEU B 514 -13.48 6.73 -21.70
N HIS B 515 -13.63 5.88 -22.73
CA HIS B 515 -13.45 6.30 -24.12
C HIS B 515 -14.60 7.15 -24.60
N ASN B 516 -14.32 8.04 -25.53
CA ASN B 516 -15.27 8.95 -26.14
C ASN B 516 -16.50 8.23 -26.68
N THR B 517 -16.30 7.08 -27.36
CA THR B 517 -17.34 6.31 -28.02
C THR B 517 -18.39 5.72 -27.04
N HIS B 518 -18.03 5.59 -25.72
CA HIS B 518 -18.91 5.10 -24.62
C HIS B 518 -20.11 6.02 -24.40
N TRP B 519 -20.07 7.23 -25.02
CA TRP B 519 -21.12 8.25 -24.97
C TRP B 519 -22.47 7.69 -25.32
N GLY B 520 -23.39 7.76 -24.36
CA GLY B 520 -24.78 7.33 -24.50
C GLY B 520 -25.02 5.83 -24.53
N LEU B 521 -23.93 5.05 -24.64
CA LEU B 521 -24.01 3.60 -24.66
C LEU B 521 -23.75 3.06 -23.26
N VAL B 522 -22.65 3.52 -22.63
CA VAL B 522 -22.25 3.12 -21.28
C VAL B 522 -22.25 4.35 -20.35
N CYS B 523 -22.61 4.12 -19.08
CA CYS B 523 -22.65 5.11 -18.02
C CYS B 523 -21.22 5.55 -17.68
N PRO B 524 -20.98 6.87 -17.64
CA PRO B 524 -19.62 7.37 -17.37
C PRO B 524 -19.23 7.40 -15.89
N ALA B 525 -20.22 7.24 -14.98
CA ALA B 525 -20.01 7.26 -13.54
C ALA B 525 -20.08 5.85 -12.94
N GLU B 526 -20.94 4.97 -13.48
CA GLU B 526 -21.09 3.61 -12.96
C GLU B 526 -19.96 2.67 -13.43
N THR B 527 -19.03 2.38 -12.50
CA THR B 527 -17.85 1.54 -12.66
C THR B 527 -17.32 1.14 -11.25
N PRO B 528 -16.66 -0.03 -11.06
CA PRO B 528 -16.14 -0.35 -9.72
C PRO B 528 -14.90 0.46 -9.41
N GLU B 529 -14.62 0.64 -8.12
CA GLU B 529 -13.44 1.36 -7.69
C GLU B 529 -12.34 0.33 -7.59
N GLY B 530 -11.27 0.53 -8.37
CA GLY B 530 -10.08 -0.30 -8.42
C GLY B 530 -10.21 -1.72 -8.91
N GLN B 531 -9.02 -2.33 -9.24
CA GLN B 531 -8.69 -3.71 -9.71
C GLN B 531 -9.62 -4.29 -10.82
N ALA B 532 -10.70 -3.60 -11.15
CA ALA B 532 -11.73 -3.97 -12.11
C ALA B 532 -12.33 -2.66 -12.63
N CYS B 533 -11.81 -1.54 -12.14
CA CYS B 533 -12.20 -0.18 -12.52
C CYS B 533 -12.05 0.07 -14.01
N GLY B 534 -13.17 0.30 -14.67
CA GLY B 534 -13.15 0.57 -16.11
C GLY B 534 -13.17 -0.67 -16.95
N LEU B 535 -13.24 -1.85 -16.31
CA LEU B 535 -13.35 -3.13 -17.00
C LEU B 535 -14.80 -3.57 -16.86
N VAL B 536 -15.37 -3.37 -15.66
CA VAL B 536 -16.78 -3.64 -15.41
C VAL B 536 -17.57 -2.37 -15.77
N LYS B 537 -18.37 -2.48 -16.84
CA LYS B 537 -19.15 -1.40 -17.43
C LYS B 537 -20.63 -1.51 -17.12
N ASN B 538 -21.32 -0.38 -17.08
CA ASN B 538 -22.75 -0.38 -16.87
C ASN B 538 -23.46 0.37 -17.99
N LEU B 539 -24.38 -0.33 -18.70
CA LEU B 539 -25.14 0.19 -19.85
C LEU B 539 -25.98 1.39 -19.49
N SER B 540 -26.09 2.34 -20.43
CA SER B 540 -26.92 3.54 -20.26
C SER B 540 -28.41 3.16 -20.29
N LEU B 541 -29.30 4.11 -19.96
CA LEU B 541 -30.75 3.87 -19.92
C LEU B 541 -31.35 3.58 -21.28
N MET B 542 -30.86 4.24 -22.33
CA MET B 542 -31.44 4.08 -23.65
C MET B 542 -30.77 3.06 -24.53
N SER B 543 -29.51 2.71 -24.22
CA SER B 543 -28.72 1.78 -25.02
C SER B 543 -29.27 0.34 -25.06
N CYS B 544 -29.14 -0.29 -26.24
CA CYS B 544 -29.51 -1.68 -26.52
C CYS B 544 -28.34 -2.38 -27.18
N ILE B 545 -28.38 -3.72 -27.23
CA ILE B 545 -27.38 -4.55 -27.90
C ILE B 545 -28.11 -5.31 -29.03
N SER B 546 -27.54 -5.26 -30.25
CA SER B 546 -28.08 -5.89 -31.45
C SER B 546 -28.28 -7.37 -31.25
N VAL B 547 -29.44 -7.87 -31.66
CA VAL B 547 -29.79 -9.26 -31.53
C VAL B 547 -29.21 -10.10 -32.69
N GLY B 548 -28.95 -9.46 -33.82
CA GLY B 548 -28.41 -10.13 -34.99
C GLY B 548 -29.46 -10.45 -36.03
N THR B 549 -29.28 -9.86 -37.23
CA THR B 549 -30.17 -10.01 -38.37
C THR B 549 -29.52 -10.93 -39.44
N ASP B 550 -30.19 -11.04 -40.61
CA ASP B 550 -29.75 -11.85 -41.74
C ASP B 550 -29.17 -10.96 -42.83
N PRO B 551 -27.96 -11.27 -43.33
CA PRO B 551 -27.34 -10.37 -44.32
C PRO B 551 -27.70 -10.58 -45.79
N MET B 552 -28.21 -11.78 -46.18
CA MET B 552 -28.59 -12.14 -47.57
C MET B 552 -29.73 -11.25 -48.11
N PRO B 553 -30.81 -10.89 -47.35
CA PRO B 553 -31.81 -9.96 -47.91
C PRO B 553 -31.28 -8.54 -48.20
N ILE B 554 -30.08 -8.20 -47.69
CA ILE B 554 -29.42 -6.91 -47.94
C ILE B 554 -28.39 -7.11 -49.05
N ILE B 555 -27.76 -8.29 -49.08
CA ILE B 555 -26.81 -8.70 -50.11
C ILE B 555 -27.56 -8.70 -51.46
N THR B 556 -28.73 -9.38 -51.49
CA THR B 556 -29.59 -9.47 -52.68
C THR B 556 -30.12 -8.10 -53.08
N PHE B 557 -30.37 -7.22 -52.09
CA PHE B 557 -30.87 -5.87 -52.28
C PHE B 557 -29.86 -5.00 -52.99
N LEU B 558 -28.61 -5.05 -52.50
CA LEU B 558 -27.48 -4.28 -52.97
C LEU B 558 -27.18 -4.53 -54.44
N SER B 559 -26.97 -5.79 -54.82
CA SER B 559 -26.69 -6.20 -56.21
C SER B 559 -27.76 -5.70 -57.20
N GLU B 560 -29.02 -5.67 -56.73
CA GLU B 560 -30.18 -5.21 -57.51
C GLU B 560 -30.37 -3.71 -57.45
N TRP B 561 -29.43 -3.01 -56.82
CA TRP B 561 -29.48 -1.57 -56.69
C TRP B 561 -28.19 -0.86 -57.17
N GLY B 562 -27.39 -1.57 -57.96
CA GLY B 562 -26.18 -1.06 -58.58
C GLY B 562 -24.85 -1.52 -58.01
N MET B 563 -24.81 -2.74 -57.44
CA MET B 563 -23.57 -3.27 -56.88
C MET B 563 -22.87 -4.19 -57.85
N GLU B 564 -21.72 -3.75 -58.34
CA GLU B 564 -20.88 -4.51 -59.27
C GLU B 564 -20.19 -5.62 -58.48
N PRO B 565 -20.35 -6.91 -58.85
CA PRO B 565 -19.71 -7.99 -58.07
C PRO B 565 -18.20 -7.93 -58.12
N LEU B 566 -17.56 -8.28 -57.00
CA LEU B 566 -16.11 -8.26 -56.87
C LEU B 566 -15.44 -9.19 -57.89
N GLU B 567 -16.11 -10.32 -58.23
CA GLU B 567 -15.63 -11.32 -59.20
C GLU B 567 -15.35 -10.73 -60.59
N ASP B 568 -15.96 -9.55 -60.88
CA ASP B 568 -15.83 -8.80 -62.13
C ASP B 568 -15.35 -7.35 -61.88
N TYR B 569 -14.43 -7.14 -60.90
CA TYR B 569 -13.91 -5.81 -60.64
C TYR B 569 -12.74 -5.53 -61.57
N VAL B 570 -12.76 -4.35 -62.20
CA VAL B 570 -11.74 -3.81 -63.11
C VAL B 570 -11.08 -2.61 -62.37
N PRO B 571 -10.13 -2.86 -61.42
CA PRO B 571 -9.61 -1.78 -60.56
C PRO B 571 -9.06 -0.55 -61.25
N HIS B 572 -8.37 -0.68 -62.37
CA HIS B 572 -7.84 0.53 -62.95
C HIS B 572 -8.89 1.26 -63.80
N GLN B 573 -9.90 0.54 -64.34
CA GLN B 573 -10.95 1.16 -65.16
C GLN B 573 -11.81 2.13 -64.33
N SER B 574 -12.39 1.65 -63.20
CA SER B 574 -13.19 2.44 -62.25
C SER B 574 -12.40 2.51 -60.92
N PRO B 575 -11.44 3.47 -60.78
CA PRO B 575 -10.58 3.49 -59.59
C PRO B 575 -11.05 4.34 -58.40
N ASP B 576 -12.25 4.93 -58.54
CA ASP B 576 -12.88 5.82 -57.56
C ASP B 576 -13.97 5.07 -56.80
N ALA B 577 -14.49 4.00 -57.43
CA ALA B 577 -15.54 3.12 -56.94
C ALA B 577 -15.51 2.93 -55.43
N THR B 578 -16.67 3.13 -54.78
CA THR B 578 -16.76 2.94 -53.34
C THR B 578 -16.92 1.45 -53.09
N ARG B 579 -16.10 0.90 -52.19
CA ARG B 579 -16.15 -0.51 -51.86
C ARG B 579 -17.17 -0.81 -50.74
N VAL B 580 -18.05 -1.79 -51.03
CA VAL B 580 -19.16 -2.23 -50.21
C VAL B 580 -18.83 -3.49 -49.42
N PHE B 581 -18.98 -3.41 -48.06
CA PHE B 581 -18.76 -4.51 -47.11
C PHE B 581 -20.01 -4.79 -46.29
N VAL B 582 -20.48 -6.06 -46.28
CA VAL B 582 -21.61 -6.52 -45.48
C VAL B 582 -20.97 -7.42 -44.46
N ASN B 583 -20.93 -6.95 -43.20
CA ASN B 583 -20.33 -7.66 -42.08
C ASN B 583 -18.87 -8.06 -42.34
N GLY B 584 -18.08 -7.07 -42.79
CA GLY B 584 -16.66 -7.24 -43.10
C GLY B 584 -16.35 -8.24 -44.19
N VAL B 585 -17.24 -8.32 -45.20
CA VAL B 585 -17.11 -9.20 -46.37
C VAL B 585 -17.17 -8.27 -47.55
N TRP B 586 -16.08 -8.18 -48.32
CA TRP B 586 -16.09 -7.31 -49.49
C TRP B 586 -16.87 -8.00 -50.60
N HIS B 587 -18.09 -7.55 -50.84
CA HIS B 587 -18.95 -8.17 -51.86
C HIS B 587 -18.72 -7.63 -53.26
N GLY B 588 -18.46 -6.33 -53.37
CA GLY B 588 -18.21 -5.65 -54.62
C GLY B 588 -18.08 -4.15 -54.48
N VAL B 589 -18.33 -3.40 -55.56
CA VAL B 589 -18.24 -1.94 -55.55
C VAL B 589 -19.47 -1.26 -56.16
N HIS B 590 -19.62 0.04 -55.85
CA HIS B 590 -20.72 0.86 -56.31
C HIS B 590 -20.19 2.13 -56.93
N ARG B 591 -20.72 2.45 -58.13
CA ARG B 591 -20.33 3.60 -58.97
C ARG B 591 -20.77 4.96 -58.39
N ASN B 592 -22.01 5.07 -57.84
CA ASN B 592 -22.41 6.32 -57.20
C ASN B 592 -23.00 6.07 -55.81
N PRO B 593 -22.12 6.05 -54.79
CA PRO B 593 -22.57 5.76 -53.43
C PRO B 593 -23.62 6.70 -52.84
N ALA B 594 -23.58 7.99 -53.22
CA ALA B 594 -24.48 9.03 -52.73
C ALA B 594 -25.96 8.60 -52.73
N ARG B 595 -26.52 8.32 -53.93
CA ARG B 595 -27.92 7.91 -54.11
C ARG B 595 -28.24 6.54 -53.52
N LEU B 596 -27.29 5.58 -53.60
CA LEU B 596 -27.47 4.25 -53.00
C LEU B 596 -27.62 4.39 -51.49
N MET B 597 -26.80 5.26 -50.88
CA MET B 597 -26.82 5.49 -49.46
C MET B 597 -28.22 5.86 -49.00
N GLU B 598 -28.81 6.91 -49.59
CA GLU B 598 -30.14 7.35 -49.22
C GLU B 598 -31.21 6.28 -49.46
N THR B 599 -31.02 5.37 -50.46
CA THR B 599 -31.97 4.28 -50.72
C THR B 599 -32.08 3.40 -49.48
N LEU B 600 -30.92 3.04 -48.90
CA LEU B 600 -30.82 2.21 -47.71
C LEU B 600 -31.24 2.96 -46.44
N ARG B 601 -30.79 4.23 -46.28
CA ARG B 601 -31.11 5.08 -45.13
C ARG B 601 -32.62 5.24 -44.97
N THR B 602 -33.33 5.58 -46.07
CA THR B 602 -34.79 5.73 -46.13
C THR B 602 -35.47 4.36 -46.08
N LEU B 603 -34.78 3.29 -46.52
CA LEU B 603 -35.30 1.92 -46.50
C LEU B 603 -35.40 1.35 -45.09
N ARG B 604 -34.43 1.70 -44.24
CA ARG B 604 -34.40 1.30 -42.83
C ARG B 604 -35.44 2.11 -42.06
N ARG B 605 -35.48 3.45 -42.30
CA ARG B 605 -36.40 4.43 -41.71
C ARG B 605 -37.87 4.09 -42.04
N LYS B 606 -38.11 3.42 -43.19
CA LYS B 606 -39.42 2.94 -43.66
C LYS B 606 -39.81 1.70 -42.81
N GLY B 607 -38.79 0.88 -42.51
CA GLY B 607 -38.93 -0.34 -41.75
C GLY B 607 -38.60 -1.61 -42.52
N ASP B 608 -38.26 -1.46 -43.82
CA ASP B 608 -37.95 -2.59 -44.70
C ASP B 608 -36.55 -3.20 -44.40
N ILE B 609 -35.56 -2.37 -44.03
CA ILE B 609 -34.25 -2.82 -43.53
C ILE B 609 -34.45 -2.77 -42.00
N ASN B 610 -34.00 -3.81 -41.27
CA ASN B 610 -34.15 -3.85 -39.81
C ASN B 610 -33.53 -2.62 -39.14
N PRO B 611 -34.29 -1.94 -38.24
CA PRO B 611 -33.79 -0.71 -37.61
C PRO B 611 -32.45 -0.80 -36.91
N GLU B 612 -32.09 -2.02 -36.42
CA GLU B 612 -30.84 -2.24 -35.73
C GLU B 612 -29.63 -2.24 -36.70
N VAL B 613 -29.82 -2.76 -37.96
CA VAL B 613 -28.78 -2.84 -39.00
C VAL B 613 -28.14 -1.48 -39.29
N SER B 614 -26.92 -1.26 -38.77
CA SER B 614 -26.18 -0.01 -38.90
C SER B 614 -25.30 0.00 -40.16
N MET B 615 -25.36 1.11 -40.92
CA MET B 615 -24.67 1.31 -42.21
C MET B 615 -23.97 2.67 -42.21
N ILE B 616 -22.67 2.70 -42.56
CA ILE B 616 -21.86 3.92 -42.53
C ILE B 616 -21.29 4.26 -43.88
N ARG B 617 -21.20 5.55 -44.21
CA ARG B 617 -20.59 5.99 -45.46
C ARG B 617 -19.34 6.82 -45.19
N ASP B 618 -18.16 6.25 -45.50
CA ASP B 618 -16.84 6.87 -45.31
C ASP B 618 -16.37 7.51 -46.62
N ILE B 619 -16.87 8.74 -46.89
CA ILE B 619 -16.59 9.48 -48.13
C ILE B 619 -15.09 9.72 -48.34
N ARG B 620 -14.36 10.14 -47.27
CA ARG B 620 -12.92 10.39 -47.39
C ARG B 620 -12.11 9.11 -47.73
N GLU B 621 -12.67 7.92 -47.42
CA GLU B 621 -12.03 6.63 -47.68
C GLU B 621 -12.60 5.84 -48.87
N LYS B 622 -13.73 6.29 -49.44
CA LYS B 622 -14.46 5.63 -50.56
C LYS B 622 -14.96 4.24 -50.09
N GLU B 623 -15.51 4.15 -48.86
CA GLU B 623 -15.97 2.87 -48.29
C GLU B 623 -17.39 2.90 -47.76
N LEU B 624 -18.06 1.74 -47.82
CA LEU B 624 -19.42 1.56 -47.31
C LEU B 624 -19.58 0.24 -46.57
N LYS B 625 -19.51 0.29 -45.23
CA LYS B 625 -19.65 -0.88 -44.38
C LYS B 625 -21.08 -0.96 -43.81
N ILE B 626 -21.65 -2.18 -43.80
CA ILE B 626 -22.98 -2.51 -43.29
C ILE B 626 -22.82 -3.61 -42.23
N PHE B 627 -23.64 -3.54 -41.16
CA PHE B 627 -23.57 -4.47 -40.04
C PHE B 627 -24.93 -4.97 -39.55
N THR B 628 -25.15 -6.28 -39.79
CA THR B 628 -26.30 -7.12 -39.44
C THR B 628 -25.95 -7.85 -38.11
N ASP B 629 -24.66 -7.72 -37.71
CA ASP B 629 -23.91 -8.23 -36.56
C ASP B 629 -24.70 -8.25 -35.26
N ALA B 630 -24.51 -9.30 -34.48
CA ALA B 630 -25.11 -9.47 -33.17
C ALA B 630 -24.04 -9.14 -32.13
N GLY B 631 -24.32 -8.12 -31.33
CA GLY B 631 -23.41 -7.65 -30.29
C GLY B 631 -23.19 -6.15 -30.26
N ARG B 632 -23.60 -5.45 -31.32
CA ARG B 632 -23.43 -4.00 -31.42
C ARG B 632 -24.32 -3.23 -30.47
N VAL B 633 -23.74 -2.34 -29.67
CA VAL B 633 -24.51 -1.50 -28.75
C VAL B 633 -24.95 -0.23 -29.51
N TYR B 634 -26.27 0.00 -29.61
CA TYR B 634 -26.88 1.15 -30.28
C TYR B 634 -27.73 1.99 -29.32
N ARG B 635 -28.08 3.20 -29.74
CA ARG B 635 -28.93 4.09 -28.95
C ARG B 635 -29.95 4.85 -29.87
N PRO B 636 -31.16 5.20 -29.35
CA PRO B 636 -32.11 5.93 -30.21
C PRO B 636 -31.76 7.42 -30.35
N LEU B 637 -32.17 8.03 -31.47
CA LEU B 637 -31.92 9.45 -31.76
C LEU B 637 -32.97 9.98 -32.69
N PHE B 638 -33.39 11.23 -32.45
CA PHE B 638 -34.36 11.92 -33.32
C PHE B 638 -33.67 12.28 -34.65
N ILE B 639 -34.35 12.04 -35.80
CA ILE B 639 -33.79 12.39 -37.11
C ILE B 639 -34.15 13.84 -37.42
N VAL B 640 -33.15 14.63 -37.87
CA VAL B 640 -33.25 16.04 -38.24
C VAL B 640 -33.18 16.13 -39.79
N GLU B 641 -34.14 16.85 -40.41
CA GLU B 641 -34.24 17.00 -41.85
C GLU B 641 -34.22 18.43 -42.36
N ASP B 642 -33.32 18.69 -43.35
CA ASP B 642 -33.21 19.95 -44.11
C ASP B 642 -34.51 20.11 -44.83
N ASP B 643 -35.11 18.94 -45.13
CA ASP B 643 -36.41 18.74 -45.73
C ASP B 643 -37.46 19.20 -44.70
N GLU B 644 -37.82 20.47 -44.87
CA GLU B 644 -38.83 21.24 -44.17
C GLU B 644 -39.10 22.47 -45.02
N SER B 645 -40.02 22.29 -45.98
CA SER B 645 -40.53 23.26 -46.94
C SER B 645 -40.78 24.60 -46.29
N LEU B 646 -41.33 24.56 -45.06
CA LEU B 646 -41.69 25.70 -44.23
C LEU B 646 -40.48 26.21 -43.42
N GLY B 647 -39.40 26.53 -44.13
CA GLY B 647 -38.19 27.08 -43.53
C GLY B 647 -36.90 26.33 -43.74
N HIS B 648 -36.11 26.25 -42.67
CA HIS B 648 -34.78 25.66 -42.55
C HIS B 648 -34.78 24.10 -42.38
N LYS B 649 -33.84 23.57 -41.54
CA LYS B 649 -33.60 22.18 -41.16
C LYS B 649 -34.33 21.95 -39.82
N GLU B 650 -35.18 20.91 -39.71
CA GLU B 650 -35.92 20.66 -38.47
C GLU B 650 -36.17 19.16 -38.15
N LEU B 651 -36.31 18.86 -36.83
CA LEU B 651 -36.58 17.54 -36.25
C LEU B 651 -37.89 17.01 -36.76
N LYS B 652 -37.84 15.88 -37.51
CA LYS B 652 -38.99 15.16 -38.12
C LYS B 652 -40.19 15.06 -37.16
N VAL B 653 -39.90 14.77 -35.87
CA VAL B 653 -40.89 14.66 -34.81
C VAL B 653 -41.41 16.03 -34.41
N ARG B 654 -42.73 16.20 -34.50
CA ARG B 654 -43.44 17.44 -34.23
C ARG B 654 -44.48 17.26 -33.12
N LYS B 655 -45.00 18.39 -32.61
CA LYS B 655 -46.01 18.52 -31.55
C LYS B 655 -47.19 17.57 -31.72
N GLY B 656 -47.51 17.23 -32.97
CA GLY B 656 -48.56 16.29 -33.30
C GLY B 656 -48.24 14.93 -32.70
N HIS B 657 -47.08 14.37 -33.12
CA HIS B 657 -46.58 13.09 -32.64
C HIS B 657 -46.51 13.08 -31.14
N ILE B 658 -45.89 14.13 -30.54
CA ILE B 658 -45.70 14.24 -29.09
C ILE B 658 -47.03 14.11 -28.34
N ALA B 659 -48.12 14.68 -28.89
CA ALA B 659 -49.43 14.58 -28.26
C ALA B 659 -50.05 13.22 -28.53
N LYS B 660 -49.89 12.69 -29.78
CA LYS B 660 -50.40 11.39 -30.27
C LYS B 660 -49.99 10.23 -29.33
N LEU B 661 -48.75 10.35 -28.77
CA LEU B 661 -48.14 9.41 -27.83
C LEU B 661 -48.88 9.51 -26.50
N MET B 662 -48.99 10.74 -25.96
CA MET B 662 -49.61 11.05 -24.68
C MET B 662 -51.05 10.59 -24.55
N ALA B 663 -51.76 10.50 -25.67
CA ALA B 663 -53.14 10.03 -25.72
C ALA B 663 -53.18 8.54 -25.35
N THR B 664 -52.18 7.79 -25.87
CA THR B 664 -52.00 6.37 -25.64
C THR B 664 -51.48 6.21 -24.19
N GLU B 665 -50.83 7.26 -23.66
CA GLU B 665 -50.34 7.29 -22.27
C GLU B 665 -51.51 7.46 -21.31
N TYR B 666 -52.45 8.41 -21.58
CA TYR B 666 -53.66 8.64 -20.77
C TYR B 666 -54.60 7.42 -20.85
N GLN B 667 -54.56 6.69 -21.99
CA GLN B 667 -55.34 5.47 -22.20
C GLN B 667 -54.68 4.28 -21.42
N ASP B 668 -54.47 4.47 -20.09
CA ASP B 668 -53.87 3.52 -19.15
C ASP B 668 -54.34 3.83 -17.73
N GLU B 678 -52.63 2.93 -29.16
CA GLU B 678 -52.33 2.71 -30.57
C GLU B 678 -50.93 3.21 -30.94
N TYR B 679 -50.62 4.50 -30.69
CA TYR B 679 -49.33 5.12 -31.03
C TYR B 679 -48.19 4.77 -30.04
N THR B 680 -47.32 3.80 -30.40
CA THR B 680 -46.22 3.30 -29.53
C THR B 680 -44.85 3.88 -29.88
N TRP B 681 -43.78 3.30 -29.29
CA TRP B 681 -42.38 3.66 -29.58
C TRP B 681 -42.07 3.23 -31.03
N SER B 682 -42.52 2.01 -31.41
CA SER B 682 -42.35 1.42 -32.74
C SER B 682 -42.95 2.29 -33.78
N SER B 683 -44.01 3.05 -33.41
CA SER B 683 -44.71 3.96 -34.31
C SER B 683 -43.75 5.03 -34.87
N LEU B 684 -42.93 5.65 -33.99
CA LEU B 684 -41.92 6.67 -34.33
C LEU B 684 -40.79 6.09 -35.16
N LEU B 685 -40.51 4.80 -34.94
CA LEU B 685 -39.49 4.01 -35.62
C LEU B 685 -39.90 3.71 -37.07
N ASN B 686 -41.16 3.22 -37.26
CA ASN B 686 -41.74 2.87 -38.57
C ASN B 686 -42.11 4.11 -39.37
N GLU B 687 -42.38 5.25 -38.68
CA GLU B 687 -42.66 6.54 -39.31
C GLU B 687 -41.34 7.26 -39.63
N GLY B 688 -40.23 6.66 -39.17
CA GLY B 688 -38.85 7.10 -39.37
C GLY B 688 -38.55 8.47 -38.81
N LEU B 689 -39.04 8.74 -37.60
CA LEU B 689 -38.83 10.01 -36.90
C LEU B 689 -37.64 9.88 -35.91
N VAL B 690 -37.34 8.62 -35.53
CA VAL B 690 -36.30 8.22 -34.60
C VAL B 690 -35.54 7.00 -35.20
N GLU B 691 -34.23 6.86 -34.91
CA GLU B 691 -33.38 5.83 -35.53
C GLU B 691 -32.36 5.18 -34.59
N TYR B 692 -31.86 3.96 -34.94
CA TYR B 692 -30.87 3.23 -34.13
C TYR B 692 -29.42 3.36 -34.67
N ILE B 693 -28.64 4.18 -33.97
CA ILE B 693 -27.26 4.50 -34.28
C ILE B 693 -26.25 3.75 -33.39
N ASP B 694 -25.44 2.88 -34.02
CA ASP B 694 -24.39 2.13 -33.32
C ASP B 694 -23.18 3.06 -33.12
N ALA B 695 -22.15 2.64 -32.37
CA ALA B 695 -20.98 3.51 -32.14
C ALA B 695 -20.14 3.79 -33.40
N GLU B 696 -20.20 2.87 -34.38
CA GLU B 696 -19.52 2.99 -35.67
C GLU B 696 -20.26 3.98 -36.57
N GLU B 697 -21.61 3.85 -36.67
CA GLU B 697 -22.44 4.76 -37.47
C GLU B 697 -22.41 6.19 -36.91
N GLU B 698 -22.23 6.31 -35.57
CA GLU B 698 -22.13 7.56 -34.81
C GLU B 698 -21.05 8.49 -35.39
N GLU B 699 -20.01 7.90 -36.00
CA GLU B 699 -18.88 8.61 -36.59
C GLU B 699 -19.24 9.48 -37.79
N SER B 700 -20.30 9.08 -38.54
CA SER B 700 -20.72 9.78 -39.77
C SER B 700 -21.91 10.76 -39.58
N ILE B 701 -22.32 11.01 -38.32
CA ILE B 701 -23.48 11.88 -38.03
C ILE B 701 -23.10 13.12 -37.20
N LEU B 702 -23.99 14.11 -37.15
CA LEU B 702 -23.81 15.32 -36.35
C LEU B 702 -25.03 15.50 -35.46
N ILE B 703 -24.83 15.43 -34.13
CA ILE B 703 -25.89 15.48 -33.12
C ILE B 703 -25.99 16.82 -32.37
N ALA B 704 -27.22 17.36 -32.24
CA ALA B 704 -27.49 18.55 -31.45
C ALA B 704 -27.95 18.03 -30.11
N MET B 705 -27.47 18.65 -29.03
CA MET B 705 -27.77 18.25 -27.65
C MET B 705 -29.24 18.41 -27.32
N GLN B 706 -29.72 19.64 -27.48
CA GLN B 706 -31.07 20.10 -27.20
C GLN B 706 -31.75 20.34 -28.53
N PRO B 707 -33.09 20.16 -28.65
CA PRO B 707 -33.72 20.43 -29.94
C PRO B 707 -33.88 21.93 -30.07
N GLU B 708 -34.78 22.52 -29.24
CA GLU B 708 -35.10 23.95 -29.20
C GLU B 708 -33.87 24.84 -28.99
N ASP B 709 -33.02 24.49 -28.00
CA ASP B 709 -31.80 25.24 -27.65
C ASP B 709 -30.71 25.20 -28.77
N LEU B 710 -30.86 24.29 -29.78
CA LEU B 710 -29.92 24.14 -30.88
C LEU B 710 -30.59 24.00 -32.28
N GLU B 711 -31.74 24.68 -32.51
CA GLU B 711 -32.39 24.56 -33.83
C GLU B 711 -32.88 25.86 -34.50
N PRO B 712 -33.01 27.04 -33.85
CA PRO B 712 -33.55 28.22 -34.58
C PRO B 712 -32.51 29.01 -35.39
N ALA B 713 -32.22 30.28 -34.96
CA ALA B 713 -31.26 31.26 -35.52
C ALA B 713 -31.20 32.49 -34.56
N GLU B 714 -30.63 33.64 -35.00
CA GLU B 714 -30.55 34.88 -34.20
C GLU B 714 -30.51 36.17 -35.07
N ALA B 715 -30.49 37.36 -34.42
CA ALA B 715 -30.46 38.67 -35.08
C ALA B 715 -29.22 39.47 -34.68
N ASP B 722 -30.40 41.38 -20.48
CA ASP B 722 -30.92 40.53 -21.55
C ASP B 722 -30.99 39.04 -21.16
N VAL B 723 -29.82 38.38 -20.92
CA VAL B 723 -29.67 36.95 -20.57
C VAL B 723 -29.63 36.74 -19.06
N ASP B 724 -30.06 35.55 -18.58
CA ASP B 724 -30.06 35.21 -17.15
C ASP B 724 -28.61 34.89 -16.68
N PRO B 725 -28.10 35.61 -15.65
CA PRO B 725 -26.72 35.36 -15.19
C PRO B 725 -26.57 34.07 -14.39
N ALA B 726 -27.68 33.61 -13.78
CA ALA B 726 -27.77 32.44 -12.93
C ALA B 726 -27.50 31.11 -13.66
N LYS B 727 -27.91 30.99 -14.94
CA LYS B 727 -27.76 29.78 -15.77
C LYS B 727 -26.29 29.47 -16.15
N ARG B 728 -25.99 28.22 -16.57
CA ARG B 728 -24.64 27.80 -16.97
C ARG B 728 -24.27 28.26 -18.40
N ILE B 729 -22.96 28.46 -18.66
CA ILE B 729 -22.44 28.92 -19.95
C ILE B 729 -22.54 27.80 -21.02
N ARG B 730 -23.42 28.01 -22.03
CA ARG B 730 -23.72 27.06 -23.12
C ARG B 730 -23.18 27.48 -24.53
N VAL B 731 -23.08 26.48 -25.48
CA VAL B 731 -22.62 26.63 -26.88
C VAL B 731 -23.79 26.79 -27.89
N SER B 732 -23.46 27.31 -29.10
CA SER B 732 -24.40 27.60 -30.20
C SER B 732 -24.70 26.41 -31.15
N HIS B 733 -25.60 26.68 -32.14
CA HIS B 733 -26.04 25.78 -33.23
C HIS B 733 -25.52 26.22 -34.62
N HIS B 734 -24.20 26.58 -34.65
CA HIS B 734 -23.37 27.00 -35.80
C HIS B 734 -23.39 25.96 -36.93
N ALA B 735 -23.92 24.76 -36.61
CA ALA B 735 -24.05 23.63 -37.51
C ALA B 735 -25.33 23.73 -38.31
N THR B 736 -25.14 23.76 -39.62
CA THR B 736 -26.21 23.80 -40.60
C THR B 736 -26.53 22.33 -40.85
N THR B 737 -25.44 21.53 -40.89
CA THR B 737 -25.35 20.10 -41.18
C THR B 737 -25.89 19.13 -40.09
N PHE B 738 -26.89 19.52 -39.26
CA PHE B 738 -27.42 18.62 -38.23
C PHE B 738 -28.20 17.43 -38.78
N THR B 739 -27.72 16.22 -38.51
CA THR B 739 -28.39 15.01 -38.98
C THR B 739 -29.34 14.47 -37.92
N HIS B 740 -28.93 14.47 -36.64
CA HIS B 740 -29.70 13.94 -35.52
C HIS B 740 -29.73 14.86 -34.29
N CYS B 741 -30.66 14.59 -33.37
CA CYS B 741 -30.80 15.34 -32.12
C CYS B 741 -30.99 14.39 -30.96
N GLU B 742 -30.22 14.61 -29.89
CA GLU B 742 -30.23 13.83 -28.65
C GLU B 742 -31.58 13.91 -27.96
N ILE B 743 -32.22 12.74 -27.67
CA ILE B 743 -33.55 12.68 -27.04
C ILE B 743 -33.50 13.49 -25.76
N HIS B 744 -32.60 13.11 -24.85
CA HIS B 744 -32.32 13.89 -23.66
C HIS B 744 -30.94 13.53 -23.19
N PRO B 745 -30.06 14.56 -23.06
CA PRO B 745 -28.67 14.29 -22.65
C PRO B 745 -28.50 13.46 -21.40
N SER B 746 -29.44 13.57 -20.43
CA SER B 746 -29.39 12.84 -19.17
C SER B 746 -29.50 11.30 -19.35
N MET B 747 -29.78 10.83 -20.58
CA MET B 747 -29.87 9.40 -20.90
C MET B 747 -28.49 8.73 -21.14
N ILE B 748 -27.38 9.50 -20.98
CA ILE B 748 -26.00 8.99 -21.13
C ILE B 748 -25.64 8.14 -19.92
N LEU B 749 -26.38 8.37 -18.81
CA LEU B 749 -26.25 7.72 -17.51
C LEU B 749 -26.97 6.38 -17.47
N GLY B 750 -26.58 5.56 -16.50
CA GLY B 750 -27.16 4.25 -16.22
C GLY B 750 -28.01 4.31 -14.97
N VAL B 751 -28.70 3.20 -14.65
CA VAL B 751 -29.60 3.05 -13.51
C VAL B 751 -29.13 3.80 -12.25
N ALA B 752 -27.90 3.50 -11.74
CA ALA B 752 -27.38 4.12 -10.52
C ALA B 752 -27.22 5.61 -10.61
N ALA B 753 -26.45 6.08 -11.60
CA ALA B 753 -26.16 7.51 -11.78
C ALA B 753 -27.42 8.40 -11.85
N SER B 754 -28.52 7.79 -12.32
CA SER B 754 -29.80 8.42 -12.54
C SER B 754 -30.59 8.73 -11.26
N ILE B 755 -30.18 8.19 -10.09
CA ILE B 755 -30.82 8.47 -8.79
C ILE B 755 -30.18 9.73 -8.12
N ILE B 756 -28.98 10.13 -8.62
CA ILE B 756 -28.21 11.28 -8.09
C ILE B 756 -28.90 12.58 -8.40
N PRO B 757 -29.23 13.35 -7.33
CA PRO B 757 -29.76 14.70 -7.51
C PRO B 757 -28.66 15.69 -7.95
N PHE B 758 -28.87 16.44 -9.05
CA PHE B 758 -27.92 17.40 -9.64
C PHE B 758 -26.50 16.83 -9.86
N PRO B 759 -26.28 15.66 -10.54
CA PRO B 759 -24.89 15.16 -10.69
C PRO B 759 -23.95 16.08 -11.48
N ASP B 760 -24.56 17.05 -12.17
CA ASP B 760 -23.91 18.10 -12.94
C ASP B 760 -23.36 19.21 -12.00
N HIS B 761 -23.64 19.12 -10.70
CA HIS B 761 -23.13 20.09 -9.74
C HIS B 761 -22.10 19.40 -8.81
N ASN B 762 -21.61 18.22 -9.18
CA ASN B 762 -20.65 17.47 -8.37
C ASN B 762 -19.31 17.21 -9.03
N GLN B 763 -18.30 16.90 -8.20
CA GLN B 763 -16.97 16.50 -8.66
C GLN B 763 -17.16 15.07 -9.20
N SER B 764 -16.62 14.84 -10.41
CA SER B 764 -16.71 13.62 -11.22
C SER B 764 -16.72 12.29 -10.44
N PRO B 765 -15.74 12.02 -9.56
CA PRO B 765 -15.73 10.71 -8.90
C PRO B 765 -16.74 10.61 -7.77
N ARG B 766 -17.16 11.73 -7.19
CA ARG B 766 -18.15 11.65 -6.12
C ARG B 766 -19.44 10.94 -6.61
N ASN B 767 -19.80 11.13 -7.90
CA ASN B 767 -20.92 10.46 -8.59
C ASN B 767 -20.60 8.97 -8.73
N THR B 768 -19.39 8.64 -9.21
CA THR B 768 -18.87 7.27 -9.37
C THR B 768 -19.05 6.44 -8.10
N TYR B 769 -18.78 7.08 -6.93
CA TYR B 769 -18.89 6.54 -5.56
C TYR B 769 -20.34 6.21 -5.26
N GLN B 770 -21.24 7.21 -5.38
CA GLN B 770 -22.67 7.02 -5.14
C GLN B 770 -23.23 5.92 -6.07
N SER B 771 -22.62 5.75 -7.28
CA SER B 771 -22.96 4.71 -8.27
C SER B 771 -22.32 3.40 -7.82
N ALA B 772 -22.50 3.07 -6.54
CA ALA B 772 -21.95 1.89 -5.86
C ALA B 772 -22.61 1.76 -4.50
N MET B 773 -22.85 2.90 -3.86
CA MET B 773 -23.46 2.96 -2.56
C MET B 773 -24.96 2.72 -2.56
N GLY B 774 -25.65 3.22 -3.58
CA GLY B 774 -27.09 3.05 -3.72
C GLY B 774 -27.50 1.59 -3.87
N LYS B 775 -26.53 0.75 -4.23
CA LYS B 775 -26.67 -0.69 -4.41
C LYS B 775 -26.53 -1.35 -3.04
N GLN B 776 -25.83 -0.68 -2.12
CA GLN B 776 -25.59 -1.15 -0.76
C GLN B 776 -26.57 -0.50 0.22
N ALA B 777 -27.59 0.23 -0.30
CA ALA B 777 -28.62 0.89 0.51
C ALA B 777 -29.81 -0.05 0.72
N MET B 778 -30.50 0.10 1.86
CA MET B 778 -31.66 -0.72 2.21
C MET B 778 -32.90 -0.16 1.56
N GLY B 779 -34.00 -0.89 1.68
CA GLY B 779 -35.29 -0.47 1.14
C GLY B 779 -36.12 -1.66 0.69
N VAL B 780 -37.25 -1.37 0.05
CA VAL B 780 -38.12 -2.41 -0.50
C VAL B 780 -37.49 -2.81 -1.82
N PHE B 781 -37.35 -4.14 -2.04
CA PHE B 781 -36.72 -4.65 -3.26
C PHE B 781 -37.69 -5.29 -4.23
N LEU B 782 -38.81 -5.76 -3.68
CA LEU B 782 -39.96 -6.42 -4.31
C LEU B 782 -41.11 -6.41 -3.29
N THR B 783 -42.35 -6.26 -3.74
CA THR B 783 -43.49 -6.25 -2.81
C THR B 783 -43.81 -7.69 -2.29
N ASN B 784 -43.31 -8.73 -2.98
CA ASN B 784 -43.54 -10.11 -2.56
C ASN B 784 -42.49 -10.58 -1.55
N TYR B 785 -41.74 -9.64 -0.92
CA TYR B 785 -40.64 -9.93 0.03
C TYR B 785 -41.07 -10.87 1.15
N ASN B 786 -42.35 -10.82 1.49
CA ASN B 786 -42.97 -11.58 2.56
C ASN B 786 -43.24 -13.06 2.20
N VAL B 787 -43.20 -13.40 0.89
CA VAL B 787 -43.50 -14.75 0.38
C VAL B 787 -42.27 -15.43 -0.26
N ARG B 788 -41.09 -14.81 -0.11
CA ARG B 788 -39.81 -15.29 -0.63
C ARG B 788 -39.00 -15.86 0.52
N MET B 789 -38.25 -16.94 0.26
CA MET B 789 -37.44 -17.59 1.30
C MET B 789 -35.93 -17.45 1.05
N ASP B 790 -35.47 -16.21 0.81
CA ASP B 790 -34.08 -15.84 0.53
C ASP B 790 -33.25 -15.82 1.80
N THR B 791 -31.93 -16.11 1.70
CA THR B 791 -31.01 -15.99 2.84
C THR B 791 -30.76 -14.51 2.90
N MET B 792 -31.02 -13.87 4.03
CA MET B 792 -30.81 -12.42 4.17
C MET B 792 -31.67 -11.53 3.24
N ALA B 793 -32.40 -10.66 3.90
CA ALA B 793 -33.23 -9.65 3.28
C ALA B 793 -33.34 -8.55 4.31
N ASN B 794 -32.89 -7.35 3.91
CA ASN B 794 -32.97 -6.15 4.72
C ASN B 794 -34.07 -5.24 4.09
N ILE B 795 -35.09 -4.84 4.89
CA ILE B 795 -36.22 -4.01 4.47
C ILE B 795 -36.37 -2.78 5.35
N LEU B 796 -36.48 -1.60 4.73
CA LEU B 796 -36.62 -0.35 5.46
C LEU B 796 -38.04 -0.31 6.03
N TYR B 797 -38.17 -0.10 7.36
CA TYR B 797 -39.44 -0.03 8.11
C TYR B 797 -40.38 1.00 7.45
N TYR B 798 -39.90 2.26 7.39
CA TYR B 798 -40.67 3.32 6.78
C TYR B 798 -39.89 3.98 5.64
N PRO B 799 -40.06 3.48 4.39
CA PRO B 799 -39.39 4.16 3.27
C PRO B 799 -40.16 5.43 2.97
N GLN B 800 -39.44 6.40 2.40
CA GLN B 800 -39.95 7.69 1.98
C GLN B 800 -39.42 7.91 0.58
N LYS B 801 -40.24 8.35 -0.35
CA LYS B 801 -39.71 8.67 -1.68
C LYS B 801 -38.89 9.99 -1.51
N PRO B 802 -37.79 10.25 -2.24
CA PRO B 802 -37.06 11.52 -2.05
C PRO B 802 -37.81 12.79 -2.49
N LEU B 803 -37.40 13.96 -1.93
CA LEU B 803 -37.97 15.28 -2.26
C LEU B 803 -37.28 15.82 -3.53
N GLY B 804 -35.96 15.61 -3.61
CA GLY B 804 -35.16 15.95 -4.78
C GLY B 804 -35.10 14.74 -5.68
N THR B 805 -35.75 14.80 -6.87
CA THR B 805 -35.87 13.67 -7.79
C THR B 805 -35.53 14.01 -9.23
N THR B 806 -35.15 12.97 -10.01
CA THR B 806 -34.86 13.11 -11.44
C THR B 806 -36.16 12.90 -12.22
N ARG B 807 -36.17 13.36 -13.48
CA ARG B 807 -37.28 13.12 -14.40
C ARG B 807 -37.15 11.62 -14.74
N ALA B 808 -35.91 11.08 -14.67
CA ALA B 808 -35.49 9.72 -14.97
C ALA B 808 -35.86 8.68 -13.93
N MET B 809 -36.14 9.09 -12.68
CA MET B 809 -36.51 8.19 -11.58
C MET B 809 -37.83 7.47 -11.83
N GLU B 810 -38.67 8.11 -12.64
CA GLU B 810 -40.01 7.71 -13.08
C GLU B 810 -39.95 6.29 -13.64
N TYR B 811 -39.11 6.12 -14.66
CA TYR B 811 -38.86 4.92 -15.45
C TYR B 811 -38.20 3.81 -14.65
N LEU B 812 -37.45 4.19 -13.62
CA LEU B 812 -36.71 3.31 -12.73
C LEU B 812 -37.52 2.79 -11.55
N LYS B 813 -38.79 3.22 -11.42
CA LYS B 813 -39.71 2.84 -10.33
C LYS B 813 -39.15 3.10 -8.91
N PHE B 814 -38.25 4.11 -8.75
CA PHE B 814 -37.60 4.45 -7.47
C PHE B 814 -38.53 5.03 -6.43
N ARG B 815 -39.36 6.01 -6.82
CA ARG B 815 -40.28 6.65 -5.88
C ARG B 815 -41.44 5.70 -5.40
N GLU B 816 -41.50 4.48 -5.97
CA GLU B 816 -42.46 3.44 -5.64
C GLU B 816 -41.75 2.43 -4.72
N LEU B 817 -40.44 2.18 -4.93
CA LEU B 817 -39.64 1.31 -4.06
C LEU B 817 -38.34 2.03 -3.60
N PRO B 818 -38.44 2.96 -2.61
CA PRO B 818 -37.27 3.79 -2.21
C PRO B 818 -36.10 3.12 -1.42
N ALA B 819 -34.97 3.90 -1.28
CA ALA B 819 -33.65 3.56 -0.70
C ALA B 819 -33.39 4.13 0.70
N GLY B 820 -34.22 5.08 1.09
CA GLY B 820 -34.06 5.75 2.37
C GLY B 820 -35.17 6.68 2.77
N GLN B 821 -34.77 7.66 3.61
CA GLN B 821 -35.62 8.66 4.22
C GLN B 821 -35.10 10.07 4.05
N ASN B 822 -36.03 11.03 3.95
CA ASN B 822 -35.72 12.45 3.85
C ASN B 822 -35.43 12.93 5.27
N ALA B 823 -34.18 12.77 5.76
CA ALA B 823 -33.79 13.17 7.12
C ALA B 823 -33.54 14.66 7.24
N ILE B 824 -33.79 15.24 8.42
CA ILE B 824 -33.55 16.66 8.68
C ILE B 824 -32.07 16.86 9.04
N VAL B 825 -31.31 17.22 8.03
CA VAL B 825 -29.87 17.33 8.11
C VAL B 825 -29.39 18.75 8.46
N ALA B 826 -28.65 18.85 9.57
CA ALA B 826 -28.05 20.12 9.99
C ALA B 826 -26.56 20.01 9.75
N ILE B 827 -25.99 20.91 8.91
CA ILE B 827 -24.56 20.91 8.66
C ILE B 827 -23.90 21.78 9.71
N ALA B 828 -23.59 21.21 10.88
CA ALA B 828 -23.01 21.97 11.97
C ALA B 828 -21.92 21.22 12.69
N CYS B 829 -21.17 21.94 13.55
CA CYS B 829 -20.15 21.43 14.45
C CYS B 829 -20.83 21.41 15.78
N TYR B 830 -20.99 20.21 16.34
CA TYR B 830 -21.64 20.22 17.63
C TYR B 830 -20.68 19.80 18.71
N SER B 831 -20.94 18.66 19.32
CA SER B 831 -20.09 18.16 20.39
C SER B 831 -18.72 17.66 19.91
N GLY B 832 -18.47 17.69 18.59
CA GLY B 832 -17.23 17.20 18.03
C GLY B 832 -17.22 15.68 18.05
N TYR B 833 -18.40 15.06 17.82
CA TYR B 833 -18.62 13.62 17.72
C TYR B 833 -18.81 13.21 16.24
N ASN B 834 -19.28 14.18 15.40
CA ASN B 834 -19.52 14.14 13.96
C ASN B 834 -18.25 14.38 13.13
N GLN B 835 -17.11 14.51 13.80
CA GLN B 835 -15.81 14.77 13.18
C GLN B 835 -15.32 13.63 12.28
N GLU B 836 -14.60 14.00 11.22
CA GLU B 836 -13.96 13.10 10.28
C GLU B 836 -14.87 12.03 9.73
N ASP B 837 -15.72 12.41 8.76
CA ASP B 837 -16.64 11.53 8.04
C ASP B 837 -17.67 10.78 8.96
N SER B 838 -17.86 11.20 10.23
CA SER B 838 -18.87 10.55 11.07
C SER B 838 -20.08 11.48 11.25
N MET B 839 -21.11 11.04 11.99
CA MET B 839 -22.31 11.85 12.14
C MET B 839 -23.05 11.68 13.45
N ILE B 840 -23.74 12.73 13.93
CA ILE B 840 -24.55 12.68 15.15
C ILE B 840 -26.00 12.43 14.70
N MET B 841 -26.73 11.57 15.44
CA MET B 841 -28.11 11.28 15.09
C MET B 841 -29.09 11.44 16.25
N ASN B 842 -30.31 11.94 15.97
CA ASN B 842 -31.35 12.18 16.96
C ASN B 842 -31.96 10.89 17.47
N GLN B 843 -31.56 10.49 18.68
CA GLN B 843 -32.03 9.30 19.40
C GLN B 843 -33.54 9.39 19.60
N SER B 844 -34.05 10.60 19.93
CA SER B 844 -35.50 10.82 20.07
C SER B 844 -36.17 10.49 18.73
N SER B 845 -35.56 10.89 17.59
CA SER B 845 -36.07 10.55 16.25
C SER B 845 -35.93 9.05 15.97
N ILE B 846 -34.80 8.44 16.42
CA ILE B 846 -34.49 7.01 16.24
C ILE B 846 -35.60 6.14 16.89
N ASP B 847 -36.10 6.56 18.06
CA ASP B 847 -37.19 5.92 18.78
C ASP B 847 -38.50 5.95 17.98
N ARG B 848 -38.80 7.11 17.37
CA ARG B 848 -40.03 7.36 16.61
C ARG B 848 -40.14 6.51 15.31
N GLY B 849 -39.08 5.74 15.04
CA GLY B 849 -38.99 4.83 13.91
C GLY B 849 -38.03 5.25 12.80
N LEU B 850 -37.17 6.26 13.04
CA LEU B 850 -36.21 6.73 12.02
C LEU B 850 -35.22 5.62 11.71
N PHE B 851 -34.98 5.39 10.40
CA PHE B 851 -34.08 4.41 9.80
C PHE B 851 -34.11 3.00 10.42
N ARG B 852 -35.32 2.55 10.81
CA ARG B 852 -35.44 1.21 11.35
C ARG B 852 -35.50 0.22 10.17
N SER B 853 -34.79 -0.92 10.32
CA SER B 853 -34.68 -1.98 9.33
C SER B 853 -35.43 -3.22 9.83
N LEU B 854 -35.61 -4.16 8.93
CA LEU B 854 -36.19 -5.47 9.17
C LEU B 854 -35.19 -6.46 8.57
N PHE B 855 -34.59 -7.34 9.38
CA PHE B 855 -33.63 -8.29 8.83
C PHE B 855 -34.18 -9.71 8.87
N PHE B 856 -34.09 -10.42 7.73
CA PHE B 856 -34.57 -11.79 7.62
C PHE B 856 -33.43 -12.64 7.21
N ARG B 857 -33.40 -13.91 7.64
CA ARG B 857 -32.41 -14.88 7.19
C ARG B 857 -33.06 -16.25 7.03
N SER B 858 -32.85 -16.90 5.87
CA SER B 858 -33.43 -18.21 5.66
C SER B 858 -32.40 -19.31 5.79
N TYR B 859 -32.62 -20.21 6.77
CA TYR B 859 -31.79 -21.37 7.06
C TYR B 859 -32.42 -22.56 6.35
N MET B 860 -31.65 -23.31 5.57
CA MET B 860 -32.16 -24.44 4.79
C MET B 860 -31.49 -25.77 5.13
N ASP B 861 -32.26 -26.88 5.02
CA ASP B 861 -31.82 -28.24 5.26
C ASP B 861 -32.63 -29.27 4.47
N GLN B 862 -32.03 -30.47 4.28
CA GLN B 862 -32.57 -31.60 3.51
C GLN B 862 -32.17 -32.92 4.17
N GLU B 863 -33.03 -33.93 4.11
CA GLU B 863 -32.74 -35.26 4.64
C GLU B 863 -31.82 -35.93 3.62
N LYS B 864 -30.53 -36.17 3.98
CA LYS B 864 -29.56 -36.83 3.08
C LYS B 864 -29.92 -38.31 2.89
N LYS B 865 -29.67 -38.86 1.68
CA LYS B 865 -29.91 -40.28 1.37
C LYS B 865 -28.58 -40.96 1.05
N TYR B 866 -28.35 -42.16 1.64
CA TYR B 866 -27.11 -42.90 1.43
C TYR B 866 -27.36 -44.24 0.69
N GLY B 867 -27.74 -44.10 -0.59
CA GLY B 867 -27.99 -45.18 -1.54
C GLY B 867 -28.99 -46.25 -1.16
N MET B 868 -28.58 -47.17 -0.28
CA MET B 868 -29.38 -48.30 0.18
C MET B 868 -30.46 -47.90 1.19
N SER B 869 -31.27 -46.86 0.85
CA SER B 869 -32.36 -46.29 1.65
C SER B 869 -31.92 -45.87 3.07
N ILE B 870 -30.59 -45.64 3.25
CA ILE B 870 -29.92 -45.21 4.50
C ILE B 870 -30.11 -43.68 4.56
N THR B 871 -31.32 -43.23 4.99
CA THR B 871 -31.70 -41.81 5.02
C THR B 871 -31.68 -41.20 6.41
N GLU B 872 -31.29 -39.92 6.47
CA GLU B 872 -31.29 -39.10 7.66
C GLU B 872 -32.73 -38.74 7.98
N THR B 873 -33.00 -38.33 9.23
CA THR B 873 -34.35 -37.97 9.67
C THR B 873 -34.41 -36.69 10.46
N PHE B 874 -35.54 -35.96 10.35
CA PHE B 874 -35.77 -34.72 11.06
C PHE B 874 -36.49 -35.06 12.35
N GLU B 875 -35.80 -34.89 13.48
CA GLU B 875 -36.32 -35.20 14.81
C GLU B 875 -35.59 -34.45 15.90
N LYS B 876 -36.25 -34.23 17.04
CA LYS B 876 -35.65 -33.61 18.22
C LYS B 876 -34.91 -34.75 18.97
N PRO B 877 -33.57 -34.88 18.84
CA PRO B 877 -32.88 -35.98 19.50
C PRO B 877 -32.40 -35.66 20.91
N GLN B 878 -32.01 -36.69 21.68
CA GLN B 878 -31.45 -36.54 23.03
C GLN B 878 -30.12 -37.32 23.12
N ARG B 879 -29.87 -38.10 24.19
CA ARG B 879 -28.63 -38.88 24.36
C ARG B 879 -28.42 -39.96 23.28
N THR B 880 -28.70 -41.25 23.60
CA THR B 880 -28.57 -42.42 22.70
C THR B 880 -27.08 -42.69 22.28
N ASN B 881 -26.66 -44.00 22.33
CA ASN B 881 -25.36 -44.70 22.11
C ASN B 881 -24.17 -43.89 21.54
N THR B 882 -24.36 -43.11 20.44
CA THR B 882 -23.32 -42.28 19.75
C THR B 882 -22.88 -41.01 20.57
N LEU B 883 -23.86 -40.14 20.98
CA LEU B 883 -23.73 -38.92 21.80
C LEU B 883 -23.10 -37.68 21.07
N ARG B 884 -22.80 -37.76 19.74
CA ARG B 884 -22.24 -36.63 19.00
C ARG B 884 -23.37 -35.61 18.83
N MET B 885 -23.36 -34.48 19.59
CA MET B 885 -24.46 -33.49 19.59
C MET B 885 -23.99 -32.08 19.88
N LYS B 886 -24.85 -31.07 19.57
CA LYS B 886 -24.61 -29.63 19.75
C LYS B 886 -24.79 -29.16 21.19
N HIS B 887 -24.01 -28.10 21.56
CA HIS B 887 -24.03 -27.44 22.87
C HIS B 887 -25.42 -26.89 23.15
N GLY B 888 -25.90 -26.06 22.20
CA GLY B 888 -27.17 -25.32 22.18
C GLY B 888 -28.43 -26.08 22.53
N THR B 889 -29.48 -25.35 22.89
CA THR B 889 -30.72 -25.99 23.33
C THR B 889 -31.58 -26.50 22.20
N TYR B 890 -32.00 -27.74 22.36
CA TYR B 890 -32.85 -28.48 21.43
C TYR B 890 -34.29 -28.30 21.86
N ASP B 891 -34.48 -27.93 23.14
CA ASP B 891 -35.75 -27.74 23.82
C ASP B 891 -36.72 -26.76 23.13
N LYS B 892 -36.23 -25.99 22.10
CA LYS B 892 -37.03 -25.05 21.33
C LYS B 892 -37.76 -25.75 20.14
N LEU B 893 -37.18 -26.88 19.66
CA LEU B 893 -37.69 -27.71 18.57
C LEU B 893 -38.94 -28.47 18.99
N ASP B 894 -39.81 -28.74 18.01
CA ASP B 894 -41.00 -29.56 18.22
C ASP B 894 -40.56 -31.02 17.96
N ASP B 895 -41.51 -31.96 17.83
CA ASP B 895 -41.20 -33.38 17.63
C ASP B 895 -40.71 -33.72 16.22
N ASP B 896 -40.96 -32.80 15.27
CA ASP B 896 -40.52 -32.89 13.87
C ASP B 896 -39.08 -32.37 13.72
N GLY B 897 -38.50 -31.92 14.84
CA GLY B 897 -37.16 -31.34 14.87
C GLY B 897 -37.14 -29.98 14.20
N LEU B 898 -38.27 -29.27 14.29
CA LEU B 898 -38.44 -27.96 13.67
C LEU B 898 -39.14 -27.01 14.63
N ILE B 899 -38.57 -25.80 14.84
CA ILE B 899 -39.13 -24.73 15.69
C ILE B 899 -40.44 -24.22 15.08
N ALA B 900 -41.43 -23.88 15.93
CA ALA B 900 -42.68 -23.33 15.45
C ALA B 900 -42.47 -21.84 15.07
N PRO B 901 -43.26 -21.24 14.16
CA PRO B 901 -42.98 -19.88 13.73
C PRO B 901 -43.21 -18.75 14.74
N GLY B 902 -43.52 -19.03 16.01
CA GLY B 902 -43.70 -17.97 16.99
C GLY B 902 -42.46 -17.64 17.83
N VAL B 903 -41.76 -18.68 18.27
CA VAL B 903 -40.57 -18.73 19.12
C VAL B 903 -39.51 -17.64 18.86
N ARG B 904 -38.86 -17.21 19.96
CA ARG B 904 -37.77 -16.24 20.03
C ARG B 904 -36.44 -17.00 20.23
N VAL B 905 -35.68 -17.18 19.14
CA VAL B 905 -34.36 -17.86 19.13
C VAL B 905 -33.23 -16.90 19.50
N SER B 906 -32.05 -17.41 19.89
CA SER B 906 -31.04 -16.45 20.30
C SER B 906 -29.57 -16.87 20.11
N GLY B 907 -29.05 -17.73 20.97
CA GLY B 907 -27.62 -18.07 20.92
C GLY B 907 -27.29 -19.08 19.86
N GLU B 908 -26.69 -20.16 20.29
CA GLU B 908 -26.37 -21.29 19.43
C GLU B 908 -27.54 -22.30 19.51
N ASP B 909 -28.77 -21.75 19.74
CA ASP B 909 -30.04 -22.44 19.83
C ASP B 909 -30.27 -23.24 18.56
N VAL B 910 -30.71 -24.50 18.71
CA VAL B 910 -30.94 -25.36 17.55
C VAL B 910 -32.23 -24.97 16.85
N ILE B 911 -32.14 -24.71 15.53
CA ILE B 911 -33.22 -24.32 14.64
C ILE B 911 -33.88 -25.52 13.90
N ILE B 912 -33.05 -26.46 13.46
CA ILE B 912 -33.44 -27.69 12.76
C ILE B 912 -32.69 -28.84 13.46
N GLY B 913 -33.44 -29.88 13.84
CA GLY B 913 -32.96 -31.10 14.45
C GLY B 913 -33.03 -32.23 13.46
N LYS B 914 -31.88 -32.76 13.05
CA LYS B 914 -31.78 -33.83 12.07
C LYS B 914 -30.76 -34.82 12.62
N THR B 915 -30.83 -36.10 12.20
CA THR B 915 -29.90 -37.12 12.71
C THR B 915 -29.46 -38.14 11.68
N THR B 916 -28.19 -38.58 11.78
CA THR B 916 -27.60 -39.57 10.89
C THR B 916 -27.27 -40.84 11.66
N PRO B 917 -27.78 -42.01 11.24
CA PRO B 917 -27.39 -43.25 11.92
C PRO B 917 -26.07 -43.79 11.33
N ILE B 918 -25.52 -44.93 11.83
CA ILE B 918 -24.28 -45.51 11.28
C ILE B 918 -24.10 -47.02 11.65
N SER B 919 -23.14 -47.74 10.98
CA SER B 919 -22.80 -49.15 11.20
C SER B 919 -21.38 -49.47 10.70
N SER B 933 -27.10 -44.19 18.44
CA SER B 933 -27.05 -43.63 17.09
C SER B 933 -27.32 -42.05 16.96
N LYS B 934 -27.24 -41.29 18.11
CA LYS B 934 -27.43 -39.82 18.25
C LYS B 934 -26.18 -39.12 18.87
N ARG B 935 -25.29 -40.10 15.55
CA ARG B 935 -24.71 -38.77 15.43
C ARG B 935 -25.68 -37.72 14.97
N ASP B 936 -25.43 -36.49 15.41
CA ASP B 936 -26.23 -35.31 15.13
C ASP B 936 -26.04 -34.81 13.70
N ALA B 937 -27.01 -34.00 13.21
CA ALA B 937 -27.04 -33.39 11.87
C ALA B 937 -27.79 -32.04 11.88
N SER B 938 -28.14 -31.59 13.11
CA SER B 938 -28.91 -30.38 13.47
C SER B 938 -28.21 -29.06 13.11
N THR B 939 -28.99 -28.06 12.62
CA THR B 939 -28.45 -26.75 12.20
C THR B 939 -28.74 -25.61 13.23
N PRO B 940 -27.74 -25.21 14.07
CA PRO B 940 -28.01 -24.15 15.06
C PRO B 940 -27.96 -22.75 14.48
N LEU B 941 -28.70 -21.84 15.11
CA LEU B 941 -28.79 -20.44 14.74
C LEU B 941 -27.43 -19.80 14.79
N ARG B 942 -27.06 -19.08 13.69
CA ARG B 942 -25.77 -18.40 13.55
C ARG B 942 -25.38 -17.71 14.84
N SER B 943 -24.24 -18.14 15.41
CA SER B 943 -23.65 -17.71 16.68
C SER B 943 -23.86 -16.20 17.00
N THR B 944 -23.40 -15.32 16.09
CA THR B 944 -23.49 -13.87 16.23
C THR B 944 -24.92 -13.35 16.40
N GLU B 945 -25.85 -13.94 15.62
CA GLU B 945 -27.28 -13.59 15.48
C GLU B 945 -28.14 -13.88 16.69
N ASN B 946 -29.43 -13.48 16.58
CA ASN B 946 -30.51 -13.64 17.53
C ASN B 946 -31.81 -13.11 16.87
N GLY B 947 -33.00 -13.61 17.27
CA GLY B 947 -34.25 -13.13 16.69
C GLY B 947 -35.50 -13.92 17.03
N ILE B 948 -36.52 -13.86 16.12
CA ILE B 948 -37.84 -14.54 16.22
C ILE B 948 -38.03 -15.38 14.96
N VAL B 949 -38.44 -16.66 15.14
CA VAL B 949 -38.73 -17.57 14.03
C VAL B 949 -39.89 -16.94 13.29
N ASP B 950 -39.71 -16.67 11.99
CA ASP B 950 -40.70 -16.00 11.17
C ASP B 950 -41.66 -16.96 10.47
N GLN B 951 -41.16 -17.69 9.46
CA GLN B 951 -41.96 -18.60 8.66
C GLN B 951 -41.16 -19.89 8.49
N VAL B 952 -41.80 -21.07 8.68
CA VAL B 952 -41.11 -22.37 8.52
C VAL B 952 -41.81 -23.18 7.46
N LEU B 953 -41.11 -23.56 6.37
CA LEU B 953 -41.77 -24.38 5.36
C LEU B 953 -41.13 -25.75 5.27
N VAL B 954 -42.01 -26.76 5.11
CA VAL B 954 -41.69 -28.18 4.99
C VAL B 954 -42.22 -28.61 3.63
N THR B 955 -41.33 -28.99 2.71
CA THR B 955 -41.71 -29.43 1.36
C THR B 955 -40.92 -30.67 0.97
N THR B 956 -40.87 -30.97 -0.34
CA THR B 956 -40.14 -32.10 -0.88
C THR B 956 -39.24 -31.67 -2.04
N ASN B 957 -37.99 -32.14 -2.03
CA ASN B 957 -37.01 -31.91 -3.09
C ASN B 957 -37.43 -32.79 -4.28
N GLN B 958 -37.08 -32.41 -5.53
CA GLN B 958 -37.42 -33.13 -6.77
C GLN B 958 -37.26 -34.67 -6.69
N ASP B 959 -36.34 -35.15 -5.81
CA ASP B 959 -36.03 -36.57 -5.62
C ASP B 959 -36.67 -37.22 -4.36
N GLY B 960 -37.74 -36.60 -3.85
CA GLY B 960 -38.56 -37.11 -2.75
C GLY B 960 -38.08 -36.94 -1.32
N LEU B 961 -36.99 -36.19 -1.11
CA LEU B 961 -36.45 -35.98 0.24
C LEU B 961 -37.15 -34.85 0.97
N LYS B 962 -37.18 -34.89 2.32
CA LYS B 962 -37.76 -33.84 3.16
C LYS B 962 -36.88 -32.57 3.06
N PHE B 963 -37.46 -31.50 2.54
CA PHE B 963 -36.83 -30.22 2.31
C PHE B 963 -37.39 -29.16 3.29
N VAL B 964 -36.51 -28.47 4.05
CA VAL B 964 -36.95 -27.49 5.05
C VAL B 964 -36.20 -26.16 4.98
N LYS B 965 -36.94 -25.04 4.87
CA LYS B 965 -36.44 -23.67 4.91
C LYS B 965 -37.09 -23.02 6.12
N VAL B 966 -36.30 -22.30 6.91
CA VAL B 966 -36.71 -21.64 8.15
C VAL B 966 -36.28 -20.16 8.09
N ARG B 967 -37.22 -19.23 8.20
CA ARG B 967 -36.89 -17.81 8.15
C ARG B 967 -36.85 -17.24 9.55
N VAL B 968 -35.83 -16.43 9.85
CA VAL B 968 -35.73 -15.79 11.17
C VAL B 968 -35.71 -14.27 11.03
N ARG B 969 -36.78 -13.63 11.50
CA ARG B 969 -36.96 -12.19 11.44
C ARG B 969 -36.41 -11.51 12.72
N THR B 970 -35.84 -10.30 12.55
CA THR B 970 -35.28 -9.44 13.62
C THR B 970 -35.45 -7.98 13.16
N THR B 971 -35.43 -7.00 14.06
CA THR B 971 -35.53 -5.58 13.68
C THR B 971 -34.25 -4.91 13.99
N LYS B 972 -33.67 -4.23 13.01
CA LYS B 972 -32.40 -3.56 13.19
C LYS B 972 -32.56 -2.07 13.54
N ILE B 973 -32.08 -1.70 14.75
CA ILE B 973 -32.14 -0.32 15.20
C ILE B 973 -30.87 0.40 14.86
N PRO B 974 -30.95 1.62 14.26
CA PRO B 974 -29.70 2.36 13.98
C PRO B 974 -28.94 2.64 15.29
N GLN B 975 -27.83 1.89 15.47
CA GLN B 975 -26.93 1.86 16.64
C GLN B 975 -25.76 2.87 16.40
N ILE B 976 -24.53 2.66 16.95
CA ILE B 976 -23.53 3.69 16.76
C ILE B 976 -22.65 3.43 15.53
N GLY B 977 -21.98 2.31 15.40
CA GLY B 977 -21.13 2.10 14.21
C GLY B 977 -21.84 1.99 12.85
N ASP B 978 -23.16 2.21 12.88
CA ASP B 978 -24.04 2.10 11.73
C ASP B 978 -23.78 3.18 10.65
N LYS B 979 -23.38 2.71 9.45
CA LYS B 979 -23.07 3.51 8.27
C LYS B 979 -24.35 4.04 7.65
N PHE B 980 -24.26 5.25 7.07
CA PHE B 980 -25.30 6.03 6.38
C PHE B 980 -24.65 6.91 5.34
N ALA B 981 -25.37 7.28 4.27
CA ALA B 981 -24.78 8.11 3.21
C ALA B 981 -25.79 8.89 2.43
N SER B 982 -25.40 10.08 1.96
CA SER B 982 -26.30 10.85 1.11
C SER B 982 -26.11 10.31 -0.31
N ARG B 983 -26.83 10.88 -1.29
CA ARG B 983 -26.71 10.41 -2.67
C ARG B 983 -25.57 11.15 -3.39
N HIS B 984 -24.49 11.48 -2.63
CA HIS B 984 -23.35 12.28 -3.10
C HIS B 984 -21.99 11.75 -2.65
N GLY B 985 -21.90 10.46 -2.33
CA GLY B 985 -20.64 9.91 -1.83
C GLY B 985 -20.23 10.50 -0.48
N GLN B 986 -21.22 10.90 0.31
CA GLN B 986 -21.08 11.50 1.63
C GLN B 986 -21.41 10.45 2.73
N LYS B 987 -20.57 9.40 2.76
CA LYS B 987 -20.69 8.29 3.70
C LYS B 987 -20.19 8.63 5.12
N GLY B 988 -20.77 7.99 6.12
CA GLY B 988 -20.39 8.17 7.51
C GLY B 988 -21.09 7.24 8.48
N THR B 989 -20.50 7.05 9.66
CA THR B 989 -21.18 6.22 10.65
C THR B 989 -21.63 7.16 11.74
N ILE B 990 -22.55 6.71 12.60
CA ILE B 990 -22.98 7.48 13.75
C ILE B 990 -21.81 7.51 14.77
N GLY B 991 -21.60 8.68 15.38
CA GLY B 991 -20.58 8.87 16.40
C GLY B 991 -21.28 8.73 17.75
N ILE B 992 -22.33 9.52 17.92
CA ILE B 992 -23.14 9.52 19.11
C ILE B 992 -24.58 9.77 18.70
N THR B 993 -25.51 9.37 19.58
CA THR B 993 -26.94 9.55 19.41
C THR B 993 -27.39 10.47 20.51
N TYR B 994 -28.06 11.57 20.17
CA TYR B 994 -28.53 12.51 21.18
C TYR B 994 -30.05 12.56 21.21
N ARG B 995 -30.65 12.70 22.41
CA ARG B 995 -32.09 12.89 22.55
C ARG B 995 -32.43 14.33 22.05
N ARG B 996 -33.71 14.67 21.87
CA ARG B 996 -34.11 16.01 21.40
C ARG B 996 -33.63 17.20 22.24
N GLU B 997 -33.62 17.06 23.59
CA GLU B 997 -33.25 18.13 24.52
C GLU B 997 -31.84 18.66 24.33
N ASP B 998 -30.84 17.76 24.15
CA ASP B 998 -29.44 18.18 23.95
C ASP B 998 -29.13 18.64 22.49
N MET B 999 -30.05 18.37 21.55
CA MET B 999 -29.95 18.71 20.14
C MET B 999 -30.19 20.23 19.85
N PRO B 1000 -29.45 20.85 18.85
CA PRO B 1000 -29.65 22.29 18.56
C PRO B 1000 -30.94 22.56 17.79
N PHE B 1001 -31.74 23.53 18.27
CA PHE B 1001 -33.07 23.84 17.75
C PHE B 1001 -33.29 25.19 17.07
N THR B 1002 -34.19 25.20 16.06
CA THR B 1002 -34.63 26.42 15.36
C THR B 1002 -35.67 27.08 16.26
N ALA B 1003 -35.87 28.41 16.11
CA ALA B 1003 -36.85 29.19 16.88
C ALA B 1003 -38.29 28.60 16.82
N GLU B 1004 -38.53 27.74 15.82
CA GLU B 1004 -39.79 27.07 15.50
C GLU B 1004 -39.92 25.70 16.20
N GLY B 1005 -38.91 25.34 16.98
CA GLY B 1005 -38.91 24.06 17.69
C GLY B 1005 -38.52 22.89 16.83
N ILE B 1006 -38.10 23.12 15.57
CA ILE B 1006 -37.64 22.06 14.68
C ILE B 1006 -36.21 21.73 15.10
N VAL B 1007 -35.90 20.43 15.12
CA VAL B 1007 -34.59 19.93 15.51
C VAL B 1007 -34.02 18.99 14.42
N PRO B 1008 -32.68 18.79 14.27
CA PRO B 1008 -32.21 17.86 13.23
C PRO B 1008 -32.33 16.40 13.64
N ASP B 1009 -32.52 15.54 12.62
CA ASP B 1009 -32.58 14.09 12.74
C ASP B 1009 -31.14 13.60 12.66
N LEU B 1010 -30.28 14.37 11.96
CA LEU B 1010 -28.90 14.05 11.65
C LEU B 1010 -28.04 15.33 11.59
N ILE B 1011 -26.78 15.27 12.13
CA ILE B 1011 -25.83 16.40 12.09
C ILE B 1011 -24.55 16.00 11.41
N ILE B 1012 -24.33 16.52 10.20
CA ILE B 1012 -23.10 16.22 9.45
C ILE B 1012 -22.06 17.33 9.63
N ASN B 1013 -20.76 17.01 9.49
CA ASN B 1013 -19.69 17.98 9.69
C ASN B 1013 -19.48 18.94 8.52
N PRO B 1014 -19.41 20.29 8.76
CA PRO B 1014 -19.13 21.22 7.64
C PRO B 1014 -17.86 20.90 6.84
N HIS B 1015 -16.85 20.28 7.52
CA HIS B 1015 -15.55 19.88 6.98
C HIS B 1015 -15.61 18.93 5.79
N ALA B 1016 -16.69 18.14 5.68
CA ALA B 1016 -16.94 17.23 4.58
C ALA B 1016 -16.88 17.94 3.19
N ILE B 1017 -17.75 18.93 3.02
CA ILE B 1017 -18.03 19.71 1.83
C ILE B 1017 -16.81 20.35 1.08
N PRO B 1018 -15.89 21.17 1.70
CA PRO B 1018 -14.87 21.89 0.88
C PRO B 1018 -13.92 21.08 0.01
N SER B 1019 -13.30 20.00 0.54
CA SER B 1019 -12.37 19.16 -0.21
C SER B 1019 -13.15 18.39 -1.27
N ARG B 1020 -14.22 17.69 -0.84
CA ARG B 1020 -15.09 16.83 -1.63
C ARG B 1020 -15.77 17.54 -2.80
N MET B 1021 -16.11 18.86 -2.68
CA MET B 1021 -16.75 19.68 -3.72
C MET B 1021 -18.07 19.08 -4.24
N THR B 1022 -18.86 18.66 -3.29
CA THR B 1022 -20.13 18.00 -3.46
C THR B 1022 -21.26 19.05 -3.37
N VAL B 1023 -21.21 20.06 -4.28
CA VAL B 1023 -22.16 21.20 -4.31
C VAL B 1023 -23.61 20.73 -4.38
N ALA B 1024 -23.87 19.70 -5.18
CA ALA B 1024 -25.20 19.14 -5.36
C ALA B 1024 -25.84 18.70 -4.07
N HIS B 1025 -25.04 18.28 -3.06
CA HIS B 1025 -25.57 17.87 -1.76
C HIS B 1025 -26.29 19.04 -1.14
N LEU B 1026 -25.64 20.21 -1.16
CA LEU B 1026 -26.19 21.45 -0.61
C LEU B 1026 -27.40 21.90 -1.43
N ILE B 1027 -27.32 21.80 -2.77
CA ILE B 1027 -28.41 22.17 -3.67
C ILE B 1027 -29.63 21.24 -3.46
N GLU B 1028 -29.40 19.92 -3.23
CA GLU B 1028 -30.44 18.93 -2.91
C GLU B 1028 -31.22 19.46 -1.70
N CYS B 1029 -30.48 19.83 -0.63
CA CYS B 1029 -30.98 20.34 0.64
C CYS B 1029 -31.81 21.60 0.51
N LEU B 1030 -31.33 22.59 -0.27
CA LEU B 1030 -32.04 23.84 -0.46
C LEU B 1030 -33.36 23.61 -1.22
N LEU B 1031 -33.32 22.71 -2.23
CA LEU B 1031 -34.47 22.31 -3.05
C LEU B 1031 -35.46 21.47 -2.21
N SER B 1032 -34.94 20.48 -1.44
CA SER B 1032 -35.74 19.59 -0.59
C SER B 1032 -36.41 20.41 0.53
N LYS B 1033 -35.77 21.52 0.97
CA LYS B 1033 -36.34 22.41 2.00
C LYS B 1033 -37.62 23.04 1.44
N VAL B 1034 -37.49 23.64 0.25
CA VAL B 1034 -38.56 24.26 -0.52
C VAL B 1034 -39.68 23.24 -0.76
N ALA B 1035 -39.33 22.05 -1.28
CA ALA B 1035 -40.25 20.96 -1.58
C ALA B 1035 -41.15 20.57 -0.41
N ALA B 1036 -40.56 20.54 0.81
CA ALA B 1036 -41.26 20.20 2.04
C ALA B 1036 -42.26 21.29 2.44
N LEU B 1037 -41.92 22.57 2.21
CA LEU B 1037 -42.77 23.72 2.54
C LEU B 1037 -43.87 23.88 1.54
N SER B 1038 -43.53 23.80 0.25
CA SER B 1038 -44.42 23.99 -0.87
C SER B 1038 -45.33 22.82 -1.17
N GLY B 1039 -44.83 21.60 -0.95
CA GLY B 1039 -45.57 20.37 -1.24
C GLY B 1039 -45.65 20.17 -2.74
N ASN B 1040 -44.50 20.37 -3.42
CA ASN B 1040 -44.25 20.26 -4.85
C ASN B 1040 -42.94 19.48 -5.03
N GLU B 1041 -42.89 18.51 -5.97
CA GLU B 1041 -41.67 17.70 -6.16
C GLU B 1041 -40.52 18.52 -6.71
N GLY B 1042 -39.42 18.50 -5.98
CA GLY B 1042 -38.21 19.22 -6.35
C GLY B 1042 -37.51 18.51 -7.49
N ASP B 1043 -37.36 19.21 -8.63
CA ASP B 1043 -36.67 18.58 -9.75
C ASP B 1043 -35.19 18.75 -9.61
N ALA B 1044 -34.52 17.64 -9.31
CA ALA B 1044 -33.09 17.59 -9.16
C ALA B 1044 -32.55 16.88 -10.41
N SER B 1045 -33.21 17.10 -11.56
CA SER B 1045 -32.80 16.50 -12.82
C SER B 1045 -31.52 17.20 -13.26
N PRO B 1046 -30.59 16.49 -13.93
CA PRO B 1046 -29.27 17.09 -14.24
C PRO B 1046 -29.30 18.27 -15.18
N PHE B 1047 -29.30 18.03 -16.47
CA PHE B 1047 -29.20 19.11 -17.42
C PHE B 1047 -30.52 19.85 -17.57
N THR B 1048 -30.71 20.86 -16.71
CA THR B 1048 -31.92 21.67 -16.64
C THR B 1048 -31.64 23.15 -16.52
N ASP B 1049 -32.72 23.92 -16.28
CA ASP B 1049 -32.67 25.37 -16.13
C ASP B 1049 -33.08 25.77 -14.72
N ILE B 1050 -32.72 24.93 -13.76
CA ILE B 1050 -32.97 25.16 -12.34
C ILE B 1050 -31.69 25.71 -11.74
N THR B 1051 -31.80 26.90 -11.12
CA THR B 1051 -30.66 27.58 -10.53
C THR B 1051 -30.78 27.69 -9.04
N VAL B 1052 -29.61 27.77 -8.37
CA VAL B 1052 -29.51 27.90 -6.92
C VAL B 1052 -30.07 29.27 -6.53
N GLU B 1053 -29.90 30.24 -7.44
CA GLU B 1053 -30.42 31.57 -7.26
C GLU B 1053 -31.93 31.53 -7.36
N GLY B 1054 -32.45 30.69 -8.26
CA GLY B 1054 -33.87 30.47 -8.49
C GLY B 1054 -34.61 29.79 -7.35
N ILE B 1055 -33.95 28.81 -6.72
CA ILE B 1055 -34.47 28.06 -5.57
C ILE B 1055 -34.51 29.00 -4.37
N SER B 1056 -33.43 29.79 -4.15
CA SER B 1056 -33.33 30.78 -3.08
C SER B 1056 -34.55 31.70 -3.07
N LYS B 1057 -34.95 32.20 -4.26
CA LYS B 1057 -36.08 33.11 -4.48
C LYS B 1057 -37.38 32.58 -3.93
N LEU B 1058 -37.59 31.25 -4.03
CA LEU B 1058 -38.80 30.58 -3.54
C LEU B 1058 -38.77 30.40 -2.05
N LEU B 1059 -37.61 30.02 -1.49
CA LEU B 1059 -37.44 29.81 -0.06
C LEU B 1059 -37.64 31.13 0.71
N ARG B 1060 -37.18 32.25 0.14
CA ARG B 1060 -37.34 33.56 0.74
C ARG B 1060 -38.82 33.93 0.78
N GLU B 1061 -39.59 33.49 -0.27
CA GLU B 1061 -41.03 33.65 -0.42
C GLU B 1061 -41.77 32.75 0.58
N HIS B 1062 -41.05 31.81 1.20
CA HIS B 1062 -41.61 30.94 2.22
C HIS B 1062 -41.29 31.43 3.62
N GLY B 1063 -40.65 32.60 3.72
CA GLY B 1063 -40.31 33.26 4.96
C GLY B 1063 -39.01 32.84 5.63
N TYR B 1064 -38.15 32.10 4.90
CA TYR B 1064 -36.86 31.61 5.41
C TYR B 1064 -35.72 32.36 4.76
N GLN B 1065 -34.52 32.28 5.35
CA GLN B 1065 -33.35 32.93 4.78
C GLN B 1065 -32.93 32.15 3.52
N SER B 1066 -32.97 32.87 2.38
CA SER B 1066 -32.72 32.44 0.98
C SER B 1066 -31.62 31.38 0.74
N ARG B 1067 -30.53 31.37 1.53
CA ARG B 1067 -29.44 30.42 1.31
C ARG B 1067 -29.48 29.20 2.25
N GLY B 1068 -30.66 28.96 2.82
CA GLY B 1068 -30.97 27.82 3.68
C GLY B 1068 -30.54 27.94 5.13
N PHE B 1069 -29.83 29.03 5.48
CA PHE B 1069 -29.39 29.22 6.85
C PHE B 1069 -30.57 29.50 7.76
N GLU B 1070 -30.42 29.11 9.02
CA GLU B 1070 -31.43 29.29 10.07
C GLU B 1070 -30.67 29.50 11.36
N VAL B 1071 -31.12 30.44 12.19
CA VAL B 1071 -30.45 30.67 13.47
C VAL B 1071 -30.73 29.49 14.36
N MET B 1072 -29.74 29.06 15.12
CA MET B 1072 -30.03 27.96 16.01
C MET B 1072 -29.62 28.29 17.40
N TYR B 1073 -30.20 27.56 18.37
CA TYR B 1073 -29.93 27.72 19.80
C TYR B 1073 -29.30 26.45 20.37
N ASN B 1074 -28.36 26.62 21.31
CA ASN B 1074 -27.64 25.51 21.93
C ASN B 1074 -28.59 24.71 22.81
N GLY B 1075 -28.55 23.39 22.68
CA GLY B 1075 -29.40 22.47 23.42
C GLY B 1075 -29.21 22.51 24.93
N HIS B 1076 -27.96 22.57 25.38
CA HIS B 1076 -27.58 22.57 26.80
C HIS B 1076 -27.91 23.88 27.51
N THR B 1077 -27.57 25.01 26.90
CA THR B 1077 -27.74 26.32 27.51
C THR B 1077 -29.03 26.99 27.11
N GLY B 1078 -29.30 26.93 25.81
CA GLY B 1078 -30.44 27.61 25.22
C GLY B 1078 -30.00 28.91 24.58
N LYS B 1079 -28.70 29.22 24.67
CA LYS B 1079 -28.16 30.44 24.09
C LYS B 1079 -28.03 30.28 22.58
N LYS B 1080 -28.46 31.32 21.83
CA LYS B 1080 -28.38 31.33 20.37
C LYS B 1080 -26.95 31.03 19.99
N LEU B 1081 -26.79 30.14 19.02
CA LEU B 1081 -25.50 29.81 18.46
C LEU B 1081 -25.07 31.03 17.65
N MET B 1082 -23.81 31.47 17.88
CA MET B 1082 -23.17 32.61 17.25
C MET B 1082 -23.26 32.55 15.71
N ALA B 1083 -23.23 31.32 15.19
CA ALA B 1083 -23.34 31.00 13.78
C ALA B 1083 -24.76 30.51 13.41
N GLN B 1084 -25.12 30.70 12.15
CA GLN B 1084 -26.40 30.26 11.65
C GLN B 1084 -26.09 29.04 10.80
N ILE B 1085 -26.81 27.95 11.06
CA ILE B 1085 -26.64 26.62 10.46
C ILE B 1085 -27.46 26.42 9.17
N PHE B 1086 -26.82 25.80 8.16
CA PHE B 1086 -27.48 25.43 6.92
C PHE B 1086 -28.30 24.20 7.32
N PHE B 1087 -29.62 24.35 7.33
CA PHE B 1087 -30.55 23.33 7.84
C PHE B 1087 -31.67 23.03 6.86
N GLY B 1088 -31.96 21.76 6.67
CA GLY B 1088 -33.03 21.35 5.78
C GLY B 1088 -33.08 19.86 5.53
N PRO B 1089 -34.07 19.38 4.77
CA PRO B 1089 -34.15 17.94 4.48
C PRO B 1089 -33.11 17.52 3.46
N THR B 1090 -32.63 16.27 3.54
CA THR B 1090 -31.67 15.67 2.61
C THR B 1090 -31.90 14.16 2.62
N TYR B 1091 -32.10 13.57 1.43
CA TYR B 1091 -32.29 12.13 1.32
C TYR B 1091 -31.03 11.40 1.74
N TYR B 1092 -31.15 10.66 2.86
CA TYR B 1092 -30.09 9.84 3.44
C TYR B 1092 -30.43 8.34 3.31
N GLN B 1093 -29.40 7.52 3.06
CA GLN B 1093 -29.55 6.09 2.83
C GLN B 1093 -29.00 5.24 3.97
N ARG B 1094 -29.76 4.19 4.35
CA ARG B 1094 -29.23 3.28 5.35
C ARG B 1094 -28.45 2.22 4.61
N LEU B 1095 -27.13 2.12 4.86
CA LEU B 1095 -26.31 1.12 4.19
C LEU B 1095 -26.20 -0.14 5.01
N ARG B 1096 -25.82 -1.26 4.36
CA ARG B 1096 -25.74 -2.62 4.91
C ARG B 1096 -24.56 -2.88 5.85
N HIS B 1097 -23.81 -1.86 6.19
CA HIS B 1097 -22.65 -2.02 7.07
C HIS B 1097 -22.98 -1.56 8.47
N MET B 1098 -23.59 -2.48 9.24
CA MET B 1098 -24.01 -2.28 10.64
C MET B 1098 -22.99 -2.95 11.58
N VAL B 1099 -22.50 -2.20 12.59
CA VAL B 1099 -21.38 -2.59 13.46
C VAL B 1099 -21.53 -3.98 14.04
N ASP B 1100 -22.68 -4.33 14.61
CA ASP B 1100 -22.82 -5.62 15.25
C ASP B 1100 -22.73 -6.84 14.32
N ASP B 1101 -22.41 -6.62 13.03
CA ASP B 1101 -22.25 -7.70 12.07
C ASP B 1101 -20.79 -7.80 11.71
N LYS B 1102 -19.97 -6.90 12.31
CA LYS B 1102 -18.53 -6.77 12.11
C LYS B 1102 -17.73 -7.07 13.40
N ILE B 1103 -18.15 -6.45 14.55
CA ILE B 1103 -17.53 -6.52 15.91
C ILE B 1103 -17.14 -7.94 16.25
N HIS B 1104 -15.85 -8.15 16.53
CA HIS B 1104 -15.31 -9.47 16.83
C HIS B 1104 -14.07 -9.41 17.74
N ALA B 1105 -13.97 -10.38 18.68
CA ALA B 1105 -12.86 -10.55 19.61
C ALA B 1105 -12.71 -12.02 19.84
N ARG B 1106 -11.46 -12.48 19.79
CA ARG B 1106 -11.03 -13.87 19.91
C ARG B 1106 -9.77 -13.89 20.75
N ALA B 1107 -9.84 -14.61 21.82
CA ALA B 1107 -8.73 -14.71 22.72
C ALA B 1107 -8.64 -16.16 22.94
N ARG B 1108 -7.96 -16.85 22.03
CA ARG B 1108 -7.87 -18.31 22.05
C ARG B 1108 -9.22 -18.97 21.65
N GLY B 1109 -9.14 -19.92 20.73
CA GLY B 1109 -10.31 -20.59 20.20
C GLY B 1109 -9.92 -21.64 19.18
N PRO B 1110 -10.85 -21.92 18.23
CA PRO B 1110 -10.61 -22.96 17.21
C PRO B 1110 -9.33 -22.82 16.41
N MET B 1111 -8.70 -23.97 16.18
CA MET B 1111 -7.46 -24.00 15.44
C MET B 1111 -7.57 -24.78 14.17
N GLN B 1112 -6.79 -24.37 13.18
CA GLN B 1112 -6.66 -25.05 11.90
C GLN B 1112 -6.02 -26.40 12.18
N VAL B 1113 -6.44 -27.43 11.43
CA VAL B 1113 -5.96 -28.80 11.59
C VAL B 1113 -4.48 -28.92 11.32
N LEU B 1114 -4.09 -28.52 10.08
CA LEU B 1114 -2.79 -28.65 9.47
C LEU B 1114 -1.76 -27.79 10.11
N THR B 1115 -1.96 -26.46 10.05
CA THR B 1115 -1.02 -25.46 10.56
C THR B 1115 -1.04 -25.34 12.07
N ARG B 1116 -2.15 -25.73 12.72
CA ARG B 1116 -2.31 -25.64 14.17
C ARG B 1116 -2.34 -24.17 14.67
N GLN B 1117 -2.71 -23.27 13.74
CA GLN B 1117 -2.83 -21.83 13.95
C GLN B 1117 -4.33 -21.45 14.02
N PRO B 1118 -4.73 -20.27 14.58
CA PRO B 1118 -6.16 -19.87 14.58
C PRO B 1118 -6.85 -20.00 13.23
N VAL B 1119 -8.15 -20.23 13.27
CA VAL B 1119 -8.95 -20.34 12.05
C VAL B 1119 -9.25 -18.96 11.46
N GLU B 1120 -9.84 -18.90 10.24
CA GLU B 1120 -10.10 -17.62 9.58
C GLU B 1120 -11.53 -17.17 9.74
N GLY B 1121 -11.74 -15.87 9.95
CA GLY B 1121 -13.07 -15.26 9.97
C GLY B 1121 -13.94 -15.33 11.21
N ARG B 1122 -14.72 -14.24 11.45
CA ARG B 1122 -15.61 -14.14 12.62
C ARG B 1122 -16.61 -15.25 12.67
N SER B 1123 -16.98 -15.70 11.46
CA SER B 1123 -17.88 -16.78 11.08
C SER B 1123 -17.42 -18.06 11.72
N ARG B 1124 -16.11 -18.34 11.66
CA ARG B 1124 -15.51 -19.52 12.23
C ARG B 1124 -14.91 -19.21 13.62
N ASP B 1125 -15.09 -17.96 14.10
CA ASP B 1125 -14.57 -17.43 15.37
C ASP B 1125 -13.06 -17.50 15.39
N GLY B 1126 -12.47 -17.07 14.29
CA GLY B 1126 -11.03 -17.07 14.10
C GLY B 1126 -10.35 -15.85 14.67
N GLY B 1127 -9.04 -15.82 14.49
CA GLY B 1127 -8.21 -14.71 14.94
C GLY B 1127 -7.91 -13.81 13.77
N LEU B 1128 -7.22 -12.72 14.05
CA LEU B 1128 -6.84 -11.76 13.03
C LEU B 1128 -5.48 -12.10 12.50
N ARG B 1129 -5.23 -11.79 11.21
CA ARG B 1129 -3.92 -12.00 10.62
C ARG B 1129 -3.00 -10.86 11.06
N PHE B 1130 -1.91 -11.24 11.76
CA PHE B 1130 -0.84 -10.35 12.16
C PHE B 1130 0.13 -10.52 10.95
N GLY B 1131 -0.11 -9.70 9.92
CA GLY B 1131 0.55 -9.77 8.61
C GLY B 1131 2.04 -9.56 8.61
N GLU B 1132 2.65 -9.57 7.42
CA GLU B 1132 4.10 -9.35 7.39
C GLU B 1132 4.36 -7.89 7.77
N MET B 1133 3.53 -6.98 7.25
CA MET B 1133 3.57 -5.52 7.49
C MET B 1133 3.63 -5.22 9.00
N GLU B 1134 2.71 -5.87 9.75
CA GLU B 1134 2.45 -5.82 11.18
C GLU B 1134 3.70 -6.26 11.91
N ARG B 1135 4.45 -7.24 11.34
CA ARG B 1135 5.70 -7.76 11.91
C ARG B 1135 6.76 -6.67 11.78
N ASP B 1136 6.87 -6.07 10.58
CA ASP B 1136 7.81 -5.00 10.27
C ASP B 1136 7.72 -3.85 11.26
N CYS B 1137 6.51 -3.47 11.69
CA CYS B 1137 6.30 -2.36 12.62
C CYS B 1137 6.84 -2.70 13.93
N MET B 1138 6.62 -3.96 14.34
CA MET B 1138 7.10 -4.44 15.62
C MET B 1138 8.61 -4.46 15.65
N ILE B 1139 9.24 -4.79 14.49
CA ILE B 1139 10.70 -4.79 14.32
C ILE B 1139 11.18 -3.36 14.51
N ALA B 1140 10.63 -2.39 13.71
CA ALA B 1140 10.92 -0.95 13.73
C ALA B 1140 10.94 -0.37 15.14
N HIS B 1141 9.94 -0.77 15.95
CA HIS B 1141 9.72 -0.40 17.36
C HIS B 1141 10.76 -0.94 18.32
N GLY B 1142 11.28 -2.14 18.00
CA GLY B 1142 12.26 -2.87 18.79
C GLY B 1142 11.64 -3.85 19.77
N ALA B 1143 10.29 -4.04 19.71
CA ALA B 1143 9.52 -4.95 20.58
C ALA B 1143 9.80 -6.41 20.26
N ALA B 1144 11.01 -6.90 20.64
CA ALA B 1144 11.43 -8.28 20.32
C ALA B 1144 10.62 -9.34 20.99
N SER B 1145 10.48 -9.22 22.34
CA SER B 1145 9.77 -10.15 23.20
C SER B 1145 8.29 -10.13 22.89
N PHE B 1146 7.77 -8.97 22.40
CA PHE B 1146 6.37 -8.87 22.00
C PHE B 1146 6.13 -9.65 20.72
N LEU B 1147 6.93 -9.36 19.68
CA LEU B 1147 6.88 -10.02 18.38
C LEU B 1147 6.84 -11.54 18.62
N LYS B 1148 7.67 -12.05 19.55
CA LYS B 1148 7.75 -13.47 19.89
C LYS B 1148 6.45 -13.95 20.49
N GLU B 1149 5.89 -13.18 21.42
CA GLU B 1149 4.63 -13.52 22.07
C GLU B 1149 3.51 -13.61 21.06
N ARG B 1150 3.47 -12.66 20.11
CA ARG B 1150 2.49 -12.67 19.02
C ARG B 1150 2.64 -13.94 18.21
N LEU B 1151 3.80 -14.15 17.61
CA LEU B 1151 4.08 -15.27 16.74
C LEU B 1151 4.09 -16.63 17.37
N MET B 1152 4.35 -16.70 18.66
CA MET B 1152 4.38 -17.98 19.32
C MET B 1152 3.23 -18.18 20.29
N GLU B 1153 3.36 -17.68 21.53
CA GLU B 1153 2.38 -17.83 22.63
C GLU B 1153 0.93 -17.63 22.19
N ALA B 1154 0.68 -16.58 21.39
CA ALA B 1154 -0.62 -16.20 20.86
C ALA B 1154 -0.96 -16.83 19.49
N SER B 1155 -0.37 -18.00 19.16
CA SER B 1155 -0.59 -18.71 17.89
C SER B 1155 0.06 -20.13 17.91
N ASP B 1156 0.83 -20.42 16.84
CA ASP B 1156 1.61 -21.60 16.48
C ASP B 1156 2.40 -22.39 17.51
N ALA B 1157 3.01 -21.73 18.54
CA ALA B 1157 3.95 -22.29 19.52
C ALA B 1157 3.81 -23.77 19.82
N PHE B 1158 4.88 -24.53 19.53
CA PHE B 1158 4.97 -25.99 19.70
C PHE B 1158 6.34 -26.47 20.28
N ARG B 1159 6.35 -27.64 20.97
CA ARG B 1159 7.58 -28.21 21.51
C ARG B 1159 7.98 -29.58 20.92
N VAL B 1160 9.19 -29.59 20.30
CA VAL B 1160 9.80 -30.80 19.73
C VAL B 1160 11.05 -31.18 20.45
N HIS B 1161 11.37 -32.48 20.29
CA HIS B 1161 12.58 -33.09 20.80
C HIS B 1161 13.42 -33.35 19.58
N ILE B 1162 14.61 -32.72 19.58
CA ILE B 1162 15.54 -32.85 18.48
C ILE B 1162 16.81 -33.59 18.92
N CYS B 1163 17.48 -34.29 17.98
CA CYS B 1163 18.72 -35.02 18.25
C CYS B 1163 19.97 -34.12 18.14
N GLY B 1164 20.91 -34.35 19.06
CA GLY B 1164 22.16 -33.59 19.16
C GLY B 1164 23.28 -34.09 18.27
N ILE B 1165 22.96 -35.00 17.37
CA ILE B 1165 23.94 -35.48 16.42
C ILE B 1165 23.41 -35.03 15.06
N CYS B 1166 22.34 -35.69 14.52
CA CYS B 1166 21.66 -35.27 13.30
C CYS B 1166 20.53 -34.40 13.82
N GLY B 1167 20.65 -33.08 13.64
CA GLY B 1167 19.71 -32.10 14.19
C GLY B 1167 18.28 -32.13 13.67
N LEU B 1168 17.67 -33.32 13.61
CA LEU B 1168 16.33 -33.55 13.09
C LEU B 1168 15.32 -33.81 14.19
N MET B 1169 14.03 -33.62 13.86
CA MET B 1169 12.95 -33.94 14.80
C MET B 1169 12.73 -35.41 14.59
N THR B 1170 13.54 -36.21 15.31
CA THR B 1170 13.47 -37.67 15.24
C THR B 1170 12.94 -38.17 16.58
N VAL B 1171 13.83 -38.13 17.57
CA VAL B 1171 13.67 -38.46 18.97
C VAL B 1171 12.27 -39.03 19.31
N ILE B 1172 12.26 -40.32 19.58
CA ILE B 1172 11.08 -41.11 19.90
C ILE B 1172 11.00 -41.00 21.42
N ALA B 1173 10.57 -39.81 21.88
CA ALA B 1173 10.48 -39.37 23.28
C ALA B 1173 9.19 -39.77 24.05
N LYS B 1174 9.21 -40.98 24.69
CA LYS B 1174 8.11 -41.49 25.52
C LYS B 1174 8.30 -40.73 26.86
N LEU B 1175 7.46 -39.72 27.09
CA LEU B 1175 7.59 -38.83 28.24
C LEU B 1175 7.19 -39.44 29.57
N ASN B 1176 6.09 -40.23 29.61
CA ASN B 1176 5.63 -40.84 30.87
C ASN B 1176 6.67 -41.71 31.51
N HIS B 1177 7.49 -42.38 30.67
CA HIS B 1177 8.58 -43.29 31.01
C HIS B 1177 9.93 -42.64 31.10
N ASN B 1178 10.06 -41.42 30.57
CA ASN B 1178 11.31 -40.65 30.56
C ASN B 1178 12.41 -41.31 29.70
N GLN B 1179 11.99 -41.94 28.56
CA GLN B 1179 12.85 -42.58 27.55
C GLN B 1179 12.98 -41.62 26.36
N PHE B 1180 14.21 -41.37 25.86
CA PHE B 1180 14.26 -40.38 24.80
C PHE B 1180 14.69 -40.95 23.47
N GLU B 1181 15.89 -41.54 23.29
CA GLU B 1181 16.35 -42.23 22.04
C GLU B 1181 16.00 -41.63 20.61
N CYS B 1182 17.04 -41.52 19.79
CA CYS B 1182 16.95 -41.22 18.37
C CYS B 1182 17.59 -42.44 17.75
N LYS B 1183 16.78 -43.42 17.31
CA LYS B 1183 17.34 -44.59 16.63
C LYS B 1183 17.97 -44.05 15.34
N GLY B 1184 18.98 -44.72 14.84
CA GLY B 1184 19.67 -44.21 13.65
C GLY B 1184 20.93 -43.47 14.06
N CYS B 1185 20.84 -42.70 15.14
CA CYS B 1185 21.97 -42.05 15.76
C CYS B 1185 22.34 -42.94 16.95
N ASP B 1186 21.40 -43.86 17.33
CA ASP B 1186 21.45 -44.80 18.46
C ASP B 1186 21.45 -44.05 19.81
N ASN B 1187 21.74 -42.76 19.75
CA ASN B 1187 21.82 -41.76 20.80
C ASN B 1187 20.55 -41.72 21.62
N LYS B 1188 20.65 -42.06 22.91
CA LYS B 1188 19.50 -41.98 23.83
C LYS B 1188 19.73 -40.89 24.89
N ILE B 1189 20.85 -40.12 24.75
CA ILE B 1189 21.32 -39.12 25.73
C ILE B 1189 21.38 -37.67 25.24
N ASP B 1190 22.15 -37.40 24.17
CA ASP B 1190 22.31 -36.05 23.60
C ASP B 1190 21.03 -35.61 22.82
N ILE B 1191 19.97 -35.32 23.58
CA ILE B 1191 18.67 -34.95 23.07
C ILE B 1191 18.21 -33.69 23.79
N TYR B 1192 17.75 -32.66 23.04
CA TYR B 1192 17.25 -31.42 23.67
C TYR B 1192 15.80 -31.17 23.28
N GLN B 1193 15.19 -30.18 23.90
CA GLN B 1193 13.84 -29.75 23.58
C GLN B 1193 13.82 -28.29 23.13
N ILE B 1194 13.18 -28.03 22.00
CA ILE B 1194 13.10 -26.67 21.49
C ILE B 1194 11.65 -26.24 21.42
N HIS B 1195 11.42 -24.92 21.41
CA HIS B 1195 10.11 -24.28 21.22
C HIS B 1195 10.20 -23.53 19.89
N ILE B 1196 9.44 -24.02 18.89
CA ILE B 1196 9.37 -23.48 17.53
C ILE B 1196 7.93 -23.40 17.07
N PRO B 1197 7.56 -22.50 16.15
CA PRO B 1197 6.14 -22.47 15.69
C PRO B 1197 5.76 -23.78 15.02
N TYR B 1198 4.56 -24.34 15.31
CA TYR B 1198 4.16 -25.62 14.71
C TYR B 1198 4.36 -25.63 13.21
N ALA B 1199 4.08 -24.51 12.51
CA ALA B 1199 4.27 -24.38 11.07
C ALA B 1199 5.73 -24.50 10.68
N ALA B 1200 6.68 -24.10 11.59
CA ALA B 1200 8.12 -24.26 11.38
C ALA B 1200 8.44 -25.77 11.46
N LYS B 1201 7.82 -26.49 12.44
CA LYS B 1201 7.92 -27.96 12.57
C LYS B 1201 7.49 -28.55 11.20
N LEU B 1202 6.27 -28.18 10.77
CA LEU B 1202 5.66 -28.58 9.51
C LEU B 1202 6.59 -28.30 8.34
N LEU B 1203 7.20 -27.09 8.28
CA LEU B 1203 8.11 -26.65 7.20
C LEU B 1203 9.25 -27.62 7.03
N PHE B 1204 9.99 -27.83 8.13
CA PHE B 1204 11.12 -28.74 8.17
C PHE B 1204 10.73 -30.16 7.79
N GLN B 1205 9.54 -30.63 8.23
CA GLN B 1205 9.02 -31.95 7.85
C GLN B 1205 8.77 -32.03 6.31
N GLU B 1206 8.25 -30.94 5.71
CA GLU B 1206 8.00 -30.82 4.28
C GLU B 1206 9.33 -30.79 3.53
N LEU B 1207 10.35 -30.09 4.08
CA LEU B 1207 11.67 -30.02 3.43
C LEU B 1207 12.33 -31.40 3.40
N MET B 1208 12.19 -32.14 4.53
CA MET B 1208 12.71 -33.48 4.70
C MET B 1208 12.04 -34.38 3.69
N ALA B 1209 10.70 -34.23 3.50
CA ALA B 1209 9.94 -35.02 2.52
C ALA B 1209 10.45 -34.80 1.11
N MET B 1210 11.18 -33.68 0.93
CA MET B 1210 11.78 -33.30 -0.33
C MET B 1210 13.29 -33.53 -0.29
N ASN B 1211 13.71 -34.53 0.49
CA ASN B 1211 15.10 -34.93 0.67
C ASN B 1211 16.01 -33.83 1.19
N ILE B 1212 15.48 -32.67 1.64
CA ILE B 1212 16.33 -31.62 2.18
C ILE B 1212 16.40 -31.74 3.73
N THR B 1213 17.64 -31.77 4.28
CA THR B 1213 17.91 -31.92 5.71
C THR B 1213 18.09 -30.54 6.36
N PRO B 1214 17.05 -30.03 7.05
CA PRO B 1214 17.19 -28.73 7.71
C PRO B 1214 17.59 -29.00 9.14
N ARG B 1215 18.89 -29.25 9.34
CA ARG B 1215 19.39 -29.66 10.64
C ARG B 1215 19.46 -28.49 11.62
N LEU B 1216 18.78 -28.63 12.76
CA LEU B 1216 18.72 -27.61 13.81
C LEU B 1216 19.66 -27.98 14.95
N TYR B 1217 20.66 -27.10 15.20
CA TYR B 1217 21.69 -27.26 16.22
C TYR B 1217 21.60 -26.18 17.24
N THR B 1218 21.72 -26.58 18.50
CA THR B 1218 21.53 -25.69 19.64
C THR B 1218 22.81 -25.05 20.18
N ASP B 1219 23.93 -25.35 19.51
CA ASP B 1219 25.28 -24.86 19.83
C ASP B 1219 25.76 -24.03 18.64
N ARG B 1220 27.02 -23.59 18.67
CA ARG B 1220 27.62 -22.87 17.54
C ARG B 1220 28.96 -23.51 17.15
N SER B 1221 29.49 -23.15 15.97
CA SER B 1221 30.78 -23.65 15.51
C SER B 1221 31.58 -22.51 14.89
N ARG B 1222 31.07 -21.97 13.76
CA ARG B 1222 31.62 -20.90 12.91
C ARG B 1222 32.21 -19.67 13.64
N ASP B 1223 31.62 -19.24 14.78
CA ASP B 1223 32.02 -18.08 15.60
C ASP B 1223 31.66 -16.70 14.93
N PHE B 1224 32.63 -16.00 14.29
CA PHE B 1224 32.48 -14.68 13.66
C PHE B 1224 31.94 -13.58 14.59
N GLU C 3 -46.57 40.63 39.55
CA GLU C 3 -47.14 39.97 40.73
C GLU C 3 -46.04 39.43 41.66
N GLU C 4 -45.18 38.48 41.16
CA GLU C 4 -44.12 37.78 41.90
C GLU C 4 -42.71 37.92 41.24
N GLY C 5 -41.98 36.81 41.16
CA GLY C 5 -40.66 36.74 40.54
C GLY C 5 -40.77 36.80 39.02
N PRO C 6 -40.69 35.64 38.29
CA PRO C 6 -40.84 35.68 36.82
C PRO C 6 -42.31 35.74 36.38
N GLN C 7 -42.67 36.76 35.59
CA GLN C 7 -44.01 36.99 35.04
C GLN C 7 -44.30 36.18 33.76
N VAL C 8 -45.58 36.17 33.32
CA VAL C 8 -46.06 35.43 32.14
C VAL C 8 -47.25 36.10 31.46
N LYS C 9 -47.23 36.17 30.10
CA LYS C 9 -48.33 36.74 29.33
C LYS C 9 -48.76 35.82 28.20
N ILE C 10 -49.91 35.15 28.35
CA ILE C 10 -50.43 34.22 27.33
C ILE C 10 -51.00 35.00 26.16
N ARG C 11 -50.32 34.89 24.99
CA ARG C 11 -50.70 35.53 23.73
C ARG C 11 -51.88 34.77 23.13
N GLU C 12 -51.63 33.51 22.70
CA GLU C 12 -52.64 32.61 22.13
C GLU C 12 -52.67 31.27 22.88
N ALA C 13 -53.85 30.66 22.95
CA ALA C 13 -54.06 29.39 23.62
C ALA C 13 -55.10 28.55 22.88
N SER C 14 -54.97 27.23 22.98
CA SER C 14 -55.88 26.24 22.40
C SER C 14 -55.82 24.98 23.24
N LYS C 15 -56.48 23.89 22.78
CA LYS C 15 -56.54 22.60 23.47
C LYS C 15 -55.20 21.87 23.42
N ASP C 16 -54.36 22.26 22.44
CA ASP C 16 -53.07 21.66 22.08
C ASP C 16 -51.90 22.65 21.78
N ASN C 17 -52.04 23.98 22.05
CA ASN C 17 -50.96 24.97 21.82
C ASN C 17 -51.03 26.22 22.72
N VAL C 18 -49.96 26.52 23.50
CA VAL C 18 -49.90 27.74 24.34
C VAL C 18 -48.70 28.57 23.97
N ASP C 19 -48.97 29.81 23.50
CA ASP C 19 -47.99 30.80 23.09
C ASP C 19 -47.98 31.89 24.15
N PHE C 20 -46.89 32.00 24.90
CA PHE C 20 -46.75 32.97 25.99
C PHE C 20 -45.38 33.65 25.99
N ILE C 21 -45.22 34.66 26.87
CA ILE C 21 -43.99 35.42 27.04
C ILE C 21 -43.55 35.28 28.49
N LEU C 22 -42.31 34.78 28.70
CA LEU C 22 -41.70 34.57 30.00
C LEU C 22 -40.86 35.78 30.42
N SER C 23 -41.51 36.74 31.06
CA SER C 23 -40.84 37.95 31.50
C SER C 23 -40.12 37.70 32.83
N ASN C 24 -39.06 38.49 33.12
CA ASN C 24 -38.30 38.47 34.38
C ASN C 24 -37.68 37.09 34.75
N VAL C 25 -37.01 36.44 33.79
CA VAL C 25 -36.34 35.14 34.00
C VAL C 25 -34.88 35.14 33.51
N ASP C 26 -34.12 34.08 33.85
CA ASP C 26 -32.75 33.82 33.39
C ASP C 26 -32.86 32.87 32.21
N LEU C 27 -31.91 32.91 31.27
CA LEU C 27 -31.99 32.02 30.12
C LEU C 27 -32.00 30.56 30.56
N ALA C 28 -31.05 30.19 31.46
CA ALA C 28 -30.87 28.85 32.04
C ALA C 28 -32.18 28.24 32.51
N MET C 29 -32.97 29.02 33.29
CA MET C 29 -34.29 28.63 33.79
C MET C 29 -35.29 28.40 32.65
N ALA C 30 -35.37 29.34 31.70
CA ALA C 30 -36.26 29.25 30.54
C ALA C 30 -35.96 28.03 29.65
N ASN C 31 -34.69 27.63 29.60
CA ASN C 31 -34.24 26.46 28.84
C ASN C 31 -34.44 25.17 29.63
N SER C 32 -34.17 25.19 30.97
CA SER C 32 -34.34 24.03 31.84
C SER C 32 -35.78 23.57 31.80
N LEU C 33 -36.70 24.52 31.66
CA LEU C 33 -38.12 24.27 31.56
C LEU C 33 -38.43 23.64 30.24
N ARG C 34 -37.77 24.11 29.16
CA ARG C 34 -37.93 23.58 27.83
C ARG C 34 -37.62 22.06 27.89
N ARG C 35 -36.39 21.68 28.34
CA ARG C 35 -35.93 20.28 28.45
C ARG C 35 -36.88 19.40 29.24
N VAL C 36 -37.31 19.87 30.42
CA VAL C 36 -38.21 19.13 31.32
C VAL C 36 -39.48 18.73 30.57
N MET C 37 -40.07 19.67 29.83
CA MET C 37 -41.29 19.44 29.05
C MET C 37 -41.07 18.41 27.99
N ILE C 38 -39.89 18.48 27.34
CA ILE C 38 -39.53 17.53 26.32
C ILE C 38 -39.45 16.11 26.91
N ALA C 39 -38.46 15.84 27.81
CA ALA C 39 -38.22 14.50 28.35
C ALA C 39 -38.83 14.10 29.72
N GLU C 40 -38.48 14.83 30.78
CA GLU C 40 -38.77 14.54 32.19
C GLU C 40 -40.27 14.53 32.67
N ILE C 41 -41.26 14.84 31.81
CA ILE C 41 -42.66 14.74 32.28
C ILE C 41 -43.15 13.29 32.10
N PRO C 42 -43.79 12.68 33.14
CA PRO C 42 -44.30 11.32 33.01
C PRO C 42 -45.68 11.21 32.34
N THR C 43 -45.77 10.23 31.42
CA THR C 43 -46.88 9.88 30.54
C THR C 43 -47.14 8.37 30.72
N LEU C 44 -48.27 7.87 30.19
CA LEU C 44 -48.64 6.46 30.09
C LEU C 44 -48.49 6.06 28.60
N ALA C 45 -47.80 4.92 28.33
CA ALA C 45 -47.65 4.42 26.96
C ALA C 45 -47.60 2.89 26.96
N ILE C 46 -48.12 2.27 25.86
CA ILE C 46 -48.14 0.80 25.65
C ILE C 46 -46.68 0.37 25.71
N ASP C 47 -46.34 -0.63 26.55
CA ASP C 47 -44.95 -1.07 26.71
C ASP C 47 -44.82 -2.58 26.93
N SER C 48 -45.71 -3.33 26.30
CA SER C 48 -45.76 -4.78 26.28
C SER C 48 -46.87 -5.12 25.32
N VAL C 49 -46.55 -5.90 24.30
CA VAL C 49 -47.53 -6.30 23.30
C VAL C 49 -47.42 -7.80 23.19
N GLU C 50 -48.41 -8.50 23.75
CA GLU C 50 -48.45 -9.97 23.73
C GLU C 50 -49.27 -10.35 22.50
N VAL C 51 -48.65 -11.04 21.53
CA VAL C 51 -49.32 -11.40 20.27
C VAL C 51 -49.90 -12.81 20.35
N GLU C 52 -51.15 -12.96 19.85
CA GLU C 52 -51.93 -14.20 19.82
C GLU C 52 -52.03 -14.71 18.40
N THR C 53 -52.51 -13.84 17.49
CA THR C 53 -52.62 -14.13 16.07
C THR C 53 -52.29 -12.90 15.24
N ASN C 54 -51.52 -13.10 14.15
CA ASN C 54 -51.09 -12.03 13.25
C ASN C 54 -51.13 -12.51 11.80
N THR C 55 -52.33 -12.53 11.18
CA THR C 55 -52.49 -12.94 9.77
C THR C 55 -52.20 -11.72 8.85
N THR C 56 -51.64 -10.63 9.42
CA THR C 56 -51.29 -9.36 8.78
C THR C 56 -50.05 -9.45 7.90
N VAL C 57 -49.92 -8.45 6.99
CA VAL C 57 -48.81 -8.21 6.04
C VAL C 57 -47.62 -7.63 6.80
N LEU C 58 -47.91 -7.08 8.00
CA LEU C 58 -47.00 -6.40 8.90
C LEU C 58 -46.43 -7.27 10.01
N ALA C 59 -45.13 -7.01 10.34
CA ALA C 59 -44.36 -7.70 11.38
C ALA C 59 -44.87 -7.39 12.75
N ASP C 60 -44.93 -8.41 13.60
CA ASP C 60 -45.41 -8.29 14.99
C ASP C 60 -44.73 -7.11 15.68
N GLU C 61 -43.39 -7.04 15.66
CA GLU C 61 -42.62 -5.95 16.27
C GLU C 61 -42.85 -4.57 15.62
N PHE C 62 -43.16 -4.53 14.32
CA PHE C 62 -43.44 -3.30 13.56
C PHE C 62 -44.64 -2.64 14.21
N ILE C 63 -45.69 -3.48 14.43
CA ILE C 63 -46.99 -3.21 15.03
C ILE C 63 -46.74 -2.87 16.48
N ALA C 64 -45.91 -3.68 17.17
CA ALA C 64 -45.59 -3.53 18.60
C ALA C 64 -44.98 -2.17 18.88
N HIS C 65 -44.00 -1.76 18.06
CA HIS C 65 -43.34 -0.46 18.15
C HIS C 65 -44.40 0.63 17.95
N ARG C 66 -45.15 0.47 16.86
CA ARG C 66 -46.23 1.32 16.40
C ARG C 66 -47.28 1.53 17.49
N LEU C 67 -47.59 0.49 18.27
CA LEU C 67 -48.55 0.55 19.36
C LEU C 67 -48.15 1.47 20.46
N GLY C 68 -46.89 1.43 20.90
CA GLY C 68 -46.40 2.32 21.96
C GLY C 68 -46.52 3.80 21.64
N LEU C 69 -46.21 4.13 20.37
CA LEU C 69 -46.27 5.46 19.79
C LEU C 69 -47.70 6.11 19.74
N ILE C 70 -48.74 5.35 20.09
CA ILE C 70 -50.11 5.83 20.17
C ILE C 70 -50.26 6.61 21.48
N PRO C 71 -50.84 7.83 21.45
CA PRO C 71 -51.01 8.61 22.69
C PRO C 71 -52.20 8.14 23.51
N LEU C 72 -52.02 7.98 24.84
CA LEU C 72 -53.06 7.55 25.79
C LEU C 72 -53.31 8.60 26.85
N GLN C 73 -54.59 8.72 27.32
CA GLN C 73 -54.94 9.68 28.34
C GLN C 73 -54.02 9.51 29.52
N SER C 74 -53.27 10.57 29.83
CA SER C 74 -52.30 10.62 30.91
C SER C 74 -52.66 11.68 31.99
N MET C 75 -53.94 11.97 32.15
CA MET C 75 -54.39 12.98 33.10
C MET C 75 -54.01 12.68 34.55
N ASP C 76 -54.63 11.65 35.12
CA ASP C 76 -54.44 11.23 36.48
C ASP C 76 -53.25 10.27 36.56
N ILE C 77 -52.16 10.52 35.77
CA ILE C 77 -50.99 9.65 35.75
C ILE C 77 -50.33 9.63 37.10
N GLU C 78 -50.26 10.79 37.75
CA GLU C 78 -49.59 10.90 39.03
C GLU C 78 -50.24 10.01 40.12
N GLN C 79 -51.49 9.57 39.90
CA GLN C 79 -52.11 8.62 40.82
C GLN C 79 -52.02 7.18 40.22
N LEU C 80 -50.79 6.81 39.80
CA LEU C 80 -50.39 5.50 39.27
C LEU C 80 -48.89 5.30 39.51
N GLU C 81 -48.52 4.20 40.16
CA GLU C 81 -47.13 3.86 40.49
C GLU C 81 -46.38 3.45 39.23
N TYR C 82 -45.05 3.66 39.23
CA TYR C 82 -44.22 3.19 38.13
C TYR C 82 -44.15 1.69 38.39
N SER C 83 -44.39 0.85 37.37
CA SER C 83 -44.37 -0.60 37.54
C SER C 83 -43.17 -1.05 38.37
N ARG C 84 -41.98 -0.52 38.05
CA ARG C 84 -40.70 -0.76 38.73
C ARG C 84 -40.70 -0.53 40.26
N ASP C 85 -41.62 0.33 40.76
CA ASP C 85 -41.74 0.70 42.17
C ASP C 85 -42.86 -0.02 42.88
N CYS C 86 -43.78 -0.63 42.10
CA CYS C 86 -44.92 -1.38 42.61
C CYS C 86 -44.45 -2.71 43.19
N PHE C 87 -45.27 -3.38 43.99
CA PHE C 87 -44.74 -4.60 44.61
C PHE C 87 -45.17 -5.91 43.97
N CYS C 88 -45.99 -5.87 42.93
CA CYS C 88 -46.49 -7.05 42.23
C CYS C 88 -45.45 -7.65 41.33
N GLU C 89 -45.48 -8.96 41.07
CA GLU C 89 -44.58 -9.50 40.04
C GLU C 89 -45.17 -9.01 38.68
N ASP C 90 -44.39 -8.22 37.95
CA ASP C 90 -44.73 -7.62 36.64
C ASP C 90 -45.72 -6.43 36.76
N HIS C 91 -47.03 -6.68 36.75
CA HIS C 91 -47.94 -5.55 36.75
C HIS C 91 -49.24 -5.86 37.42
N CYS C 92 -50.09 -4.82 37.53
CA CYS C 92 -51.40 -4.86 38.15
C CYS C 92 -52.13 -3.58 37.83
N ASP C 93 -53.25 -3.37 38.52
CA ASP C 93 -54.07 -2.20 38.35
C ASP C 93 -53.46 -0.98 39.02
N LYS C 94 -52.62 -1.17 40.05
CA LYS C 94 -51.97 -0.05 40.76
C LYS C 94 -50.88 0.63 39.93
N CYS C 95 -50.28 -0.12 38.98
CA CYS C 95 -49.15 0.37 38.18
C CYS C 95 -49.33 0.27 36.66
N SER C 96 -50.41 -0.39 36.16
CA SER C 96 -50.58 -0.57 34.72
C SER C 96 -52.01 -0.61 34.21
N VAL C 97 -52.18 -0.15 32.95
CA VAL C 97 -53.46 -0.15 32.22
C VAL C 97 -53.36 -1.20 31.13
N VAL C 98 -54.30 -2.15 31.13
CA VAL C 98 -54.30 -3.22 30.14
C VAL C 98 -55.32 -2.96 29.08
N LEU C 99 -54.89 -3.03 27.81
CA LEU C 99 -55.68 -2.80 26.60
C LEU C 99 -55.77 -4.12 25.85
N THR C 100 -56.84 -4.30 25.05
CA THR C 100 -57.00 -5.51 24.24
C THR C 100 -57.47 -5.14 22.83
N LEU C 101 -56.73 -5.61 21.83
CA LEU C 101 -57.09 -5.35 20.45
C LEU C 101 -57.45 -6.63 19.70
N GLN C 102 -58.68 -6.71 19.17
CA GLN C 102 -59.13 -7.83 18.34
C GLN C 102 -59.59 -7.27 17.02
N ALA C 103 -59.02 -7.75 15.90
CA ALA C 103 -59.38 -7.23 14.57
C ALA C 103 -59.42 -8.32 13.52
N PHE C 104 -60.42 -8.26 12.64
CA PHE C 104 -60.60 -9.23 11.57
C PHE C 104 -61.33 -8.66 10.37
N GLY C 105 -60.79 -8.92 9.18
CA GLY C 105 -61.37 -8.47 7.93
C GLY C 105 -62.64 -9.20 7.55
N GLU C 106 -63.78 -8.65 7.95
CA GLU C 106 -65.06 -9.27 7.62
C GLU C 106 -65.41 -8.93 6.17
N SER C 107 -65.26 -7.64 5.82
CA SER C 107 -65.52 -7.04 4.51
C SER C 107 -64.58 -7.53 3.41
N GLU C 108 -65.05 -7.41 2.15
CA GLU C 108 -64.24 -7.70 0.95
C GLU C 108 -63.22 -6.55 0.83
N SER C 109 -63.70 -5.31 1.07
CA SER C 109 -62.90 -4.10 1.11
C SER C 109 -61.97 -4.13 2.32
N THR C 110 -60.82 -3.45 2.18
CA THR C 110 -59.78 -3.35 3.21
C THR C 110 -60.38 -2.82 4.53
N THR C 111 -60.27 -3.64 5.57
CA THR C 111 -60.76 -3.33 6.91
C THR C 111 -59.55 -2.74 7.67
N ASN C 112 -59.71 -1.56 8.26
CA ASN C 112 -58.63 -0.88 8.98
C ASN C 112 -58.73 -0.99 10.49
N VAL C 113 -57.57 -0.98 11.14
CA VAL C 113 -57.43 -1.04 12.59
C VAL C 113 -57.04 0.37 13.07
N TYR C 114 -57.83 0.96 13.99
CA TYR C 114 -57.58 2.31 14.52
C TYR C 114 -57.27 2.29 15.99
N SER C 115 -56.71 3.40 16.54
CA SER C 115 -56.42 3.47 17.98
C SER C 115 -57.74 3.38 18.81
N LYS C 116 -58.88 3.80 18.21
CA LYS C 116 -60.20 3.68 18.84
C LYS C 116 -60.59 2.22 19.15
N ASP C 117 -60.12 1.27 18.29
CA ASP C 117 -60.39 -0.18 18.32
C ASP C 117 -59.75 -0.91 19.53
N LEU C 118 -58.79 -0.26 20.24
CA LEU C 118 -58.21 -0.83 21.46
C LEU C 118 -59.24 -0.64 22.56
N VAL C 119 -59.30 -1.59 23.51
CA VAL C 119 -60.29 -1.42 24.57
C VAL C 119 -59.74 -1.86 25.94
N ILE C 120 -59.96 -1.01 26.96
CA ILE C 120 -59.44 -1.26 28.29
C ILE C 120 -60.12 -2.45 28.96
N VAL C 121 -59.29 -3.40 29.38
CA VAL C 121 -59.65 -4.61 30.09
C VAL C 121 -59.29 -4.52 31.57
N SER C 122 -58.26 -3.75 31.95
CA SER C 122 -57.92 -3.59 33.38
C SER C 122 -58.93 -2.63 34.02
N ASN C 123 -58.97 -2.57 35.37
CA ASN C 123 -59.85 -1.63 36.07
C ASN C 123 -59.11 -0.29 36.28
N LEU C 124 -59.73 0.83 35.85
CA LEU C 124 -59.13 2.16 35.94
C LEU C 124 -59.26 2.81 37.30
N MET C 125 -59.92 2.11 38.25
CA MET C 125 -60.10 2.57 39.62
C MET C 125 -60.69 3.96 39.73
N GLY C 126 -61.35 4.39 38.68
CA GLY C 126 -61.93 5.73 38.63
C GLY C 126 -60.86 6.81 38.58
N ARG C 127 -60.10 6.78 37.49
CA ARG C 127 -59.07 7.77 37.23
C ARG C 127 -58.89 7.92 35.72
N ASN C 128 -58.85 9.17 35.24
CA ASN C 128 -58.71 9.48 33.82
C ASN C 128 -57.34 9.10 33.28
N ILE C 129 -57.28 7.87 32.74
CA ILE C 129 -56.06 7.28 32.22
C ILE C 129 -56.41 6.26 31.11
N GLY C 130 -55.40 5.74 30.41
CA GLY C 130 -55.57 4.68 29.42
C GLY C 130 -56.25 4.95 28.09
N HIS C 131 -57.40 5.65 28.09
CA HIS C 131 -58.18 5.94 26.89
C HIS C 131 -57.32 6.50 25.75
N PRO C 132 -57.27 5.86 24.56
CA PRO C 132 -56.40 6.38 23.50
C PRO C 132 -56.88 7.74 23.04
N ILE C 133 -55.93 8.66 22.77
CA ILE C 133 -56.25 10.01 22.32
C ILE C 133 -56.76 9.98 20.89
N ILE C 134 -57.96 10.57 20.68
CA ILE C 134 -58.60 10.67 19.37
C ILE C 134 -58.90 12.15 19.10
N GLN C 135 -58.03 12.80 18.35
CA GLN C 135 -58.17 14.21 17.96
C GLN C 135 -58.81 14.28 16.58
N ASP C 136 -58.96 13.10 15.92
CA ASP C 136 -59.56 12.87 14.60
C ASP C 136 -60.98 13.43 14.47
N LYS C 137 -61.25 14.15 13.37
CA LYS C 137 -62.56 14.72 13.07
C LYS C 137 -63.63 13.61 12.97
N GLU C 138 -63.28 12.51 12.27
CA GLU C 138 -64.11 11.33 12.01
C GLU C 138 -64.23 10.39 13.21
N GLY C 139 -63.46 10.68 14.26
CA GLY C 139 -63.48 9.94 15.52
C GLY C 139 -62.82 8.58 15.52
N ASN C 140 -61.86 8.34 14.61
CA ASN C 140 -61.11 7.08 14.54
C ASN C 140 -59.74 7.23 15.23
N GLY C 141 -58.91 8.13 14.71
CA GLY C 141 -57.58 8.46 15.22
C GLY C 141 -56.55 7.36 15.17
N VAL C 142 -55.47 7.58 14.40
CA VAL C 142 -54.30 6.73 14.21
C VAL C 142 -54.67 5.38 13.66
N LEU C 143 -54.20 5.14 12.45
CA LEU C 143 -54.37 3.90 11.73
C LEU C 143 -53.20 3.00 12.16
N ILE C 144 -53.50 1.92 12.94
CA ILE C 144 -52.51 0.96 13.39
C ILE C 144 -52.06 0.19 12.18
N CYS C 145 -53.00 -0.53 11.51
CA CYS C 145 -52.73 -1.24 10.24
C CYS C 145 -54.01 -1.67 9.46
N LYS C 146 -53.81 -2.27 8.28
CA LYS C 146 -54.87 -2.70 7.38
C LYS C 146 -54.93 -4.22 7.21
N LEU C 147 -56.16 -4.74 7.01
CA LEU C 147 -56.48 -6.18 6.83
C LEU C 147 -57.22 -6.48 5.53
N ARG C 148 -56.98 -7.67 4.95
CA ARG C 148 -57.58 -8.11 3.69
C ARG C 148 -58.91 -8.93 3.88
N LYS C 149 -58.83 -10.26 3.65
CA LYS C 149 -59.91 -11.24 3.79
C LYS C 149 -59.88 -11.66 5.26
N GLY C 150 -59.47 -12.91 5.52
CA GLY C 150 -59.33 -13.50 6.84
C GLY C 150 -58.10 -13.07 7.63
N GLN C 151 -57.68 -11.81 7.43
CA GLN C 151 -56.53 -11.27 8.14
C GLN C 151 -57.02 -10.89 9.53
N GLU C 152 -56.48 -11.58 10.51
CA GLU C 152 -56.81 -11.51 11.93
C GLU C 152 -55.67 -10.81 12.69
N LEU C 153 -55.98 -10.18 13.83
CA LEU C 153 -54.97 -9.56 14.69
C LEU C 153 -55.45 -9.57 16.13
N LYS C 154 -54.80 -10.37 17.00
CA LYS C 154 -55.17 -10.40 18.41
C LYS C 154 -53.98 -10.06 19.29
N LEU C 155 -54.13 -8.96 20.06
CA LEU C 155 -53.10 -8.43 20.96
C LEU C 155 -53.64 -8.04 22.32
N THR C 156 -52.73 -8.08 23.29
CA THR C 156 -52.94 -7.63 24.64
C THR C 156 -51.78 -6.70 24.93
N CYS C 157 -52.11 -5.50 25.37
CA CYS C 157 -51.15 -4.43 25.61
C CYS C 157 -51.16 -3.96 27.06
N VAL C 158 -49.97 -3.80 27.64
CA VAL C 158 -49.83 -3.28 29.00
C VAL C 158 -49.13 -1.93 28.90
N ALA C 159 -49.83 -0.88 29.29
CA ALA C 159 -49.30 0.48 29.23
C ALA C 159 -48.86 0.84 30.61
N LYS C 160 -47.66 1.42 30.72
CA LYS C 160 -47.11 1.76 32.03
C LYS C 160 -46.61 3.22 32.10
N LYS C 161 -46.37 3.72 33.33
CA LYS C 161 -45.85 5.07 33.56
C LYS C 161 -44.42 5.11 33.08
N GLY C 162 -43.97 6.23 32.55
CA GLY C 162 -42.60 6.36 32.08
C GLY C 162 -42.25 7.72 31.51
N ILE C 163 -40.94 8.02 31.38
CA ILE C 163 -40.57 9.32 30.84
C ILE C 163 -39.88 9.17 29.52
N ALA C 164 -39.95 10.22 28.72
CA ALA C 164 -39.38 10.25 27.37
C ALA C 164 -37.85 10.11 27.32
N LYS C 165 -37.19 10.31 28.47
CA LYS C 165 -35.75 10.13 28.62
C LYS C 165 -35.42 8.60 28.51
N GLU C 166 -36.45 7.74 28.62
CA GLU C 166 -36.34 6.27 28.53
C GLU C 166 -36.78 5.81 27.14
N HIS C 167 -37.79 6.50 26.59
CA HIS C 167 -38.31 6.32 25.24
C HIS C 167 -39.20 7.47 24.87
N ALA C 168 -38.90 8.07 23.71
CA ALA C 168 -39.65 9.20 23.14
C ALA C 168 -41.18 8.97 23.02
N LYS C 169 -41.67 7.74 23.27
CA LYS C 169 -43.12 7.50 23.21
C LYS C 169 -43.82 8.15 24.37
N TRP C 170 -43.08 8.33 25.51
CA TRP C 170 -43.56 8.98 26.74
C TRP C 170 -43.32 10.50 26.71
N GLY C 171 -43.21 11.03 25.49
CA GLY C 171 -43.06 12.45 25.21
C GLY C 171 -44.41 13.12 25.24
N PRO C 172 -44.68 13.95 26.27
CA PRO C 172 -46.01 14.60 26.33
C PRO C 172 -46.14 15.76 25.35
N ALA C 173 -44.99 16.27 24.85
CA ALA C 173 -44.93 17.44 23.99
C ALA C 173 -44.40 17.15 22.63
N ALA C 174 -44.95 17.90 21.64
CA ALA C 174 -44.59 17.88 20.24
C ALA C 174 -43.35 18.73 20.06
N ALA C 175 -43.47 20.03 19.74
CA ALA C 175 -42.28 20.87 19.63
C ALA C 175 -42.45 22.20 20.32
N ILE C 176 -41.49 22.49 21.21
CA ILE C 176 -41.47 23.74 21.95
C ILE C 176 -40.68 24.75 21.14
N GLU C 177 -41.42 25.76 20.62
CA GLU C 177 -40.92 26.89 19.86
C GLU C 177 -40.33 27.80 20.94
N PHE C 178 -39.09 28.25 20.74
CA PHE C 178 -38.39 29.05 21.72
C PHE C 178 -37.57 30.10 21.03
N GLU C 179 -37.71 31.39 21.44
CA GLU C 179 -36.96 32.54 20.90
C GLU C 179 -36.85 33.68 21.89
N TYR C 180 -35.72 34.38 21.86
CA TYR C 180 -35.47 35.59 22.64
C TYR C 180 -34.72 36.59 21.76
N ASP C 181 -34.79 37.90 22.10
CA ASP C 181 -34.09 38.99 21.41
C ASP C 181 -34.22 38.92 19.86
N PRO C 182 -35.41 39.26 19.27
CA PRO C 182 -35.57 39.16 17.80
C PRO C 182 -34.63 40.09 17.04
N TRP C 183 -34.55 41.36 17.49
CA TRP C 183 -33.59 42.33 16.95
C TRP C 183 -32.35 41.89 17.68
N ASN C 184 -31.27 41.52 16.97
CA ASN C 184 -30.09 41.07 17.70
C ASN C 184 -29.39 42.23 18.44
N LYS C 185 -29.87 42.50 19.66
CA LYS C 185 -29.39 43.60 20.49
C LYS C 185 -28.34 43.11 21.45
N LEU C 186 -28.48 41.83 21.85
CA LEU C 186 -27.58 41.13 22.75
C LEU C 186 -26.31 40.60 22.02
N LYS C 187 -26.33 40.68 20.67
CA LYS C 187 -25.26 40.25 19.75
C LYS C 187 -24.83 38.80 20.01
N HIS C 188 -25.84 37.91 20.20
CA HIS C 188 -25.70 36.47 20.43
C HIS C 188 -25.54 35.68 19.12
N THR C 189 -25.54 36.41 17.97
CA THR C 189 -25.33 35.93 16.59
C THR C 189 -24.59 36.99 15.80
N ASP C 190 -23.86 36.55 14.79
CA ASP C 190 -23.16 37.41 13.86
C ASP C 190 -23.73 36.93 12.53
N TYR C 191 -24.80 37.61 12.09
CA TYR C 191 -25.49 37.21 10.87
C TYR C 191 -24.60 37.16 9.66
N TRP C 192 -24.62 36.00 9.00
CA TRP C 192 -23.92 35.71 7.76
C TRP C 192 -24.64 36.55 6.70
N TYR C 193 -23.90 37.25 5.82
CA TYR C 193 -24.54 38.02 4.76
C TYR C 193 -23.75 38.06 3.45
N GLU C 194 -24.41 38.56 2.43
CA GLU C 194 -23.87 38.76 1.10
C GLU C 194 -23.70 40.26 0.89
N GLN C 195 -24.72 41.05 1.27
CA GLN C 195 -24.70 42.50 1.12
C GLN C 195 -25.26 43.18 2.37
N ASP C 196 -26.54 42.94 2.69
CA ASP C 196 -27.19 43.54 3.84
C ASP C 196 -27.81 42.47 4.68
N SER C 197 -27.26 42.27 5.88
CA SER C 197 -27.74 41.27 6.83
C SER C 197 -29.21 41.47 7.16
N ALA C 198 -29.61 42.73 7.42
CA ALA C 198 -30.98 43.09 7.78
C ALA C 198 -31.98 42.80 6.66
N LYS C 199 -31.60 43.05 5.41
CA LYS C 199 -32.48 42.83 4.26
C LYS C 199 -32.54 41.36 3.86
N GLU C 200 -31.48 40.60 4.13
CA GLU C 200 -31.39 39.18 3.77
C GLU C 200 -32.14 38.25 4.70
N TRP C 201 -32.06 38.52 6.01
CA TRP C 201 -32.69 37.73 7.08
C TRP C 201 -34.08 38.20 7.41
N PRO C 202 -35.05 37.27 7.41
CA PRO C 202 -36.42 37.66 7.73
C PRO C 202 -36.60 37.97 9.23
N GLN C 203 -37.39 39.04 9.50
CA GLN C 203 -37.74 39.54 10.83
C GLN C 203 -38.78 38.61 11.44
N SER C 204 -38.54 38.09 12.66
CA SER C 204 -39.52 37.21 13.31
C SER C 204 -40.77 37.98 13.75
N LYS C 205 -41.88 37.24 13.99
CA LYS C 205 -43.17 37.80 14.41
C LYS C 205 -43.00 38.56 15.74
N ASN C 206 -41.99 38.18 16.54
CA ASN C 206 -41.67 38.77 17.84
C ASN C 206 -41.07 40.17 17.79
N CYS C 207 -40.72 40.67 16.60
CA CYS C 207 -40.14 41.99 16.44
C CYS C 207 -41.09 43.12 16.89
N GLU C 208 -42.40 42.85 16.92
CA GLU C 208 -43.44 43.79 17.34
C GLU C 208 -43.53 43.91 18.86
N TYR C 209 -43.04 42.90 19.58
CA TYR C 209 -43.08 42.82 21.04
C TYR C 209 -41.85 43.47 21.72
N GLU C 210 -40.94 44.00 20.92
CA GLU C 210 -39.73 44.70 21.36
C GLU C 210 -39.53 45.90 20.43
N ASP C 211 -38.60 46.82 20.75
CA ASP C 211 -38.37 48.00 19.91
C ASP C 211 -37.08 47.94 19.11
N PRO C 212 -37.06 48.38 17.82
CA PRO C 212 -35.80 48.41 17.05
C PRO C 212 -34.73 49.27 17.74
N PRO C 213 -33.45 48.82 17.70
CA PRO C 213 -32.39 49.46 18.49
C PRO C 213 -32.03 50.95 18.28
N ASN C 214 -32.31 51.57 17.10
CA ASN C 214 -31.94 52.95 16.74
C ASN C 214 -30.41 52.96 16.52
N GLU C 215 -29.98 53.21 15.27
CA GLU C 215 -28.57 53.18 14.82
C GLU C 215 -27.56 53.90 15.75
N GLY C 216 -27.78 55.21 15.96
CA GLY C 216 -26.93 56.08 16.76
C GLY C 216 -26.82 55.75 18.24
N ASP C 217 -27.38 54.61 18.64
CA ASP C 217 -27.37 54.15 20.01
C ASP C 217 -26.25 53.11 20.20
N PRO C 218 -25.24 53.40 21.07
CA PRO C 218 -24.17 52.42 21.33
C PRO C 218 -24.63 51.11 21.96
N PHE C 219 -23.78 50.07 21.89
CA PHE C 219 -24.06 48.73 22.41
C PHE C 219 -24.23 48.68 23.91
N ASP C 220 -25.24 47.93 24.38
CA ASP C 220 -25.45 47.75 25.80
C ASP C 220 -24.75 46.49 26.24
N TYR C 221 -23.53 46.65 26.79
CA TYR C 221 -22.73 45.54 27.30
C TYR C 221 -23.33 44.97 28.57
N LYS C 222 -24.16 45.78 29.26
CA LYS C 222 -24.84 45.38 30.49
C LYS C 222 -26.14 44.60 30.21
N ALA C 223 -26.68 44.73 28.98
CA ALA C 223 -27.91 44.08 28.52
C ALA C 223 -27.95 42.58 28.74
N GLN C 224 -29.06 42.11 29.30
CA GLN C 224 -29.26 40.69 29.55
C GLN C 224 -30.64 40.21 29.10
N ALA C 225 -30.69 38.95 28.69
CA ALA C 225 -31.89 38.35 28.16
C ALA C 225 -32.77 37.70 29.17
N ASP C 226 -33.91 38.36 29.38
CA ASP C 226 -35.12 37.94 30.08
C ASP C 226 -36.13 38.17 28.93
N THR C 227 -37.43 37.78 29.07
CA THR C 227 -38.44 37.93 27.99
C THR C 227 -38.14 36.92 26.83
N PHE C 228 -38.79 35.75 26.93
CA PHE C 228 -38.65 34.64 25.99
C PHE C 228 -40.00 34.26 25.44
N TYR C 229 -40.09 34.26 24.13
CA TYR C 229 -41.28 33.97 23.37
C TYR C 229 -41.32 32.47 23.08
N MET C 230 -42.28 31.75 23.70
CA MET C 230 -42.40 30.30 23.59
C MET C 230 -43.75 29.76 23.10
N ASN C 231 -43.75 28.55 22.49
CA ASN C 231 -44.97 27.87 22.07
C ASN C 231 -44.89 26.37 22.32
N VAL C 232 -45.57 25.95 23.40
CA VAL C 232 -45.65 24.56 23.84
C VAL C 232 -46.84 23.88 23.14
N GLU C 233 -46.56 22.79 22.40
CA GLU C 233 -47.53 21.99 21.65
C GLU C 233 -47.71 20.60 22.28
N SER C 234 -48.96 20.25 22.65
CA SER C 234 -49.24 18.93 23.22
C SER C 234 -49.68 17.97 22.16
N VAL C 235 -49.10 16.77 22.28
CA VAL C 235 -49.38 15.64 21.42
C VAL C 235 -50.79 15.07 21.73
N GLY C 236 -51.23 15.21 23.00
CA GLY C 236 -52.55 14.77 23.43
C GLY C 236 -52.67 14.09 24.79
N SER C 237 -51.64 13.35 25.18
CA SER C 237 -51.57 12.59 26.43
C SER C 237 -51.99 13.42 27.66
N ILE C 238 -51.35 14.59 27.84
CA ILE C 238 -51.56 15.57 28.90
C ILE C 238 -51.99 16.87 28.20
N PRO C 239 -53.01 17.63 28.72
CA PRO C 239 -53.41 18.90 28.07
C PRO C 239 -52.34 19.99 28.17
N VAL C 240 -52.17 20.81 27.12
CA VAL C 240 -51.12 21.86 27.05
C VAL C 240 -50.84 22.58 28.36
N ASP C 241 -51.88 23.10 29.05
CA ASP C 241 -51.69 23.81 30.31
C ASP C 241 -50.84 23.00 31.29
N GLN C 242 -51.12 21.70 31.42
CA GLN C 242 -50.36 20.81 32.27
C GLN C 242 -48.95 20.53 31.75
N VAL C 243 -48.73 20.48 30.42
CA VAL C 243 -47.37 20.28 29.87
C VAL C 243 -46.43 21.36 30.42
N VAL C 244 -46.96 22.57 30.62
CA VAL C 244 -46.23 23.70 31.19
C VAL C 244 -46.11 23.51 32.71
N VAL C 245 -47.28 23.40 33.40
CA VAL C 245 -47.47 23.28 34.85
C VAL C 245 -46.69 22.12 35.47
N ARG C 246 -46.76 20.97 34.82
CA ARG C 246 -46.05 19.79 35.26
C ARG C 246 -44.55 19.96 34.92
N GLY C 247 -44.26 20.69 33.85
CA GLY C 247 -42.89 21.01 33.47
C GLY C 247 -42.24 21.81 34.58
N ILE C 248 -43.01 22.76 35.15
CA ILE C 248 -42.57 23.60 36.27
C ILE C 248 -42.51 22.76 37.56
N ASP C 249 -43.53 21.92 37.85
CA ASP C 249 -43.45 21.11 39.06
C ASP C 249 -42.34 20.07 39.02
N THR C 250 -42.16 19.34 37.89
CA THR C 250 -41.11 18.31 37.73
C THR C 250 -39.74 18.91 38.01
N LEU C 251 -39.40 20.02 37.33
CA LEU C 251 -38.14 20.74 37.50
C LEU C 251 -37.95 21.19 38.96
N GLN C 252 -39.03 21.62 39.62
CA GLN C 252 -39.00 22.02 41.02
C GLN C 252 -38.59 20.81 41.88
N LYS C 253 -39.24 19.64 41.62
CA LYS C 253 -39.00 18.37 42.31
C LYS C 253 -37.55 17.89 42.14
N LYS C 254 -36.96 18.06 40.92
CA LYS C 254 -35.57 17.70 40.60
C LYS C 254 -34.64 18.50 41.50
N VAL C 255 -34.86 19.84 41.57
CA VAL C 255 -34.08 20.78 42.39
C VAL C 255 -34.25 20.43 43.87
N ALA C 256 -35.49 20.08 44.24
CA ALA C 256 -35.90 19.68 45.58
C ALA C 256 -35.18 18.43 46.05
N SER C 257 -35.09 17.41 45.19
CA SER C 257 -34.41 16.16 45.50
C SER C 257 -32.95 16.39 45.88
N ILE C 258 -32.26 17.30 45.14
CA ILE C 258 -30.86 17.69 45.36
C ILE C 258 -30.70 18.27 46.78
N LEU C 259 -31.56 19.25 47.09
CA LEU C 259 -31.65 19.97 48.35
C LEU C 259 -31.97 19.02 49.49
N LEU C 260 -32.83 18.03 49.19
CA LEU C 260 -33.26 16.99 50.10
C LEU C 260 -32.14 15.96 50.31
N ALA C 261 -31.38 15.65 49.26
CA ALA C 261 -30.30 14.68 49.32
C ALA C 261 -29.14 15.25 50.12
N LEU C 262 -28.98 16.57 50.07
CA LEU C 262 -27.97 17.31 50.81
C LEU C 262 -28.23 17.28 52.30
N THR C 263 -29.48 17.01 52.71
CA THR C 263 -29.88 16.93 54.11
C THR C 263 -29.50 15.58 54.69
N GLN C 264 -29.45 14.50 53.88
CA GLN C 264 -29.05 13.18 54.39
C GLN C 264 -27.57 13.20 54.70
N MET C 265 -26.77 13.86 53.82
CA MET C 265 -25.32 14.06 53.95
C MET C 265 -24.97 14.72 55.29
N ASP C 266 -25.81 15.72 55.67
CA ASP C 266 -25.73 16.53 56.89
C ASP C 266 -26.04 15.70 58.14
N GLN C 267 -27.03 14.78 58.06
CA GLN C 267 -27.42 13.92 59.18
C GLN C 267 -26.45 12.74 59.42
N ASP C 268 -25.47 12.57 58.50
CA ASP C 268 -24.47 11.50 58.58
C ASP C 268 -23.06 12.09 58.57
N SER D 4 21.36 -33.53 32.41
CA SER D 4 22.52 -34.36 32.73
C SER D 4 23.77 -33.52 32.90
N THR D 5 24.72 -33.97 33.78
CA THR D 5 25.98 -33.26 34.05
C THR D 5 26.87 -33.22 32.79
N SER D 6 27.34 -31.99 32.38
CA SER D 6 28.15 -31.69 31.18
C SER D 6 29.66 -31.79 31.47
N THR D 7 30.43 -32.23 30.46
CA THR D 7 31.88 -32.48 30.55
C THR D 7 32.78 -31.25 30.59
N PHE D 8 34.11 -31.47 30.49
CA PHE D 8 35.17 -30.45 30.40
C PHE D 8 35.62 -30.33 28.93
N GLN D 9 35.82 -31.50 28.23
CA GLN D 9 36.23 -31.63 26.82
C GLN D 9 35.05 -31.24 25.91
N THR D 10 35.32 -30.52 24.80
CA THR D 10 34.26 -30.03 23.88
C THR D 10 34.34 -30.52 22.42
N ARG D 11 35.15 -31.59 22.16
CA ARG D 11 35.35 -32.19 20.83
C ARG D 11 34.07 -32.80 20.21
N ARG D 12 33.22 -31.92 19.64
CA ARG D 12 31.92 -32.19 19.00
C ARG D 12 31.97 -33.16 17.79
N ARG D 13 30.84 -33.88 17.53
CA ARG D 13 30.70 -34.86 16.43
C ARG D 13 29.69 -34.35 15.36
N ARG D 14 30.13 -33.39 14.52
CA ARG D 14 29.32 -32.81 13.46
C ARG D 14 28.90 -33.92 12.51
N LEU D 15 27.62 -34.37 12.63
CA LEU D 15 26.88 -35.44 11.90
C LEU D 15 27.46 -36.82 12.07
N LYS D 16 28.79 -36.93 12.10
CA LYS D 16 29.57 -38.15 12.25
C LYS D 16 29.00 -38.98 13.38
N LYS D 17 28.25 -40.02 13.01
CA LYS D 17 27.60 -40.95 13.93
C LYS D 17 28.66 -41.77 14.72
N VAL D 18 29.57 -42.45 13.98
CA VAL D 18 30.64 -43.32 14.47
C VAL D 18 31.08 -43.01 15.90
N GLU D 19 30.82 -43.96 16.80
CA GLU D 19 31.16 -43.86 18.22
C GLU D 19 32.51 -44.53 18.51
N GLU D 20 33.07 -44.22 19.71
CA GLU D 20 34.35 -44.72 20.21
C GLU D 20 34.41 -46.27 20.31
N GLU D 21 35.63 -46.85 20.16
CA GLU D 21 35.89 -48.29 20.27
C GLU D 21 35.75 -48.72 21.75
N GLU D 22 35.74 -50.05 22.02
CA GLU D 22 35.60 -50.61 23.37
C GLU D 22 36.67 -50.09 24.34
N ASN D 23 36.45 -50.28 25.63
CA ASN D 23 37.35 -49.80 26.67
C ASN D 23 38.15 -50.98 27.27
N ALA D 24 39.42 -50.79 27.74
CA ALA D 24 40.14 -51.93 28.33
C ALA D 24 41.32 -51.53 29.30
N ALA D 25 42.30 -52.44 29.38
CA ALA D 25 43.61 -52.34 29.99
C ALA D 25 44.65 -52.70 28.85
N THR D 26 44.35 -52.06 27.72
CA THR D 26 45.04 -51.76 26.48
C THR D 26 45.12 -50.23 26.68
N LEU D 27 44.69 -49.80 27.91
CA LEU D 27 44.56 -48.46 28.48
C LEU D 27 43.77 -47.55 27.57
N GLN D 28 42.74 -48.14 26.92
CA GLN D 28 41.83 -47.37 26.08
C GLN D 28 40.57 -47.18 26.89
N LEU D 29 40.52 -46.05 27.66
CA LEU D 29 39.38 -45.66 28.48
C LEU D 29 38.53 -44.83 27.56
N GLY D 30 37.62 -44.04 28.12
CA GLY D 30 36.79 -43.21 27.27
C GLY D 30 37.53 -42.04 26.62
N GLN D 31 36.76 -41.19 25.90
CA GLN D 31 37.26 -39.93 25.35
C GLN D 31 37.27 -39.03 26.60
N GLU D 32 36.24 -39.22 27.46
CA GLU D 32 36.05 -38.54 28.73
C GLU D 32 37.24 -38.72 29.65
N PHE D 33 37.77 -39.96 29.73
CA PHE D 33 38.90 -40.33 30.58
C PHE D 33 40.24 -40.50 29.78
N GLN D 34 40.61 -39.45 29.00
CA GLN D 34 41.87 -39.38 28.27
C GLN D 34 42.94 -38.98 29.25
N LEU D 35 44.22 -39.13 28.88
CA LEU D 35 45.32 -38.72 29.75
C LEU D 35 45.44 -37.22 29.87
N LYS D 36 45.33 -36.52 28.73
CA LYS D 36 45.40 -35.05 28.63
C LYS D 36 43.99 -34.48 28.67
N GLN D 37 43.62 -33.71 29.73
CA GLN D 37 42.28 -33.12 29.76
C GLN D 37 42.17 -31.72 30.37
N ILE D 38 41.09 -31.03 29.95
CA ILE D 38 40.67 -29.66 30.22
C ILE D 38 40.30 -29.42 31.69
N ASN D 39 41.03 -28.47 32.31
CA ASN D 39 40.96 -27.96 33.67
C ASN D 39 39.92 -26.84 33.73
N HIS D 40 39.45 -26.48 34.93
CA HIS D 40 38.49 -25.40 35.15
C HIS D 40 38.95 -24.09 34.50
N GLN D 41 40.26 -23.83 34.55
CA GLN D 41 40.92 -22.65 33.99
C GLN D 41 41.09 -22.75 32.47
N GLY D 42 40.73 -23.89 31.88
CA GLY D 42 40.87 -24.14 30.44
C GLY D 42 42.27 -24.60 30.10
N GLU D 43 43.04 -25.04 31.13
CA GLU D 43 44.41 -25.54 31.05
C GLU D 43 44.42 -27.03 30.77
N GLU D 44 45.58 -27.56 30.36
CA GLU D 44 45.73 -28.99 30.17
C GLU D 44 46.12 -29.53 31.54
N GLU D 45 45.62 -30.71 31.89
CA GLU D 45 45.87 -31.35 33.17
C GLU D 45 45.76 -32.85 32.97
N GLU D 46 46.65 -33.60 33.64
CA GLU D 46 46.66 -35.06 33.55
C GLU D 46 45.50 -35.62 34.34
N LEU D 47 44.90 -36.72 33.85
CA LEU D 47 43.79 -37.47 34.45
C LEU D 47 44.09 -37.69 35.95
N ILE D 48 43.07 -37.56 36.80
CA ILE D 48 43.27 -37.79 38.21
C ILE D 48 42.60 -39.12 38.53
N ALA D 49 43.39 -40.15 38.85
CA ALA D 49 42.82 -41.44 39.27
C ALA D 49 43.37 -41.79 40.66
N LEU D 50 42.44 -42.11 41.58
CA LEU D 50 42.68 -42.41 42.99
C LEU D 50 42.58 -43.89 43.28
N ASN D 51 43.39 -44.31 44.23
CA ASN D 51 43.38 -45.67 44.71
C ASN D 51 42.54 -45.70 45.99
N LEU D 52 41.99 -46.87 46.35
CA LEU D 52 41.22 -46.99 47.58
C LEU D 52 42.20 -46.59 48.69
N SER D 53 41.79 -45.57 49.45
CA SER D 53 42.50 -44.88 50.55
C SER D 53 42.87 -43.49 50.12
N GLU D 54 43.40 -43.34 48.87
CA GLU D 54 43.66 -42.01 48.31
C GLU D 54 42.27 -41.42 48.06
N ALA D 55 41.33 -42.29 47.61
CA ALA D 55 39.95 -41.99 47.34
C ALA D 55 39.13 -41.79 48.61
N ARG D 56 39.38 -42.59 49.67
CA ARG D 56 38.63 -42.43 50.92
C ARG D 56 38.93 -41.12 51.59
N LEU D 57 40.22 -40.74 51.66
CA LEU D 57 40.63 -39.49 52.31
C LEU D 57 40.08 -38.26 51.61
N VAL D 58 40.07 -38.25 50.25
CA VAL D 58 39.52 -37.15 49.42
C VAL D 58 38.05 -36.88 49.78
N ILE D 59 37.20 -37.95 49.76
CA ILE D 59 35.78 -37.85 50.09
C ILE D 59 35.62 -37.32 51.54
N LYS D 60 36.33 -37.93 52.52
CA LYS D 60 36.32 -37.48 53.91
C LYS D 60 36.57 -35.97 53.98
N GLU D 61 37.75 -35.51 53.46
CA GLU D 61 38.19 -34.10 53.38
C GLU D 61 37.07 -33.18 52.94
N ALA D 62 36.36 -33.55 51.84
CA ALA D 62 35.27 -32.74 51.28
C ALA D 62 34.08 -32.60 52.24
N LEU D 63 33.54 -33.74 52.70
CA LEU D 63 32.39 -33.81 53.60
C LEU D 63 32.69 -33.15 54.95
N VAL D 64 33.91 -33.33 55.46
CA VAL D 64 34.35 -32.73 56.72
C VAL D 64 34.28 -31.21 56.62
N GLU D 65 34.82 -30.64 55.52
CA GLU D 65 34.85 -29.21 55.24
C GLU D 65 33.50 -28.70 54.75
N ARG D 66 32.58 -29.62 54.39
CA ARG D 66 31.20 -29.31 53.99
C ARG D 66 30.36 -29.19 55.26
N ARG D 67 30.65 -30.06 56.27
CA ARG D 67 29.99 -30.06 57.57
C ARG D 67 30.34 -28.78 58.32
N ARG D 68 31.57 -28.28 58.07
CA ARG D 68 32.08 -27.02 58.61
C ARG D 68 31.30 -25.88 57.95
N ALA D 69 31.10 -25.95 56.62
CA ALA D 69 30.37 -24.96 55.84
C ALA D 69 28.88 -24.96 56.19
N PHE D 70 28.35 -26.14 56.57
CA PHE D 70 26.95 -26.31 56.96
C PHE D 70 26.71 -25.80 58.39
N LYS D 71 27.79 -25.77 59.24
CA LYS D 71 27.78 -25.27 60.62
C LYS D 71 28.10 -23.77 60.64
N ARG D 72 28.79 -23.27 59.59
CA ARG D 72 29.11 -21.86 59.38
C ARG D 72 27.81 -21.15 58.96
N SER D 73 27.10 -21.71 57.93
CA SER D 73 25.83 -21.23 57.36
C SER D 73 24.71 -21.18 58.40
N GLN D 74 24.72 -22.16 59.33
CA GLN D 74 23.75 -22.27 60.42
C GLN D 74 24.24 -21.49 61.66
N LYS D 75 24.53 -20.19 61.46
CA LYS D 75 24.94 -19.26 62.52
C LYS D 75 23.74 -18.38 62.83
N LYS D 76 23.17 -17.75 61.77
CA LYS D 76 21.98 -16.89 61.74
C LYS D 76 21.71 -16.52 60.29
N THR D 118 38.93 -46.23 63.88
CA THR D 118 39.83 -47.40 63.82
C THR D 118 39.12 -48.59 63.14
N ARG D 119 38.86 -48.44 61.82
CA ARG D 119 38.19 -49.35 60.87
C ARG D 119 36.79 -49.75 61.33
N GLU D 120 36.67 -50.61 62.37
CA GLU D 120 35.40 -51.05 62.96
C GLU D 120 34.63 -49.79 63.37
N LYS D 121 35.36 -48.81 63.98
CA LYS D 121 34.87 -47.52 64.48
C LYS D 121 34.93 -46.39 63.46
N GLU D 122 35.79 -46.53 62.42
CA GLU D 122 35.86 -45.51 61.38
C GLU D 122 34.60 -45.59 60.52
N LEU D 123 34.03 -46.81 60.35
CA LEU D 123 32.80 -47.07 59.58
C LEU D 123 31.58 -46.39 60.22
N GLU D 124 31.44 -46.44 61.55
CA GLU D 124 30.33 -45.79 62.23
C GLU D 124 30.50 -44.27 62.21
N SER D 125 31.75 -43.78 62.40
CA SER D 125 32.11 -42.36 62.39
C SER D 125 31.86 -41.70 61.04
N ILE D 126 32.15 -42.44 59.94
CA ILE D 126 31.94 -42.03 58.53
C ILE D 126 30.43 -41.97 58.25
N ASP D 127 29.66 -43.02 58.69
CA ASP D 127 28.20 -43.16 58.49
C ASP D 127 27.39 -42.07 59.20
N VAL D 128 27.99 -41.43 60.23
CA VAL D 128 27.41 -40.34 60.99
C VAL D 128 27.57 -39.01 60.20
N LEU D 129 28.77 -38.76 59.64
CA LEU D 129 29.09 -37.59 58.80
C LEU D 129 28.20 -37.58 57.54
N LEU D 130 27.93 -38.78 56.97
CA LEU D 130 27.07 -38.96 55.79
C LEU D 130 25.67 -38.50 56.11
N GLU D 131 25.13 -38.91 57.28
CA GLU D 131 23.81 -38.51 57.76
C GLU D 131 23.73 -36.98 57.93
N GLN D 132 24.89 -36.29 58.01
CA GLN D 132 24.96 -34.84 58.23
C GLN D 132 25.23 -34.00 56.99
N THR D 133 25.96 -34.52 55.99
CA THR D 133 26.32 -33.74 54.78
C THR D 133 25.70 -34.21 53.48
N THR D 134 25.30 -35.50 53.43
CA THR D 134 24.69 -36.14 52.26
C THR D 134 23.18 -36.19 52.35
N GLY D 135 22.55 -36.20 51.18
CA GLY D 135 21.10 -36.20 51.01
C GLY D 135 20.35 -37.43 51.48
N GLY D 136 21.05 -38.39 52.08
CA GLY D 136 20.45 -39.63 52.57
C GLY D 136 20.16 -40.60 51.43
N ASN D 137 19.33 -40.15 50.46
CA ASN D 137 18.94 -40.86 49.22
C ASN D 137 20.16 -41.21 48.32
N ASN D 138 21.37 -40.86 48.79
CA ASN D 138 22.65 -41.16 48.15
C ASN D 138 23.13 -42.51 48.72
N LYS D 139 22.45 -43.57 48.25
CA LYS D 139 22.67 -44.96 48.58
C LYS D 139 24.01 -45.40 48.08
N ASP D 140 24.47 -44.79 46.96
CA ASP D 140 25.74 -45.10 46.33
C ASP D 140 26.92 -44.64 47.19
N LEU D 141 26.90 -43.39 47.71
CA LEU D 141 27.98 -42.85 48.54
C LEU D 141 28.15 -43.58 49.88
N LYS D 142 27.07 -44.17 50.43
CA LYS D 142 27.15 -44.95 51.69
C LYS D 142 27.94 -46.25 51.44
N ASN D 143 27.51 -47.08 50.43
CA ASN D 143 28.13 -48.35 50.02
C ASN D 143 29.57 -48.10 49.62
N THR D 144 29.83 -46.95 48.97
CA THR D 144 31.16 -46.58 48.50
C THR D 144 32.07 -46.23 49.66
N MET D 145 31.55 -45.49 50.66
CA MET D 145 32.35 -45.11 51.81
C MET D 145 32.63 -46.27 52.75
N GLN D 146 31.77 -47.30 52.71
CA GLN D 146 31.93 -48.53 53.49
C GLN D 146 32.98 -49.39 52.80
N TYR D 147 32.88 -49.49 51.46
CA TYR D 147 33.80 -50.24 50.61
C TYR D 147 35.18 -49.67 50.78
N LEU D 148 35.33 -48.36 50.59
CA LEU D 148 36.58 -47.64 50.73
C LEU D 148 37.22 -47.77 52.10
N THR D 149 36.40 -47.81 53.19
CA THR D 149 36.90 -47.92 54.55
C THR D 149 37.34 -49.36 54.85
N ASN D 150 36.62 -50.34 54.27
CA ASN D 150 36.92 -51.75 54.46
C ASN D 150 37.82 -52.35 53.38
N PHE D 151 38.37 -51.52 52.48
CA PHE D 151 39.23 -52.03 51.41
C PHE D 151 40.47 -51.18 51.18
N SER D 152 40.55 -50.02 51.85
CA SER D 152 41.71 -49.12 51.76
C SER D 152 42.92 -49.78 52.41
N ARG D 153 44.11 -49.59 51.80
CA ARG D 153 45.38 -50.18 52.29
C ARG D 153 46.12 -49.25 53.24
N PHE D 154 45.97 -47.91 53.06
CA PHE D 154 46.68 -46.87 53.82
C PHE D 154 45.74 -45.90 54.56
N ARG D 155 45.76 -45.94 55.90
CA ARG D 155 44.89 -45.14 56.77
C ARG D 155 45.19 -43.63 56.78
N ASP D 156 46.44 -43.24 57.10
CA ASP D 156 46.88 -41.85 57.32
C ASP D 156 47.32 -41.14 56.06
N GLN D 157 47.08 -39.81 56.00
CA GLN D 157 47.45 -38.97 54.86
C GLN D 157 48.93 -39.06 54.52
N GLU D 158 49.80 -39.24 55.54
CA GLU D 158 51.25 -39.36 55.41
C GLU D 158 51.59 -40.59 54.57
N THR D 159 51.06 -41.77 54.98
CA THR D 159 51.26 -43.07 54.31
C THR D 159 50.68 -43.09 52.89
N VAL D 160 49.63 -42.31 52.66
CA VAL D 160 49.00 -42.19 51.34
C VAL D 160 49.90 -41.36 50.43
N GLY D 161 50.35 -40.21 50.91
CA GLY D 161 51.23 -39.32 50.16
C GLY D 161 52.59 -39.94 49.85
N ALA D 162 53.06 -40.84 50.74
CA ALA D 162 54.33 -41.57 50.60
C ALA D 162 54.22 -42.55 49.44
N VAL D 163 53.07 -43.20 49.33
CA VAL D 163 52.69 -44.14 48.28
C VAL D 163 52.54 -43.37 46.96
N ILE D 164 52.01 -42.16 47.06
CA ILE D 164 51.81 -41.26 45.95
C ILE D 164 53.18 -40.82 45.39
N GLN D 165 54.12 -40.45 46.26
CA GLN D 165 55.45 -40.07 45.82
C GLN D 165 56.18 -41.27 45.19
N LEU D 166 56.06 -42.44 45.83
CA LEU D 166 56.68 -43.70 45.40
C LEU D 166 56.32 -44.10 43.97
N LEU D 167 55.03 -44.18 43.70
CA LEU D 167 54.54 -44.61 42.40
C LEU D 167 54.64 -43.52 41.36
N LYS D 168 54.31 -42.28 41.72
CA LYS D 168 54.33 -41.20 40.75
C LYS D 168 55.77 -40.71 40.54
N SER D 169 56.55 -41.57 39.89
CA SER D 169 57.97 -41.46 39.55
C SER D 169 58.34 -42.66 38.67
N THR D 170 57.32 -43.43 38.27
CA THR D 170 57.45 -44.61 37.40
C THR D 170 57.09 -44.18 36.01
N GLY D 171 56.20 -43.18 35.94
CA GLY D 171 55.69 -42.65 34.69
C GLY D 171 54.70 -43.61 34.04
N LEU D 172 53.79 -44.17 34.85
CA LEU D 172 52.76 -45.07 34.35
C LEU D 172 51.47 -44.28 34.34
N HIS D 173 50.42 -44.74 33.59
CA HIS D 173 49.13 -44.03 33.58
C HIS D 173 48.60 -43.89 34.95
N PRO D 174 47.93 -42.76 35.26
CA PRO D 174 47.28 -42.65 36.58
C PRO D 174 46.47 -43.93 36.92
N PHE D 175 45.98 -44.66 35.88
CA PHE D 175 45.28 -45.93 35.98
C PHE D 175 46.14 -46.99 36.65
N GLU D 176 47.30 -47.25 36.05
CA GLU D 176 48.29 -48.20 36.51
C GLU D 176 48.78 -47.74 37.88
N VAL D 177 49.17 -46.44 38.00
CA VAL D 177 49.65 -45.84 39.26
C VAL D 177 48.63 -46.06 40.40
N ALA D 178 47.32 -45.88 40.14
CA ALA D 178 46.29 -46.10 41.14
C ALA D 178 46.07 -47.58 41.41
N GLN D 179 45.90 -48.40 40.33
CA GLN D 179 45.69 -49.85 40.45
C GLN D 179 46.76 -50.54 41.28
N LEU D 180 48.01 -50.08 41.14
CA LEU D 180 49.16 -50.59 41.89
C LEU D 180 49.04 -50.26 43.37
N GLY D 181 48.50 -49.07 43.67
CA GLY D 181 48.22 -48.64 45.03
C GLY D 181 46.94 -49.23 45.59
N SER D 182 46.10 -49.85 44.72
CA SER D 182 44.81 -50.44 45.11
C SER D 182 44.86 -51.95 45.43
N LEU D 183 45.29 -52.75 44.45
CA LEU D 183 45.32 -54.20 44.61
C LEU D 183 46.64 -54.65 45.21
N ALA D 184 46.55 -55.36 46.34
CA ALA D 184 47.75 -55.84 47.02
C ALA D 184 48.43 -57.03 46.27
N CYS D 185 49.62 -56.77 45.66
CA CYS D 185 50.37 -57.80 44.90
C CYS D 185 51.71 -58.12 45.48
N ASP D 186 52.11 -59.40 45.35
CA ASP D 186 53.35 -59.95 45.87
C ASP D 186 54.45 -60.09 44.77
N THR D 187 54.11 -60.71 43.64
CA THR D 187 55.05 -60.88 42.53
C THR D 187 54.84 -59.83 41.46
N ALA D 188 55.91 -59.54 40.70
CA ALA D 188 55.84 -58.67 39.54
C ALA D 188 55.00 -59.39 38.50
N ASP D 189 54.91 -60.75 38.59
CA ASP D 189 54.06 -61.63 37.75
C ASP D 189 52.61 -61.34 38.13
N GLU D 190 52.29 -61.29 39.47
CA GLU D 190 50.95 -61.00 40.01
C GLU D 190 50.48 -59.67 39.44
N ALA D 191 51.23 -58.59 39.78
CA ALA D 191 50.99 -57.23 39.33
C ALA D 191 50.77 -57.18 37.82
N LYS D 192 51.75 -57.65 37.02
CA LYS D 192 51.70 -57.62 35.56
C LYS D 192 50.67 -58.56 34.93
N THR D 193 49.94 -59.34 35.76
CA THR D 193 48.87 -60.21 35.26
C THR D 193 47.56 -59.43 35.38
N LEU D 194 47.34 -58.87 36.58
CA LEU D 194 46.18 -58.07 36.96
C LEU D 194 46.12 -56.69 36.27
N ILE D 195 47.27 -56.02 36.13
CA ILE D 195 47.40 -54.73 35.45
C ILE D 195 48.23 -55.08 34.20
N PRO D 196 47.58 -55.57 33.14
CA PRO D 196 48.33 -56.10 31.99
C PRO D 196 48.74 -55.04 31.00
N SER D 197 48.65 -53.82 31.46
CA SER D 197 49.03 -52.65 30.73
C SER D 197 50.53 -52.51 30.96
N LEU D 198 50.96 -52.77 32.22
CA LEU D 198 52.33 -52.67 32.72
C LEU D 198 53.34 -53.44 31.91
N ASN D 199 52.96 -54.63 31.44
CA ASN D 199 53.76 -55.63 30.72
C ASN D 199 55.20 -55.21 30.29
N ASN D 200 55.35 -54.23 29.37
CA ASN D 200 56.72 -53.86 28.96
C ASN D 200 57.20 -52.54 29.53
N LYS D 201 56.28 -51.78 30.14
CA LYS D 201 56.47 -50.47 30.75
C LYS D 201 57.43 -50.43 31.95
N ILE D 202 57.63 -51.57 32.65
CA ILE D 202 58.53 -51.60 33.81
C ILE D 202 59.33 -52.91 33.88
N SER D 203 60.53 -52.85 34.51
CA SER D 203 61.42 -53.98 34.73
C SER D 203 60.80 -54.87 35.78
N ASP D 204 61.04 -56.18 35.72
CA ASP D 204 60.45 -57.10 36.68
C ASP D 204 60.97 -56.88 38.10
N ASP D 205 62.27 -56.62 38.23
CA ASP D 205 62.90 -56.36 39.52
C ASP D 205 62.48 -54.98 40.07
N GLU D 206 62.30 -53.99 39.17
CA GLU D 206 61.91 -52.63 39.50
C GLU D 206 60.52 -52.57 40.08
N LEU D 207 59.58 -53.19 39.39
CA LEU D 207 58.19 -53.26 39.83
C LEU D 207 58.14 -53.97 41.17
N GLU D 208 58.93 -55.07 41.31
CA GLU D 208 58.99 -55.86 42.55
C GLU D 208 59.61 -55.05 43.69
N ARG D 209 60.56 -54.12 43.39
CA ARG D 209 61.15 -53.23 44.39
C ARG D 209 60.05 -52.33 44.98
N ILE D 210 59.14 -51.85 44.11
CA ILE D 210 58.01 -51.01 44.49
C ILE D 210 57.02 -51.83 45.29
N LEU D 211 56.65 -53.03 44.80
CA LEU D 211 55.68 -53.92 45.43
C LEU D 211 56.04 -54.24 46.86
N LYS D 212 57.35 -54.32 47.11
CA LYS D 212 57.92 -54.65 48.41
C LYS D 212 58.12 -53.42 49.26
N GLU D 213 58.00 -52.24 48.68
CA GLU D 213 58.06 -51.01 49.44
C GLU D 213 56.66 -50.58 49.83
N LEU D 214 55.68 -51.05 49.06
CA LEU D 214 54.27 -50.80 49.31
C LEU D 214 53.79 -51.69 50.44
N SER D 215 54.43 -52.85 50.62
CA SER D 215 54.11 -53.80 51.70
C SER D 215 54.56 -53.20 53.04
N ASN D 216 55.79 -52.67 53.08
CA ASN D 216 56.39 -52.05 54.24
C ASN D 216 55.67 -50.74 54.57
N LEU D 217 54.89 -50.25 53.61
CA LEU D 217 54.10 -49.04 53.71
C LEU D 217 52.64 -49.31 54.11
N GLU D 218 52.19 -50.58 54.04
CA GLU D 218 50.82 -50.98 54.40
C GLU D 218 50.49 -50.72 55.85
N THR D 219 49.36 -50.05 56.07
CA THR D 219 48.79 -49.67 57.36
C THR D 219 48.22 -50.91 58.04
N LEU D 220 48.28 -50.97 59.36
CA LEU D 220 47.73 -52.09 60.11
C LEU D 220 46.23 -51.91 60.41
N TYR D 221 45.67 -52.81 61.23
CA TYR D 221 44.27 -52.79 61.68
C TYR D 221 44.22 -53.41 63.12
N ASP E 2 46.38 22.42 -39.36
CA ASP E 2 45.99 23.46 -38.41
C ASP E 2 44.57 23.25 -37.86
N GLN E 3 43.59 23.01 -38.77
CA GLN E 3 42.17 22.80 -38.50
C GLN E 3 41.88 21.84 -37.34
N GLU E 4 42.02 20.52 -37.57
CA GLU E 4 41.79 19.45 -36.58
C GLU E 4 43.11 18.73 -36.24
N ASN E 5 44.21 19.43 -36.48
CA ASN E 5 45.57 18.97 -36.20
C ASN E 5 45.80 19.25 -34.73
N GLU E 6 45.44 20.47 -34.29
CA GLU E 6 45.56 21.01 -32.94
C GLU E 6 44.67 20.33 -31.90
N ARG E 7 43.56 19.71 -32.33
CA ARG E 7 42.62 19.04 -31.43
C ARG E 7 43.24 17.77 -30.81
N ASN E 8 44.15 17.11 -31.56
CA ASN E 8 44.86 15.92 -31.09
C ASN E 8 45.92 16.37 -30.10
N ILE E 9 46.56 17.54 -30.39
CA ILE E 9 47.62 18.19 -29.62
C ILE E 9 47.09 18.59 -28.23
N SER E 10 45.97 19.37 -28.17
CA SER E 10 45.32 19.81 -26.93
C SER E 10 45.10 18.59 -26.02
N ARG E 11 44.41 17.58 -26.58
CA ARG E 11 44.08 16.31 -25.95
C ARG E 11 45.29 15.56 -25.40
N LEU E 12 46.41 15.53 -26.14
CA LEU E 12 47.63 14.85 -25.71
C LEU E 12 48.26 15.51 -24.48
N TRP E 13 48.23 16.84 -24.46
CA TRP E 13 48.73 17.67 -23.38
C TRP E 13 47.81 17.57 -22.18
N ARG E 14 46.46 17.53 -22.42
CA ARG E 14 45.40 17.38 -21.42
C ARG E 14 45.61 16.07 -20.66
N ALA E 15 45.89 14.97 -21.42
CA ALA E 15 46.15 13.62 -20.92
C ALA E 15 47.47 13.55 -20.17
N PHE E 16 48.50 14.22 -20.71
CA PHE E 16 49.82 14.29 -20.10
C PHE E 16 49.70 14.83 -18.68
N ARG E 17 49.01 15.99 -18.52
CA ARG E 17 48.73 16.67 -17.25
C ARG E 17 48.07 15.73 -16.22
N THR E 18 47.08 14.94 -16.67
CA THR E 18 46.33 13.98 -15.87
C THR E 18 47.22 12.80 -15.44
N VAL E 19 48.11 12.32 -16.35
CA VAL E 19 49.11 11.26 -16.08
C VAL E 19 50.07 11.83 -15.03
N LYS E 20 50.48 13.11 -15.19
CA LYS E 20 51.34 13.84 -14.28
C LYS E 20 50.69 13.86 -12.88
N GLU E 21 49.40 14.28 -12.84
CA GLU E 21 48.57 14.37 -11.64
C GLU E 21 48.44 12.99 -10.97
N MET E 22 48.17 11.94 -11.77
CA MET E 22 48.03 10.57 -11.30
C MET E 22 49.27 10.09 -10.55
N VAL E 23 50.46 10.30 -11.16
CA VAL E 23 51.78 9.91 -10.63
C VAL E 23 52.06 10.74 -9.36
N LYS E 24 51.70 12.04 -9.39
CA LYS E 24 51.87 12.98 -8.27
C LYS E 24 51.05 12.55 -7.08
N ASP E 25 49.75 12.31 -7.31
CA ASP E 25 48.80 11.87 -6.31
C ASP E 25 49.08 10.44 -5.86
N ARG E 26 49.77 9.61 -6.69
CA ARG E 26 50.12 8.23 -6.32
C ARG E 26 51.22 8.15 -5.25
N GLY E 27 51.98 9.23 -5.10
CA GLY E 27 53.02 9.34 -4.09
C GLY E 27 54.37 9.78 -4.60
N TYR E 28 54.55 9.76 -5.92
CA TYR E 28 55.80 10.10 -6.57
C TYR E 28 56.09 11.62 -6.57
N PHE E 29 57.38 11.98 -6.78
CA PHE E 29 57.83 13.36 -6.77
C PHE E 29 57.77 14.06 -8.13
N ILE E 30 56.76 14.95 -8.26
CA ILE E 30 56.43 15.83 -9.37
C ILE E 30 55.97 17.13 -8.71
N THR E 31 56.27 18.30 -9.31
CA THR E 31 55.82 19.56 -8.72
C THR E 31 54.61 20.10 -9.46
N GLN E 32 53.84 20.98 -8.79
CA GLN E 32 52.66 21.63 -9.37
C GLN E 32 53.14 22.53 -10.52
N GLU E 33 54.35 23.08 -10.39
CA GLU E 33 54.97 23.87 -11.43
C GLU E 33 55.19 22.97 -12.66
N GLU E 34 55.57 21.70 -12.42
CA GLU E 34 55.80 20.68 -13.47
C GLU E 34 54.47 20.25 -14.11
N VAL E 35 53.43 20.05 -13.30
CA VAL E 35 52.09 19.64 -13.76
C VAL E 35 51.46 20.69 -14.68
N GLU E 36 51.34 21.94 -14.18
CA GLU E 36 50.77 23.10 -14.86
C GLU E 36 51.50 23.52 -16.15
N LEU E 37 52.48 22.70 -16.64
CA LEU E 37 53.26 22.92 -17.87
C LEU E 37 52.30 23.35 -19.00
N PRO E 38 52.50 24.54 -19.58
CA PRO E 38 51.55 25.03 -20.59
C PRO E 38 51.64 24.32 -21.92
N LEU E 39 50.64 24.54 -22.78
CA LEU E 39 50.58 23.93 -24.10
C LEU E 39 51.68 24.42 -25.00
N GLU E 40 51.83 25.75 -25.17
CA GLU E 40 52.87 26.30 -26.04
C GLU E 40 54.26 25.77 -25.67
N ASP E 41 54.49 25.59 -24.36
CA ASP E 41 55.73 25.06 -23.78
C ASP E 41 55.82 23.55 -24.02
N PHE E 42 54.66 22.84 -23.94
CA PHE E 42 54.53 21.40 -24.15
C PHE E 42 54.99 21.03 -25.57
N LYS E 43 54.44 21.77 -26.57
CA LYS E 43 54.74 21.64 -27.99
C LYS E 43 56.25 21.75 -28.17
N ALA E 44 56.83 22.85 -27.64
CA ALA E 44 58.25 23.20 -27.68
C ALA E 44 59.22 22.07 -27.29
N LYS E 45 58.74 21.10 -26.47
CA LYS E 45 59.54 19.97 -25.98
C LYS E 45 59.36 18.65 -26.75
N TYR E 46 58.10 18.24 -27.05
CA TYR E 46 57.82 16.93 -27.66
C TYR E 46 57.30 16.95 -29.11
N CYS E 47 57.09 18.14 -29.70
CA CYS E 47 56.63 18.26 -31.10
C CYS E 47 57.79 18.26 -32.09
N ASP E 48 57.68 17.43 -33.15
CA ASP E 48 58.68 17.29 -34.20
C ASP E 48 58.76 18.56 -35.08
N SER E 49 59.79 18.64 -35.94
CA SER E 49 60.08 19.72 -36.90
C SER E 49 58.84 20.24 -37.68
N MET E 50 57.77 19.42 -37.79
CA MET E 50 56.52 19.74 -38.50
C MET E 50 55.30 20.04 -37.57
N GLY E 51 55.48 19.89 -36.27
CA GLY E 51 54.43 20.14 -35.30
C GLY E 51 53.63 18.89 -34.96
N ARG E 52 54.19 17.71 -35.32
CA ARG E 52 53.61 16.39 -35.07
C ARG E 52 54.24 15.81 -33.77
N PRO E 53 53.43 15.61 -32.69
CA PRO E 53 54.01 15.18 -31.39
C PRO E 53 54.58 13.76 -31.34
N GLN E 54 55.80 13.65 -30.78
CA GLN E 54 56.53 12.40 -30.62
C GLN E 54 56.42 11.87 -29.18
N ARG E 55 55.53 10.88 -29.01
CA ARG E 55 55.15 10.19 -27.76
C ARG E 55 56.28 9.38 -27.09
N LYS E 56 57.34 9.08 -27.87
CA LYS E 56 58.52 8.34 -27.39
C LYS E 56 59.28 9.25 -26.41
N MET E 57 59.30 10.57 -26.69
CA MET E 57 59.94 11.61 -25.89
C MET E 57 59.24 11.82 -24.56
N MET E 58 57.90 11.86 -24.58
CA MET E 58 57.00 12.04 -23.43
C MET E 58 57.26 11.08 -22.29
N SER E 59 57.52 9.80 -22.62
CA SER E 59 57.83 8.71 -21.70
C SER E 59 58.88 9.13 -20.66
N PHE E 60 58.59 8.87 -19.38
CA PHE E 60 59.43 9.31 -18.26
C PHE E 60 59.32 8.43 -17.01
N GLN E 61 60.24 8.65 -16.07
CA GLN E 61 60.34 7.95 -14.78
C GLN E 61 60.13 8.96 -13.63
N ALA E 62 59.46 8.51 -12.55
CA ALA E 62 59.21 9.32 -11.34
C ALA E 62 59.55 8.49 -10.10
N ASN E 63 60.19 9.14 -9.13
CA ASN E 63 60.65 8.49 -7.90
C ASN E 63 59.80 8.82 -6.66
N PRO E 64 59.73 7.94 -5.63
CA PRO E 64 58.89 8.25 -4.45
C PRO E 64 59.34 9.43 -3.59
N THR E 65 58.38 10.32 -3.18
CA THR E 65 58.62 11.49 -2.30
C THR E 65 59.12 11.04 -0.92
N GLU E 66 59.85 11.91 -0.21
CA GLU E 66 60.37 11.57 1.12
C GLU E 66 59.29 11.16 2.11
N GLU E 67 58.10 11.76 1.98
CA GLU E 67 56.98 11.40 2.81
C GLU E 67 56.45 9.98 2.47
N SER E 68 56.45 9.60 1.16
CA SER E 68 55.97 8.28 0.68
C SER E 68 56.79 7.13 1.23
N ILE E 69 58.10 7.34 1.33
CA ILE E 69 59.05 6.34 1.82
C ILE E 69 58.84 6.09 3.30
N SER E 70 58.25 7.06 4.04
CA SER E 70 57.96 6.88 5.46
C SER E 70 56.78 5.91 5.62
N LYS E 71 55.67 6.13 4.88
CA LYS E 71 54.46 5.29 4.93
C LYS E 71 54.69 3.90 4.33
N PHE E 72 55.11 3.86 3.05
CA PHE E 72 55.38 2.65 2.26
C PHE E 72 56.83 2.74 1.76
N PRO E 73 57.80 2.10 2.47
CA PRO E 73 59.21 2.19 2.04
C PRO E 73 59.56 1.36 0.80
N ASP E 74 58.88 0.20 0.68
CA ASP E 74 58.98 -0.79 -0.38
C ASP E 74 58.48 -0.28 -1.73
N MET E 75 57.87 0.93 -1.75
CA MET E 75 57.37 1.60 -2.95
C MET E 75 58.59 1.98 -3.79
N GLY E 76 58.68 1.39 -4.97
CA GLY E 76 59.78 1.65 -5.89
C GLY E 76 59.39 2.60 -6.99
N SER E 77 60.38 3.05 -7.77
CA SER E 77 60.17 3.98 -8.89
C SER E 77 59.40 3.32 -10.02
N LEU E 78 58.60 4.14 -10.70
CA LEU E 78 57.73 3.74 -11.79
C LEU E 78 58.20 4.30 -13.13
N TRP E 79 57.87 3.59 -14.22
CA TRP E 79 58.21 4.02 -15.57
C TRP E 79 56.93 4.17 -16.39
N VAL E 80 56.73 5.35 -16.96
CA VAL E 80 55.54 5.64 -17.76
C VAL E 80 55.92 5.75 -19.25
N GLU E 81 55.44 4.82 -20.12
CA GLU E 81 55.74 4.85 -21.56
C GLU E 81 54.51 5.18 -22.41
N PHE E 82 54.73 5.86 -23.53
CA PHE E 82 53.68 6.26 -24.47
C PHE E 82 54.14 5.81 -25.84
N CYS E 83 53.21 5.25 -26.63
CA CYS E 83 53.55 4.75 -27.97
C CYS E 83 52.96 5.58 -29.10
N ASP E 84 53.81 5.85 -30.14
CA ASP E 84 53.47 6.61 -31.36
C ASP E 84 52.69 5.77 -32.39
N GLU E 85 52.53 4.47 -32.10
CA GLU E 85 51.76 3.48 -32.87
C GLU E 85 50.34 3.41 -32.26
N PRO E 86 49.25 3.78 -32.98
CA PRO E 86 47.88 3.67 -32.39
C PRO E 86 47.58 2.27 -31.85
N SER E 87 47.93 1.24 -32.62
CA SER E 87 47.80 -0.16 -32.24
C SER E 87 49.17 -0.58 -31.74
N VAL E 88 49.25 -0.94 -30.44
CA VAL E 88 50.53 -1.30 -29.82
C VAL E 88 50.81 -2.80 -29.98
N GLY E 89 51.90 -3.09 -30.69
CA GLY E 89 52.36 -4.44 -30.99
C GLY E 89 52.98 -5.21 -29.85
N VAL E 90 53.24 -6.52 -30.11
CA VAL E 90 53.89 -7.49 -29.21
C VAL E 90 55.43 -7.29 -29.21
N LYS E 91 55.93 -6.59 -30.24
CA LYS E 91 57.35 -6.26 -30.38
C LYS E 91 57.66 -5.10 -29.42
N THR E 92 56.86 -4.00 -29.49
CA THR E 92 57.01 -2.79 -28.66
C THR E 92 56.78 -3.05 -27.19
N MET E 93 55.85 -3.98 -26.88
CA MET E 93 55.50 -4.34 -25.50
C MET E 93 56.65 -5.04 -24.82
N LYS E 94 57.37 -5.92 -25.53
CA LYS E 94 58.52 -6.60 -24.96
C LYS E 94 59.67 -5.62 -24.67
N THR E 95 59.81 -4.56 -25.51
CA THR E 95 60.83 -3.49 -25.39
C THR E 95 60.57 -2.67 -24.11
N PHE E 96 59.30 -2.60 -23.71
CA PHE E 96 58.85 -1.96 -22.49
C PHE E 96 59.04 -2.91 -21.30
N VAL E 97 58.51 -4.16 -21.41
CA VAL E 97 58.55 -5.21 -20.37
C VAL E 97 60.00 -5.52 -19.93
N ILE E 98 60.93 -5.63 -20.89
CA ILE E 98 62.35 -5.93 -20.61
C ILE E 98 63.09 -4.70 -20.04
N HIS E 99 62.53 -3.48 -20.25
CA HIS E 99 63.05 -2.22 -19.72
C HIS E 99 62.89 -2.27 -18.19
N ILE E 100 61.68 -2.60 -17.70
CA ILE E 100 61.35 -2.71 -16.28
C ILE E 100 62.13 -3.85 -15.63
N GLN E 101 62.18 -5.02 -16.28
CA GLN E 101 62.86 -6.24 -15.80
C GLN E 101 64.37 -6.04 -15.52
N GLU E 102 65.08 -5.32 -16.41
CA GLU E 102 66.50 -5.04 -16.26
C GLU E 102 66.76 -3.87 -15.30
N LYS E 103 66.01 -2.74 -15.48
CA LYS E 103 66.12 -1.53 -14.64
C LYS E 103 65.47 -1.72 -13.26
N ASN E 104 64.96 -2.94 -12.99
CA ASN E 104 64.31 -3.42 -11.76
C ASN E 104 63.24 -2.46 -11.18
N PHE E 105 62.47 -1.80 -12.08
CA PHE E 105 61.37 -0.90 -11.72
C PHE E 105 60.29 -1.70 -11.01
N GLN E 106 59.66 -1.16 -9.95
CA GLN E 106 58.61 -1.87 -9.22
C GLN E 106 57.26 -1.82 -9.93
N THR E 107 57.03 -0.74 -10.71
CA THR E 107 55.78 -0.50 -11.42
C THR E 107 56.04 0.10 -12.80
N GLY E 108 55.06 -0.01 -13.69
CA GLY E 108 55.17 0.50 -15.05
C GLY E 108 53.85 0.77 -15.74
N ILE E 109 53.56 2.06 -16.01
CA ILE E 109 52.33 2.48 -16.70
C ILE E 109 52.54 2.63 -18.22
N PHE E 110 51.78 1.86 -19.01
CA PHE E 110 51.82 1.95 -20.46
C PHE E 110 50.59 2.68 -21.01
N VAL E 111 50.79 3.91 -21.53
CA VAL E 111 49.72 4.72 -22.12
C VAL E 111 49.63 4.51 -23.65
N TYR E 112 48.61 3.74 -24.09
CA TYR E 112 48.36 3.42 -25.50
C TYR E 112 47.39 4.40 -26.16
N GLN E 113 47.42 4.49 -27.50
CA GLN E 113 46.55 5.40 -28.24
C GLN E 113 45.15 4.85 -28.43
N ASN E 114 45.00 3.81 -29.29
CA ASN E 114 43.74 3.16 -29.62
C ASN E 114 43.56 1.80 -28.97
N ASN E 115 44.56 0.92 -29.13
CA ASN E 115 44.54 -0.44 -28.62
C ASN E 115 45.94 -0.99 -28.41
N ILE E 116 46.00 -2.22 -27.89
CA ILE E 116 47.19 -3.02 -27.68
C ILE E 116 46.77 -4.43 -28.15
N THR E 117 47.67 -5.16 -28.87
CA THR E 117 47.40 -6.53 -29.37
C THR E 117 46.94 -7.41 -28.21
N PRO E 118 45.94 -8.31 -28.42
CA PRO E 118 45.57 -9.23 -27.33
C PRO E 118 46.76 -10.14 -27.00
N SER E 119 47.68 -10.28 -27.99
CA SER E 119 48.95 -11.01 -27.93
C SER E 119 49.87 -10.29 -26.96
N ALA E 120 50.09 -8.97 -27.20
CA ALA E 120 50.92 -8.10 -26.38
C ALA E 120 50.38 -7.89 -24.98
N MET E 121 49.05 -7.67 -24.83
CA MET E 121 48.42 -7.42 -23.51
C MET E 121 48.50 -8.62 -22.56
N LYS E 122 48.72 -9.84 -23.12
CA LYS E 122 48.88 -11.08 -22.35
C LYS E 122 50.39 -11.38 -22.11
N LEU E 123 51.09 -10.37 -21.56
CA LEU E 123 52.51 -10.36 -21.18
C LEU E 123 52.67 -9.48 -19.93
N VAL E 124 51.54 -8.98 -19.40
CA VAL E 124 51.51 -8.11 -18.24
C VAL E 124 51.93 -8.84 -16.93
N PRO E 125 51.43 -10.06 -16.59
CA PRO E 125 51.89 -10.68 -15.33
C PRO E 125 53.18 -11.50 -15.48
N SER E 126 53.86 -11.37 -16.65
CA SER E 126 55.09 -12.09 -16.98
C SER E 126 56.33 -11.67 -16.16
N ILE E 127 56.27 -10.52 -15.45
CA ILE E 127 57.44 -10.06 -14.69
C ILE E 127 57.13 -9.75 -13.19
N PRO E 128 56.80 -10.75 -12.33
CA PRO E 128 56.64 -10.45 -10.90
C PRO E 128 58.00 -10.31 -10.21
N PRO E 129 58.15 -9.63 -9.05
CA PRO E 129 57.13 -8.95 -8.23
C PRO E 129 56.53 -7.71 -8.87
N ALA E 130 57.23 -7.13 -9.88
CA ALA E 130 56.79 -5.93 -10.61
C ALA E 130 55.41 -6.07 -11.25
N THR E 131 54.74 -4.92 -11.49
CA THR E 131 53.41 -4.87 -12.07
C THR E 131 53.32 -3.85 -13.23
N ILE E 132 52.41 -4.11 -14.19
CA ILE E 132 52.17 -3.27 -15.37
C ILE E 132 50.72 -2.75 -15.34
N GLU E 133 50.49 -1.54 -15.87
CA GLU E 133 49.17 -0.89 -15.93
C GLU E 133 48.90 -0.26 -17.32
N THR E 134 47.83 -0.71 -18.04
CA THR E 134 47.46 -0.14 -19.36
C THR E 134 46.42 0.96 -19.22
N PHE E 135 46.64 2.05 -19.96
CA PHE E 135 45.77 3.21 -19.93
C PHE E 135 45.61 3.80 -21.34
N ASN E 136 44.36 4.07 -21.75
CA ASN E 136 44.04 4.68 -23.04
C ASN E 136 44.16 6.19 -22.87
N GLU E 137 44.75 6.86 -23.86
CA GLU E 137 44.96 8.32 -23.87
C GLU E 137 43.69 9.12 -23.63
N ALA E 138 42.62 8.83 -24.42
CA ALA E 138 41.31 9.50 -24.40
C ALA E 138 40.66 9.45 -23.01
N ALA E 139 40.87 8.33 -22.29
CA ALA E 139 40.39 8.13 -20.92
C ALA E 139 41.09 9.10 -19.97
N LEU E 140 42.43 9.28 -20.16
CA LEU E 140 43.28 10.16 -19.34
C LEU E 140 43.20 11.66 -19.70
N VAL E 141 42.43 12.05 -20.73
CA VAL E 141 42.29 13.46 -21.13
C VAL E 141 41.69 14.24 -19.97
N VAL E 142 40.73 13.62 -19.28
CA VAL E 142 40.07 14.24 -18.14
C VAL E 142 40.40 13.51 -16.83
N ASN E 143 40.85 14.26 -15.81
CA ASN E 143 41.13 13.70 -14.50
C ASN E 143 39.82 13.56 -13.77
N ILE E 144 39.23 12.36 -13.86
CA ILE E 144 37.93 12.08 -13.25
C ILE E 144 37.91 12.36 -11.76
N THR E 145 39.08 12.29 -11.08
CA THR E 145 39.19 12.52 -9.63
C THR E 145 38.89 13.96 -9.27
N HIS E 146 39.07 14.89 -10.23
CA HIS E 146 38.80 16.31 -10.02
C HIS E 146 37.29 16.67 -9.99
N HIS E 147 36.39 15.80 -10.52
CA HIS E 147 34.93 16.02 -10.55
C HIS E 147 34.30 16.26 -9.18
N GLU E 148 33.19 17.02 -9.19
CA GLU E 148 32.35 17.38 -8.04
C GLU E 148 32.10 16.16 -7.13
N LEU E 149 31.38 15.15 -7.64
CA LEU E 149 30.94 13.93 -6.95
C LEU E 149 32.04 12.94 -6.53
N VAL E 150 33.33 13.16 -6.87
CA VAL E 150 34.38 12.20 -6.53
C VAL E 150 35.20 12.64 -5.29
N PRO E 151 34.91 12.02 -4.09
CA PRO E 151 35.62 12.39 -2.84
C PRO E 151 37.08 11.93 -2.75
N LYS E 152 37.81 12.29 -1.66
CA LYS E 152 39.22 11.88 -1.63
C LYS E 152 39.40 10.46 -1.08
N HIS E 153 39.88 9.55 -1.95
CA HIS E 153 40.19 8.15 -1.63
C HIS E 153 41.66 8.16 -1.22
N ILE E 154 42.01 7.46 -0.13
CA ILE E 154 43.39 7.43 0.37
C ILE E 154 43.86 6.00 0.67
N ARG E 155 44.99 5.61 0.10
CA ARG E 155 45.61 4.29 0.28
C ARG E 155 46.14 4.13 1.73
N LEU E 156 45.74 3.02 2.34
CA LEU E 156 46.14 2.67 3.69
C LEU E 156 47.33 1.72 3.65
N SER E 157 48.33 1.98 4.51
CA SER E 157 49.52 1.15 4.72
C SER E 157 49.10 -0.16 5.44
N SER E 158 49.86 -1.25 5.22
CA SER E 158 49.63 -2.57 5.83
C SER E 158 49.25 -2.46 7.30
N ASP E 159 49.89 -1.51 8.03
CA ASP E 159 49.68 -1.22 9.43
C ASP E 159 48.43 -0.38 9.67
N GLU E 160 48.23 0.69 8.85
CA GLU E 160 47.04 1.56 8.94
C GLU E 160 45.78 0.69 8.87
N LYS E 161 45.75 -0.24 7.87
CA LYS E 161 44.72 -1.24 7.56
C LYS E 161 44.54 -2.19 8.73
N ARG E 162 45.61 -2.88 9.11
CA ARG E 162 45.66 -3.83 10.22
C ARG E 162 44.97 -3.22 11.46
N GLU E 163 45.30 -1.93 11.75
CA GLU E 163 44.77 -1.13 12.87
C GLU E 163 43.28 -0.86 12.72
N LEU E 164 42.84 -0.38 11.52
CA LEU E 164 41.43 -0.14 11.21
C LEU E 164 40.55 -1.35 11.59
N LEU E 165 40.89 -2.54 11.06
CA LEU E 165 40.17 -3.80 11.32
C LEU E 165 40.18 -4.17 12.78
N LYS E 166 41.28 -3.86 13.50
CA LYS E 166 41.39 -4.09 14.95
C LYS E 166 40.35 -3.21 15.68
N ARG E 167 40.49 -1.86 15.51
CA ARG E 167 39.65 -0.82 16.09
C ARG E 167 38.15 -0.89 15.75
N TYR E 168 37.79 -1.49 14.60
CA TYR E 168 36.38 -1.64 14.27
C TYR E 168 35.95 -3.09 14.49
N ARG E 169 36.88 -3.99 14.99
CA ARG E 169 36.63 -5.42 15.30
C ARG E 169 36.06 -6.21 14.06
N LEU E 170 36.64 -5.87 12.89
CA LEU E 170 36.24 -6.34 11.57
C LEU E 170 37.07 -7.46 11.00
N LYS E 171 36.41 -8.31 10.17
CA LYS E 171 37.00 -9.36 9.33
C LYS E 171 37.16 -8.60 7.99
N GLU E 172 38.09 -8.97 7.12
CA GLU E 172 38.23 -8.23 5.86
C GLU E 172 36.90 -8.07 5.06
N SER E 173 36.02 -9.14 5.06
CA SER E 173 34.72 -9.22 4.35
C SER E 173 33.71 -8.13 4.75
N GLN E 174 33.60 -7.90 6.09
CA GLN E 174 32.76 -6.93 6.79
C GLN E 174 32.96 -5.49 6.32
N LEU E 175 34.06 -5.20 5.61
CA LEU E 175 34.32 -3.87 5.06
C LEU E 175 33.63 -3.64 3.71
N PRO E 176 33.14 -2.37 3.45
CA PRO E 176 32.57 -2.05 2.14
C PRO E 176 33.71 -2.12 1.14
N ARG E 177 33.38 -2.66 -0.02
CA ARG E 177 34.34 -2.97 -1.06
C ARG E 177 34.36 -1.96 -2.21
N ILE E 178 35.57 -1.69 -2.77
CA ILE E 178 35.82 -0.90 -3.99
C ILE E 178 36.22 -1.90 -5.04
N GLN E 179 35.67 -1.78 -6.24
CA GLN E 179 35.98 -2.73 -7.29
C GLN E 179 37.38 -2.48 -7.90
N ARG E 180 38.17 -3.54 -8.25
CA ARG E 180 39.52 -3.33 -8.80
C ARG E 180 39.52 -2.47 -10.06
N ALA E 181 38.49 -2.71 -10.89
CA ALA E 181 38.16 -2.05 -12.13
C ALA E 181 37.68 -0.58 -11.94
N ASP E 182 37.39 -0.16 -10.69
CA ASP E 182 36.88 1.17 -10.34
C ASP E 182 37.78 2.32 -10.79
N PRO E 183 37.24 3.29 -11.58
CA PRO E 183 38.05 4.43 -12.06
C PRO E 183 39.05 5.08 -11.11
N VAL E 184 38.69 5.22 -9.83
CA VAL E 184 39.56 5.81 -8.81
C VAL E 184 40.59 4.80 -8.36
N ALA E 185 40.18 3.52 -8.20
CA ALA E 185 41.05 2.38 -7.84
C ALA E 185 42.16 2.20 -8.91
N LEU E 186 41.81 2.46 -10.19
CA LEU E 186 42.73 2.41 -11.33
C LEU E 186 43.67 3.59 -11.28
N TYR E 187 43.17 4.78 -10.88
CA TYR E 187 43.95 6.01 -10.73
C TYR E 187 45.01 5.85 -9.65
N LEU E 188 44.71 5.07 -8.62
CA LEU E 188 45.64 4.88 -7.52
C LEU E 188 46.36 3.52 -7.56
N GLY E 189 46.27 2.83 -8.70
CA GLY E 189 46.89 1.53 -8.89
C GLY E 189 46.62 0.58 -7.74
N LEU E 190 45.35 0.57 -7.26
CA LEU E 190 44.85 -0.22 -6.14
C LEU E 190 44.96 -1.71 -6.43
N LYS E 191 45.52 -2.44 -5.46
CA LYS E 191 45.77 -3.87 -5.56
C LYS E 191 44.85 -4.59 -4.61
N ARG E 192 44.31 -5.74 -5.05
CA ARG E 192 43.39 -6.59 -4.32
C ARG E 192 43.70 -6.61 -2.83
N GLY E 193 42.79 -6.11 -2.02
CA GLY E 193 42.98 -6.10 -0.57
C GLY E 193 43.43 -4.78 0.05
N GLU E 194 43.96 -3.85 -0.79
CA GLU E 194 44.36 -2.53 -0.32
C GLU E 194 43.08 -1.79 0.18
N VAL E 195 43.19 -0.98 1.24
CA VAL E 195 42.02 -0.25 1.73
C VAL E 195 42.18 1.25 1.46
N VAL E 196 41.08 1.94 1.02
CA VAL E 196 41.06 3.40 0.82
C VAL E 196 40.19 4.03 1.88
N LYS E 197 40.64 5.17 2.48
CA LYS E 197 39.84 5.93 3.45
C LYS E 197 39.18 7.03 2.67
N ILE E 198 37.87 6.95 2.50
CA ILE E 198 37.16 7.95 1.72
C ILE E 198 36.61 9.06 2.62
N ILE E 199 37.18 10.26 2.48
CA ILE E 199 36.73 11.42 3.23
C ILE E 199 35.75 12.18 2.35
N ARG E 200 34.48 12.20 2.77
CA ARG E 200 33.40 12.91 2.07
C ARG E 200 32.84 14.05 2.96
N LYS E 201 32.00 14.90 2.39
CA LYS E 201 31.40 15.97 3.19
C LYS E 201 29.92 15.64 3.46
N SER E 202 29.49 15.82 4.72
CA SER E 202 28.13 15.45 5.13
C SER E 202 27.26 16.64 5.43
N GLU E 203 25.97 16.56 5.03
CA GLU E 203 24.97 17.60 5.29
C GLU E 203 24.47 17.42 6.70
N THR E 204 24.91 16.30 7.30
CA THR E 204 24.55 15.86 8.62
C THR E 204 25.74 16.03 9.59
N SER E 205 26.90 15.36 9.37
CA SER E 205 28.04 15.50 10.30
C SER E 205 29.02 16.62 10.00
N GLY E 206 29.10 17.06 8.75
CA GLY E 206 30.04 18.07 8.30
C GLY E 206 31.12 17.35 7.52
N ARG E 207 31.72 16.33 8.15
CA ARG E 207 32.72 15.46 7.54
C ARG E 207 32.46 14.01 7.99
N TYR E 208 32.34 13.07 7.03
CA TYR E 208 32.18 11.65 7.34
C TYR E 208 33.19 10.88 6.50
N ALA E 209 33.88 9.90 7.12
CA ALA E 209 34.85 9.09 6.39
C ALA E 209 34.54 7.62 6.42
N SER E 210 34.49 7.01 5.23
CA SER E 210 34.25 5.60 5.01
C SER E 210 35.55 4.93 4.60
N TYR E 211 35.50 3.62 4.34
CA TYR E 211 36.66 2.83 3.92
C TYR E 211 36.20 1.79 2.89
N ARG E 212 37.07 1.46 1.92
CA ARG E 212 36.75 0.45 0.91
C ARG E 212 37.88 -0.52 0.62
N ILE E 213 37.62 -1.83 0.76
CA ILE E 213 38.63 -2.85 0.51
C ILE E 213 38.64 -3.19 -0.96
N CYS E 214 39.83 -3.49 -1.54
CA CYS E 214 39.91 -3.72 -2.97
C CYS E 214 39.44 -5.10 -3.43
N MET E 215 38.99 -5.14 -4.71
CA MET E 215 38.43 -6.29 -5.43
C MET E 215 39.34 -6.86 -6.54
N GLU F 71 39.41 -15.49 25.36
CA GLU F 71 38.06 -15.31 25.92
C GLU F 71 37.50 -13.89 25.71
N LYS F 72 36.29 -13.84 25.13
CA LYS F 72 35.48 -12.67 24.83
C LYS F 72 34.77 -12.26 26.11
N ALA F 73 34.95 -10.97 26.48
CA ALA F 73 34.44 -10.28 27.69
C ALA F 73 35.41 -9.18 27.93
N ILE F 74 34.96 -7.97 27.66
CA ILE F 74 35.80 -6.80 27.84
C ILE F 74 35.94 -6.50 29.34
N PRO F 75 37.16 -6.15 29.85
CA PRO F 75 37.31 -5.86 31.28
C PRO F 75 36.68 -4.54 31.68
N LYS F 76 36.13 -4.43 32.90
CA LYS F 76 35.42 -3.22 33.39
C LYS F 76 36.10 -1.92 32.92
N ASP F 77 37.43 -1.81 33.16
CA ASP F 77 38.31 -0.68 32.83
C ASP F 77 38.42 -0.35 31.33
N GLN F 78 38.14 -1.32 30.45
CA GLN F 78 38.21 -1.14 29.01
C GLN F 78 36.82 -0.97 28.32
N ARG F 79 35.73 -0.77 29.08
CA ARG F 79 34.40 -0.61 28.49
C ARG F 79 34.27 0.69 27.66
N ALA F 80 33.58 0.61 26.51
CA ALA F 80 33.45 1.73 25.58
C ALA F 80 32.00 2.11 25.14
N THR F 81 30.97 1.41 25.63
CA THR F 81 29.61 1.70 25.21
C THR F 81 28.99 2.77 26.11
N THR F 82 27.87 3.39 25.64
CA THR F 82 27.18 4.50 26.31
C THR F 82 27.07 4.27 27.76
N PRO F 83 27.56 5.21 28.57
CA PRO F 83 27.47 5.04 30.03
C PRO F 83 26.03 5.15 30.52
N TYR F 84 25.14 5.55 29.60
CA TYR F 84 23.70 5.74 29.76
C TYR F 84 22.96 4.46 29.33
N MET F 85 21.84 4.17 30.00
CA MET F 85 21.01 3.00 29.69
C MET F 85 20.17 3.29 28.41
N THR F 86 20.08 2.35 27.40
CA THR F 86 19.28 2.53 26.15
C THR F 86 17.77 2.54 26.47
N LYS F 87 16.91 3.00 25.50
CA LYS F 87 15.44 2.97 25.65
C LYS F 87 14.97 1.53 25.84
N TYR F 88 15.57 0.66 25.00
CA TYR F 88 15.42 -0.79 24.88
C TYR F 88 15.92 -1.50 26.12
N GLU F 89 17.00 -0.98 26.75
CA GLU F 89 17.56 -1.54 27.97
C GLU F 89 16.58 -1.34 29.10
N ARG F 90 16.23 -0.10 29.43
CA ARG F 90 15.25 0.24 30.47
C ARG F 90 13.95 -0.55 30.30
N ALA F 91 13.40 -0.57 29.07
CA ALA F 91 12.17 -1.31 28.80
C ALA F 91 12.29 -2.80 29.13
N ARG F 92 13.46 -3.45 28.80
CA ARG F 92 13.63 -4.87 29.12
C ARG F 92 13.92 -5.09 30.61
N ILE F 93 14.60 -4.14 31.26
CA ILE F 93 14.85 -4.27 32.71
C ILE F 93 13.53 -4.15 33.46
N LEU F 94 12.75 -3.09 33.12
CA LEU F 94 11.46 -2.82 33.71
C LEU F 94 10.47 -3.94 33.53
N GLY F 95 10.47 -4.59 32.36
CA GLY F 95 9.61 -5.73 32.08
C GLY F 95 10.03 -6.98 32.80
N THR F 96 11.34 -7.25 32.80
CA THR F 96 11.90 -8.42 33.47
C THR F 96 11.62 -8.36 34.95
N ARG F 97 11.92 -7.22 35.60
CA ARG F 97 11.61 -7.14 37.02
C ARG F 97 10.13 -7.23 37.26
N ALA F 98 9.30 -6.57 36.42
CA ALA F 98 7.84 -6.62 36.57
C ALA F 98 7.39 -8.07 36.57
N LEU F 99 7.83 -8.83 35.54
CA LEU F 99 7.54 -10.24 35.43
C LEU F 99 8.03 -11.02 36.67
N GLN F 100 9.26 -10.75 37.13
CA GLN F 100 9.83 -11.40 38.32
C GLN F 100 9.06 -11.06 39.61
N ILE F 101 8.69 -9.78 39.80
CA ILE F 101 7.92 -9.34 40.98
C ILE F 101 6.58 -10.06 40.97
N SER F 102 6.02 -10.25 39.76
CA SER F 102 4.76 -10.98 39.58
C SER F 102 4.92 -12.48 39.73
N MET F 103 6.14 -13.01 39.49
CA MET F 103 6.49 -14.44 39.60
C MET F 103 6.65 -14.83 41.07
N ASN F 104 6.54 -13.83 41.97
CA ASN F 104 6.65 -13.87 43.42
C ASN F 104 8.11 -13.81 43.86
N ALA F 105 8.92 -13.02 43.13
CA ALA F 105 10.32 -12.83 43.45
C ALA F 105 10.46 -11.88 44.64
N PRO F 106 11.64 -11.87 45.32
CA PRO F 106 11.84 -10.94 46.45
C PRO F 106 12.08 -9.52 45.98
N VAL F 107 11.50 -8.51 46.68
CA VAL F 107 11.57 -7.09 46.33
C VAL F 107 12.54 -6.32 47.22
N PHE F 108 13.46 -5.58 46.59
CA PHE F 108 14.51 -4.80 47.26
C PHE F 108 14.16 -3.33 47.39
N VAL F 109 12.96 -3.02 47.88
CA VAL F 109 12.46 -1.65 47.98
C VAL F 109 11.26 -1.66 48.91
N ASP F 110 10.85 -0.50 49.47
CA ASP F 110 9.66 -0.48 50.32
C ASP F 110 8.47 -0.30 49.41
N LEU F 111 7.59 -1.30 49.31
CA LEU F 111 6.40 -1.12 48.48
C LEU F 111 5.58 -0.17 49.33
N GLU F 112 5.57 1.11 49.00
CA GLU F 112 4.81 2.00 49.86
C GLU F 112 3.42 2.09 49.33
N GLY F 113 2.61 1.09 49.72
CA GLY F 113 1.23 0.89 49.26
C GLY F 113 1.12 0.40 47.83
N GLU F 114 2.27 0.04 47.22
CA GLU F 114 2.35 -0.41 45.85
C GLU F 114 1.89 -1.85 45.65
N THR F 115 1.29 -2.13 44.47
CA THR F 115 0.78 -3.46 44.11
C THR F 115 1.06 -3.88 42.67
N ASP F 116 1.15 -2.90 41.72
CA ASP F 116 1.46 -3.23 40.32
C ASP F 116 2.95 -3.53 40.19
N PRO F 117 3.34 -4.71 39.64
CA PRO F 117 4.75 -5.04 39.57
C PRO F 117 5.57 -4.13 38.67
N LEU F 118 4.96 -3.53 37.64
CA LEU F 118 5.72 -2.58 36.82
C LEU F 118 5.95 -1.30 37.63
N ARG F 119 4.92 -0.81 38.33
CA ARG F 119 4.99 0.34 39.23
C ARG F 119 6.03 0.10 40.38
N ILE F 120 6.13 -1.18 40.85
CA ILE F 120 7.11 -1.64 41.86
C ILE F 120 8.51 -1.61 41.22
N ALA F 121 8.70 -2.32 40.07
CA ALA F 121 9.96 -2.38 39.29
C ALA F 121 10.48 -0.98 38.98
N MET F 122 9.55 -0.05 38.76
CA MET F 122 9.95 1.30 38.49
C MET F 122 10.58 1.89 39.76
N LYS F 123 9.95 1.72 40.97
CA LYS F 123 10.53 2.19 42.23
C LYS F 123 11.93 1.57 42.46
N GLU F 124 12.08 0.29 42.14
CA GLU F 124 13.34 -0.45 42.27
C GLU F 124 14.41 0.18 41.37
N LEU F 125 14.08 0.50 40.11
CA LEU F 125 15.05 1.12 39.18
C LEU F 125 15.35 2.58 39.55
N ALA F 126 14.39 3.21 40.20
CA ALA F 126 14.49 4.59 40.63
C ALA F 126 15.50 4.67 41.78
N GLU F 127 15.46 3.66 42.64
CA GLU F 127 16.31 3.54 43.81
C GLU F 127 17.60 2.81 43.43
N LYS F 128 17.65 2.35 42.17
CA LYS F 128 18.73 1.56 41.58
C LYS F 128 19.09 0.35 42.48
N LYS F 129 18.04 -0.36 42.93
CA LYS F 129 18.08 -1.57 43.75
C LYS F 129 17.50 -2.77 42.93
N ILE F 130 17.77 -2.77 41.59
CA ILE F 130 17.45 -3.86 40.65
C ILE F 130 18.77 -4.66 40.57
N PRO F 131 18.81 -5.98 40.91
CA PRO F 131 20.10 -6.70 40.93
C PRO F 131 20.52 -7.35 39.60
N LEU F 132 20.05 -6.78 38.49
CA LEU F 132 20.38 -7.31 37.16
C LEU F 132 21.56 -6.55 36.45
N VAL F 133 22.16 -7.22 35.43
CA VAL F 133 23.31 -6.77 34.62
C VAL F 133 22.97 -6.95 33.13
N ILE F 134 23.27 -5.92 32.34
CA ILE F 134 23.10 -5.99 30.90
C ILE F 134 24.44 -6.39 30.26
N ARG F 135 24.38 -7.46 29.44
CA ARG F 135 25.51 -7.96 28.67
C ARG F 135 25.31 -7.44 27.29
N ARG F 136 25.97 -6.32 26.98
CA ARG F 136 25.89 -5.68 25.68
C ARG F 136 26.84 -6.41 24.70
N TYR F 137 26.27 -7.24 23.79
CA TYR F 137 27.09 -7.99 22.84
C TYR F 137 27.48 -7.15 21.65
N LEU F 138 28.77 -7.18 21.31
CA LEU F 138 29.34 -6.46 20.16
C LEU F 138 29.31 -7.35 18.92
N PRO F 139 29.32 -6.77 17.71
CA PRO F 139 29.25 -7.58 16.49
C PRO F 139 30.29 -8.70 16.33
N ASP F 140 31.37 -8.69 17.13
CA ASP F 140 32.37 -9.75 17.03
C ASP F 140 32.15 -10.86 18.07
N GLY F 141 31.11 -10.69 18.89
CA GLY F 141 30.75 -11.65 19.92
C GLY F 141 31.13 -11.19 21.31
N SER F 142 32.24 -10.44 21.39
CA SER F 142 32.76 -9.90 22.63
C SER F 142 31.67 -9.06 23.30
N PHE F 143 31.74 -8.91 24.61
CA PHE F 143 30.69 -8.16 25.30
C PHE F 143 31.17 -7.33 26.48
N GLU F 144 30.35 -6.36 26.86
CA GLU F 144 30.58 -5.52 28.01
C GLU F 144 29.42 -5.73 28.95
N ASP F 145 29.72 -5.97 30.22
CA ASP F 145 28.71 -6.13 31.24
C ASP F 145 28.57 -4.80 31.98
N TRP F 146 27.32 -4.29 32.08
CA TRP F 146 26.97 -3.06 32.78
C TRP F 146 25.84 -3.32 33.74
N SER F 147 25.98 -2.86 34.98
CA SER F 147 24.95 -3.04 36.00
C SER F 147 23.89 -1.96 35.85
N VAL F 148 22.63 -2.24 36.24
CA VAL F 148 21.59 -1.20 36.20
C VAL F 148 21.95 -0.06 37.21
N GLU F 149 22.77 -0.41 38.23
CA GLU F 149 23.32 0.49 39.22
C GLU F 149 24.29 1.46 38.50
N GLU F 150 25.11 0.97 37.54
CA GLU F 150 26.09 1.74 36.76
C GLU F 150 25.48 2.69 35.76
N LEU F 151 24.45 2.23 35.04
CA LEU F 151 23.88 2.94 33.92
C LEU F 151 23.12 4.18 34.27
N ILE F 152 23.46 5.31 33.63
CA ILE F 152 22.82 6.62 33.77
C ILE F 152 21.43 6.54 33.13
N VAL F 153 20.39 7.05 33.83
CA VAL F 153 19.01 6.98 33.32
C VAL F 153 18.38 8.36 33.02
N ASP F 154 18.94 9.02 31.98
CA ASP F 154 18.51 10.32 31.43
C ASP F 154 17.33 10.03 30.49
N LEU F 155 17.51 9.01 29.58
CA LEU F 155 16.59 8.39 28.60
C LEU F 155 15.74 9.35 27.71
N MET G 1 41.03 -45.91 38.67
CA MET G 1 39.60 -46.28 38.60
C MET G 1 38.59 -45.22 39.22
N PHE G 2 38.82 -44.84 40.48
CA PHE G 2 38.05 -43.80 41.11
C PHE G 2 38.70 -42.54 40.52
N PHE G 3 37.94 -41.70 39.83
CA PHE G 3 38.57 -40.53 39.25
C PHE G 3 38.10 -39.23 39.88
N ILE G 4 38.82 -38.17 39.63
CA ILE G 4 38.42 -36.82 40.01
C ILE G 4 38.18 -36.18 38.65
N LYS G 5 36.96 -35.71 38.41
CA LYS G 5 36.57 -35.18 37.11
C LYS G 5 36.00 -33.74 37.19
N ASP G 6 36.53 -32.80 36.34
CA ASP G 6 36.10 -31.39 36.25
C ASP G 6 34.83 -31.33 35.39
N LEU G 7 33.66 -31.11 36.03
CA LEU G 7 32.35 -31.15 35.37
C LEU G 7 31.50 -29.90 35.55
N SER G 8 30.39 -29.79 34.80
CA SER G 8 29.44 -28.67 34.86
C SER G 8 28.00 -29.19 34.92
N LEU G 9 27.05 -28.28 35.15
CA LEU G 9 25.61 -28.56 35.19
C LEU G 9 24.84 -27.25 35.02
N ASN G 10 23.86 -27.22 34.09
CA ASN G 10 23.04 -26.04 33.88
C ASN G 10 21.74 -26.11 34.74
N ILE G 11 21.75 -25.48 35.93
CA ILE G 11 20.55 -25.48 36.75
C ILE G 11 19.71 -24.26 36.43
N THR G 12 18.37 -24.42 36.46
CA THR G 12 17.47 -23.32 36.16
C THR G 12 16.62 -22.94 37.32
N LEU G 13 17.01 -21.87 38.00
CA LEU G 13 16.33 -21.27 39.15
C LEU G 13 15.00 -20.60 38.79
N HIS G 14 14.15 -20.35 39.77
CA HIS G 14 12.89 -19.67 39.54
C HIS G 14 12.91 -18.32 40.29
N PRO G 15 12.34 -17.21 39.75
CA PRO G 15 12.39 -15.90 40.45
C PRO G 15 12.13 -15.87 41.95
N SER G 16 11.27 -16.73 42.50
CA SER G 16 11.04 -16.71 43.95
C SER G 16 12.35 -16.86 44.75
N PHE G 17 13.33 -17.59 44.20
CA PHE G 17 14.62 -17.82 44.83
C PHE G 17 15.70 -16.76 44.50
N PHE G 18 15.29 -15.55 44.00
CA PHE G 18 16.23 -14.46 43.69
C PHE G 18 16.40 -13.58 44.89
N GLY G 19 16.73 -14.24 46.01
CA GLY G 19 16.92 -13.64 47.33
C GLY G 19 18.36 -13.65 47.82
N PRO G 20 18.60 -13.14 49.05
CA PRO G 20 19.98 -13.04 49.58
C PRO G 20 20.74 -14.36 49.64
N ARG G 21 20.06 -15.46 50.01
CA ARG G 21 20.69 -16.77 50.00
C ARG G 21 20.25 -17.56 48.74
N MET G 22 20.81 -17.14 47.61
CA MET G 22 20.55 -17.73 46.32
C MET G 22 21.58 -18.81 46.10
N LYS G 23 22.89 -18.46 46.21
CA LYS G 23 24.04 -19.35 46.04
C LYS G 23 23.83 -20.65 46.81
N GLN G 24 23.38 -20.55 48.09
CA GLN G 24 23.11 -21.69 48.94
C GLN G 24 22.15 -22.63 48.27
N TYR G 25 21.01 -22.13 47.75
CA TYR G 25 20.03 -22.99 47.07
C TYR G 25 20.59 -23.62 45.82
N LEU G 26 21.43 -22.90 45.06
CA LEU G 26 22.02 -23.43 43.85
C LEU G 26 23.01 -24.53 44.17
N LYS G 27 23.86 -24.31 45.18
CA LYS G 27 24.81 -25.32 45.59
C LYS G 27 24.02 -26.57 46.05
N THR G 28 23.02 -26.37 46.93
CA THR G 28 22.13 -27.40 47.46
C THR G 28 21.39 -28.12 46.32
N LYS G 29 21.02 -27.39 45.25
CA LYS G 29 20.34 -27.94 44.07
C LYS G 29 21.31 -28.81 43.26
N LEU G 30 22.55 -28.31 43.02
CA LEU G 30 23.58 -29.05 42.27
C LEU G 30 23.72 -30.41 42.88
N LEU G 31 23.89 -30.45 44.22
CA LEU G 31 24.02 -31.68 44.96
C LEU G 31 22.84 -32.60 44.72
N GLU G 32 21.60 -32.06 44.79
CA GLU G 32 20.38 -32.86 44.55
C GLU G 32 20.49 -33.63 43.24
N GLU G 33 20.74 -32.89 42.15
CA GLU G 33 20.86 -33.42 40.81
C GLU G 33 22.07 -34.36 40.65
N VAL G 34 23.27 -33.79 40.77
CA VAL G 34 24.57 -34.39 40.54
C VAL G 34 24.98 -35.51 41.53
N GLU G 35 25.02 -35.25 42.87
CA GLU G 35 25.46 -36.24 43.86
C GLU G 35 24.61 -37.49 43.85
N GLY G 36 25.24 -38.64 43.96
CA GLY G 36 24.57 -39.94 43.92
C GLY G 36 23.97 -40.32 42.57
N SER G 37 24.36 -39.58 41.52
CA SER G 37 23.90 -39.80 40.15
C SER G 37 24.78 -40.86 39.50
N CYS G 38 24.31 -41.37 38.36
CA CYS G 38 25.01 -42.35 37.56
C CYS G 38 24.66 -42.26 36.10
N THR G 39 25.64 -41.87 35.32
CA THR G 39 25.55 -41.73 33.87
C THR G 39 26.50 -42.77 33.30
N GLY G 40 26.31 -43.15 32.05
CA GLY G 40 27.26 -44.06 31.42
C GLY G 40 28.56 -43.35 31.07
N LYS G 41 28.43 -42.09 30.55
CA LYS G 41 29.52 -41.21 30.11
C LYS G 41 30.61 -41.05 31.14
N PHE G 42 30.26 -40.80 32.42
CA PHE G 42 31.20 -40.56 33.52
C PHE G 42 31.04 -41.54 34.66
N GLY G 43 30.01 -42.36 34.60
CA GLY G 43 29.71 -43.34 35.64
C GLY G 43 28.98 -42.75 36.82
N TYR G 44 29.28 -43.30 38.01
CA TYR G 44 28.71 -42.89 39.28
C TYR G 44 29.38 -41.59 39.74
N ILE G 45 28.59 -40.47 39.88
CA ILE G 45 29.06 -39.14 40.39
C ILE G 45 28.84 -39.29 41.87
N LEU G 46 29.89 -39.59 42.62
CA LEU G 46 29.73 -39.93 44.02
C LEU G 46 29.66 -38.76 44.99
N CYS G 47 30.60 -37.81 44.93
CA CYS G 47 30.67 -36.73 45.90
C CYS G 47 31.22 -35.43 45.31
N VAL G 48 30.51 -34.27 45.47
CA VAL G 48 31.01 -32.97 44.97
C VAL G 48 32.05 -32.43 45.95
N LEU G 49 33.25 -32.24 45.42
CA LEU G 49 34.38 -31.78 46.21
C LEU G 49 34.43 -30.27 46.20
N ASP G 50 34.97 -29.70 47.31
CA ASP G 50 35.20 -28.28 47.53
C ASP G 50 33.90 -27.47 47.46
N TYR G 51 32.97 -27.71 48.41
CA TYR G 51 31.66 -27.03 48.47
C TYR G 51 31.81 -25.51 48.50
N ASP G 52 32.86 -25.04 49.20
CA ASP G 52 33.22 -23.63 49.39
C ASP G 52 33.55 -22.92 48.06
N ASN G 53 34.41 -23.52 47.22
CA ASN G 53 34.76 -22.91 45.95
C ASN G 53 33.98 -23.50 44.75
N ILE G 54 32.65 -23.57 44.88
CA ILE G 54 31.84 -24.00 43.76
C ILE G 54 31.58 -22.73 42.97
N ASP G 55 31.83 -22.79 41.66
CA ASP G 55 31.60 -21.67 40.75
C ASP G 55 30.19 -21.71 40.17
N ILE G 56 29.43 -20.69 40.54
CA ILE G 56 28.05 -20.48 40.15
C ILE G 56 27.98 -19.72 38.78
N GLN G 57 28.88 -18.71 38.57
CA GLN G 57 28.95 -17.80 37.41
C GLN G 57 27.76 -16.80 37.43
N ARG G 58 27.69 -15.87 36.44
CA ARG G 58 26.56 -14.95 36.33
C ARG G 58 25.49 -15.77 35.61
N GLY G 59 24.28 -15.76 36.15
CA GLY G 59 23.16 -16.49 35.54
C GLY G 59 22.39 -15.62 34.57
N ARG G 60 22.00 -16.16 33.40
CA ARG G 60 21.23 -15.37 32.42
C ARG G 60 19.74 -15.58 32.60
N ILE G 61 19.00 -14.48 32.54
CA ILE G 61 17.56 -14.55 32.68
C ILE G 61 17.00 -14.93 31.34
N LEU G 62 16.14 -15.96 31.34
CA LEU G 62 15.48 -16.48 30.13
C LEU G 62 14.31 -15.60 29.76
N PRO G 63 14.15 -15.24 28.49
CA PRO G 63 13.01 -14.40 28.13
C PRO G 63 11.67 -15.12 28.27
N THR G 64 10.63 -14.31 28.55
CA THR G 64 9.19 -14.57 28.73
C THR G 64 8.87 -15.40 30.04
N ASP G 65 9.89 -15.68 30.90
CA ASP G 65 9.80 -16.31 32.23
C ASP G 65 11.11 -16.02 32.94
N GLY G 66 11.07 -15.13 33.92
CA GLY G 66 12.23 -14.60 34.66
C GLY G 66 13.22 -15.57 35.27
N SER G 67 12.96 -16.87 35.14
CA SER G 67 13.79 -17.98 35.60
C SER G 67 15.19 -17.79 35.07
N ALA G 68 16.20 -17.92 35.91
CA ALA G 68 17.55 -17.71 35.44
C ALA G 68 18.35 -19.00 35.32
N GLU G 69 19.16 -19.13 34.26
CA GLU G 69 19.96 -20.33 34.04
C GLU G 69 21.46 -20.11 34.31
N PHE G 70 22.03 -20.94 35.19
CA PHE G 70 23.44 -20.87 35.61
C PHE G 70 24.18 -22.13 35.25
N ASN G 71 25.33 -21.97 34.59
CA ASN G 71 26.15 -23.14 34.33
C ASN G 71 27.06 -23.19 35.54
N VAL G 72 26.77 -24.13 36.44
CA VAL G 72 27.47 -24.38 37.70
C VAL G 72 28.63 -25.32 37.41
N LYS G 73 29.81 -24.75 37.13
CA LYS G 73 31.01 -25.55 36.89
C LYS G 73 31.51 -26.04 38.28
N TYR G 74 31.95 -27.32 38.41
CA TYR G 74 32.39 -27.99 39.65
C TYR G 74 33.46 -29.10 39.41
N ARG G 75 33.76 -29.90 40.46
CA ARG G 75 34.71 -31.02 40.45
C ARG G 75 34.18 -32.06 41.43
N ALA G 76 34.17 -33.35 41.01
CA ALA G 76 33.61 -34.48 41.77
C ALA G 76 34.40 -35.79 41.69
N VAL G 77 34.17 -36.71 42.66
CA VAL G 77 34.77 -38.04 42.68
C VAL G 77 33.81 -38.97 41.99
N VAL G 78 34.30 -39.59 40.92
CA VAL G 78 33.53 -40.49 40.07
C VAL G 78 34.11 -41.92 40.08
N PHE G 79 33.26 -42.87 39.76
CA PHE G 79 33.62 -44.26 39.66
C PHE G 79 33.06 -44.73 38.32
N LYS G 80 33.95 -45.08 37.37
CA LYS G 80 33.57 -45.56 36.05
C LYS G 80 34.25 -46.90 35.81
N PRO G 81 33.54 -48.04 35.83
CA PRO G 81 34.23 -49.33 35.62
C PRO G 81 34.64 -49.59 34.17
N PHE G 82 35.63 -50.48 33.96
CA PHE G 82 36.10 -50.82 32.62
C PHE G 82 36.26 -52.32 32.41
N LYS G 83 36.34 -52.75 31.12
CA LYS G 83 36.67 -54.13 30.80
C LYS G 83 38.14 -54.29 31.21
N GLY G 84 38.51 -55.51 31.56
CA GLY G 84 39.86 -55.86 31.98
C GLY G 84 40.30 -55.32 33.33
N GLU G 85 39.48 -54.45 33.94
CA GLU G 85 39.76 -53.85 35.24
C GLU G 85 39.57 -54.89 36.33
N VAL G 86 40.62 -55.06 37.16
CA VAL G 86 40.58 -56.01 38.25
C VAL G 86 40.12 -55.30 39.55
N VAL G 87 39.08 -55.86 40.17
CA VAL G 87 38.45 -55.30 41.37
C VAL G 87 38.44 -56.27 42.54
N ASP G 88 38.45 -55.70 43.74
CA ASP G 88 38.33 -56.40 44.99
C ASP G 88 36.91 -56.08 45.46
N GLY G 89 36.14 -57.10 45.83
CA GLY G 89 34.77 -56.92 46.29
C GLY G 89 34.28 -57.94 47.32
N THR G 90 33.01 -57.81 47.74
CA THR G 90 32.39 -58.72 48.70
C THR G 90 31.17 -59.35 48.06
N VAL G 91 30.95 -60.65 48.32
CA VAL G 91 29.80 -61.39 47.78
C VAL G 91 28.55 -60.84 48.41
N VAL G 92 27.50 -60.71 47.61
CA VAL G 92 26.22 -60.21 48.09
C VAL G 92 25.19 -61.34 47.90
N SER G 93 24.90 -61.68 46.64
CA SER G 93 23.93 -62.69 46.26
C SER G 93 24.65 -63.94 45.85
N CYS G 94 23.97 -65.08 45.97
CA CYS G 94 24.55 -66.36 45.56
C CYS G 94 23.51 -67.42 45.22
N SER G 95 23.40 -67.75 43.92
CA SER G 95 22.50 -68.77 43.38
C SER G 95 23.23 -69.81 42.56
N GLN G 96 22.48 -70.76 42.00
CA GLN G 96 22.95 -71.82 41.13
C GLN G 96 23.46 -71.24 39.80
N HIS G 97 23.11 -69.99 39.53
CA HIS G 97 23.54 -69.27 38.34
C HIS G 97 24.92 -68.61 38.50
N GLY G 98 25.32 -68.38 39.75
CA GLY G 98 26.59 -67.75 40.08
C GLY G 98 26.47 -66.85 41.29
N PHE G 99 27.36 -65.84 41.42
CA PHE G 99 27.30 -64.91 42.55
C PHE G 99 27.62 -63.47 42.18
N GLU G 100 26.92 -62.52 42.80
CA GLU G 100 27.10 -61.10 42.60
C GLU G 100 28.01 -60.56 43.69
N VAL G 101 28.88 -59.62 43.32
CA VAL G 101 29.87 -59.02 44.20
C VAL G 101 29.75 -57.47 44.22
N GLN G 102 29.68 -56.87 45.43
CA GLN G 102 29.61 -55.41 45.59
C GLN G 102 31.00 -54.78 45.47
N VAL G 103 31.17 -53.92 44.48
CA VAL G 103 32.40 -53.20 44.22
C VAL G 103 32.03 -51.74 44.24
N GLY G 104 32.25 -51.12 45.38
CA GLY G 104 31.92 -49.73 45.58
C GLY G 104 30.42 -49.56 45.47
N PRO G 105 29.96 -48.69 44.56
CA PRO G 105 28.51 -48.48 44.43
C PRO G 105 27.83 -49.53 43.56
N MET G 106 28.63 -50.11 42.67
CA MET G 106 28.29 -51.06 41.63
C MET G 106 28.36 -52.53 42.07
N LYS G 107 27.60 -53.41 41.39
CA LYS G 107 27.64 -54.85 41.62
C LYS G 107 28.16 -55.57 40.34
N VAL G 108 29.09 -56.54 40.52
CA VAL G 108 29.69 -57.39 39.48
C VAL G 108 29.23 -58.85 39.62
N PHE G 109 28.42 -59.36 38.67
CA PHE G 109 27.98 -60.74 38.73
C PHE G 109 28.95 -61.66 38.04
N VAL G 110 29.40 -62.70 38.77
CA VAL G 110 30.35 -63.75 38.38
C VAL G 110 29.54 -65.01 38.03
N THR G 111 29.40 -65.32 36.72
CA THR G 111 28.65 -66.47 36.20
C THR G 111 29.26 -67.79 36.66
N LYS G 112 28.42 -68.83 36.89
CA LYS G 112 28.82 -70.19 37.30
C LYS G 112 29.98 -70.70 36.43
N HIS G 113 29.94 -70.36 35.14
CA HIS G 113 30.91 -70.82 34.17
C HIS G 113 32.10 -69.90 34.00
N LEU G 114 32.10 -68.76 34.69
CA LEU G 114 33.24 -67.83 34.72
C LEU G 114 34.06 -68.09 36.00
N MET G 115 33.88 -69.28 36.56
CA MET G 115 34.56 -69.75 37.75
C MET G 115 35.30 -71.03 37.40
N PRO G 116 36.38 -71.36 38.15
CA PRO G 116 37.05 -72.65 37.92
C PRO G 116 36.09 -73.85 38.08
N GLN G 117 36.31 -74.91 37.30
CA GLN G 117 35.52 -76.15 37.27
C GLN G 117 35.28 -76.79 38.66
N ASP G 118 36.37 -76.91 39.48
CA ASP G 118 36.37 -77.51 40.83
C ASP G 118 35.42 -76.84 41.82
N LEU G 119 35.12 -75.54 41.60
CA LEU G 119 34.24 -74.74 42.42
C LEU G 119 32.81 -74.93 41.91
N THR G 120 31.97 -75.61 42.71
CA THR G 120 30.56 -75.94 42.38
C THR G 120 29.59 -75.53 43.47
N PHE G 121 28.33 -75.29 43.08
CA PHE G 121 27.24 -74.84 43.95
C PHE G 121 26.85 -75.85 45.04
N ASN G 122 26.44 -75.30 46.21
CA ASN G 122 25.94 -76.01 47.41
C ASN G 122 24.69 -75.27 47.89
N ALA G 123 23.52 -75.80 47.54
CA ALA G 123 22.24 -75.22 47.89
C ALA G 123 21.89 -75.49 49.34
N GLY G 124 22.32 -76.65 49.83
CA GLY G 124 22.07 -77.12 51.18
C GLY G 124 22.82 -76.42 52.30
N SER G 125 22.80 -75.07 52.31
CA SER G 125 23.45 -74.25 53.34
C SER G 125 22.80 -72.90 53.48
N ASN G 126 22.75 -72.39 54.71
CA ASN G 126 22.23 -71.08 55.06
C ASN G 126 23.46 -70.30 55.55
N PRO G 127 24.06 -69.48 54.66
CA PRO G 127 23.63 -69.13 53.31
C PRO G 127 24.17 -70.05 52.21
N PRO G 128 23.55 -70.09 50.99
CA PRO G 128 24.05 -70.99 49.92
C PRO G 128 25.42 -70.57 49.42
N SER G 129 26.33 -71.55 49.36
CA SER G 129 27.74 -71.37 49.01
C SER G 129 28.16 -72.01 47.70
N TYR G 130 29.35 -71.61 47.23
CA TYR G 130 30.07 -72.18 46.09
C TYR G 130 31.33 -72.79 46.72
N GLN G 131 31.40 -74.14 46.75
CA GLN G 131 32.48 -74.87 47.39
C GLN G 131 33.50 -75.49 46.43
N SER G 132 34.78 -75.34 46.76
CA SER G 132 35.94 -75.84 46.03
C SER G 132 36.64 -76.88 46.88
N SER G 133 37.67 -77.56 46.28
CA SER G 133 38.53 -78.57 46.90
C SER G 133 39.17 -77.97 48.13
N GLU G 134 39.51 -76.67 48.04
CA GLU G 134 40.10 -75.89 49.12
C GLU G 134 39.15 -74.75 49.58
N ASP G 135 38.81 -73.82 48.67
CA ASP G 135 37.96 -72.64 48.90
C ASP G 135 36.47 -72.91 49.19
N VAL G 136 35.78 -71.87 49.74
CA VAL G 136 34.34 -71.78 50.04
C VAL G 136 33.91 -70.30 49.88
N ILE G 137 33.05 -70.03 48.88
CA ILE G 137 32.56 -68.70 48.55
C ILE G 137 31.10 -68.54 48.99
N THR G 138 30.83 -67.62 49.94
CA THR G 138 29.48 -67.36 50.46
C THR G 138 29.24 -65.87 50.71
N ILE G 139 28.00 -65.52 51.07
CA ILE G 139 27.40 -64.20 51.20
C ILE G 139 28.26 -63.17 51.99
N LYS G 140 29.25 -63.57 52.80
CA LYS G 140 30.03 -62.46 53.35
C LYS G 140 31.50 -62.48 52.89
N SER G 141 31.90 -63.52 52.10
CA SER G 141 33.27 -63.71 51.59
C SER G 141 33.73 -62.66 50.58
N ARG G 142 35.01 -62.31 50.68
CA ARG G 142 35.73 -61.32 49.90
C ARG G 142 36.36 -61.96 48.67
N ILE G 143 36.19 -61.33 47.49
CA ILE G 143 36.67 -61.82 46.19
C ILE G 143 37.47 -60.78 45.37
N ARG G 144 38.30 -61.26 44.44
CA ARG G 144 39.05 -60.43 43.51
C ARG G 144 38.60 -60.89 42.12
N VAL G 145 37.98 -59.99 41.32
CA VAL G 145 37.39 -60.25 40.00
C VAL G 145 37.92 -59.43 38.84
N LYS G 146 37.90 -59.98 37.61
CA LYS G 146 38.28 -59.26 36.38
C LYS G 146 37.00 -58.89 35.71
N ILE G 147 36.82 -57.62 35.38
CA ILE G 147 35.60 -57.20 34.71
C ILE G 147 35.66 -57.60 33.25
N GLU G 148 34.89 -58.61 32.87
CA GLU G 148 34.87 -59.10 31.49
C GLU G 148 34.07 -58.18 30.58
N GLY G 149 33.08 -57.45 31.14
CA GLY G 149 32.22 -56.48 30.44
C GLY G 149 31.37 -55.57 31.34
N CYS G 150 30.84 -54.45 30.78
CA CYS G 150 29.98 -53.45 31.47
C CYS G 150 28.66 -53.20 30.75
N ILE G 151 27.58 -52.83 31.49
CA ILE G 151 26.26 -52.45 30.94
C ILE G 151 25.73 -51.32 31.80
N SER G 152 25.13 -50.32 31.17
CA SER G 152 24.63 -49.10 31.82
C SER G 152 23.11 -49.08 32.08
N GLN G 153 22.61 -49.99 32.95
CA GLN G 153 21.19 -50.13 33.28
C GLN G 153 20.58 -48.89 34.01
N VAL G 154 20.29 -47.79 33.24
CA VAL G 154 19.71 -46.50 33.69
C VAL G 154 20.67 -45.77 34.65
N SER G 155 20.22 -45.57 35.92
CA SER G 155 20.90 -44.92 37.05
C SER G 155 21.86 -45.87 37.84
N SER G 156 22.46 -46.84 37.11
CA SER G 156 23.42 -47.84 37.57
C SER G 156 24.30 -48.40 36.40
N ILE G 157 25.37 -49.15 36.76
CA ILE G 157 26.28 -49.83 35.86
C ILE G 157 26.49 -51.21 36.44
N HIS G 158 26.31 -52.23 35.62
CA HIS G 158 26.50 -53.61 36.06
C HIS G 158 27.55 -54.24 35.20
N ALA G 159 28.30 -55.14 35.79
CA ALA G 159 29.39 -55.80 35.08
C ALA G 159 29.32 -57.29 35.26
N ILE G 160 29.95 -58.01 34.34
CA ILE G 160 30.04 -59.46 34.43
C ILE G 160 31.52 -59.73 34.61
N GLY G 161 31.85 -60.44 35.68
CA GLY G 161 33.23 -60.76 36.04
C GLY G 161 33.63 -62.22 36.05
N SER G 162 34.95 -62.48 36.05
CA SER G 162 35.49 -63.82 36.09
C SER G 162 36.61 -63.97 37.10
N ILE G 163 36.66 -65.14 37.73
CA ILE G 163 37.65 -65.53 38.72
C ILE G 163 38.33 -66.81 38.20
N LYS G 164 38.17 -67.06 36.87
CA LYS G 164 38.71 -68.22 36.17
C LYS G 164 40.20 -68.08 35.95
N GLU G 165 40.65 -66.86 35.59
CA GLU G 165 42.06 -66.53 35.31
C GLU G 165 42.95 -66.62 36.55
N ASP G 166 44.28 -66.69 36.32
CA ASP G 166 45.32 -66.78 37.36
C ASP G 166 45.33 -65.54 38.25
N TYR G 167 45.77 -65.68 39.53
CA TYR G 167 45.87 -64.59 40.52
C TYR G 167 44.51 -63.97 40.91
N LEU G 168 43.40 -64.60 40.48
CA LEU G 168 42.03 -64.16 40.75
C LEU G 168 41.29 -65.22 41.56
N GLY G 169 40.33 -64.76 42.37
CA GLY G 169 39.49 -65.65 43.15
C GLY G 169 39.15 -65.14 44.54
N ALA G 170 39.25 -66.05 45.53
CA ALA G 170 38.99 -65.75 46.93
C ALA G 170 40.25 -65.12 47.55
N ILE G 171 40.06 -64.23 48.53
CA ILE G 171 41.18 -63.54 49.20
C ILE G 171 41.23 -63.81 50.72
N SER H 2 2.03 48.79 43.89
CA SER H 2 0.93 49.68 44.22
C SER H 2 1.32 51.18 44.09
N ASN H 3 1.16 51.74 42.85
CA ASN H 3 1.43 53.15 42.46
C ASN H 3 1.28 53.36 40.95
N THR H 4 1.11 54.62 40.52
CA THR H 4 1.01 55.04 39.12
C THR H 4 2.40 54.99 38.45
N LEU H 5 2.44 54.58 37.18
CA LEU H 5 3.69 54.46 36.43
C LEU H 5 3.78 55.36 35.20
N PHE H 6 2.64 55.89 34.72
CA PHE H 6 2.58 56.81 33.57
C PHE H 6 1.23 57.50 33.47
N ASP H 7 1.24 58.75 32.95
CA ASP H 7 0.07 59.59 32.69
C ASP H 7 0.44 60.67 31.68
N ASP H 8 -0.43 60.85 30.65
CA ASP H 8 -0.35 61.86 29.59
C ASP H 8 -1.68 61.93 28.84
N ILE H 9 -2.02 63.11 28.34
CA ILE H 9 -3.22 63.32 27.54
C ILE H 9 -2.83 63.24 26.08
N PHE H 10 -3.42 62.24 25.39
CA PHE H 10 -3.17 61.96 23.97
C PHE H 10 -4.32 62.41 23.10
N GLN H 11 -4.11 62.32 21.77
CA GLN H 11 -5.11 62.71 20.78
C GLN H 11 -5.00 61.82 19.54
N VAL H 12 -6.14 61.22 19.15
CA VAL H 12 -6.25 60.32 18.01
C VAL H 12 -5.98 61.01 16.69
N SER H 13 -5.34 60.29 15.77
CA SER H 13 -5.04 60.72 14.41
C SER H 13 -5.82 59.83 13.44
N GLU H 14 -5.83 58.52 13.72
CA GLU H 14 -6.53 57.52 12.94
C GLU H 14 -6.96 56.30 13.78
N VAL H 15 -8.18 55.80 13.50
CA VAL H 15 -8.82 54.64 14.12
C VAL H 15 -8.97 53.62 12.97
N ASP H 16 -8.39 52.40 13.10
CA ASP H 16 -8.45 51.44 12.00
C ASP H 16 -8.95 49.99 12.35
N PRO H 17 -10.06 49.56 11.73
CA PRO H 17 -10.57 48.19 11.94
C PRO H 17 -10.14 47.25 10.79
N GLY H 18 -8.94 46.69 10.87
CA GLY H 18 -8.41 45.81 9.83
C GLY H 18 -9.11 44.47 9.74
N ARG H 19 -10.33 44.45 9.15
CA ARG H 19 -11.23 43.29 9.01
C ARG H 19 -11.84 42.90 10.37
N TYR H 20 -11.67 43.78 11.39
CA TYR H 20 -12.09 43.63 12.77
C TYR H 20 -13.35 44.42 13.11
N ASN H 21 -14.45 43.71 13.48
CA ASN H 21 -15.77 44.28 13.83
C ASN H 21 -15.88 44.92 15.21
N LYS H 22 -15.30 44.29 16.24
CA LYS H 22 -15.38 44.74 17.63
C LYS H 22 -14.14 45.51 18.10
N VAL H 23 -13.02 45.45 17.35
CA VAL H 23 -11.79 46.14 17.75
C VAL H 23 -11.21 47.03 16.63
N CYS H 24 -10.29 47.94 17.03
CA CYS H 24 -9.63 48.95 16.21
C CYS H 24 -8.27 49.27 16.74
N ARG H 25 -7.32 49.60 15.85
CA ARG H 25 -6.00 50.07 16.26
C ARG H 25 -6.00 51.59 16.10
N ILE H 26 -5.83 52.26 17.24
CA ILE H 26 -5.81 53.70 17.40
C ILE H 26 -4.39 54.21 17.33
N GLU H 27 -4.19 55.35 16.64
CA GLU H 27 -2.90 56.01 16.49
C GLU H 27 -2.98 57.36 17.17
N ALA H 28 -2.10 57.57 18.16
CA ALA H 28 -2.11 58.78 18.97
C ALA H 28 -0.78 59.51 19.06
N ALA H 29 -0.87 60.78 19.49
CA ALA H 29 0.23 61.70 19.73
C ALA H 29 -0.03 62.40 21.05
N SER H 30 1.04 62.76 21.78
CA SER H 30 0.94 63.45 23.05
C SER H 30 0.93 64.97 22.86
N THR H 31 0.11 65.66 23.66
CA THR H 31 0.00 67.12 23.66
C THR H 31 1.18 67.69 24.48
N THR H 32 1.56 66.96 25.56
CA THR H 32 2.67 67.29 26.47
C THR H 32 3.99 67.29 25.67
N GLN H 33 4.50 66.08 25.32
CA GLN H 33 5.74 65.93 24.58
C GLN H 33 5.56 65.64 23.10
N ASP H 34 6.41 66.27 22.28
CA ASP H 34 6.42 66.17 20.82
C ASP H 34 6.95 64.81 20.38
N GLN H 35 7.97 64.30 21.10
CA GLN H 35 8.62 63.01 20.85
C GLN H 35 7.74 61.80 21.21
N CYS H 36 6.63 62.01 21.94
CA CYS H 36 5.73 60.94 22.40
C CYS H 36 4.55 60.64 21.46
N LYS H 37 4.50 59.38 21.01
CA LYS H 37 3.48 58.82 20.11
C LYS H 37 2.95 57.54 20.73
N LEU H 38 1.76 57.11 20.30
CA LEU H 38 1.14 55.88 20.79
C LEU H 38 0.40 55.12 19.68
N THR H 39 0.36 53.79 19.80
CA THR H 39 -0.36 52.86 18.94
C THR H 39 -1.06 51.92 19.91
N LEU H 40 -2.39 51.72 19.78
CA LEU H 40 -3.13 50.85 20.70
C LEU H 40 -4.41 50.27 20.13
N ASP H 41 -4.57 48.94 20.26
CA ASP H 41 -5.77 48.21 19.87
C ASP H 41 -6.82 48.44 20.99
N ILE H 42 -8.00 48.97 20.63
CA ILE H 42 -9.07 49.26 21.59
C ILE H 42 -10.37 48.53 21.21
N ASN H 43 -11.08 47.97 22.22
CA ASN H 43 -12.38 47.32 22.02
C ASN H 43 -13.38 48.47 21.89
N VAL H 44 -13.61 48.89 20.63
CA VAL H 44 -14.47 50.01 20.26
C VAL H 44 -15.96 49.65 20.48
N GLU H 45 -16.25 48.38 20.83
CA GLU H 45 -17.61 47.96 21.15
C GLU H 45 -17.98 48.55 22.50
N LEU H 46 -17.14 48.33 23.52
CA LEU H 46 -17.44 48.84 24.86
C LEU H 46 -16.95 50.28 25.08
N PHE H 47 -15.98 50.78 24.26
CA PHE H 47 -15.48 52.16 24.37
C PHE H 47 -15.25 52.76 22.98
N PRO H 48 -16.30 53.38 22.37
CA PRO H 48 -16.16 53.91 21.01
C PRO H 48 -15.29 55.15 20.89
N VAL H 49 -14.23 55.04 20.07
CA VAL H 49 -13.26 56.11 19.83
C VAL H 49 -13.22 56.49 18.35
N ALA H 50 -13.43 57.80 18.10
CA ALA H 50 -13.36 58.48 16.80
C ALA H 50 -12.12 59.39 16.83
N ALA H 51 -11.59 59.74 15.64
CA ALA H 51 -10.40 60.58 15.51
C ALA H 51 -10.54 61.95 16.19
N GLN H 52 -9.43 62.42 16.79
CA GLN H 52 -9.30 63.71 17.50
C GLN H 52 -10.17 63.74 18.76
N ASP H 53 -9.78 62.93 19.73
CA ASP H 53 -10.43 62.79 21.03
C ASP H 53 -9.36 62.95 22.11
N SER H 54 -9.66 63.76 23.14
CA SER H 54 -8.72 63.94 24.26
C SER H 54 -8.87 62.73 25.18
N LEU H 55 -7.87 61.83 25.16
CA LEU H 55 -7.86 60.60 25.94
C LEU H 55 -6.70 60.58 26.92
N THR H 56 -7.01 60.74 28.21
CA THR H 56 -6.03 60.73 29.28
C THR H 56 -5.60 59.27 29.48
N VAL H 57 -4.34 58.96 29.12
CA VAL H 57 -3.82 57.60 29.22
C VAL H 57 -2.87 57.48 30.41
N THR H 58 -3.22 56.59 31.34
CA THR H 58 -2.50 56.29 32.57
C THR H 58 -2.03 54.82 32.52
N ILE H 59 -0.89 54.45 33.14
CA ILE H 59 -0.50 53.04 33.09
C ILE H 59 -0.70 52.39 34.48
N ALA H 60 0.18 52.62 35.50
CA ALA H 60 0.09 52.09 36.89
C ALA H 60 0.25 50.54 37.07
N SER H 61 0.98 50.18 38.14
CA SER H 61 1.33 48.83 38.56
C SER H 61 0.15 48.05 39.07
N SER H 62 -0.49 48.52 40.16
CA SER H 62 -1.62 47.82 40.80
C SER H 62 -2.88 48.68 40.84
N LEU H 63 -3.94 48.18 41.53
CA LEU H 63 -5.26 48.80 41.73
C LEU H 63 -5.88 49.30 40.39
N THR H 76 -0.84 37.41 40.07
CA THR H 76 -0.88 37.92 41.44
C THR H 76 -2.29 37.71 42.04
N ARG H 77 -2.51 36.49 42.58
CA ARG H 77 -3.77 36.02 43.18
C ARG H 77 -4.88 35.80 42.15
N SER H 78 -5.91 35.04 42.53
CA SER H 78 -7.07 34.77 41.68
C SER H 78 -7.92 36.02 41.55
N TRP H 79 -8.87 36.02 40.61
CA TRP H 79 -9.71 37.18 40.35
C TRP H 79 -11.08 37.13 41.09
N ARG H 80 -11.42 38.23 41.80
CA ARG H 80 -12.67 38.41 42.55
C ARG H 80 -13.59 39.40 41.78
N PRO H 81 -14.82 38.97 41.40
CA PRO H 81 -15.65 39.85 40.55
C PRO H 81 -16.25 41.12 41.20
N PRO H 82 -17.33 41.12 42.04
CA PRO H 82 -17.90 42.39 42.49
C PRO H 82 -17.34 42.91 43.81
N GLN H 83 -18.24 43.09 44.84
CA GLN H 83 -18.00 43.62 46.21
C GLN H 83 -17.47 45.06 46.21
N ALA H 84 -16.96 45.52 45.03
CA ALA H 84 -16.35 46.80 44.67
C ALA H 84 -17.12 48.03 45.15
N GLY H 85 -18.39 47.84 45.55
CA GLY H 85 -19.26 48.87 46.10
C GLY H 85 -18.51 49.59 47.21
N ASP H 86 -17.94 48.80 48.15
CA ASP H 86 -17.11 49.31 49.25
C ASP H 86 -15.62 49.25 48.92
N ARG H 87 -15.24 48.49 47.88
CA ARG H 87 -13.84 48.38 47.45
C ARG H 87 -13.38 49.63 46.71
N SER H 88 -12.06 49.84 46.68
CA SER H 88 -11.44 50.99 46.02
C SER H 88 -11.35 50.80 44.50
N LEU H 89 -12.40 51.26 43.79
CA LEU H 89 -12.49 51.22 42.33
C LEU H 89 -11.46 52.23 41.80
N ALA H 90 -10.16 51.80 41.67
CA ALA H 90 -9.02 52.62 41.22
C ALA H 90 -9.21 53.17 39.80
N ASP H 91 -10.39 52.88 39.23
CA ASP H 91 -10.96 53.28 37.97
C ASP H 91 -11.93 54.48 38.18
N ASP H 92 -11.40 55.65 37.89
CA ASP H 92 -12.07 56.94 37.83
C ASP H 92 -11.76 57.35 36.39
N TYR H 93 -11.65 56.28 35.60
CA TYR H 93 -11.37 56.13 34.18
C TYR H 93 -12.45 55.25 33.63
N ASP H 94 -12.78 55.48 32.38
CA ASP H 94 -13.82 54.74 31.67
C ASP H 94 -13.29 53.33 31.27
N TYR H 95 -12.23 53.27 30.41
CA TYR H 95 -11.56 52.05 29.91
C TYR H 95 -10.39 51.63 30.84
N VAL H 96 -10.31 50.32 31.17
CA VAL H 96 -9.28 49.68 31.99
C VAL H 96 -8.91 48.31 31.39
N MET H 97 -7.64 48.14 31.02
CA MET H 97 -7.13 46.89 30.48
C MET H 97 -6.02 46.36 31.38
N TYR H 98 -5.65 45.08 31.20
CA TYR H 98 -4.58 44.44 31.98
C TYR H 98 -3.78 43.57 31.04
N GLY H 99 -2.47 43.73 31.08
CA GLY H 99 -1.61 42.99 30.19
C GLY H 99 -0.17 42.79 30.59
N THR H 100 0.64 42.45 29.58
CA THR H 100 2.05 42.15 29.73
C THR H 100 2.93 43.04 28.88
N ALA H 101 4.04 43.45 29.47
CA ALA H 101 5.09 44.16 28.79
C ALA H 101 5.85 43.01 28.13
N TYR H 102 5.98 43.04 26.78
CA TYR H 102 6.66 41.95 26.07
C TYR H 102 7.92 42.39 25.25
N LYS H 103 8.24 43.70 25.15
CA LYS H 103 9.42 44.18 24.42
C LYS H 103 9.77 45.57 24.84
N PHE H 104 11.07 45.82 24.93
CA PHE H 104 11.63 47.12 25.24
C PHE H 104 12.62 47.46 24.13
N GLU H 105 12.14 48.23 23.15
CA GLU H 105 12.88 48.65 21.96
C GLU H 105 13.65 49.95 22.21
N GLU H 106 14.87 50.02 21.69
CA GLU H 106 15.66 51.24 21.77
C GLU H 106 15.59 51.84 20.37
N VAL H 107 14.57 52.66 20.13
CA VAL H 107 14.32 53.33 18.86
C VAL H 107 15.33 54.46 18.58
N SER H 108 16.60 54.27 19.00
CA SER H 108 17.78 55.15 18.85
C SER H 108 17.73 56.46 19.66
N LYS H 109 18.92 56.86 20.16
CA LYS H 109 19.21 58.08 20.93
C LYS H 109 18.51 58.03 22.29
N ASP H 110 17.74 59.05 22.67
CA ASP H 110 17.05 59.05 23.96
C ASP H 110 15.63 58.45 23.87
N LEU H 111 15.24 58.02 22.66
CA LEU H 111 13.92 57.42 22.45
C LEU H 111 13.89 55.92 22.71
N ILE H 112 12.87 55.46 23.46
CA ILE H 112 12.65 54.05 23.83
C ILE H 112 11.18 53.73 23.60
N ALA H 113 10.91 52.58 22.97
CA ALA H 113 9.56 52.11 22.70
C ALA H 113 9.22 50.85 23.52
N VAL H 114 8.11 50.88 24.27
CA VAL H 114 7.68 49.72 25.07
C VAL H 114 6.41 49.12 24.46
N TYR H 115 6.40 47.80 24.32
CA TYR H 115 5.31 47.03 23.74
C TYR H 115 4.50 46.29 24.82
N TYR H 116 3.17 46.43 24.77
CA TYR H 116 2.24 45.83 25.73
C TYR H 116 1.18 45.00 25.05
N SER H 117 0.79 43.87 25.65
CA SER H 117 -0.29 43.05 25.11
C SER H 117 -1.34 42.77 26.16
N PHE H 118 -2.59 43.08 25.83
CA PHE H 118 -3.73 42.91 26.72
C PHE H 118 -4.54 41.81 26.13
N GLY H 119 -3.94 40.61 26.14
CA GLY H 119 -4.51 39.39 25.59
C GLY H 119 -4.79 39.46 24.11
N GLY H 120 -3.78 39.78 23.32
CA GLY H 120 -3.94 39.90 21.87
C GLY H 120 -4.03 41.33 21.44
N LEU H 121 -4.79 42.17 22.21
CA LEU H 121 -4.95 43.60 21.98
C LEU H 121 -3.63 44.27 22.32
N LEU H 122 -2.82 44.52 21.28
CA LEU H 122 -1.47 45.08 21.37
C LEU H 122 -1.40 46.59 21.69
N MET H 123 -0.18 47.10 21.95
CA MET H 123 0.11 48.50 22.29
C MET H 123 1.61 48.81 22.17
N ARG H 124 1.94 50.04 21.73
CA ARG H 124 3.33 50.51 21.61
C ARG H 124 3.45 51.99 21.92
N LEU H 125 4.02 52.27 23.09
CA LEU H 125 4.27 53.62 23.56
C LEU H 125 5.75 53.89 23.35
N GLU H 126 6.06 54.90 22.52
CA GLU H 126 7.41 55.35 22.14
C GLU H 126 7.60 56.83 22.61
N GLY H 127 8.67 57.11 23.36
CA GLY H 127 8.94 58.44 23.90
C GLY H 127 10.31 58.62 24.54
N ASN H 128 10.37 59.08 25.83
CA ASN H 128 11.64 59.26 26.53
C ASN H 128 11.56 59.30 28.08
N TYR H 129 10.97 60.34 28.71
CA TYR H 129 10.92 60.61 30.17
C TYR H 129 10.59 59.43 31.11
N ARG H 130 9.66 58.57 30.67
CA ARG H 130 9.17 57.38 31.39
C ARG H 130 10.07 56.13 31.19
N ASN H 131 11.41 56.35 31.22
CA ASN H 131 12.46 55.34 31.10
C ASN H 131 12.32 54.46 32.37
N LEU H 132 12.61 55.07 33.54
CA LEU H 132 12.55 54.55 34.91
C LEU H 132 11.16 53.96 35.24
N ASN H 133 10.11 54.75 34.96
CA ASN H 133 8.70 54.47 35.19
C ASN H 133 8.22 53.12 34.65
N ASN H 134 8.53 52.82 33.38
CA ASN H 134 8.12 51.55 32.77
C ASN H 134 9.04 50.41 33.07
N LEU H 135 8.46 49.27 33.49
CA LEU H 135 9.20 48.06 33.83
C LEU H 135 8.74 46.86 33.02
N LYS H 136 9.74 46.06 32.52
CA LYS H 136 9.62 44.83 31.69
C LYS H 136 8.78 43.77 32.40
N GLN H 137 8.37 44.11 33.63
CA GLN H 137 7.52 43.34 34.51
C GLN H 137 6.09 43.42 34.00
N GLU H 138 5.56 42.24 33.65
CA GLU H 138 4.22 41.94 33.14
C GLU H 138 3.18 42.86 33.77
N ASN H 139 3.00 42.71 35.10
CA ASN H 139 2.04 43.41 35.94
C ASN H 139 1.96 44.89 35.59
N ALA H 140 0.96 45.20 34.74
CA ALA H 140 0.67 46.55 34.24
C ALA H 140 -0.77 46.67 33.83
N TYR H 141 -1.42 47.76 34.29
CA TYR H 141 -2.79 48.10 33.94
C TYR H 141 -2.71 49.23 32.90
N LEU H 142 -3.84 49.66 32.36
CA LEU H 142 -3.91 50.72 31.37
C LEU H 142 -5.26 51.40 31.53
N LEU H 143 -5.24 52.66 31.92
CA LEU H 143 -6.47 53.39 32.19
C LEU H 143 -6.67 54.54 31.20
N ILE H 144 -7.86 54.60 30.58
CA ILE H 144 -8.21 55.61 29.57
C ILE H 144 -9.52 56.31 29.95
N ARG H 145 -9.50 57.65 30.14
CA ARG H 145 -10.72 58.39 30.46
C ARG H 145 -11.10 59.38 29.37
N ARG H 146 -12.39 59.82 29.39
CA ARG H 146 -13.07 60.77 28.49
C ARG H 146 -13.32 60.19 27.07
N THR I 2 8.87 7.58 -59.58
CA THR I 2 9.65 6.65 -60.39
C THR I 2 8.88 6.32 -61.68
N THR I 3 7.63 5.76 -61.55
CA THR I 3 6.72 5.38 -62.66
C THR I 3 7.36 4.32 -63.62
N PHE I 4 7.44 3.05 -63.14
CA PHE I 4 7.97 1.89 -63.87
C PHE I 4 6.87 1.21 -64.70
N ARG I 5 7.31 0.52 -65.77
CA ARG I 5 6.46 -0.21 -66.71
C ARG I 5 6.55 -1.73 -66.48
N PHE I 6 5.78 -2.48 -67.25
CA PHE I 6 5.77 -3.93 -67.21
C PHE I 6 6.09 -4.47 -68.58
N CYS I 7 6.54 -5.73 -68.63
CA CYS I 7 6.84 -6.42 -69.87
C CYS I 7 5.52 -6.79 -70.51
N ARG I 8 5.32 -6.41 -71.79
CA ARG I 8 4.09 -6.79 -72.51
C ARG I 8 4.11 -8.30 -72.69
N ASP I 9 3.10 -8.88 -73.30
CA ASP I 9 3.06 -10.32 -73.54
C ASP I 9 2.81 -11.13 -72.24
N CYS I 10 3.52 -10.81 -71.13
CA CYS I 10 3.33 -11.55 -69.87
C CYS I 10 3.13 -10.67 -68.59
N ASN I 11 2.94 -9.34 -68.75
CA ASN I 11 2.68 -8.36 -67.70
C ASN I 11 3.46 -8.66 -66.41
N ASN I 12 4.77 -8.78 -66.57
CA ASN I 12 5.63 -9.01 -65.44
C ASN I 12 6.50 -7.80 -65.23
N MET I 13 7.13 -7.68 -64.07
CA MET I 13 7.92 -6.52 -63.71
C MET I 13 9.15 -6.33 -64.57
N LEU I 14 9.46 -5.06 -64.89
CA LEU I 14 10.63 -4.78 -65.68
C LEU I 14 11.80 -4.34 -64.84
N TYR I 15 12.90 -5.08 -65.02
CA TYR I 15 14.17 -4.95 -64.32
C TYR I 15 15.20 -4.23 -65.20
N PRO I 16 16.09 -3.34 -64.69
CA PRO I 16 17.06 -2.68 -65.57
C PRO I 16 18.25 -3.56 -65.91
N ARG I 17 18.81 -3.30 -67.10
CA ARG I 17 19.95 -3.94 -67.75
C ARG I 17 20.71 -2.83 -68.47
N GLU I 18 22.05 -2.85 -68.41
CA GLU I 18 22.85 -1.84 -69.09
C GLU I 18 23.40 -2.34 -70.43
N ASP I 19 23.18 -1.56 -71.50
CA ASP I 19 23.71 -1.84 -72.83
C ASP I 19 25.05 -1.10 -72.89
N LYS I 20 26.12 -1.74 -72.36
CA LYS I 20 27.47 -1.17 -72.24
C LYS I 20 28.09 -0.75 -73.58
N GLU I 21 27.59 -1.31 -74.71
CA GLU I 21 28.06 -0.99 -76.05
C GLU I 21 27.65 0.43 -76.48
N ASN I 22 26.33 0.69 -76.55
CA ASN I 22 25.76 1.98 -76.95
C ASN I 22 25.54 2.94 -75.76
N ASN I 23 25.92 2.48 -74.55
CA ASN I 23 25.84 3.16 -73.26
C ASN I 23 24.47 3.81 -73.06
N ARG I 24 23.46 2.96 -72.98
CA ARG I 24 22.08 3.35 -72.76
C ARG I 24 21.40 2.34 -71.83
N LEU I 25 20.36 2.78 -71.13
CA LEU I 25 19.65 1.90 -70.21
C LEU I 25 18.53 1.14 -70.90
N LEU I 26 18.37 -0.14 -70.53
CA LEU I 26 17.33 -1.00 -71.07
C LEU I 26 16.58 -1.63 -69.93
N PHE I 27 15.29 -1.87 -70.14
CA PHE I 27 14.46 -2.55 -69.17
C PHE I 27 14.19 -3.93 -69.69
N GLU I 28 14.88 -4.91 -69.09
CA GLU I 28 14.79 -6.32 -69.43
C GLU I 28 13.73 -7.03 -68.60
N CYS I 29 13.21 -8.12 -69.18
CA CYS I 29 12.24 -8.96 -68.51
C CYS I 29 12.93 -10.26 -68.16
N ARG I 30 12.64 -10.76 -66.95
CA ARG I 30 13.20 -12.01 -66.45
C ARG I 30 12.14 -13.14 -66.44
N THR I 31 11.03 -12.91 -67.13
CA THR I 31 9.93 -13.85 -67.27
C THR I 31 9.80 -14.19 -68.76
N CYS I 32 10.81 -13.74 -69.54
CA CYS I 32 10.96 -13.97 -70.99
C CYS I 32 12.15 -13.22 -71.58
N SER I 33 12.07 -13.01 -72.90
CA SER I 33 13.12 -12.40 -73.72
C SER I 33 12.90 -10.91 -74.03
N TYR I 34 11.86 -10.29 -73.45
CA TYR I 34 11.52 -8.90 -73.69
C TYR I 34 12.49 -7.89 -73.06
N VAL I 35 12.73 -6.80 -73.81
CA VAL I 35 13.60 -5.64 -73.53
C VAL I 35 12.91 -4.40 -74.08
N GLU I 36 13.27 -3.20 -73.56
CA GLU I 36 12.76 -1.90 -74.01
C GLU I 36 13.60 -0.76 -73.45
N GLU I 37 13.94 0.24 -74.30
CA GLU I 37 14.73 1.40 -73.87
C GLU I 37 14.05 2.15 -72.74
N ALA I 38 14.84 2.60 -71.76
CA ALA I 38 14.34 3.38 -70.63
C ALA I 38 14.11 4.80 -71.15
N GLY I 39 13.00 5.40 -70.69
CA GLY I 39 12.68 6.77 -71.06
C GLY I 39 13.55 7.73 -70.27
N SER I 40 13.37 7.68 -68.95
CA SER I 40 14.06 8.50 -67.97
C SER I 40 15.40 7.92 -67.56
N PRO I 41 16.36 8.76 -67.14
CA PRO I 41 17.61 8.22 -66.59
C PRO I 41 17.44 7.84 -65.10
N LEU I 42 16.32 8.27 -64.47
CA LEU I 42 16.01 7.93 -63.08
C LEU I 42 15.51 6.50 -63.01
N VAL I 43 16.15 5.73 -62.13
CA VAL I 43 15.89 4.31 -61.88
C VAL I 43 15.19 4.11 -60.52
N TYR I 44 15.56 4.94 -59.52
CA TYR I 44 15.03 4.82 -58.16
C TYR I 44 14.96 6.20 -57.48
N ARG I 45 13.96 6.39 -56.61
CA ARG I 45 13.79 7.63 -55.86
C ARG I 45 13.42 7.34 -54.42
N HIS I 46 14.05 8.09 -53.47
CA HIS I 46 13.84 7.92 -52.04
C HIS I 46 12.76 8.82 -51.44
N GLU I 47 12.97 10.16 -51.38
CA GLU I 47 12.04 11.13 -50.79
C GLU I 47 11.80 10.88 -49.27
N LEU I 48 12.71 11.41 -48.44
CA LEU I 48 12.66 11.32 -46.97
C LEU I 48 11.61 12.30 -46.44
N ILE I 49 11.67 13.57 -46.92
CA ILE I 49 10.73 14.64 -46.60
C ILE I 49 9.60 14.55 -47.63
N THR I 50 8.38 14.18 -47.18
CA THR I 50 7.21 13.97 -48.04
C THR I 50 6.21 15.17 -48.02
N ASN I 51 5.59 15.44 -49.18
CA ASN I 51 4.57 16.47 -49.42
C ASN I 51 3.33 15.84 -50.09
N ILE I 52 3.24 14.48 -50.09
CA ILE I 52 2.12 13.77 -50.72
C ILE I 52 1.37 12.85 -49.70
N GLY I 53 0.11 13.20 -49.48
CA GLY I 53 -0.83 12.56 -48.57
C GLY I 53 -1.68 13.56 -47.80
N GLU I 54 -1.50 14.86 -48.09
CA GLU I 54 -2.16 16.02 -47.46
C GLU I 54 -3.57 16.32 -47.99
N THR I 55 -3.79 16.07 -49.29
CA THR I 55 -5.07 16.30 -49.97
C THR I 55 -5.72 14.93 -50.25
N ALA I 56 -5.64 14.03 -49.25
CA ALA I 56 -6.10 12.64 -49.28
C ALA I 56 -7.62 12.45 -49.15
N GLY I 57 -8.20 11.86 -50.20
CA GLY I 57 -9.61 11.53 -50.29
C GLY I 57 -10.51 12.73 -50.48
N VAL I 58 -10.24 13.53 -51.52
CA VAL I 58 -11.06 14.69 -51.82
C VAL I 58 -12.04 14.33 -52.95
N VAL I 59 -12.93 13.35 -52.66
CA VAL I 59 -13.98 12.85 -53.58
C VAL I 59 -14.98 13.99 -53.86
N GLN I 60 -15.84 13.86 -54.89
CA GLN I 60 -16.83 14.88 -55.24
C GLN I 60 -17.85 15.10 -54.11
N ASP I 61 -18.24 14.02 -53.41
CA ASP I 61 -19.20 14.06 -52.32
C ASP I 61 -18.60 14.64 -51.01
N ILE I 62 -17.40 15.28 -51.07
CA ILE I 62 -16.77 15.83 -49.86
C ILE I 62 -17.70 16.86 -49.19
N GLY I 63 -18.35 17.69 -50.01
CA GLY I 63 -19.30 18.71 -49.56
C GLY I 63 -20.58 18.18 -48.96
N SER I 64 -20.84 16.85 -49.08
CA SER I 64 -22.04 16.20 -48.54
C SER I 64 -21.84 15.72 -47.11
N ASP I 65 -20.56 15.58 -46.66
CA ASP I 65 -20.20 15.12 -45.31
C ASP I 65 -20.65 16.13 -44.22
N PRO I 66 -21.61 15.72 -43.37
CA PRO I 66 -22.13 16.65 -42.34
C PRO I 66 -21.15 16.88 -41.21
N THR I 67 -20.31 15.87 -40.97
CA THR I 67 -19.27 15.88 -39.96
C THR I 67 -18.20 16.92 -40.28
N LEU I 68 -18.29 17.58 -41.45
CA LEU I 68 -17.30 18.57 -41.84
C LEU I 68 -17.75 20.01 -41.56
N PRO I 69 -16.82 20.91 -41.19
CA PRO I 69 -17.22 22.28 -40.85
C PRO I 69 -17.29 23.20 -42.07
N ARG I 70 -18.21 24.17 -42.05
CA ARG I 70 -18.39 25.13 -43.15
C ARG I 70 -17.91 26.53 -42.76
N SER I 71 -17.30 27.27 -43.70
CA SER I 71 -16.84 28.63 -43.40
C SER I 71 -17.31 29.66 -44.41
N ASP I 72 -17.01 30.91 -44.11
CA ASP I 72 -17.35 32.15 -44.83
C ASP I 72 -16.32 32.57 -45.90
N ARG I 73 -15.12 31.96 -45.89
CA ARG I 73 -14.00 32.24 -46.81
C ARG I 73 -14.44 32.17 -48.29
N GLU I 74 -14.47 33.32 -49.00
CA GLU I 74 -14.89 33.36 -50.40
C GLU I 74 -13.86 32.67 -51.33
N CYS I 75 -14.35 32.01 -52.41
CA CYS I 75 -13.55 31.23 -53.37
C CYS I 75 -12.58 32.07 -54.21
N PRO I 76 -11.34 31.58 -54.48
CA PRO I 76 -10.41 32.35 -55.32
C PRO I 76 -10.80 32.41 -56.81
N LYS I 77 -11.58 31.43 -57.32
CA LYS I 77 -11.97 31.41 -58.73
C LYS I 77 -13.47 31.68 -58.98
N CYS I 78 -14.39 30.92 -58.35
CA CYS I 78 -15.84 31.15 -58.55
C CYS I 78 -16.39 32.25 -57.64
N HIS I 79 -15.71 32.49 -56.49
CA HIS I 79 -15.99 33.48 -55.45
C HIS I 79 -17.30 33.18 -54.66
N SER I 80 -17.47 31.90 -54.24
CA SER I 80 -18.61 31.43 -53.42
C SER I 80 -18.19 31.33 -51.97
N ARG I 81 -19.05 31.83 -51.05
CA ARG I 81 -18.80 31.78 -49.61
C ARG I 81 -19.26 30.42 -48.99
N GLU I 82 -19.10 29.34 -49.79
CA GLU I 82 -19.45 27.95 -49.49
C GLU I 82 -18.17 27.11 -49.33
N ASN I 83 -17.89 26.65 -48.10
CA ASN I 83 -16.68 25.85 -47.80
C ASN I 83 -16.90 24.60 -46.98
N VAL I 84 -15.90 23.71 -47.02
CA VAL I 84 -15.71 22.46 -46.31
C VAL I 84 -14.18 22.35 -46.25
N PHE I 85 -13.63 22.33 -45.05
CA PHE I 85 -12.18 22.30 -44.87
C PHE I 85 -11.71 21.25 -43.90
N PHE I 86 -10.58 20.64 -44.22
CA PHE I 86 -9.94 19.65 -43.37
C PHE I 86 -8.53 20.11 -43.01
N GLN I 87 -7.92 19.49 -42.02
CA GLN I 87 -6.55 19.78 -41.63
C GLN I 87 -5.68 18.98 -42.59
N SER I 88 -4.37 19.27 -42.68
CA SER I 88 -3.46 18.50 -43.54
C SER I 88 -3.63 16.98 -43.27
N GLN I 89 -4.26 16.24 -44.22
CA GLN I 89 -4.59 14.82 -44.11
C GLN I 89 -3.40 13.86 -43.88
N GLN I 90 -2.14 14.38 -43.94
CA GLN I 90 -0.91 13.62 -43.67
C GLN I 90 -0.88 13.25 -42.15
N ARG I 91 -0.96 11.94 -41.84
CA ARG I 91 -1.04 11.40 -40.48
C ARG I 91 0.33 11.20 -39.76
N ARG I 92 1.22 12.20 -39.92
CA ARG I 92 2.52 12.25 -39.26
C ARG I 92 2.39 13.17 -38.03
N LYS I 93 3.20 12.92 -36.98
CA LYS I 93 3.22 13.71 -35.74
C LYS I 93 3.68 15.15 -36.04
N ASP I 94 4.73 15.26 -36.87
CA ASP I 94 5.42 16.46 -37.35
C ASP I 94 4.55 17.49 -38.10
N THR I 95 3.46 17.04 -38.76
CA THR I 95 2.52 17.80 -39.58
C THR I 95 2.06 19.13 -38.92
N SER I 96 1.83 20.17 -39.75
CA SER I 96 1.34 21.49 -39.33
C SER I 96 -0.19 21.50 -39.45
N MET I 97 -0.84 22.45 -38.75
CA MET I 97 -2.30 22.55 -38.77
C MET I 97 -2.81 23.54 -39.81
N VAL I 98 -2.47 23.34 -41.10
CA VAL I 98 -2.96 24.23 -42.14
C VAL I 98 -4.30 23.71 -42.65
N LEU I 99 -5.24 24.64 -42.95
CA LEU I 99 -6.57 24.34 -43.45
C LEU I 99 -6.58 24.26 -44.97
N PHE I 100 -7.38 23.33 -45.53
CA PHE I 100 -7.53 23.07 -46.97
C PHE I 100 -9.02 23.22 -47.31
N PHE I 101 -9.42 24.42 -47.76
CA PHE I 101 -10.82 24.72 -48.09
C PHE I 101 -11.23 24.23 -49.49
N VAL I 102 -12.29 23.41 -49.55
CA VAL I 102 -12.86 22.90 -50.81
C VAL I 102 -14.18 23.63 -51.02
N CYS I 103 -14.37 24.23 -52.21
CA CYS I 103 -15.56 25.00 -52.52
C CYS I 103 -16.74 24.13 -52.89
N LEU I 104 -17.93 24.51 -52.40
CA LEU I 104 -19.18 23.80 -52.66
C LEU I 104 -19.78 24.11 -54.04
N SER I 105 -19.01 24.78 -54.90
CA SER I 105 -19.40 25.15 -56.26
C SER I 105 -18.34 24.68 -57.31
N CYS I 106 -17.17 25.38 -57.40
CA CYS I 106 -16.08 25.04 -58.33
C CYS I 106 -15.35 23.74 -58.00
N SER I 107 -15.51 23.25 -56.74
CA SER I 107 -14.87 22.07 -56.16
C SER I 107 -13.34 22.07 -56.36
N HIS I 108 -12.72 23.22 -56.02
CA HIS I 108 -11.28 23.44 -56.10
C HIS I 108 -10.74 23.77 -54.70
N ILE I 109 -9.53 23.28 -54.40
CA ILE I 109 -8.90 23.40 -53.09
C ILE I 109 -7.96 24.60 -52.96
N PHE I 110 -8.12 25.37 -51.87
CA PHE I 110 -7.30 26.52 -51.51
C PHE I 110 -7.01 26.54 -49.99
N THR I 111 -5.78 26.90 -49.58
CA THR I 111 -5.37 26.90 -48.17
C THR I 111 -5.43 28.29 -47.49
N SER I 112 -5.09 28.29 -46.19
CA SER I 112 -5.03 29.45 -45.30
C SER I 112 -3.58 29.91 -45.13
N ASP I 113 -2.61 29.14 -45.68
CA ASP I 113 -1.16 29.36 -45.59
C ASP I 113 -0.70 30.71 -46.13
N GLN I 114 0.00 31.46 -45.26
CA GLN I 114 0.56 32.78 -45.55
C GLN I 114 2.12 32.76 -45.61
N LYS I 115 2.67 31.72 -46.29
CA LYS I 115 4.12 31.50 -46.47
C LYS I 115 4.48 30.90 -47.86
N ASN I 116 3.75 29.85 -48.29
CA ASN I 116 4.00 29.10 -49.54
C ASN I 116 2.99 29.36 -50.66
N LYS I 117 3.54 29.51 -51.89
CA LYS I 117 2.79 29.73 -53.15
C LYS I 117 2.42 28.39 -53.83
N ARG I 118 1.60 27.58 -53.11
CA ARG I 118 1.09 26.25 -53.50
C ARG I 118 0.20 26.24 -54.76
N THR I 119 0.15 25.09 -55.46
CA THR I 119 -0.66 24.84 -56.66
C THR I 119 -1.26 23.39 -56.57
N GLN I 120 -1.21 22.78 -55.35
CA GLN I 120 -1.72 21.45 -54.99
C GLN I 120 -2.23 21.46 -53.53
N MET J 1 -45.27 2.30 3.43
CA MET J 1 -45.71 1.03 3.97
C MET J 1 -46.37 1.40 5.26
N ILE J 2 -47.64 1.81 5.20
CA ILE J 2 -48.47 2.25 6.35
C ILE J 2 -47.85 3.53 7.00
N VAL J 3 -48.64 4.60 7.02
CA VAL J 3 -48.32 5.92 7.57
C VAL J 3 -47.63 5.85 8.89
N PRO J 4 -46.47 6.50 9.10
CA PRO J 4 -45.88 6.51 10.44
C PRO J 4 -46.81 7.23 11.43
N VAL J 5 -46.89 6.68 12.66
CA VAL J 5 -47.58 7.33 13.79
C VAL J 5 -46.46 8.29 14.20
N ARG J 6 -46.78 9.56 14.50
CA ARG J 6 -45.75 10.56 14.88
C ARG J 6 -44.57 10.80 13.88
N CYS J 7 -44.32 12.09 13.66
CA CYS J 7 -43.22 12.64 12.89
C CYS J 7 -41.93 12.31 13.65
N PHE J 8 -40.93 11.78 12.95
CA PHE J 8 -39.66 11.41 13.59
C PHE J 8 -39.07 12.58 14.36
N SER J 9 -38.89 13.74 13.67
CA SER J 9 -38.27 14.97 14.19
C SER J 9 -38.87 15.57 15.46
N CYS J 10 -40.15 15.99 15.44
CA CYS J 10 -40.76 16.63 16.61
C CYS J 10 -41.86 15.81 17.30
N GLY J 11 -42.26 14.70 16.70
CA GLY J 11 -43.28 13.83 17.28
C GLY J 11 -44.71 14.30 17.29
N LYS J 12 -45.15 15.06 16.26
CA LYS J 12 -46.55 15.43 16.18
C LYS J 12 -47.24 14.22 15.55
N VAL J 13 -48.30 13.67 16.18
CA VAL J 13 -49.05 12.50 15.70
C VAL J 13 -49.62 12.69 14.29
N VAL J 14 -48.84 12.22 13.33
CA VAL J 14 -49.10 12.29 11.91
C VAL J 14 -49.99 11.09 11.50
N GLY J 15 -50.09 10.09 12.39
CA GLY J 15 -50.86 8.85 12.23
C GLY J 15 -52.29 8.91 11.68
N ASP J 16 -53.17 9.70 12.34
CA ASP J 16 -54.58 9.88 11.94
C ASP J 16 -54.81 10.59 10.59
N LYS J 17 -53.91 11.54 10.31
CA LYS J 17 -53.89 12.43 9.18
C LYS J 17 -54.02 11.76 7.80
N TRP J 18 -53.36 10.61 7.58
CA TRP J 18 -53.29 9.98 6.25
C TRP J 18 -54.54 9.90 5.43
N GLU J 19 -55.54 9.19 5.94
CA GLU J 19 -56.77 8.99 5.19
C GLU J 19 -57.38 10.31 4.78
N SER J 20 -57.38 11.29 5.71
CA SER J 20 -57.87 12.64 5.52
C SER J 20 -57.03 13.42 4.49
N TYR J 21 -55.71 13.16 4.42
CA TYR J 21 -54.81 13.78 3.45
C TYR J 21 -55.14 13.33 2.04
N LEU J 22 -55.29 12.01 1.82
CA LEU J 22 -55.63 11.40 0.53
C LEU J 22 -56.96 11.90 -0.01
N ASN J 23 -57.91 12.10 0.91
CA ASN J 23 -59.25 12.58 0.64
C ASN J 23 -59.26 14.06 0.30
N LEU J 24 -58.29 14.84 0.79
CA LEU J 24 -58.25 16.25 0.45
C LEU J 24 -57.79 16.42 -0.99
N LEU J 25 -56.88 15.56 -1.46
CA LEU J 25 -56.33 15.59 -2.81
C LEU J 25 -57.29 15.04 -3.85
N GLN J 26 -57.86 13.87 -3.56
CA GLN J 26 -58.79 13.20 -4.45
C GLN J 26 -60.11 14.01 -4.54
N GLU J 27 -60.87 14.01 -3.42
CA GLU J 27 -62.17 14.64 -3.27
C GLU J 27 -62.14 16.16 -3.44
N ASP J 28 -61.52 16.87 -2.48
CA ASP J 28 -61.50 18.32 -2.50
C ASP J 28 -60.53 18.89 -3.56
N GLU J 29 -60.04 18.04 -4.49
CA GLU J 29 -59.16 18.40 -5.60
C GLU J 29 -58.17 19.52 -5.25
N LEU J 30 -57.62 19.46 -4.03
CA LEU J 30 -56.65 20.43 -3.52
C LEU J 30 -55.25 20.04 -3.95
N ASP J 31 -54.35 21.04 -4.02
CA ASP J 31 -52.95 20.76 -4.31
C ASP J 31 -52.34 20.24 -3.02
N GLU J 32 -51.34 19.35 -3.14
CA GLU J 32 -50.66 18.70 -2.03
C GLU J 32 -50.26 19.67 -0.90
N GLY J 33 -49.65 20.79 -1.27
CA GLY J 33 -49.21 21.83 -0.34
C GLY J 33 -50.29 22.39 0.57
N THR J 34 -51.44 22.80 -0.01
CA THR J 34 -52.56 23.37 0.74
C THR J 34 -53.22 22.32 1.60
N ALA J 35 -53.37 21.11 1.03
CA ALA J 35 -53.96 19.97 1.71
C ALA J 35 -53.18 19.69 2.99
N LEU J 36 -51.83 19.66 2.89
CA LEU J 36 -50.91 19.45 4.02
C LEU J 36 -51.18 20.43 5.17
N SER J 37 -51.18 21.75 4.86
CA SER J 37 -51.42 22.74 5.89
C SER J 37 -52.82 22.69 6.47
N ARG J 38 -53.80 22.17 5.67
CA ARG J 38 -55.19 21.99 6.11
C ARG J 38 -55.29 20.96 7.22
N LEU J 39 -54.48 19.90 7.15
CA LEU J 39 -54.42 18.86 8.20
C LEU J 39 -53.70 19.40 9.45
N GLY J 40 -53.13 20.60 9.30
CA GLY J 40 -52.45 21.32 10.36
C GLY J 40 -50.96 21.16 10.37
N LEU J 41 -50.40 20.49 9.36
CA LEU J 41 -48.97 20.25 9.28
C LEU J 41 -48.24 21.57 8.95
N LYS J 42 -47.70 22.24 9.99
CA LYS J 42 -47.02 23.54 9.84
C LYS J 42 -45.53 23.37 9.59
N ARG J 43 -44.80 22.63 10.44
CA ARG J 43 -43.36 22.53 10.19
C ARG J 43 -43.04 21.48 9.14
N TYR J 44 -41.94 21.72 8.40
CA TYR J 44 -41.55 20.83 7.31
C TYR J 44 -41.12 19.43 7.76
N CYS J 45 -40.83 19.26 9.05
CA CYS J 45 -40.48 17.96 9.61
C CYS J 45 -41.71 17.08 9.57
N CYS J 46 -42.86 17.64 9.95
CA CYS J 46 -44.15 16.97 9.92
C CYS J 46 -44.56 16.88 8.47
N ARG J 47 -44.38 17.98 7.71
CA ARG J 47 -44.77 18.04 6.30
C ARG J 47 -44.14 16.93 5.48
N ARG J 48 -42.78 16.72 5.56
CA ARG J 48 -42.20 15.62 4.80
C ARG J 48 -42.85 14.31 5.18
N MET J 49 -43.07 14.07 6.49
CA MET J 49 -43.69 12.85 7.01
C MET J 49 -44.83 12.29 6.15
N ILE J 50 -45.83 13.14 5.80
CA ILE J 50 -47.00 12.81 5.00
C ILE J 50 -46.74 12.92 3.50
N LEU J 51 -46.22 14.10 3.10
CA LEU J 51 -45.92 14.49 1.73
C LEU J 51 -45.03 13.51 0.97
N THR J 52 -44.07 12.89 1.69
CA THR J 52 -43.02 12.02 1.17
C THR J 52 -43.22 10.50 1.51
N HIS J 53 -44.37 10.11 2.12
CA HIS J 53 -44.60 8.70 2.46
C HIS J 53 -45.21 7.92 1.32
N VAL J 54 -44.71 6.66 1.10
CA VAL J 54 -45.12 5.70 0.05
C VAL J 54 -45.77 4.45 0.66
N ASP J 55 -47.12 4.45 0.74
CA ASP J 55 -48.05 3.44 1.32
C ASP J 55 -48.00 2.03 0.67
N LEU J 56 -46.85 1.36 0.78
CA LEU J 56 -46.62 0.04 0.22
C LEU J 56 -47.54 -0.98 0.83
N ILE J 57 -48.12 -0.71 2.03
CA ILE J 57 -49.08 -1.66 2.63
C ILE J 57 -50.17 -2.08 1.64
N GLU J 58 -50.71 -1.11 0.86
CA GLU J 58 -51.75 -1.36 -0.13
C GLU J 58 -51.33 -2.37 -1.19
N LYS J 59 -50.01 -2.46 -1.50
CA LYS J 59 -49.49 -3.40 -2.51
C LYS J 59 -49.48 -4.80 -1.93
N PHE J 60 -48.95 -4.93 -0.71
CA PHE J 60 -48.82 -6.16 0.08
C PHE J 60 -50.17 -6.86 0.35
N LEU J 61 -51.23 -6.05 0.49
CA LEU J 61 -52.57 -6.54 0.71
C LEU J 61 -53.07 -7.27 -0.53
N ARG J 62 -52.60 -6.84 -1.73
CA ARG J 62 -52.98 -7.45 -3.02
C ARG J 62 -52.63 -8.94 -3.12
N TYR J 63 -51.68 -9.43 -2.28
CA TYR J 63 -51.26 -10.84 -2.20
C TYR J 63 -52.30 -11.58 -1.35
N ASN J 64 -52.92 -12.59 -1.97
CA ASN J 64 -54.06 -13.38 -1.49
C ASN J 64 -53.95 -13.91 -0.01
N PRO J 65 -53.16 -14.97 0.35
CA PRO J 65 -53.19 -15.46 1.75
C PRO J 65 -52.38 -14.59 2.71
N MET K 1 -26.69 -4.00 21.16
CA MET K 1 -25.93 -5.12 21.73
C MET K 1 -25.02 -4.74 22.88
N ASN K 2 -24.23 -3.66 22.73
CA ASN K 2 -23.36 -3.18 23.80
C ASN K 2 -24.02 -1.98 24.46
N ALA K 3 -25.23 -1.70 23.98
CA ALA K 3 -26.14 -0.63 24.38
C ALA K 3 -26.48 -0.68 25.86
N PRO K 4 -26.18 0.41 26.60
CA PRO K 4 -26.55 0.45 28.02
C PRO K 4 -28.05 0.62 28.16
N ASP K 5 -28.61 0.24 29.30
CA ASP K 5 -30.05 0.38 29.56
C ASP K 5 -30.47 1.86 29.64
N ARG K 6 -31.67 2.19 29.15
CA ARG K 6 -32.10 3.59 29.13
C ARG K 6 -32.34 4.16 30.48
N PHE K 7 -32.86 3.35 31.41
CA PHE K 7 -33.14 3.81 32.77
C PHE K 7 -31.86 4.18 33.51
N GLU K 8 -30.71 3.79 32.97
CA GLU K 8 -29.45 4.17 33.59
C GLU K 8 -29.24 5.70 33.50
N LEU K 9 -30.10 6.40 32.71
CA LEU K 9 -30.02 7.86 32.53
C LEU K 9 -30.65 8.64 33.66
N PHE K 10 -31.32 7.93 34.60
CA PHE K 10 -32.03 8.55 35.72
C PHE K 10 -32.20 7.68 37.01
N LEU K 11 -32.30 6.37 36.85
CA LEU K 11 -32.45 5.43 37.95
C LEU K 11 -31.11 5.13 38.58
N LEU K 12 -30.93 5.52 39.85
CA LEU K 12 -29.69 5.29 40.56
C LEU K 12 -29.42 3.83 40.81
N GLY K 13 -28.20 3.43 40.52
CA GLY K 13 -27.70 2.06 40.64
C GLY K 13 -27.60 1.54 42.05
N GLU K 14 -27.05 0.31 42.19
CA GLU K 14 -26.85 -0.32 43.49
C GLU K 14 -25.66 0.39 44.14
N GLY K 15 -25.90 0.95 45.34
CA GLY K 15 -24.90 1.71 46.10
C GLY K 15 -24.28 2.84 45.30
N GLU K 16 -25.04 3.89 45.05
CA GLU K 16 -24.60 5.01 44.25
C GLU K 16 -25.45 6.18 44.71
N SER K 17 -24.83 7.24 45.23
CA SER K 17 -25.55 8.42 45.76
C SER K 17 -25.75 9.53 44.70
N LYS K 18 -26.78 10.39 44.89
CA LYS K 18 -27.06 11.51 43.98
C LYS K 18 -25.95 12.53 44.11
N LEU K 19 -25.51 12.82 45.34
CA LEU K 19 -24.45 13.79 45.54
C LEU K 19 -23.19 13.23 46.15
N LYS K 20 -22.06 13.52 45.51
CA LYS K 20 -20.78 13.11 46.04
C LYS K 20 -20.06 14.41 46.24
N ILE K 21 -19.94 14.83 47.51
CA ILE K 21 -19.26 16.10 47.84
C ILE K 21 -17.80 15.84 48.26
N ASP K 22 -16.86 16.30 47.42
CA ASP K 22 -15.41 16.15 47.63
C ASP K 22 -14.77 17.51 47.74
N PRO K 23 -13.84 17.72 48.70
CA PRO K 23 -13.19 19.02 48.81
C PRO K 23 -12.07 19.15 47.77
N ASP K 24 -11.96 20.37 47.20
CA ASP K 24 -10.94 20.71 46.21
C ASP K 24 -9.67 21.21 46.87
N THR K 25 -8.57 20.47 46.60
CA THR K 25 -7.22 20.68 47.11
C THR K 25 -6.55 21.93 46.52
N LYS K 26 -6.79 22.15 45.20
CA LYS K 26 -6.28 23.23 44.36
C LYS K 26 -6.43 24.65 44.99
N ALA K 27 -7.65 25.01 45.41
CA ALA K 27 -7.96 26.32 45.98
C ALA K 27 -8.65 26.22 47.36
N PRO K 28 -8.52 27.25 48.22
CA PRO K 28 -9.21 27.18 49.53
C PRO K 28 -10.68 27.57 49.41
N ASN K 29 -11.54 27.00 50.29
CA ASN K 29 -13.00 27.20 50.33
C ASN K 29 -13.67 26.72 49.02
N ALA K 30 -13.12 25.64 48.44
CA ALA K 30 -13.59 25.06 47.18
C ALA K 30 -14.09 23.64 47.37
N VAL K 31 -15.02 23.21 46.50
CA VAL K 31 -15.63 21.88 46.56
C VAL K 31 -16.07 21.37 45.18
N VAL K 32 -16.20 20.03 45.03
CA VAL K 32 -16.64 19.39 43.78
C VAL K 32 -17.73 18.34 44.06
N ILE K 33 -18.95 18.68 43.66
CA ILE K 33 -20.09 17.80 43.82
C ILE K 33 -20.36 17.06 42.55
N THR K 34 -20.39 15.73 42.64
CA THR K 34 -20.69 14.84 41.54
C THR K 34 -22.16 14.46 41.67
N PHE K 35 -22.93 14.91 40.68
CA PHE K 35 -24.37 14.70 40.56
C PHE K 35 -24.57 13.47 39.71
N GLU K 36 -24.98 12.36 40.33
CA GLU K 36 -25.20 11.11 39.61
C GLU K 36 -26.59 11.06 39.02
N LYS K 37 -26.70 10.50 37.82
CA LYS K 37 -27.94 10.36 37.05
C LYS K 37 -28.60 11.75 36.80
N GLU K 38 -27.77 12.70 36.31
CA GLU K 38 -28.18 14.07 35.96
C GLU K 38 -27.47 14.67 34.69
N ASP K 39 -28.16 15.60 33.98
CA ASP K 39 -27.66 16.25 32.75
C ASP K 39 -27.62 17.78 32.90
N HIS K 40 -27.59 18.53 31.77
CA HIS K 40 -27.60 20.00 31.77
C HIS K 40 -28.92 20.57 32.23
N THR K 41 -30.00 19.74 32.23
CA THR K 41 -31.33 20.15 32.71
C THR K 41 -31.15 20.72 34.12
N LEU K 42 -30.36 20.04 34.96
CA LEU K 42 -30.08 20.54 36.31
C LEU K 42 -28.79 21.33 36.44
N GLY K 43 -27.76 20.89 35.71
CA GLY K 43 -26.43 21.47 35.71
C GLY K 43 -26.38 22.96 35.52
N ASN K 44 -26.62 23.39 34.26
CA ASN K 44 -26.62 24.79 33.82
C ASN K 44 -27.47 25.67 34.73
N LEU K 45 -28.62 25.14 35.20
CA LEU K 45 -29.58 25.81 36.07
C LEU K 45 -28.99 26.17 37.44
N ILE K 46 -28.46 25.16 38.16
CA ILE K 46 -27.85 25.35 39.48
C ILE K 46 -26.65 26.27 39.36
N ARG K 47 -25.80 26.02 38.33
CA ARG K 47 -24.61 26.82 38.03
C ARG K 47 -25.01 28.29 37.88
N ALA K 48 -26.05 28.57 37.07
CA ALA K 48 -26.54 29.92 36.81
C ALA K 48 -26.86 30.70 38.07
N GLU K 49 -27.76 30.16 38.92
CA GLU K 49 -28.21 30.79 40.15
C GLU K 49 -27.11 31.01 41.17
N LEU K 50 -26.07 30.16 41.14
CA LEU K 50 -24.93 30.25 42.04
C LEU K 50 -24.13 31.51 41.73
N LEU K 51 -24.14 31.93 40.46
CA LEU K 51 -23.42 33.11 40.01
C LEU K 51 -23.96 34.41 40.59
N ASN K 52 -25.28 34.46 40.86
CA ASN K 52 -25.97 35.61 41.43
C ASN K 52 -25.58 35.81 42.89
N ASP K 53 -25.26 34.68 43.58
CA ASP K 53 -24.81 34.66 44.98
C ASP K 53 -23.47 35.40 44.99
N ARG K 54 -23.51 36.70 45.35
CA ARG K 54 -22.35 37.59 45.39
C ARG K 54 -21.21 37.02 46.24
N LYS K 55 -21.55 36.17 47.23
CA LYS K 55 -20.58 35.53 48.11
C LYS K 55 -19.91 34.29 47.45
N VAL K 56 -20.36 33.90 46.23
CA VAL K 56 -19.77 32.79 45.46
C VAL K 56 -18.74 33.36 44.49
N LEU K 57 -17.46 32.94 44.66
CA LEU K 57 -16.28 33.37 43.87
C LEU K 57 -16.12 32.64 42.54
N PHE K 58 -16.50 31.34 42.50
CA PHE K 58 -16.39 30.48 41.33
C PHE K 58 -17.46 29.40 41.31
N ALA K 59 -18.10 29.26 40.14
CA ALA K 59 -19.12 28.26 39.83
C ALA K 59 -19.05 27.89 38.36
N ALA K 60 -18.78 26.61 38.12
CA ALA K 60 -18.68 26.01 36.80
C ALA K 60 -19.13 24.57 36.90
N TYR K 61 -19.55 24.00 35.78
CA TYR K 61 -19.99 22.61 35.75
C TYR K 61 -19.58 21.90 34.44
N LYS K 62 -19.28 20.60 34.52
CA LYS K 62 -18.89 19.86 33.33
C LYS K 62 -19.46 18.44 33.29
N VAL K 63 -19.86 18.01 32.08
CA VAL K 63 -20.36 16.67 31.79
C VAL K 63 -19.26 16.04 30.95
N GLU K 64 -18.28 15.46 31.65
CA GLU K 64 -17.01 14.94 31.14
C GLU K 64 -17.13 13.95 29.98
N HIS K 65 -18.28 13.24 29.90
CA HIS K 65 -18.58 12.29 28.82
C HIS K 65 -20.08 12.10 28.64
N PRO K 66 -20.53 12.11 27.37
CA PRO K 66 -21.95 12.03 27.11
C PRO K 66 -22.55 10.65 27.21
N PHE K 67 -21.75 9.64 27.51
CA PHE K 67 -22.35 8.31 27.66
C PHE K 67 -22.93 8.20 29.03
N PHE K 68 -22.45 9.04 29.92
CA PHE K 68 -22.74 9.01 31.32
C PHE K 68 -23.56 10.16 31.84
N ALA K 69 -24.75 9.81 32.38
CA ALA K 69 -25.66 10.72 33.03
C ALA K 69 -25.05 10.91 34.40
N ARG K 70 -24.32 12.04 34.52
CA ARG K 70 -23.59 12.55 35.69
C ARG K 70 -22.77 13.73 35.24
N PHE K 71 -22.61 14.70 36.12
CA PHE K 71 -21.81 15.87 35.86
C PHE K 71 -21.17 16.33 37.16
N LYS K 72 -20.10 17.13 37.06
CA LYS K 72 -19.43 17.69 38.24
C LYS K 72 -19.71 19.18 38.33
N LEU K 73 -19.71 19.72 39.54
CA LEU K 73 -19.93 21.14 39.78
C LEU K 73 -18.86 21.64 40.77
N ARG K 74 -18.08 22.67 40.40
CA ARG K 74 -17.09 23.28 41.29
C ARG K 74 -17.64 24.60 41.89
N ILE K 75 -17.71 24.66 43.23
CA ILE K 75 -18.18 25.82 43.99
C ILE K 75 -17.07 26.37 44.90
N GLN K 76 -16.77 27.66 44.77
CA GLN K 76 -15.82 28.37 45.62
C GLN K 76 -16.57 29.55 46.23
N THR K 77 -16.44 29.73 47.56
CA THR K 77 -17.10 30.80 48.31
C THR K 77 -16.12 31.70 49.07
N THR K 78 -16.62 32.87 49.52
CA THR K 78 -15.88 33.82 50.34
C THR K 78 -15.66 33.11 51.68
N GLU K 79 -14.43 33.16 52.23
CA GLU K 79 -14.07 32.50 53.49
C GLU K 79 -15.11 32.77 54.59
N GLY K 80 -15.71 31.70 55.10
CA GLY K 80 -16.76 31.75 56.11
C GLY K 80 -18.06 31.15 55.62
N TYR K 81 -18.30 31.27 54.32
CA TYR K 81 -19.46 30.72 53.64
C TYR K 81 -19.12 29.28 53.29
N ASP K 82 -19.91 28.34 53.80
CA ASP K 82 -19.73 26.93 53.48
C ASP K 82 -20.25 26.80 52.06
N PRO K 83 -19.46 26.29 51.11
CA PRO K 83 -19.98 26.16 49.73
C PRO K 83 -21.23 25.28 49.65
N LYS K 84 -21.40 24.34 50.62
CA LYS K 84 -22.59 23.48 50.70
C LYS K 84 -23.80 24.39 50.93
N ASP K 85 -23.70 25.29 51.96
CA ASP K 85 -24.67 26.33 52.35
C ASP K 85 -25.03 27.21 51.14
N ALA K 86 -24.06 27.42 50.22
CA ALA K 86 -24.23 28.20 48.99
C ALA K 86 -25.08 27.47 47.96
N LEU K 87 -24.85 26.14 47.80
CA LEU K 87 -25.64 25.30 46.91
C LEU K 87 -27.03 25.16 47.49
N LYS K 88 -27.12 24.86 48.81
CA LYS K 88 -28.38 24.74 49.55
C LYS K 88 -29.27 25.99 49.36
N ASN K 89 -28.65 27.19 49.37
CA ASN K 89 -29.34 28.46 49.18
C ASN K 89 -29.79 28.64 47.75
N ALA K 90 -28.93 28.27 46.79
CA ALA K 90 -29.21 28.40 45.37
C ALA K 90 -30.40 27.56 44.92
N CYS K 91 -30.60 26.37 45.53
CA CYS K 91 -31.70 25.49 45.18
C CYS K 91 -33.01 26.08 45.57
N ASN K 92 -33.10 26.56 46.81
CA ASN K 92 -34.28 27.18 47.40
C ASN K 92 -34.76 28.33 46.54
N SER K 93 -33.84 29.22 46.09
CA SER K 93 -34.18 30.35 45.24
C SER K 93 -34.81 29.88 43.91
N ILE K 94 -34.21 28.84 43.24
CA ILE K 94 -34.71 28.22 42.00
C ILE K 94 -36.16 27.76 42.21
N ILE K 95 -36.39 27.00 43.30
CA ILE K 95 -37.69 26.46 43.74
C ILE K 95 -38.73 27.56 43.91
N ASN K 96 -38.37 28.65 44.64
CA ASN K 96 -39.23 29.82 44.90
C ASN K 96 -39.54 30.53 43.60
N LYS K 97 -38.53 30.67 42.71
CA LYS K 97 -38.67 31.28 41.39
C LYS K 97 -39.67 30.48 40.55
N LEU K 98 -39.49 29.13 40.53
CA LEU K 98 -40.36 28.22 39.80
C LEU K 98 -41.78 28.22 40.36
N GLY K 99 -41.89 28.32 41.69
CA GLY K 99 -43.16 28.39 42.39
C GLY K 99 -43.97 29.57 41.90
N ALA K 100 -43.29 30.72 41.76
CA ALA K 100 -43.85 31.96 41.24
C ALA K 100 -44.31 31.79 39.80
N LEU K 101 -43.52 31.05 38.97
CA LEU K 101 -43.86 30.79 37.57
C LEU K 101 -45.16 29.99 37.49
N LYS K 102 -45.26 28.88 38.26
CA LYS K 102 -46.44 28.01 38.31
C LYS K 102 -47.64 28.84 38.72
N THR K 103 -47.52 29.61 39.82
CA THR K 103 -48.53 30.50 40.37
C THR K 103 -49.01 31.52 39.31
N ASN K 104 -48.05 32.24 38.69
CA ASN K 104 -48.31 33.25 37.65
C ASN K 104 -48.92 32.65 36.39
N PHE K 105 -48.44 31.46 35.95
CA PHE K 105 -48.96 30.79 34.76
C PHE K 105 -50.38 30.30 35.00
N GLU K 106 -50.63 29.57 36.10
CA GLU K 106 -51.95 29.04 36.44
C GLU K 106 -53.03 30.11 36.38
N THR K 107 -52.78 31.26 37.05
CA THR K 107 -53.69 32.41 37.11
C THR K 107 -53.95 33.03 35.74
N GLU K 108 -52.89 33.27 34.96
CA GLU K 108 -53.01 33.85 33.62
C GLU K 108 -53.68 32.88 32.64
N TRP K 109 -53.54 31.57 32.85
CA TRP K 109 -54.16 30.56 31.99
C TRP K 109 -55.67 30.57 32.16
N ASN K 110 -56.13 30.53 33.42
CA ASN K 110 -57.54 30.55 33.81
C ASN K 110 -58.27 31.74 33.18
N LEU K 111 -57.51 32.77 32.75
CA LEU K 111 -58.03 33.97 32.11
C LEU K 111 -58.39 33.78 30.64
N GLN K 112 -57.81 32.74 29.98
CA GLN K 112 -58.05 32.47 28.56
C GLN K 112 -59.45 31.92 28.26
N THR K 113 -59.92 32.06 26.99
CA THR K 113 -61.24 31.60 26.55
C THR K 113 -61.16 30.47 25.47
N LEU K 114 -59.96 29.87 25.31
CA LEU K 114 -59.69 28.75 24.42
C LEU K 114 -58.87 27.63 25.16
N ALA K 115 -59.55 26.53 25.52
N ALA L 25 -58.88 -28.43 16.32
CA ALA L 25 -58.52 -27.13 16.88
C ALA L 25 -57.03 -26.75 16.65
N THR L 26 -56.08 -27.56 17.21
CA THR L 26 -54.61 -27.37 17.11
C THR L 26 -54.09 -28.00 15.78
N LEU L 27 -53.21 -27.23 15.07
CA LEU L 27 -52.66 -27.47 13.74
C LEU L 27 -51.10 -27.63 13.66
N LYS L 28 -50.64 -28.83 13.20
CA LYS L 28 -49.22 -29.15 13.03
C LYS L 28 -48.68 -28.33 11.85
N TYR L 29 -49.31 -28.44 10.67
CA TYR L 29 -48.93 -27.70 9.46
C TYR L 29 -50.13 -27.04 8.76
N ILE L 30 -49.86 -26.01 7.95
CA ILE L 30 -50.84 -25.26 7.16
C ILE L 30 -50.42 -25.29 5.67
N CYS L 31 -51.35 -25.48 4.71
CA CYS L 31 -51.04 -25.46 3.27
C CYS L 31 -50.75 -24.01 2.88
N ALA L 32 -49.72 -23.77 2.04
CA ALA L 32 -49.34 -22.40 1.70
C ALA L 32 -50.30 -21.70 0.74
N GLU L 33 -50.75 -22.42 -0.30
CA GLU L 33 -51.61 -21.91 -1.36
C GLU L 33 -53.06 -21.69 -0.96
N CYS L 34 -53.80 -22.77 -0.62
CA CYS L 34 -55.22 -22.70 -0.24
C CYS L 34 -55.43 -22.49 1.27
N SER L 35 -54.35 -22.10 1.99
CA SER L 35 -54.23 -21.83 3.43
C SER L 35 -55.14 -22.76 4.31
N SER L 36 -55.29 -24.02 3.86
CA SER L 36 -56.07 -25.07 4.51
C SER L 36 -55.22 -25.83 5.51
N LYS L 37 -55.60 -25.81 6.80
CA LYS L 37 -54.89 -26.50 7.88
C LYS L 37 -54.74 -27.99 7.50
N LEU L 38 -53.52 -28.52 7.58
CA LEU L 38 -53.30 -29.91 7.20
C LEU L 38 -52.93 -30.84 8.36
N SER L 39 -52.51 -30.27 9.53
CA SER L 39 -52.18 -30.96 10.81
C SER L 39 -51.64 -32.44 10.65
N LEU L 40 -50.60 -32.62 9.81
CA LEU L 40 -50.02 -33.95 9.51
C LEU L 40 -48.83 -34.34 10.37
N SER L 41 -48.45 -35.63 10.29
CA SER L 41 -47.29 -36.24 10.92
C SER L 41 -46.36 -36.79 9.78
N ARG L 42 -45.23 -37.44 10.12
CA ARG L 42 -44.32 -37.99 9.10
C ARG L 42 -44.93 -39.20 8.42
N THR L 43 -44.61 -39.41 7.12
CA THR L 43 -45.10 -40.50 6.27
C THR L 43 -46.63 -40.42 6.11
N ASP L 44 -47.11 -39.20 5.81
CA ASP L 44 -48.53 -38.87 5.56
C ASP L 44 -48.62 -38.16 4.19
N ALA L 45 -47.47 -38.11 3.46
CA ALA L 45 -47.21 -37.48 2.16
C ALA L 45 -47.24 -35.95 2.29
N VAL L 46 -46.13 -35.30 1.87
CA VAL L 46 -45.91 -33.85 1.96
C VAL L 46 -46.85 -33.02 1.03
N ARG L 47 -47.80 -33.66 0.31
CA ARG L 47 -48.76 -32.98 -0.57
C ARG L 47 -49.99 -32.45 0.24
N CYS L 48 -50.84 -31.60 -0.41
CA CYS L 48 -52.06 -31.02 0.19
C CYS L 48 -53.34 -31.81 -0.11
N LYS L 49 -54.33 -31.76 0.82
CA LYS L 49 -55.63 -32.44 0.70
C LYS L 49 -56.61 -31.56 -0.10
N ASP L 50 -56.55 -31.73 -1.43
CA ASP L 50 -57.27 -31.13 -2.58
C ASP L 50 -56.25 -30.82 -3.68
N CYS L 51 -55.57 -29.64 -3.63
CA CYS L 51 -54.53 -29.30 -4.60
C CYS L 51 -53.29 -30.13 -4.27
N GLY L 52 -52.49 -30.46 -5.26
CA GLY L 52 -51.29 -31.27 -5.08
C GLY L 52 -50.20 -30.61 -4.26
N HIS L 53 -49.64 -29.51 -4.79
CA HIS L 53 -48.54 -28.65 -4.30
C HIS L 53 -48.12 -28.88 -2.85
N ARG L 54 -46.85 -29.31 -2.68
CA ARG L 54 -46.16 -29.68 -1.45
C ARG L 54 -45.76 -28.52 -0.52
N ILE L 55 -45.72 -27.28 -1.04
CA ILE L 55 -45.35 -26.02 -0.38
C ILE L 55 -45.40 -26.03 1.17
N LEU L 56 -46.55 -26.37 1.83
CA LEU L 56 -46.79 -26.50 3.29
C LEU L 56 -45.90 -25.70 4.30
N LEU L 57 -46.55 -24.90 5.18
CA LEU L 57 -45.94 -24.07 6.22
C LEU L 57 -46.05 -24.68 7.66
N LYS L 58 -45.48 -24.04 8.72
CA LYS L 58 -45.47 -24.66 10.06
C LYS L 58 -46.47 -24.13 11.11
N ALA L 59 -47.19 -23.00 10.86
CA ALA L 59 -48.21 -22.39 11.73
C ALA L 59 -47.85 -22.21 13.24
N ARG L 60 -47.72 -20.92 13.65
CA ARG L 60 -47.37 -20.29 14.94
C ARG L 60 -47.50 -21.12 16.20
N THR L 61 -46.61 -20.86 17.19
CA THR L 61 -46.65 -21.49 18.50
C THR L 61 -47.83 -20.99 19.30
N LYS L 62 -48.40 -21.88 20.10
CA LYS L 62 -49.46 -21.50 20.99
C LYS L 62 -48.82 -20.89 22.25
N ARG L 63 -47.46 -21.07 22.45
CA ARG L 63 -46.71 -20.44 23.54
C ARG L 63 -46.41 -18.99 23.12
N LEU L 64 -47.41 -18.14 23.38
CA LEU L 64 -47.50 -16.71 23.04
C LEU L 64 -46.28 -15.91 23.41
N VAL L 65 -45.84 -15.16 22.38
CA VAL L 65 -44.69 -14.28 22.31
C VAL L 65 -45.07 -12.83 22.56
N GLN L 66 -44.28 -12.16 23.43
CA GLN L 66 -44.43 -10.79 23.89
C GLN L 66 -43.28 -9.92 23.39
N PHE L 67 -43.57 -8.63 23.10
CA PHE L 67 -42.65 -7.62 22.60
C PHE L 67 -42.72 -6.35 23.43
N GLU L 68 -41.61 -5.64 23.51
CA GLU L 68 -41.49 -4.35 24.20
C GLU L 68 -41.99 -3.33 23.18
N ALA L 69 -42.79 -2.32 23.59
CA ALA L 69 -43.31 -1.36 22.61
C ALA L 69 -42.36 -0.15 22.27
N ARG L 70 -41.15 -0.50 21.80
CA ARG L 70 -40.10 0.42 21.37
C ARG L 70 -39.57 -0.06 20.03
N GLU P 8 55.87 20.94 -55.31
CA GLU P 8 56.43 20.28 -56.49
C GLU P 8 55.37 20.01 -57.59
N LYS P 9 54.24 19.38 -57.23
CA LYS P 9 53.13 19.05 -58.13
C LYS P 9 51.95 20.01 -57.93
N GLU P 10 52.01 20.75 -56.81
CA GLU P 10 51.07 21.78 -56.35
C GLU P 10 50.98 22.94 -57.34
N HIS P 11 52.14 23.32 -57.92
CA HIS P 11 52.36 24.42 -58.88
C HIS P 11 51.57 24.21 -60.17
N LYS P 12 51.43 22.93 -60.55
CA LYS P 12 50.69 22.46 -61.72
C LYS P 12 49.19 22.71 -61.49
N LEU P 13 48.73 22.47 -60.25
CA LEU P 13 47.36 22.64 -59.80
C LEU P 13 46.99 24.12 -59.59
N ARG P 14 47.97 24.92 -59.13
CA ARG P 14 47.83 26.36 -58.91
C ARG P 14 47.47 27.09 -60.20
N TYR P 15 47.98 26.59 -61.36
CA TYR P 15 47.74 27.13 -62.70
C TYR P 15 46.24 27.19 -63.03
N ASN P 16 45.52 26.06 -62.78
CA ASN P 16 44.08 25.88 -63.02
C ASN P 16 43.22 26.81 -62.16
N ALA P 17 43.71 27.11 -60.94
CA ALA P 17 43.06 27.98 -59.97
C ALA P 17 42.85 29.39 -60.52
N GLU P 18 43.90 29.97 -61.10
CA GLU P 18 43.88 31.31 -61.70
C GLU P 18 42.89 31.38 -62.88
N LYS P 19 42.86 30.32 -63.73
CA LYS P 19 42.04 30.18 -64.94
C LYS P 19 40.53 30.43 -64.75
N MET P 20 40.03 30.28 -63.51
CA MET P 20 38.62 30.47 -63.18
C MET P 20 38.26 31.93 -62.91
N PHE P 21 39.12 32.63 -62.14
CA PHE P 21 38.97 34.05 -61.83
C PHE P 21 39.32 34.87 -63.08
N SER P 22 39.75 34.17 -64.15
CA SER P 22 40.09 34.68 -65.46
C SER P 22 38.80 34.82 -66.28
N THR P 23 37.82 33.95 -66.01
CA THR P 23 36.49 33.96 -66.63
C THR P 23 35.55 34.76 -65.68
N LEU P 24 36.10 35.12 -64.51
CA LEU P 24 35.43 35.84 -63.44
C LEU P 24 36.35 36.96 -62.93
N SER P 26 36.33 37.84 -66.40
CA SER P 26 36.02 38.43 -67.71
C SER P 26 34.54 38.29 -68.08
N LYS P 27 33.96 37.08 -67.96
CA LYS P 27 32.55 36.85 -68.29
C LYS P 27 31.59 37.31 -67.16
N PHE P 28 32.16 37.55 -65.96
CA PHE P 28 31.46 38.09 -64.79
C PHE P 28 31.54 39.65 -64.82
N ILE P 29 32.67 40.18 -65.38
CA ILE P 29 33.11 41.59 -65.47
C ILE P 29 32.23 42.49 -66.38
N VAL P 30 31.37 41.89 -67.22
CA VAL P 30 30.47 42.54 -68.18
C VAL P 30 29.41 43.53 -67.51
N PRO P 31 28.51 43.12 -66.55
CA PRO P 31 27.53 44.09 -65.99
C PRO P 31 28.08 45.21 -65.07
N GLU P 32 29.43 45.32 -64.93
CA GLU P 32 30.09 46.38 -64.15
C GLU P 32 30.02 47.71 -64.91
N THR P 33 29.95 47.59 -66.25
CA THR P 33 29.84 48.69 -67.22
C THR P 33 28.37 48.96 -67.54
N ILE P 34 27.54 47.89 -67.70
CA ILE P 34 26.09 47.94 -68.01
C ILE P 34 25.30 48.71 -66.90
N GLU P 35 25.96 48.99 -65.74
CA GLU P 35 25.44 49.79 -64.62
C GLU P 35 26.53 50.20 -63.63
N ALA P 36 26.55 51.50 -63.24
CA ALA P 36 27.47 52.16 -62.31
C ALA P 36 28.95 51.97 -62.64
N VAL P 47 39.46 44.83 -71.72
CA VAL P 47 38.64 44.24 -70.65
C VAL P 47 39.19 42.87 -70.21
N ILE P 48 39.50 41.99 -71.19
CA ILE P 48 40.06 40.65 -70.99
C ILE P 48 41.49 40.70 -70.46
N SER P 49 42.07 41.91 -70.40
CA SER P 49 43.44 42.18 -69.92
C SER P 49 43.50 42.36 -68.40
N ILE P 50 42.62 43.22 -67.83
CA ILE P 50 42.55 43.50 -66.38
C ILE P 50 41.96 42.30 -65.62
N SER P 51 41.14 41.46 -66.30
CA SER P 51 40.58 40.24 -65.72
C SER P 51 41.68 39.17 -65.49
N GLN P 52 42.80 39.25 -66.25
CA GLN P 52 43.97 38.37 -66.12
C GLN P 52 44.84 38.84 -64.96
N GLU P 53 44.92 40.18 -64.76
CA GLU P 53 45.65 40.85 -63.69
C GLU P 53 44.93 40.62 -62.35
N PHE P 54 43.58 40.76 -62.34
CA PHE P 54 42.72 40.56 -61.18
C PHE P 54 42.53 39.09 -60.82
N ALA P 55 42.96 38.17 -61.71
CA ALA P 55 42.96 36.73 -61.48
C ALA P 55 44.15 36.46 -60.55
N HIS P 56 45.32 37.08 -60.83
CA HIS P 56 46.51 36.96 -60.01
C HIS P 56 46.38 37.72 -58.68
N ASN P 57 45.45 38.71 -58.61
CA ASN P 57 45.14 39.53 -57.44
C ASN P 57 44.52 38.69 -56.28
N LEU P 58 43.87 37.56 -56.62
CA LEU P 58 43.23 36.68 -55.64
C LEU P 58 43.95 35.35 -55.51
N GLU P 59 44.41 34.77 -56.63
CA GLU P 59 45.08 33.46 -56.66
C GLU P 59 46.30 33.39 -55.75
N GLU P 60 47.15 34.44 -55.74
CA GLU P 60 48.31 34.44 -54.85
C GLU P 60 47.92 34.78 -53.40
N GLU P 61 46.81 35.53 -53.21
CA GLU P 61 46.29 35.91 -51.89
C GLU P 61 45.68 34.71 -51.13
N LEU P 62 45.26 33.67 -51.87
CA LEU P 62 44.74 32.43 -51.32
C LEU P 62 45.90 31.53 -50.91
N TYR P 63 47.09 31.68 -51.55
CA TYR P 63 48.31 30.93 -51.20
C TYR P 63 48.84 31.43 -49.87
N LYS P 64 48.55 32.71 -49.55
CA LYS P 64 48.89 33.40 -48.29
C LYS P 64 48.10 32.73 -47.16
N ALA P 65 46.74 32.73 -47.28
CA ALA P 65 45.77 32.15 -46.36
C ALA P 65 46.03 30.67 -46.02
N CYS P 66 46.56 29.89 -47.00
CA CYS P 66 46.84 28.45 -46.92
C CYS P 66 48.32 28.09 -46.58
N LEU P 67 48.52 26.79 -46.20
CA LEU P 67 49.75 26.07 -45.82
C LEU P 67 50.77 26.98 -45.10
N ASN P 68 50.25 27.76 -44.11
CA ASN P 68 50.93 28.76 -43.27
C ASN P 68 51.84 28.16 -42.19
N VAL P 69 52.94 28.91 -41.85
CA VAL P 69 54.01 28.61 -40.88
C VAL P 69 54.95 27.50 -41.43
N GLU P 70 54.38 26.31 -41.66
CA GLU P 70 55.06 25.11 -42.17
C GLU P 70 55.29 25.22 -43.69
N LYS P 76 43.52 19.90 -48.97
CA LYS P 76 43.31 20.61 -47.72
C LYS P 76 42.87 22.05 -47.98
N ILE P 77 41.75 22.48 -47.35
CA ILE P 77 41.14 23.82 -47.35
C ILE P 77 40.96 24.43 -48.76
N TYR P 78 42.05 25.02 -49.31
CA TYR P 78 42.28 25.72 -50.58
C TYR P 78 41.30 25.43 -51.74
N THR P 79 41.31 24.19 -52.29
CA THR P 79 40.53 23.73 -53.45
C THR P 79 39.07 24.28 -53.51
N GLU P 80 38.26 24.03 -52.44
CA GLU P 80 36.86 24.48 -52.33
C GLU P 80 36.71 25.97 -52.04
N LYS P 81 37.78 26.62 -51.55
CA LYS P 81 37.76 28.05 -51.23
C LYS P 81 37.55 28.84 -52.52
N VAL P 82 38.27 28.43 -53.58
CA VAL P 82 38.21 29.03 -54.93
C VAL P 82 36.80 28.89 -55.56
N ARG P 83 36.12 27.76 -55.26
CA ARG P 83 34.79 27.40 -55.75
C ARG P 83 33.75 28.38 -55.23
N SER P 84 33.71 28.56 -53.89
CA SER P 84 32.79 29.46 -53.18
C SER P 84 32.95 30.91 -53.63
N LEU P 85 34.16 31.29 -54.09
CA LEU P 85 34.44 32.62 -54.60
C LEU P 85 33.89 32.74 -56.00
N TYR P 86 34.18 31.73 -56.87
CA TYR P 86 33.67 31.70 -58.23
C TYR P 86 32.15 31.62 -58.27
N SER P 87 31.54 30.66 -57.53
CA SER P 87 30.10 30.43 -57.45
C SER P 87 29.30 31.63 -56.94
N ASN P 88 29.79 32.28 -55.86
CA ASN P 88 29.12 33.44 -55.27
C ASN P 88 29.34 34.72 -56.08
N LEU P 89 30.51 34.85 -56.76
CA LEU P 89 30.79 36.02 -57.60
C LEU P 89 30.12 35.93 -58.98
N LYS P 90 29.88 34.68 -59.47
CA LYS P 90 29.21 34.38 -60.74
C LYS P 90 27.79 34.96 -60.72
N ASP P 91 27.09 34.75 -59.59
CA ASP P 91 25.72 35.09 -59.20
C ASP P 91 24.96 36.06 -60.12
N LYS P 92 24.59 37.28 -59.62
CA LYS P 92 23.79 38.30 -60.31
C LYS P 92 22.31 37.81 -60.50
N LYS P 93 21.27 38.70 -60.49
CA LYS P 93 21.33 40.15 -60.32
C LYS P 93 21.09 40.57 -58.85
N ASN P 94 21.52 39.69 -57.91
CA ASN P 94 21.45 39.95 -56.47
C ASN P 94 22.84 40.25 -55.93
N LEU P 95 23.87 39.48 -56.35
CA LEU P 95 25.26 39.72 -55.93
C LEU P 95 26.00 40.73 -56.82
N GLU P 96 25.32 41.30 -57.86
CA GLU P 96 25.81 42.36 -58.78
C GLU P 96 26.21 43.62 -57.98
N LEU P 97 25.50 43.87 -56.85
CA LEU P 97 25.66 44.97 -55.90
C LEU P 97 26.95 44.76 -55.10
N LYS P 98 27.23 43.49 -54.73
CA LYS P 98 28.39 43.08 -53.95
C LYS P 98 29.63 42.91 -54.85
N ALA P 99 29.41 42.63 -56.15
CA ALA P 99 30.45 42.43 -57.19
C ALA P 99 31.05 43.75 -57.68
N HIS P 100 30.23 44.84 -57.73
CA HIS P 100 30.67 46.18 -58.16
C HIS P 100 31.46 46.87 -57.03
N VAL P 101 31.05 46.67 -55.74
CA VAL P 101 31.75 47.22 -54.56
C VAL P 101 33.17 46.59 -54.48
N VAL P 102 33.37 45.41 -55.15
CA VAL P 102 34.63 44.67 -55.28
C VAL P 102 35.67 45.47 -56.10
N GLU P 103 35.31 45.97 -57.32
CA GLU P 103 36.20 46.76 -58.18
C GLU P 103 36.45 48.16 -57.60
N LEU P 106 34.75 47.87 -51.03
CA LEU P 106 35.08 46.49 -50.69
C LEU P 106 36.46 46.09 -51.26
N PRO P 107 37.41 45.61 -50.41
CA PRO P 107 38.75 45.26 -50.91
C PRO P 107 38.95 43.80 -51.31
N LEU P 108 39.93 43.56 -52.20
CA LEU P 108 40.28 42.23 -52.72
C LEU P 108 41.29 41.46 -51.85
N ASN P 109 41.57 41.99 -50.65
CA ASN P 109 42.49 41.44 -49.67
C ASN P 109 41.76 40.64 -48.58
N LYS P 110 40.64 41.23 -48.05
CA LYS P 110 39.77 40.68 -47.00
C LYS P 110 38.90 39.51 -47.52
N LEU P 111 38.42 39.64 -48.79
CA LEU P 111 37.57 38.71 -49.55
C LEU P 111 38.08 37.25 -49.51
N VAL P 112 39.42 37.09 -49.48
CA VAL P 112 40.12 35.80 -49.43
C VAL P 112 39.82 35.05 -48.11
N ASN P 113 40.01 35.71 -46.95
CA ASN P 113 39.78 35.08 -45.65
C ASN P 113 38.30 35.03 -45.21
N MET P 114 37.39 35.60 -46.03
CA MET P 114 35.93 35.63 -45.80
C MET P 114 35.33 34.18 -45.81
N ASN P 115 34.80 33.70 -46.98
CA ASN P 115 34.24 32.36 -47.27
C ASN P 115 32.92 32.00 -46.58
N ALA P 116 32.02 31.34 -47.35
CA ALA P 116 30.70 30.80 -47.02
C ALA P 116 29.60 31.86 -46.87
N SER P 117 28.76 31.73 -45.81
CA SER P 117 27.58 32.53 -45.43
C SER P 117 27.65 34.05 -45.69
N GLU P 118 28.86 34.65 -45.70
CA GLU P 118 29.03 36.08 -45.96
C GLU P 118 29.05 36.37 -47.46
N LEU P 119 29.73 35.49 -48.25
CA LEU P 119 29.83 35.60 -49.71
C LEU P 119 28.46 35.44 -50.41
N ALA P 120 27.43 35.05 -49.65
CA ALA P 120 26.06 34.84 -50.11
C ALA P 120 25.35 36.11 -50.60
N ASN P 121 24.23 35.92 -51.29
CA ASN P 121 23.36 36.96 -51.84
C ASN P 121 22.83 37.84 -50.72
N PRO P 122 22.59 39.15 -50.99
CA PRO P 122 21.95 39.99 -49.97
C PRO P 122 20.47 39.56 -49.78
N ASP P 123 19.89 38.93 -50.84
CA ASP P 123 18.52 38.39 -50.86
C ASP P 123 18.47 37.06 -50.11
N LEU P 124 19.59 36.32 -50.06
CA LEU P 124 19.70 35.05 -49.32
C LEU P 124 20.06 35.26 -47.85
N GLN P 125 20.82 36.33 -47.53
CA GLN P 125 21.21 36.68 -46.15
C GLN P 125 20.08 37.40 -45.41
N GLU P 126 18.85 37.26 -45.95
CA GLU P 126 17.57 37.73 -45.46
C GLU P 126 16.87 36.50 -44.84
N PHE P 127 16.87 35.36 -45.58
CA PHE P 127 16.32 34.08 -45.13
C PHE P 127 17.27 33.45 -44.11
N LYS P 128 18.61 33.61 -44.31
CA LYS P 128 19.68 33.13 -43.41
C LYS P 128 19.57 33.79 -42.03
N GLU P 129 19.13 35.06 -42.00
CA GLU P 129 18.89 35.83 -40.78
C GLU P 129 17.58 35.35 -40.16
N LYS P 130 16.52 35.20 -41.00
CA LYS P 130 15.19 34.72 -40.63
C LYS P 130 15.26 33.37 -39.91
N ARG P 131 15.90 32.34 -40.53
CA ARG P 131 16.07 30.98 -39.99
C ARG P 131 16.81 31.00 -38.63
N ASP P 132 18.05 31.56 -38.59
CA ASP P 132 18.92 31.63 -37.42
C ASP P 132 18.36 32.43 -36.22
N LYS P 133 17.69 33.59 -36.48
CA LYS P 133 17.11 34.46 -35.44
C LYS P 133 15.75 33.97 -34.91
N ILE P 134 15.04 33.09 -35.66
CA ILE P 134 13.75 32.51 -35.22
C ILE P 134 13.96 31.13 -34.53
N ILE P 135 15.09 30.42 -34.82
CA ILE P 135 15.45 29.15 -34.19
C ILE P 135 16.08 29.40 -32.81
N LEU P 136 16.57 30.64 -32.57
CA LEU P 136 17.13 31.07 -31.29
C LEU P 136 16.07 31.16 -30.19
N GLU P 137 14.77 31.38 -30.56
CA GLU P 137 13.61 31.43 -29.65
C GLU P 137 13.11 30.01 -29.37
N ASN P 138 13.60 29.03 -30.16
CA ASN P 138 13.23 27.62 -30.06
C ASN P 138 14.10 26.87 -29.08
N PHE P 139 15.44 26.78 -29.33
CA PHE P 139 16.41 26.07 -28.47
C PHE P 139 16.95 26.91 -27.29
N ILE P 140 16.09 27.70 -26.64
CA ILE P 140 16.48 28.54 -25.50
C ILE P 140 15.59 28.32 -24.24
N VAL P 141 14.75 27.24 -24.25
CA VAL P 141 13.80 26.77 -23.23
C VAL P 141 14.15 27.21 -21.79
#